data_8ELJ
#
_entry.id   8ELJ
#
_cell.length_a   1.00
_cell.length_b   1.00
_cell.length_c   1.00
_cell.angle_alpha   90.00
_cell.angle_beta   90.00
_cell.angle_gamma   90.00
#
_symmetry.space_group_name_H-M   'P 1'
#
loop_
_entity.id
_entity.type
_entity.pdbx_description
1 polymer 'Spike glycoprotein'
2 polymer 'ICO-hu23 antibody Fab heavy chain'
3 polymer 'ICO-hu23 antibody Fab light chain'
4 branched 2-acetamido-2-deoxy-beta-D-glucopyranose-(1-4)-2-acetamido-2-deoxy-beta-D-glucopyranose
5 non-polymer 2-acetamido-2-deoxy-beta-D-glucopyranose
#
loop_
_entity_poly.entity_id
_entity_poly.type
_entity_poly.pdbx_seq_one_letter_code
_entity_poly.pdbx_strand_id
1 'polypeptide(L)'
;MKWVTFISLLFLFSSAYSASQCVNLTTRTQLPPAYTNSFTRGVYYPDKVFRSSVLHSTQDLFLPFFSNVTWFHAIHVSGT
NGTKRFDNPVLPFNDGVYFASTEKSNIIRGWIFGTTLDSKTQSLLIVNNATNVVIKVCEFQFCNDPFLGVYYHKNNKSWM
ESEFRVYSSANNCTFEYVSQPFLMDLEGKQGNFKNLREFVFKNIDGYFKIYSKHTPINLVRDLPQGFSALEPLVDLPIGI
NITRFQTLLALHRSYLTPGDSSSGWTAGAAAYYVGYLQPRTFLLKYNENGTITDAVDCALDPLSETKCTLKSFTVEKGIY
QTSNFRVQPTESIVRFPNITNLCPFGEVFNATRFASVYAWNRKRISNCVADYSVLYNSASFSTFKCYGVSPTKLNDLCFT
NVYADSFVIRGDEVRQIAPGQTGKIADYNYKLPDDFTGCVIAWNSNNLDSKVGGNYNYLYRLFRKSNLKPFERDISTEIY
QAGSTPCNGVEGFNCYFPLQSYGFQPTNGVGYQPYRVVVLSFELLHAPATVCGPKKSTNLVKNKCVNFNFNGLTGTGVLT
ESNKKFLPFQQFGRDIADTTDAVRDPQTLEILDITPCSFGGVSVITPGTNTSNQVAVLYQDVNCTEVPVAIHADQLTPTW
RVYSTGSNVFQTRAGCLIGAEHVNNSYECDIPIGAGICASYQTQTNSPGSASSVASQSIIAYTMSLGAENSVAYSNNSIA
IPTNFTISVTTEILPVSMTKTSVDCTMYICGDSTECSNLLLQYGSFCTQLNRALTGIAVEQDKNTQEVFAQVKQIYKTPP
IKDFGGFNFSQILPDPSKPSKRSFIEDLLFNKVTLADAGFIKQYGDCLGDIAARDLICAQKFNGLTVLPPLLTDEMIAQY
TSALLAGTITSGWTFGAGAALQIPFAMQMAYRFNGIGVTQNVLYENQKLIANQFNSAIGKIQDSLSSTASALGKLQDVVN
QNAQALNTLVKQLSSNFGAISSVLNDILSRLDPPEAEVQIDRLITGRLQSLQTYVTQQLIRAAEIRASANLAATKMSECV
LGQSKRVDFCGKGYHLMSFPQSAPHGVVFLHVTYVPAQEKNFTTAPAICHDGKAHFPREGVFVSNGTHWFVTQRNFYEPQ
IITTDNTFVSGNCDVVIGIVNNTVYDPLQPELDSFKEELDKYFKNHTSPDVDLGDISGINASVVNIQKEIDRLNEVAKNL
NESLIDLQELGKYEQYIKGSGYIPEAPRDGQAYVRKDGEWVLLSTFLGSGHHHHHH
;
A,B,C
2 'polypeptide(L)'
;EVQLVQSGAEVKKPGASVKVSCKASGYTFTGYYFHWVRQAPGQGLEWMGWINPISGGTKYAQKFQGWVTMTRATSISTVY
MEVSRLRSDDTAVYYCARGHTYNWNYAYCDYWGQGTLVTVSSASTKGPSVFPLAPSSKSTSGGTAALGCLVKDYFPEPVT
VSWNSGALTSGVHTFPAVLQSSGLYSLSSVVTVPSSSLGTQTYICNVNHKPSNTKVDKKVEPKSCDKTHHHHHH
;
S,U,W
3 'polypeptide(L)'
;SYVLTQPASVSGSPGQSITISCTGTSSDVGVYNYVSWYQQHPGKAPKLMIYDVSNRPSGVSNRFSGSKSGNTASLTISGL
QAEDEADYYCSSYTSSSTLVFGGGTKLTVLGQPKAAPSVTLFPPSSEELQANKATLVCLISDFYPGAVTVAWKADSSPVK
AGVETTTPSKQSNNKYAASSYLSLTPEQWKSHRSYSCQVTHEGSTVEKTVAPTECS
;
T,V,X
#
# COMPACT_ATOMS: atom_id res chain seq x y z
N ALA A 34 -22.53 -52.20 13.32
CA ALA A 34 -23.77 -51.36 13.27
C ALA A 34 -23.41 -49.89 13.08
N TYR A 35 -24.17 -49.24 12.19
CA TYR A 35 -24.01 -47.86 11.82
C TYR A 35 -25.37 -47.17 11.74
N THR A 36 -25.36 -45.85 11.89
CA THR A 36 -26.58 -45.10 11.75
C THR A 36 -26.33 -43.76 11.06
N ASN A 37 -27.46 -43.10 10.81
CA ASN A 37 -27.58 -41.82 10.13
C ASN A 37 -27.59 -40.71 11.17
N SER A 38 -26.58 -39.84 11.10
CA SER A 38 -26.44 -38.74 12.04
C SER A 38 -27.47 -37.65 11.75
N PHE A 39 -28.09 -37.68 10.58
CA PHE A 39 -29.03 -36.65 10.13
C PHE A 39 -28.42 -35.24 10.30
N THR A 40 -29.02 -34.44 11.19
CA THR A 40 -28.62 -33.05 11.34
C THR A 40 -28.04 -32.80 12.74
N ARG A 41 -27.57 -33.87 13.39
CA ARG A 41 -27.02 -33.80 14.75
C ARG A 41 -25.57 -33.34 14.74
N GLY A 42 -25.05 -32.90 15.91
CA GLY A 42 -23.63 -32.58 16.16
C GLY A 42 -23.31 -31.10 15.88
N VAL A 43 -24.31 -30.23 16.11
CA VAL A 43 -24.17 -28.81 15.90
C VAL A 43 -24.15 -28.14 17.27
N TYR A 44 -23.09 -27.37 17.54
CA TYR A 44 -22.91 -26.71 18.82
C TYR A 44 -22.63 -25.22 18.59
N TYR A 45 -22.82 -24.41 19.63
CA TYR A 45 -22.57 -23.00 19.48
C TYR A 45 -21.05 -22.79 19.34
N PRO A 46 -20.59 -22.26 18.19
CA PRO A 46 -19.16 -22.14 17.90
C PRO A 46 -18.42 -21.11 18.77
N ASP A 47 -19.16 -20.14 19.34
CA ASP A 47 -18.55 -19.21 20.28
C ASP A 47 -19.55 -18.80 21.34
N LYS A 48 -19.17 -17.76 22.10
CA LYS A 48 -19.96 -17.33 23.24
C LYS A 48 -20.55 -15.95 22.99
N VAL A 49 -20.81 -15.65 21.72
CA VAL A 49 -21.34 -14.35 21.34
C VAL A 49 -22.84 -14.48 21.07
N PHE A 50 -23.61 -13.55 21.63
CA PHE A 50 -25.02 -13.50 21.32
C PHE A 50 -25.27 -12.96 19.91
N ARG A 51 -26.06 -13.70 19.13
CA ARG A 51 -26.46 -13.26 17.81
C ARG A 51 -27.92 -13.61 17.68
N SER A 52 -28.60 -12.91 16.76
CA SER A 52 -30.02 -13.15 16.58
C SER A 52 -30.44 -12.72 15.17
N SER A 53 -31.51 -13.37 14.69
CA SER A 53 -32.15 -13.06 13.41
C SER A 53 -31.10 -12.94 12.30
N VAL A 54 -30.24 -13.95 12.16
CA VAL A 54 -29.12 -13.85 11.24
C VAL A 54 -28.69 -15.25 10.80
N LEU A 55 -28.22 -15.34 9.55
CA LEU A 55 -27.54 -16.54 9.10
C LEU A 55 -26.04 -16.27 9.14
N HIS A 56 -25.36 -17.03 10.01
CA HIS A 56 -23.95 -16.81 10.25
C HIS A 56 -23.11 -17.96 9.71
N SER A 57 -22.11 -17.59 8.91
CA SER A 57 -21.26 -18.58 8.28
C SER A 57 -20.00 -18.73 9.12
N THR A 58 -19.74 -19.98 9.51
CA THR A 58 -18.64 -20.27 10.42
C THR A 58 -17.96 -21.56 10.00
N GLN A 59 -16.64 -21.59 10.18
CA GLN A 59 -15.91 -22.83 9.95
C GLN A 59 -15.36 -23.33 11.28
N ASP A 60 -15.75 -24.55 11.62
CA ASP A 60 -15.30 -25.17 12.85
C ASP A 60 -15.39 -26.68 12.72
N LEU A 61 -15.04 -27.40 13.78
CA LEU A 61 -15.08 -28.86 13.72
C LEU A 61 -16.48 -29.32 14.11
N PHE A 62 -17.28 -29.66 13.09
CA PHE A 62 -18.65 -30.11 13.30
C PHE A 62 -18.83 -31.53 12.79
N LEU A 63 -19.90 -32.18 13.26
CA LEU A 63 -20.24 -33.49 12.74
C LEU A 63 -20.91 -33.33 11.38
N PRO A 64 -20.34 -33.91 10.28
CA PRO A 64 -20.90 -33.70 8.93
C PRO A 64 -22.34 -34.22 8.87
N PHE A 65 -23.22 -33.50 8.17
CA PHE A 65 -24.62 -33.91 8.09
C PHE A 65 -24.73 -35.21 7.30
N PHE A 66 -25.64 -36.06 7.80
CA PHE A 66 -26.00 -37.36 7.27
C PHE A 66 -24.82 -38.32 7.21
N SER A 67 -23.76 -38.02 7.97
CA SER A 67 -22.61 -38.91 8.05
C SER A 67 -22.96 -40.17 8.86
N ASN A 68 -22.08 -41.17 8.72
CA ASN A 68 -22.16 -42.42 9.46
C ASN A 68 -21.47 -42.29 10.80
N VAL A 69 -22.19 -42.74 11.82
CA VAL A 69 -21.66 -42.86 13.16
C VAL A 69 -21.72 -44.32 13.57
N THR A 70 -20.64 -44.78 14.19
CA THR A 70 -20.61 -46.17 14.62
C THR A 70 -21.49 -46.33 15.84
N TRP A 71 -22.30 -47.37 15.79
CA TRP A 71 -23.28 -47.64 16.81
C TRP A 71 -22.85 -48.80 17.69
N PHE A 72 -22.70 -48.52 18.99
CA PHE A 72 -22.27 -49.47 19.99
C PHE A 72 -23.45 -49.78 20.92
N HIS A 73 -23.39 -50.96 21.55
CA HIS A 73 -24.50 -51.45 22.35
C HIS A 73 -24.10 -51.65 23.83
N ALA A 74 -25.06 -51.36 24.73
CA ALA A 74 -24.88 -51.59 26.16
C ALA A 74 -26.03 -52.43 26.72
N ILE A 75 -26.32 -53.54 26.03
CA ILE A 75 -27.46 -54.39 26.27
C ILE A 75 -26.97 -55.84 26.23
N HIS A 76 -27.75 -56.75 26.84
CA HIS A 76 -27.46 -58.18 27.03
C HIS A 76 -26.11 -58.36 27.75
N ASP A 87 -19.58 -53.03 25.85
CA ASP A 87 -19.07 -52.55 24.54
C ASP A 87 -18.34 -51.23 24.79
N ASN A 88 -17.10 -51.29 25.31
CA ASN A 88 -16.30 -50.11 25.63
C ASN A 88 -14.86 -50.27 25.11
N PRO A 89 -14.71 -50.37 23.77
CA PRO A 89 -13.40 -50.39 23.12
C PRO A 89 -12.70 -49.03 23.14
N VAL A 90 -11.42 -49.01 22.76
CA VAL A 90 -10.70 -47.76 22.65
C VAL A 90 -10.88 -47.26 21.21
N LEU A 91 -11.37 -46.02 21.09
CA LEU A 91 -11.56 -45.46 19.78
C LEU A 91 -10.51 -44.37 19.59
N PRO A 92 -10.04 -44.15 18.34
CA PRO A 92 -9.27 -42.95 18.00
C PRO A 92 -10.07 -41.69 18.28
N PHE A 93 -9.33 -40.62 18.59
CA PHE A 93 -9.93 -39.33 18.85
C PHE A 93 -9.88 -38.48 17.59
N ASN A 94 -8.88 -38.72 16.74
CA ASN A 94 -8.62 -37.96 15.53
C ASN A 94 -8.44 -36.49 15.88
N ASP A 95 -9.25 -35.60 15.27
CA ASP A 95 -9.11 -34.18 15.50
C ASP A 95 -10.21 -33.69 16.45
N GLY A 96 -11.06 -34.62 16.89
CA GLY A 96 -12.20 -34.24 17.71
C GLY A 96 -13.31 -35.26 17.57
N VAL A 97 -14.09 -35.43 18.66
CA VAL A 97 -15.08 -36.50 18.68
C VAL A 97 -16.48 -36.04 19.02
N TYR A 98 -17.42 -36.55 18.22
CA TYR A 98 -18.81 -36.48 18.60
C TYR A 98 -19.20 -37.73 19.34
N PHE A 99 -19.85 -37.51 20.47
CA PHE A 99 -20.32 -38.67 21.20
C PHE A 99 -21.78 -38.46 21.51
N ALA A 100 -22.51 -39.55 21.40
CA ALA A 100 -23.91 -39.41 21.76
C ALA A 100 -24.35 -40.66 22.45
N SER A 101 -25.32 -40.45 23.31
CA SER A 101 -25.90 -41.62 23.93
C SER A 101 -27.38 -41.40 24.13
N THR A 102 -28.02 -42.55 24.26
CA THR A 102 -29.41 -42.57 24.67
C THR A 102 -29.48 -43.26 26.02
N GLU A 103 -30.25 -42.65 26.92
CA GLU A 103 -30.34 -43.07 28.31
C GLU A 103 -31.78 -43.25 28.78
N LYS A 104 -31.88 -44.15 29.76
CA LYS A 104 -33.09 -44.34 30.54
C LYS A 104 -32.71 -44.53 32.00
N SER A 105 -31.41 -44.82 32.24
CA SER A 105 -30.95 -45.18 33.57
C SER A 105 -29.55 -44.65 33.91
N ASN A 106 -29.02 -43.71 33.10
CA ASN A 106 -27.75 -43.02 33.34
C ASN A 106 -26.60 -44.04 33.46
N ILE A 107 -26.47 -44.92 32.47
CA ILE A 107 -25.45 -45.96 32.46
C ILE A 107 -24.09 -45.37 32.07
N ILE A 108 -24.07 -44.45 31.11
CA ILE A 108 -22.77 -43.91 30.71
C ILE A 108 -22.36 -42.83 31.69
N ARG A 109 -21.22 -43.04 32.38
CA ARG A 109 -20.85 -42.22 33.53
C ARG A 109 -19.47 -41.60 33.42
N GLY A 110 -18.79 -41.87 32.31
CA GLY A 110 -17.51 -41.21 32.16
C GLY A 110 -16.79 -41.44 30.85
N TRP A 111 -15.68 -40.71 30.76
CA TRP A 111 -14.81 -40.66 29.60
C TRP A 111 -13.35 -40.58 30.05
N ILE A 112 -12.46 -41.22 29.29
CA ILE A 112 -11.02 -41.10 29.50
C ILE A 112 -10.33 -40.67 28.20
N PHE A 113 -9.45 -39.67 28.30
CA PHE A 113 -8.80 -39.18 27.09
C PHE A 113 -7.29 -39.13 27.27
N GLY A 114 -6.56 -39.62 26.26
CA GLY A 114 -5.11 -39.60 26.30
C GLY A 114 -4.51 -40.36 25.13
N THR A 115 -3.31 -40.91 25.32
CA THR A 115 -2.66 -41.61 24.21
C THR A 115 -2.56 -43.10 24.52
N THR A 116 -2.20 -43.40 25.77
CA THR A 116 -1.94 -44.77 26.18
C THR A 116 -2.92 -45.21 27.27
N LEU A 117 -3.44 -44.26 28.07
CA LEU A 117 -4.45 -44.53 29.10
C LEU A 117 -3.97 -45.62 30.06
N ASP A 118 -2.71 -45.59 30.48
CA ASP A 118 -2.15 -46.67 31.27
C ASP A 118 -1.14 -46.21 32.33
N SER A 119 -1.27 -44.97 32.84
CA SER A 119 -0.41 -44.43 33.90
C SER A 119 0.95 -43.95 33.36
N LYS A 120 1.20 -44.07 32.07
CA LYS A 120 2.46 -43.63 31.48
C LYS A 120 2.38 -42.15 31.08
N THR A 121 1.15 -41.66 30.86
CA THR A 121 0.92 -40.30 30.43
C THR A 121 -0.24 -39.70 31.22
N GLN A 122 -0.43 -38.39 31.08
CA GLN A 122 -1.53 -37.73 31.74
C GLN A 122 -2.81 -38.05 30.97
N SER A 123 -3.87 -38.39 31.70
CA SER A 123 -5.09 -38.78 31.03
C SER A 123 -6.30 -38.14 31.69
N LEU A 124 -7.04 -37.36 30.87
CA LEU A 124 -8.15 -36.61 31.41
C LEU A 124 -9.26 -37.61 31.74
N LEU A 125 -9.77 -37.49 32.97
CA LEU A 125 -10.82 -38.37 33.40
C LEU A 125 -12.04 -37.56 33.83
N ILE A 126 -13.19 -37.89 33.26
CA ILE A 126 -14.46 -37.30 33.65
C ILE A 126 -15.35 -38.40 34.20
N VAL A 127 -15.77 -38.22 35.46
CA VAL A 127 -16.66 -39.16 36.11
C VAL A 127 -17.86 -38.41 36.66
N ASN A 128 -19.07 -38.83 36.22
CA ASN A 128 -20.29 -38.25 36.75
C ASN A 128 -20.94 -39.26 37.69
N ASN A 129 -20.21 -39.65 38.74
CA ASN A 129 -20.76 -40.50 39.78
C ASN A 129 -21.95 -39.76 40.41
N ALA A 130 -23.14 -40.37 40.37
CA ALA A 130 -24.38 -39.72 40.81
C ALA A 130 -24.50 -38.35 40.15
N THR A 131 -24.35 -37.27 40.93
CA THR A 131 -24.46 -35.90 40.41
C THR A 131 -23.11 -35.17 40.41
N ASN A 132 -22.09 -35.76 41.05
CA ASN A 132 -20.78 -35.16 41.18
C ASN A 132 -20.01 -35.29 39.85
N VAL A 133 -19.90 -34.17 39.13
CA VAL A 133 -19.08 -34.15 37.92
C VAL A 133 -17.64 -33.92 38.35
N VAL A 134 -16.84 -35.00 38.39
CA VAL A 134 -15.47 -34.95 38.90
C VAL A 134 -14.49 -35.05 37.74
N ILE A 135 -13.62 -34.04 37.63
CA ILE A 135 -12.66 -33.99 36.54
C ILE A 135 -11.27 -34.04 37.16
N LYS A 136 -10.48 -35.01 36.69
CA LYS A 136 -9.07 -35.10 37.09
C LYS A 136 -8.16 -35.31 35.88
N VAL A 137 -6.88 -34.94 36.00
CA VAL A 137 -5.98 -35.07 34.86
C VAL A 137 -4.69 -35.77 35.25
N CYS A 138 -4.79 -36.69 36.21
CA CYS A 138 -3.68 -37.44 36.78
C CYS A 138 -3.17 -38.50 35.81
N GLU A 139 -1.95 -39.02 36.07
CA GLU A 139 -1.41 -40.16 35.34
C GLU A 139 -1.99 -41.44 35.93
N PHE A 140 -3.29 -41.65 35.64
CA PHE A 140 -4.09 -42.67 36.29
C PHE A 140 -3.73 -44.06 35.81
N GLN A 141 -3.76 -45.01 36.75
CA GLN A 141 -3.68 -46.40 36.38
C GLN A 141 -5.09 -46.92 36.11
N PHE A 142 -5.39 -47.11 34.82
CA PHE A 142 -6.69 -47.63 34.43
C PHE A 142 -6.63 -49.15 34.39
N CYS A 143 -7.81 -49.75 34.61
CA CYS A 143 -8.03 -51.18 34.59
C CYS A 143 -7.82 -51.71 33.17
N ASN A 144 -7.55 -53.02 33.06
CA ASN A 144 -7.43 -53.68 31.76
C ASN A 144 -8.73 -53.52 30.99
N ASP A 145 -9.84 -53.49 31.74
CA ASP A 145 -11.17 -53.27 31.22
C ASP A 145 -11.87 -52.27 32.14
N PRO A 146 -11.74 -50.95 31.87
CA PRO A 146 -12.32 -49.91 32.72
C PRO A 146 -13.84 -49.91 32.75
N PHE A 147 -14.39 -49.78 33.96
CA PHE A 147 -15.82 -49.71 34.18
C PHE A 147 -16.09 -49.11 35.57
N LEU A 148 -17.35 -48.74 35.81
CA LEU A 148 -17.82 -48.36 37.13
C LEU A 148 -18.89 -49.34 37.56
N GLY A 149 -18.79 -49.84 38.80
CA GLY A 149 -19.83 -50.70 39.34
C GLY A 149 -20.97 -49.86 39.93
N VAL A 150 -22.19 -50.43 39.91
CA VAL A 150 -23.36 -49.84 40.57
C VAL A 150 -23.43 -50.36 42.02
N ASN A 172 1.07 -37.21 40.05
CA ASN A 172 1.50 -36.26 38.97
C ASN A 172 0.27 -35.60 38.35
N CYS A 173 -0.61 -35.09 39.23
CA CYS A 173 -1.84 -34.40 38.86
C CYS A 173 -1.55 -32.90 38.70
N THR A 174 -2.19 -32.29 37.69
CA THR A 174 -2.06 -30.87 37.42
C THR A 174 -3.41 -30.16 37.59
N PHE A 175 -4.48 -30.92 37.84
CA PHE A 175 -5.83 -30.37 37.86
C PHE A 175 -6.83 -31.33 38.51
N GLU A 176 -7.73 -30.70 39.27
CA GLU A 176 -8.89 -31.35 39.83
C GLU A 176 -10.05 -30.38 39.98
N TYR A 177 -11.26 -30.84 39.63
CA TYR A 177 -12.46 -30.04 39.78
C TYR A 177 -13.66 -30.91 40.15
N VAL A 178 -14.51 -30.39 41.04
CA VAL A 178 -15.74 -31.09 41.41
C VAL A 178 -16.92 -30.12 41.44
N SER A 179 -18.01 -30.52 40.76
CA SER A 179 -19.29 -29.81 40.77
C SER A 179 -20.02 -30.09 42.09
N PHE A 193 -35.79 -44.92 24.82
CA PHE A 193 -34.99 -44.10 25.77
C PHE A 193 -35.72 -42.77 26.00
N LYS A 194 -35.36 -42.10 27.10
CA LYS A 194 -36.05 -40.90 27.57
C LYS A 194 -35.15 -39.67 27.45
N ASN A 195 -33.83 -39.90 27.45
CA ASN A 195 -32.87 -38.81 27.47
C ASN A 195 -31.79 -39.00 26.41
N LEU A 196 -31.69 -37.99 25.56
CA LEU A 196 -30.62 -37.97 24.58
C LEU A 196 -29.59 -36.98 25.10
N ARG A 197 -28.35 -37.46 25.17
CA ARG A 197 -27.29 -36.66 25.76
C ARG A 197 -26.15 -36.63 24.76
N GLU A 198 -26.04 -35.47 24.13
CA GLU A 198 -25.08 -35.31 23.06
C GLU A 198 -23.89 -34.54 23.65
N PHE A 199 -22.69 -34.93 23.18
CA PHE A 199 -21.47 -34.29 23.65
C PHE A 199 -20.47 -34.08 22.53
N VAL A 200 -19.65 -33.08 22.70
CA VAL A 200 -18.63 -32.82 21.74
C VAL A 200 -17.36 -32.54 22.54
N PHE A 201 -16.32 -33.25 22.15
CA PHE A 201 -15.05 -33.17 22.84
C PHE A 201 -13.97 -32.80 21.81
N LYS A 202 -13.31 -31.66 22.02
CA LYS A 202 -12.37 -31.20 21.01
C LYS A 202 -11.17 -30.50 21.64
N ASN A 203 -10.00 -30.58 20.98
CA ASN A 203 -8.77 -30.03 21.52
C ASN A 203 -8.14 -29.01 20.59
N ILE A 204 -8.11 -27.75 21.04
CA ILE A 204 -7.45 -26.70 20.28
C ILE A 204 -6.32 -26.09 21.10
N ASP A 205 -5.08 -26.29 20.62
CA ASP A 205 -3.86 -25.76 21.24
C ASP A 205 -3.79 -26.10 22.74
N GLY A 206 -4.21 -27.32 23.09
CA GLY A 206 -4.12 -27.82 24.46
C GLY A 206 -5.34 -27.51 25.32
N TYR A 207 -6.36 -26.89 24.71
CA TYR A 207 -7.60 -26.61 25.42
C TYR A 207 -8.66 -27.63 25.07
N PHE A 208 -9.14 -28.33 26.11
CA PHE A 208 -10.14 -29.37 25.96
C PHE A 208 -11.53 -28.77 26.17
N LYS A 209 -12.26 -28.66 25.07
CA LYS A 209 -13.56 -27.99 25.08
C LYS A 209 -14.65 -29.05 25.13
N ILE A 210 -15.58 -28.89 26.09
CA ILE A 210 -16.75 -29.77 26.18
C ILE A 210 -18.05 -29.02 25.93
N TYR A 211 -18.84 -29.54 24.99
CA TYR A 211 -20.20 -29.06 24.74
C TYR A 211 -21.14 -30.22 25.01
N SER A 212 -22.35 -29.89 25.44
CA SER A 212 -23.34 -30.96 25.59
C SER A 212 -24.76 -30.40 25.59
N LYS A 213 -25.70 -31.29 25.27
CA LYS A 213 -27.12 -30.92 25.33
C LYS A 213 -27.89 -32.14 25.75
N HIS A 214 -28.70 -31.93 26.79
CA HIS A 214 -29.60 -32.97 27.25
C HIS A 214 -31.00 -32.57 26.85
N THR A 215 -31.69 -33.51 26.20
CA THR A 215 -33.00 -33.24 25.65
C THR A 215 -33.85 -34.48 25.85
N PRO A 216 -35.15 -34.29 26.21
CA PRO A 216 -36.12 -35.38 26.31
C PRO A 216 -36.41 -35.96 24.94
N ILE A 217 -36.53 -37.30 24.91
CA ILE A 217 -36.78 -38.05 23.69
C ILE A 217 -37.77 -39.17 24.01
N ASN A 218 -38.34 -39.75 22.95
CA ASN A 218 -39.24 -40.89 23.05
C ASN A 218 -38.92 -41.87 21.93
N LEU A 219 -37.72 -42.47 22.01
CA LEU A 219 -37.21 -43.35 20.96
C LEU A 219 -36.14 -44.28 21.52
N VAL A 220 -36.28 -45.58 21.24
CA VAL A 220 -35.36 -46.57 21.78
C VAL A 220 -34.36 -47.05 20.71
N ARG A 221 -34.84 -47.14 19.46
CA ARG A 221 -34.18 -47.84 18.36
C ARG A 221 -32.86 -47.16 17.99
N ASP A 222 -32.90 -45.83 17.85
CA ASP A 222 -31.81 -45.12 17.19
C ASP A 222 -31.78 -43.66 17.62
N LEU A 223 -30.80 -42.90 17.09
CA LEU A 223 -30.81 -41.46 17.23
C LEU A 223 -32.06 -40.83 16.59
N PRO A 224 -32.82 -40.02 17.35
CA PRO A 224 -33.99 -39.30 16.84
C PRO A 224 -33.57 -38.29 15.78
N GLN A 225 -34.44 -38.10 14.81
CA GLN A 225 -34.20 -37.13 13.75
C GLN A 225 -34.72 -35.77 14.21
N GLY A 226 -33.92 -34.72 13.94
CA GLY A 226 -34.31 -33.36 14.27
C GLY A 226 -33.08 -32.51 14.52
N PHE A 227 -33.32 -31.27 14.95
CA PHE A 227 -32.23 -30.33 15.12
C PHE A 227 -32.24 -29.73 16.51
N SER A 228 -31.06 -29.71 17.15
CA SER A 228 -30.86 -29.13 18.46
C SER A 228 -29.37 -28.82 18.68
N ALA A 229 -29.11 -27.56 19.00
CA ALA A 229 -27.75 -27.07 19.15
C ALA A 229 -27.25 -27.31 20.58
N LEU A 230 -25.95 -27.59 20.73
CA LEU A 230 -25.30 -27.86 22.02
C LEU A 230 -24.54 -26.64 22.55
N GLU A 231 -24.84 -26.24 23.80
CA GLU A 231 -24.06 -25.22 24.50
C GLU A 231 -22.74 -25.76 25.08
N PRO A 232 -21.68 -24.92 25.14
CA PRO A 232 -20.44 -25.25 25.83
C PRO A 232 -20.68 -25.23 27.33
N LEU A 233 -19.96 -26.10 28.03
CA LEU A 233 -19.99 -26.09 29.48
C LEU A 233 -18.61 -25.82 30.09
N VAL A 234 -17.57 -26.46 29.54
CA VAL A 234 -16.26 -26.44 30.20
C VAL A 234 -15.15 -26.27 29.15
N ASP A 235 -14.08 -25.57 29.55
CA ASP A 235 -12.87 -25.42 28.78
C ASP A 235 -11.65 -25.63 29.69
N LEU A 236 -11.00 -26.78 29.53
CA LEU A 236 -9.92 -27.20 30.43
C LEU A 236 -8.56 -27.05 29.77
N PRO A 237 -7.70 -26.20 30.36
CA PRO A 237 -6.34 -25.96 29.87
C PRO A 237 -5.37 -27.05 30.33
N ILE A 238 -5.58 -28.26 29.81
CA ILE A 238 -4.91 -29.43 30.32
C ILE A 238 -3.56 -29.64 29.62
N GLY A 239 -3.45 -29.24 28.35
CA GLY A 239 -2.22 -29.36 27.59
C GLY A 239 -1.82 -30.83 27.37
N ILE A 240 -2.83 -31.70 27.28
CA ILE A 240 -2.62 -33.12 27.07
C ILE A 240 -2.76 -33.46 25.58
N ASN A 241 -1.80 -34.27 25.09
CA ASN A 241 -1.80 -34.79 23.73
C ASN A 241 -2.76 -35.98 23.67
N ILE A 242 -3.95 -35.78 23.06
CA ILE A 242 -5.02 -36.77 23.06
C ILE A 242 -5.18 -37.35 21.66
N THR A 243 -5.05 -38.68 21.55
CA THR A 243 -5.13 -39.39 20.28
C THR A 243 -6.16 -40.52 20.34
N ARG A 244 -6.46 -40.96 21.57
CA ARG A 244 -7.39 -42.06 21.81
C ARG A 244 -8.30 -41.77 22.99
N PHE A 245 -9.45 -42.44 23.01
CA PHE A 245 -10.32 -42.28 24.16
C PHE A 245 -11.06 -43.56 24.44
N GLN A 246 -11.62 -43.61 25.65
CA GLN A 246 -12.47 -44.72 26.02
C GLN A 246 -13.60 -44.26 26.93
N THR A 247 -14.70 -45.03 26.89
CA THR A 247 -15.87 -44.73 27.69
C THR A 247 -15.91 -45.60 28.94
N LEU A 248 -16.74 -45.15 29.89
CA LEU A 248 -16.95 -45.78 31.19
C LEU A 248 -18.45 -46.02 31.37
N LEU A 249 -18.76 -47.31 31.52
CA LEU A 249 -20.14 -47.77 31.66
C LEU A 249 -20.41 -48.21 33.10
N ALA A 250 -21.64 -47.93 33.58
CA ALA A 250 -22.08 -48.34 34.91
C ALA A 250 -22.74 -49.72 34.82
N LEU A 251 -22.14 -50.69 35.51
CA LEU A 251 -22.58 -52.08 35.41
C LEU A 251 -23.22 -52.54 36.72
N HIS A 252 -24.39 -53.19 36.59
CA HIS A 252 -25.16 -53.73 37.70
C HIS A 252 -24.55 -55.07 38.16
N ALA A 270 -28.37 -48.87 26.96
CA ALA A 270 -27.81 -47.50 26.83
C ALA A 270 -26.76 -47.49 25.72
N ALA A 271 -27.25 -47.45 24.49
CA ALA A 271 -26.42 -47.47 23.30
C ALA A 271 -25.73 -46.12 23.16
N TYR A 272 -24.60 -46.14 22.44
CA TYR A 272 -23.92 -44.91 22.19
C TYR A 272 -23.31 -44.88 20.80
N TYR A 273 -22.94 -43.71 20.37
CA TYR A 273 -22.43 -43.56 19.05
C TYR A 273 -21.08 -42.81 19.14
N VAL A 274 -20.24 -43.13 18.16
CA VAL A 274 -19.07 -42.31 17.91
C VAL A 274 -19.07 -41.76 16.49
N GLY A 275 -18.97 -40.44 16.38
CA GLY A 275 -18.61 -39.81 15.13
C GLY A 275 -17.32 -38.99 15.26
N TYR A 276 -16.98 -38.34 14.17
CA TYR A 276 -15.79 -37.51 14.20
C TYR A 276 -16.12 -36.18 13.56
N LEU A 277 -15.41 -35.18 14.07
CA LEU A 277 -15.61 -33.85 13.56
C LEU A 277 -14.65 -33.58 12.42
N GLN A 278 -15.07 -32.66 11.57
CA GLN A 278 -14.31 -32.25 10.42
C GLN A 278 -14.42 -30.74 10.34
N PRO A 279 -13.40 -30.06 9.79
CA PRO A 279 -13.45 -28.61 9.56
C PRO A 279 -14.39 -28.18 8.42
N ARG A 280 -15.70 -28.41 8.67
CA ARG A 280 -16.80 -28.13 7.76
C ARG A 280 -17.25 -26.68 7.93
N THR A 281 -17.70 -26.08 6.85
CA THR A 281 -18.32 -24.78 6.98
C THR A 281 -19.81 -24.99 7.12
N PHE A 282 -20.39 -24.31 8.12
CA PHE A 282 -21.83 -24.34 8.30
C PHE A 282 -22.43 -22.95 8.22
N LEU A 283 -23.63 -22.90 7.65
CA LEU A 283 -24.47 -21.73 7.74
C LEU A 283 -25.43 -22.00 8.89
N LEU A 284 -25.31 -21.21 9.97
CA LEU A 284 -26.17 -21.42 11.12
C LEU A 284 -27.24 -20.35 11.18
N LYS A 285 -28.48 -20.83 11.37
CA LYS A 285 -29.61 -19.92 11.45
C LYS A 285 -29.97 -19.65 12.92
N TYR A 286 -29.79 -18.40 13.35
CA TYR A 286 -30.20 -17.98 14.68
C TYR A 286 -31.53 -17.26 14.61
N ASN A 287 -32.48 -17.66 15.45
CA ASN A 287 -33.80 -17.03 15.41
C ASN A 287 -33.80 -15.72 16.19
N GLU A 288 -34.99 -15.18 16.48
CA GLU A 288 -35.17 -13.88 17.15
C GLU A 288 -34.65 -13.90 18.59
N ASN A 289 -34.56 -15.10 19.20
CA ASN A 289 -34.16 -15.30 20.59
C ASN A 289 -32.69 -15.72 20.70
N GLY A 290 -31.98 -15.74 19.57
CA GLY A 290 -30.56 -16.10 19.52
C GLY A 290 -30.33 -17.60 19.66
N THR A 291 -31.39 -18.38 19.34
CA THR A 291 -31.30 -19.82 19.40
C THR A 291 -30.99 -20.37 18.01
N ILE A 292 -30.01 -21.28 17.93
CA ILE A 292 -29.75 -21.88 16.64
C ILE A 292 -30.89 -22.85 16.37
N THR A 293 -31.62 -22.62 15.27
CA THR A 293 -32.76 -23.46 14.96
C THR A 293 -32.52 -24.33 13.72
N ASP A 294 -31.55 -23.94 12.87
CA ASP A 294 -31.30 -24.73 11.67
C ASP A 294 -29.86 -24.55 11.22
N ALA A 295 -29.46 -25.30 10.18
CA ALA A 295 -28.10 -25.23 9.65
C ALA A 295 -27.97 -25.89 8.28
N VAL A 296 -27.01 -25.37 7.48
CA VAL A 296 -26.64 -25.98 6.21
C VAL A 296 -25.19 -26.42 6.26
N ASP A 297 -25.01 -27.71 5.96
CA ASP A 297 -23.69 -28.26 5.75
C ASP A 297 -23.27 -27.90 4.33
N CYS A 298 -22.31 -26.95 4.18
CA CYS A 298 -21.90 -26.36 2.90
C CYS A 298 -21.26 -27.34 1.91
N ALA A 299 -20.87 -28.51 2.43
CA ALA A 299 -20.17 -29.51 1.63
C ALA A 299 -20.95 -30.83 1.51
N LEU A 300 -22.24 -30.79 1.88
CA LEU A 300 -23.10 -31.96 1.79
C LEU A 300 -23.46 -32.33 0.36
N ASP A 301 -23.83 -31.34 -0.49
CA ASP A 301 -24.31 -31.55 -1.87
C ASP A 301 -24.30 -30.23 -2.65
N PRO A 302 -24.37 -30.22 -4.01
CA PRO A 302 -24.43 -28.98 -4.79
C PRO A 302 -25.50 -27.97 -4.43
N LEU A 303 -26.69 -28.43 -4.00
CA LEU A 303 -27.73 -27.49 -3.57
C LEU A 303 -27.34 -26.76 -2.29
N SER A 304 -26.71 -27.49 -1.34
CA SER A 304 -26.22 -26.89 -0.12
C SER A 304 -25.13 -25.88 -0.47
N GLU A 305 -24.29 -26.21 -1.47
CA GLU A 305 -23.22 -25.31 -1.87
C GLU A 305 -23.82 -24.01 -2.40
N THR A 306 -24.94 -24.14 -3.14
CA THR A 306 -25.67 -23.00 -3.68
C THR A 306 -26.17 -22.14 -2.53
N LYS A 307 -26.78 -22.79 -1.54
CA LYS A 307 -27.35 -22.11 -0.40
C LYS A 307 -26.30 -21.31 0.35
N CYS A 308 -25.12 -21.89 0.55
CA CYS A 308 -24.03 -21.23 1.25
C CYS A 308 -23.49 -20.05 0.43
N THR A 309 -23.34 -20.21 -0.91
CA THR A 309 -22.84 -19.17 -1.81
C THR A 309 -23.74 -17.93 -1.76
N LEU A 310 -25.05 -18.15 -1.73
CA LEU A 310 -26.04 -17.09 -1.73
C LEU A 310 -26.39 -16.64 -0.31
N LYS A 311 -25.79 -17.27 0.71
CA LYS A 311 -26.06 -16.98 2.12
C LYS A 311 -27.55 -17.00 2.43
N SER A 312 -28.22 -18.07 1.97
CA SER A 312 -29.65 -18.18 2.17
C SER A 312 -30.06 -19.64 2.30
N PHE A 313 -31.21 -19.88 2.97
CA PHE A 313 -31.73 -21.23 3.06
C PHE A 313 -32.74 -21.45 1.93
N THR A 314 -32.97 -20.42 1.10
CA THR A 314 -33.96 -20.52 0.03
C THR A 314 -33.34 -20.08 -1.30
N VAL A 315 -33.60 -20.83 -2.39
CA VAL A 315 -32.94 -20.53 -3.65
C VAL A 315 -33.98 -20.25 -4.71
N GLU A 316 -33.86 -19.08 -5.36
CA GLU A 316 -34.74 -18.72 -6.47
C GLU A 316 -34.41 -19.59 -7.67
N LYS A 317 -35.40 -19.77 -8.54
CA LYS A 317 -35.16 -20.51 -9.78
C LYS A 317 -34.13 -19.79 -10.65
N GLY A 318 -33.19 -20.59 -11.17
CA GLY A 318 -32.22 -20.10 -12.13
C GLY A 318 -30.98 -20.98 -12.19
N ILE A 319 -29.89 -20.44 -12.77
CA ILE A 319 -28.65 -21.18 -12.87
C ILE A 319 -27.58 -20.42 -12.08
N TYR A 320 -26.85 -21.12 -11.21
CA TYR A 320 -25.94 -20.42 -10.34
C TYR A 320 -24.51 -20.90 -10.49
N GLN A 321 -23.59 -19.95 -10.47
CA GLN A 321 -22.18 -20.28 -10.42
C GLN A 321 -21.75 -20.31 -8.96
N THR A 322 -21.26 -21.46 -8.52
CA THR A 322 -21.08 -21.68 -7.09
C THR A 322 -19.62 -21.96 -6.75
N SER A 323 -18.87 -22.53 -7.70
CA SER A 323 -17.54 -22.99 -7.36
C SER A 323 -16.61 -23.05 -8.57
N ASN A 324 -15.39 -23.55 -8.31
CA ASN A 324 -14.43 -23.80 -9.37
C ASN A 324 -13.78 -25.16 -9.17
N PHE A 325 -13.86 -25.96 -10.23
CA PHE A 325 -13.33 -27.30 -10.21
C PHE A 325 -11.87 -27.24 -10.59
N ARG A 326 -11.08 -28.04 -9.88
CA ARG A 326 -9.72 -28.30 -10.32
C ARG A 326 -9.39 -29.79 -10.24
N VAL A 327 -8.78 -30.31 -11.30
CA VAL A 327 -8.18 -31.63 -11.23
C VAL A 327 -6.96 -31.59 -10.32
N GLN A 328 -6.86 -32.59 -9.45
CA GLN A 328 -5.79 -32.69 -8.48
C GLN A 328 -4.61 -33.47 -9.06
N PRO A 329 -3.37 -33.15 -8.61
CA PRO A 329 -2.17 -33.92 -8.96
C PRO A 329 -2.18 -35.28 -8.29
N THR A 330 -1.44 -36.20 -8.90
CA THR A 330 -1.34 -37.57 -8.40
C THR A 330 -0.05 -37.78 -7.59
N GLU A 331 1.09 -37.35 -8.15
CA GLU A 331 2.39 -37.85 -7.71
C GLU A 331 3.50 -36.90 -8.13
N SER A 332 4.64 -36.96 -7.45
CA SER A 332 5.72 -36.00 -7.64
C SER A 332 6.80 -36.57 -8.56
N ILE A 333 7.43 -35.67 -9.32
CA ILE A 333 8.55 -35.98 -10.21
C ILE A 333 9.74 -35.13 -9.79
N VAL A 334 10.83 -35.81 -9.45
CA VAL A 334 12.03 -35.10 -9.02
C VAL A 334 13.16 -35.38 -10.00
N ARG A 335 13.69 -34.31 -10.57
CA ARG A 335 14.84 -34.44 -11.46
C ARG A 335 15.95 -33.46 -11.07
N PHE A 336 17.15 -34.00 -10.87
CA PHE A 336 18.38 -33.22 -10.70
C PHE A 336 19.49 -33.90 -11.51
N PRO A 337 20.58 -33.21 -11.92
CA PRO A 337 21.58 -33.85 -12.76
C PRO A 337 22.34 -34.89 -11.93
N ASN A 338 22.58 -36.08 -12.50
CA ASN A 338 23.21 -37.16 -11.75
C ASN A 338 24.71 -36.85 -11.58
N ILE A 339 25.10 -36.47 -10.35
CA ILE A 339 26.44 -36.00 -10.02
C ILE A 339 26.87 -36.62 -8.68
N THR A 340 28.15 -36.46 -8.30
CA THR A 340 28.76 -37.24 -7.22
C THR A 340 29.79 -36.50 -6.38
N ASN A 341 30.58 -35.60 -7.00
CA ASN A 341 31.62 -34.81 -6.35
C ASN A 341 31.02 -33.93 -5.24
N LEU A 342 31.79 -33.66 -4.16
CA LEU A 342 31.36 -32.84 -3.04
C LEU A 342 32.24 -31.59 -2.92
N CYS A 343 31.81 -30.64 -2.09
CA CYS A 343 32.49 -29.36 -1.94
C CYS A 343 33.55 -29.44 -0.86
N PRO A 344 34.80 -29.02 -1.15
CA PRO A 344 35.87 -29.15 -0.17
C PRO A 344 35.74 -28.16 0.98
N PHE A 345 34.58 -28.15 1.64
CA PHE A 345 34.35 -27.28 2.78
C PHE A 345 35.31 -27.62 3.92
N GLY A 346 35.74 -28.89 4.00
CA GLY A 346 36.71 -29.31 5.00
C GLY A 346 37.95 -28.42 5.01
N GLU A 347 38.61 -28.32 3.85
CA GLU A 347 39.84 -27.55 3.72
C GLU A 347 39.59 -26.05 3.87
N VAL A 348 38.35 -25.60 3.65
CA VAL A 348 38.04 -24.18 3.80
C VAL A 348 37.87 -23.83 5.28
N PHE A 349 36.85 -24.41 5.91
CA PHE A 349 36.53 -24.09 7.30
C PHE A 349 37.63 -24.59 8.22
N ASN A 350 38.00 -25.88 8.09
CA ASN A 350 39.00 -26.49 8.95
C ASN A 350 40.42 -26.12 8.54
N ALA A 351 40.58 -25.09 7.69
CA ALA A 351 41.90 -24.66 7.27
C ALA A 351 42.76 -24.29 8.47
N THR A 352 44.07 -24.44 8.31
CA THR A 352 45.03 -24.18 9.37
C THR A 352 45.57 -22.75 9.32
N ARG A 353 45.30 -22.06 8.22
CA ARG A 353 45.87 -20.74 8.00
C ARG A 353 44.83 -19.86 7.30
N PHE A 354 44.67 -18.65 7.83
CA PHE A 354 43.78 -17.66 7.26
C PHE A 354 44.58 -16.40 6.94
N ALA A 355 44.19 -15.76 5.84
CA ALA A 355 44.74 -14.46 5.48
C ALA A 355 43.93 -13.35 6.13
N SER A 356 44.60 -12.20 6.29
CA SER A 356 44.01 -11.02 6.87
C SER A 356 42.92 -10.46 5.96
N VAL A 357 42.16 -9.52 6.53
CA VAL A 357 40.95 -9.02 5.89
C VAL A 357 41.24 -8.28 4.58
N TYR A 358 42.23 -7.39 4.58
CA TYR A 358 42.52 -6.63 3.38
C TYR A 358 43.00 -7.57 2.27
N ALA A 359 43.81 -8.59 2.62
CA ALA A 359 44.26 -9.59 1.67
C ALA A 359 43.34 -10.82 1.67
N TRP A 360 42.06 -10.61 1.99
CA TRP A 360 41.06 -11.66 2.04
C TRP A 360 41.14 -12.58 0.82
N ASN A 361 41.07 -13.88 1.10
CA ASN A 361 41.23 -14.94 0.12
C ASN A 361 39.89 -15.24 -0.55
N ARG A 362 39.95 -15.84 -1.74
CA ARG A 362 38.76 -16.33 -2.42
C ARG A 362 38.98 -17.72 -3.00
N LYS A 363 37.93 -18.55 -2.93
CA LYS A 363 37.97 -19.87 -3.55
C LYS A 363 36.66 -20.06 -4.29
N ARG A 364 36.76 -20.05 -5.63
CA ARG A 364 35.62 -20.39 -6.47
C ARG A 364 35.37 -21.88 -6.42
N ILE A 365 34.13 -22.22 -6.10
CA ILE A 365 33.69 -23.59 -5.89
C ILE A 365 32.50 -23.82 -6.82
N SER A 366 32.45 -25.05 -7.36
CA SER A 366 31.39 -25.45 -8.27
C SER A 366 31.33 -26.97 -8.41
N ASN A 367 30.19 -27.42 -8.94
CA ASN A 367 29.96 -28.80 -9.37
C ASN A 367 30.09 -29.75 -8.17
N CYS A 368 29.18 -29.59 -7.22
CA CYS A 368 29.19 -30.44 -6.04
C CYS A 368 27.79 -30.98 -5.75
N VAL A 369 27.77 -31.91 -4.78
CA VAL A 369 26.60 -32.16 -3.97
C VAL A 369 26.87 -31.54 -2.59
N ALA A 370 26.00 -30.63 -2.17
CA ALA A 370 26.21 -29.87 -0.94
C ALA A 370 25.25 -30.31 0.17
N ASP A 371 25.82 -30.55 1.36
CA ASP A 371 25.03 -30.76 2.55
C ASP A 371 25.41 -29.65 3.53
N TYR A 372 24.53 -28.65 3.65
CA TYR A 372 24.79 -27.57 4.59
C TYR A 372 24.34 -27.93 6.00
N SER A 373 23.51 -28.96 6.13
CA SER A 373 22.95 -29.28 7.44
C SER A 373 24.04 -29.73 8.42
N VAL A 374 25.13 -30.31 7.89
CA VAL A 374 26.26 -30.73 8.70
C VAL A 374 26.84 -29.53 9.47
N LEU A 375 26.84 -28.37 8.82
CA LEU A 375 27.26 -27.16 9.50
C LEU A 375 26.13 -26.59 10.31
N TYR A 376 24.93 -26.57 9.71
CA TYR A 376 23.80 -25.89 10.31
C TYR A 376 23.55 -26.43 11.72
N ASN A 377 23.55 -27.76 11.84
CA ASN A 377 23.26 -28.45 13.08
C ASN A 377 24.54 -28.75 13.88
N SER A 378 25.70 -28.33 13.35
CA SER A 378 26.97 -28.50 14.05
C SER A 378 26.95 -27.78 15.40
N ALA A 379 26.19 -26.69 15.47
CA ALA A 379 25.96 -25.88 16.66
C ALA A 379 27.29 -25.45 17.29
N SER A 380 28.34 -25.38 16.46
CA SER A 380 29.64 -24.92 16.91
C SER A 380 29.89 -23.46 16.52
N PHE A 381 28.87 -22.78 15.97
CA PHE A 381 29.03 -21.46 15.39
C PHE A 381 28.29 -20.43 16.24
N SER A 382 29.03 -19.41 16.68
CA SER A 382 28.46 -18.36 17.50
C SER A 382 27.45 -17.51 16.75
N THR A 383 27.50 -17.52 15.42
CA THR A 383 26.66 -16.65 14.59
C THR A 383 26.47 -17.32 13.23
N PHE A 384 25.24 -17.26 12.69
CA PHE A 384 24.95 -17.81 11.39
C PHE A 384 23.70 -17.14 10.86
N LYS A 385 23.90 -16.20 9.94
CA LYS A 385 22.81 -15.40 9.41
C LYS A 385 23.02 -15.29 7.92
N CYS A 386 21.92 -15.14 7.19
CA CYS A 386 22.02 -14.72 5.80
C CYS A 386 20.68 -14.28 5.27
N TYR A 387 20.72 -13.77 4.04
CA TYR A 387 19.71 -12.86 3.54
C TYR A 387 19.33 -13.29 2.14
N GLY A 388 18.05 -13.61 1.96
CA GLY A 388 17.53 -14.08 0.69
C GLY A 388 17.05 -15.52 0.74
N VAL A 389 17.58 -16.31 1.69
CA VAL A 389 17.30 -17.73 1.71
C VAL A 389 17.37 -18.23 3.15
N SER A 390 16.38 -19.00 3.61
CA SER A 390 16.51 -19.75 4.85
C SER A 390 17.49 -20.91 4.65
N PRO A 391 18.25 -21.28 5.71
CA PRO A 391 19.18 -22.40 5.61
C PRO A 391 18.58 -23.71 5.13
N THR A 392 17.45 -24.06 5.75
CA THR A 392 16.80 -25.33 5.47
C THR A 392 16.33 -25.38 4.02
N LYS A 393 15.79 -24.24 3.55
CA LYS A 393 15.28 -24.14 2.19
C LYS A 393 16.42 -24.11 1.19
N LEU A 394 17.60 -23.61 1.58
CA LEU A 394 18.71 -23.57 0.64
C LEU A 394 19.39 -24.93 0.49
N ASN A 395 19.32 -25.73 1.54
CA ASN A 395 19.91 -27.06 1.49
C ASN A 395 19.33 -27.88 0.34
N ASP A 396 18.00 -27.83 0.18
CA ASP A 396 17.31 -28.54 -0.89
C ASP A 396 17.02 -27.59 -2.05
N LEU A 397 18.08 -27.00 -2.60
CA LEU A 397 17.95 -26.10 -3.72
C LEU A 397 19.25 -26.07 -4.52
N CYS A 398 19.13 -25.86 -5.84
CA CYS A 398 20.32 -25.84 -6.68
C CYS A 398 20.72 -24.41 -7.01
N PHE A 399 22.04 -24.23 -7.15
CA PHE A 399 22.67 -22.96 -7.48
C PHE A 399 23.73 -23.25 -8.53
N THR A 400 24.08 -22.22 -9.29
CA THR A 400 24.94 -22.35 -10.46
C THR A 400 26.38 -21.99 -10.13
N ASN A 401 26.58 -21.00 -9.25
CA ASN A 401 27.91 -20.51 -8.93
C ASN A 401 27.95 -20.03 -7.48
N VAL A 402 29.01 -20.43 -6.76
CA VAL A 402 29.19 -20.04 -5.37
C VAL A 402 30.66 -19.68 -5.12
N TYR A 403 30.88 -18.65 -4.30
CA TYR A 403 32.22 -18.23 -3.93
C TYR A 403 32.39 -18.43 -2.44
N ALA A 404 33.64 -18.52 -1.98
CA ALA A 404 33.97 -18.69 -0.57
C ALA A 404 35.07 -17.70 -0.22
N ASP A 405 34.78 -16.85 0.76
CA ASP A 405 35.72 -15.84 1.20
C ASP A 405 35.83 -15.89 2.72
N SER A 406 37.02 -15.60 3.23
CA SER A 406 37.28 -15.76 4.65
C SER A 406 38.38 -14.82 5.11
N PHE A 407 38.29 -14.42 6.38
CA PHE A 407 39.28 -13.55 6.99
C PHE A 407 39.10 -13.58 8.50
N VAL A 408 39.77 -12.68 9.23
CA VAL A 408 39.71 -12.65 10.68
C VAL A 408 39.47 -11.20 11.07
N ILE A 409 38.43 -10.96 11.86
CA ILE A 409 38.10 -9.60 12.27
C ILE A 409 37.98 -9.56 13.78
N ARG A 410 37.50 -8.43 14.30
CA ARG A 410 37.26 -8.27 15.72
C ARG A 410 35.79 -8.48 16.03
N GLY A 411 35.54 -9.01 17.23
CA GLY A 411 34.21 -9.37 17.69
C GLY A 411 33.26 -8.18 17.63
N ASP A 412 33.70 -7.09 18.26
CA ASP A 412 32.96 -5.83 18.30
C ASP A 412 32.44 -5.42 16.93
N GLU A 413 33.21 -5.76 15.88
CA GLU A 413 32.92 -5.26 14.55
C GLU A 413 32.25 -6.33 13.69
N VAL A 414 31.89 -7.47 14.26
CA VAL A 414 31.39 -8.56 13.44
C VAL A 414 30.17 -8.11 12.63
N ARG A 415 29.32 -7.31 13.29
CA ARG A 415 28.06 -6.81 12.76
C ARG A 415 28.29 -6.06 11.44
N GLN A 416 29.50 -5.53 11.24
CA GLN A 416 29.77 -4.74 10.05
C GLN A 416 29.70 -5.58 8.78
N ILE A 417 29.80 -6.90 8.90
CA ILE A 417 29.71 -7.75 7.72
C ILE A 417 28.23 -8.02 7.44
N ALA A 418 27.62 -7.04 6.78
CA ALA A 418 26.21 -6.99 6.45
C ALA A 418 26.00 -5.85 5.46
N PRO A 419 24.99 -5.96 4.57
CA PRO A 419 24.73 -4.89 3.59
C PRO A 419 24.45 -3.56 4.28
N GLY A 420 25.04 -2.49 3.74
CA GLY A 420 24.82 -1.13 4.23
C GLY A 420 25.21 -0.92 5.69
N GLN A 421 26.43 -1.34 6.04
CA GLN A 421 26.99 -1.06 7.35
C GLN A 421 28.09 0.00 7.23
N THR A 422 28.50 0.57 8.37
CA THR A 422 29.61 1.52 8.40
C THR A 422 30.64 1.10 9.45
N GLY A 423 31.82 1.72 9.36
CA GLY A 423 32.94 1.44 10.24
C GLY A 423 34.23 1.18 9.46
N LYS A 424 35.30 0.91 10.22
CA LYS A 424 36.62 0.57 9.69
C LYS A 424 36.49 -0.40 8.52
N ILE A 425 35.91 -1.57 8.77
CA ILE A 425 35.96 -2.67 7.82
C ILE A 425 35.04 -2.38 6.64
N ALA A 426 33.83 -1.88 6.94
CA ALA A 426 32.85 -1.56 5.91
C ALA A 426 33.43 -0.55 4.91
N ASP A 427 34.24 0.38 5.42
CA ASP A 427 34.76 1.45 4.58
C ASP A 427 36.00 1.00 3.81
N TYR A 428 36.95 0.36 4.49
CA TYR A 428 38.30 0.26 3.95
C TYR A 428 38.82 -1.18 3.86
N ASN A 429 38.00 -2.16 4.23
CA ASN A 429 38.54 -3.51 4.21
C ASN A 429 37.63 -4.48 3.45
N TYR A 430 36.31 -4.30 3.58
CA TYR A 430 35.37 -5.21 2.94
C TYR A 430 33.99 -4.58 2.99
N LYS A 431 33.23 -4.75 1.89
CA LYS A 431 31.90 -4.17 1.83
C LYS A 431 30.99 -5.04 0.97
N LEU A 432 30.08 -5.76 1.63
CA LEU A 432 29.05 -6.53 0.95
C LEU A 432 28.18 -5.61 0.12
N PRO A 433 27.80 -6.03 -1.11
CA PRO A 433 26.76 -5.32 -1.86
C PRO A 433 25.42 -5.38 -1.13
N ASP A 434 24.58 -4.36 -1.37
CA ASP A 434 23.30 -4.21 -0.70
C ASP A 434 22.41 -5.44 -0.94
N ASP A 435 22.28 -5.85 -2.20
CA ASP A 435 21.42 -6.96 -2.58
C ASP A 435 22.16 -8.28 -2.38
N PHE A 436 22.75 -8.44 -1.20
CA PHE A 436 23.59 -9.58 -0.92
C PHE A 436 22.73 -10.83 -0.73
N THR A 437 23.11 -11.89 -1.46
CA THR A 437 22.33 -13.13 -1.48
C THR A 437 23.13 -14.34 -1.00
N GLY A 438 24.32 -14.08 -0.43
CA GLY A 438 25.17 -15.15 0.09
C GLY A 438 24.78 -15.56 1.50
N CYS A 439 25.75 -16.06 2.26
CA CYS A 439 25.51 -16.43 3.64
C CYS A 439 26.77 -16.15 4.47
N VAL A 440 26.59 -15.60 5.67
CA VAL A 440 27.74 -15.17 6.45
C VAL A 440 27.79 -15.91 7.79
N ILE A 441 28.96 -16.36 8.24
CA ILE A 441 29.09 -17.21 9.41
C ILE A 441 30.30 -16.73 10.21
N ALA A 442 30.28 -16.92 11.54
CA ALA A 442 31.41 -16.54 12.39
C ALA A 442 31.38 -17.34 13.68
N TRP A 443 32.55 -17.70 14.19
CA TRP A 443 32.65 -18.41 15.45
C TRP A 443 33.86 -17.89 16.23
N ASN A 444 33.89 -18.17 17.53
CA ASN A 444 35.04 -17.77 18.32
C ASN A 444 36.23 -18.66 17.99
N SER A 445 37.40 -18.03 17.79
CA SER A 445 38.64 -18.73 17.49
C SER A 445 39.76 -18.24 18.40
N ASN A 446 39.40 -17.84 19.62
CA ASN A 446 40.37 -17.41 20.62
C ASN A 446 41.33 -18.55 20.96
N ASN A 447 40.90 -19.79 20.74
CA ASN A 447 41.67 -20.96 21.11
C ASN A 447 42.69 -21.33 20.03
N LEU A 448 42.57 -20.73 18.85
CA LEU A 448 43.41 -21.11 17.72
C LEU A 448 44.27 -19.96 17.22
N ASP A 449 43.66 -18.78 17.04
CA ASP A 449 44.30 -17.69 16.32
C ASP A 449 45.02 -16.73 17.27
N SER A 450 44.43 -16.50 18.44
CA SER A 450 45.08 -15.68 19.46
C SER A 450 46.36 -16.37 19.96
N LYS A 451 47.33 -15.55 20.37
CA LYS A 451 48.54 -16.05 21.00
C LYS A 451 49.02 -15.03 22.02
N VAL A 452 49.73 -15.54 23.02
CA VAL A 452 50.35 -14.75 24.07
C VAL A 452 51.25 -13.67 23.44
N GLY A 453 51.30 -12.51 24.10
CA GLY A 453 52.14 -11.41 23.68
C GLY A 453 51.54 -10.57 22.55
N GLY A 454 50.50 -11.08 21.88
CA GLY A 454 49.81 -10.35 20.82
C GLY A 454 50.21 -10.83 19.43
N ASN A 455 49.23 -11.29 18.65
CA ASN A 455 49.51 -11.81 17.32
C ASN A 455 49.66 -10.65 16.34
N TYR A 456 50.86 -10.51 15.79
CA TYR A 456 51.14 -9.42 14.87
C TYR A 456 50.95 -9.84 13.41
N ASN A 457 50.07 -10.79 13.13
CA ASN A 457 49.94 -11.28 11.77
C ASN A 457 48.87 -10.53 10.99
N TYR A 458 47.61 -10.64 11.42
CA TYR A 458 46.48 -10.11 10.68
C TYR A 458 46.53 -8.58 10.63
N LEU A 459 46.03 -8.00 9.54
CA LEU A 459 46.07 -6.57 9.31
C LEU A 459 44.70 -6.06 8.86
N TYR A 460 44.53 -4.74 8.86
CA TYR A 460 43.32 -4.11 8.35
C TYR A 460 43.64 -2.69 7.89
N ARG A 461 43.05 -2.31 6.76
CA ARG A 461 43.31 -1.02 6.14
C ARG A 461 42.55 0.07 6.90
N LEU A 462 43.17 1.25 6.98
CA LEU A 462 42.74 2.30 7.87
C LEU A 462 42.15 3.49 7.12
N PHE A 463 42.95 4.11 6.24
CA PHE A 463 42.55 5.33 5.53
C PHE A 463 42.45 5.06 4.03
N ARG A 464 41.71 5.94 3.34
CA ARG A 464 41.62 5.97 1.90
C ARG A 464 40.95 7.27 1.47
N LYS A 465 41.10 7.61 0.19
CA LYS A 465 40.51 8.79 -0.40
C LYS A 465 39.01 8.59 -0.66
N SER A 466 38.58 7.33 -0.74
CA SER A 466 37.23 7.03 -1.15
C SER A 466 36.76 5.74 -0.48
N ASN A 467 35.50 5.40 -0.74
CA ASN A 467 34.88 4.19 -0.23
C ASN A 467 35.23 3.00 -1.13
N LEU A 468 35.19 1.81 -0.54
CA LEU A 468 35.50 0.60 -1.30
C LEU A 468 34.27 0.13 -2.04
N LYS A 469 34.47 -0.18 -3.33
CA LYS A 469 33.42 -0.68 -4.19
C LYS A 469 33.12 -2.14 -3.78
N PRO A 470 32.03 -2.77 -4.26
CA PRO A 470 31.79 -4.19 -3.97
C PRO A 470 32.97 -5.09 -4.36
N PHE A 471 33.41 -5.88 -3.38
CA PHE A 471 34.45 -6.88 -3.54
C PHE A 471 35.78 -6.27 -3.98
N GLU A 472 35.95 -4.96 -3.78
CA GLU A 472 37.19 -4.29 -4.12
C GLU A 472 38.29 -4.67 -3.12
N ARG A 473 39.33 -5.34 -3.63
CA ARG A 473 40.50 -5.65 -2.84
C ARG A 473 41.53 -4.55 -3.06
N ASP A 474 42.18 -4.13 -1.97
CA ASP A 474 43.27 -3.15 -2.07
C ASP A 474 44.49 -3.66 -1.31
N ILE A 475 45.38 -4.39 -1.99
CA ILE A 475 46.59 -4.89 -1.35
C ILE A 475 47.67 -3.80 -1.28
N SER A 476 47.43 -2.67 -1.94
CA SER A 476 48.44 -1.62 -2.06
C SER A 476 48.81 -1.05 -0.69
N THR A 477 50.11 -1.11 -0.38
CA THR A 477 50.63 -0.46 0.81
C THR A 477 51.21 0.91 0.46
N GLU A 478 50.74 1.50 -0.64
CA GLU A 478 51.25 2.80 -1.05
C GLU A 478 50.90 3.86 -0.01
N ILE A 479 51.92 4.62 0.41
CA ILE A 479 51.74 5.72 1.33
C ILE A 479 50.92 6.80 0.65
N TYR A 480 49.66 6.92 1.09
CA TYR A 480 48.81 8.00 0.63
C TYR A 480 49.35 9.34 1.14
N GLN A 481 49.20 10.39 0.33
CA GLN A 481 49.76 11.70 0.63
C GLN A 481 48.62 12.72 0.75
N ALA A 482 48.28 13.04 1.99
CA ALA A 482 47.25 14.04 2.30
C ALA A 482 47.83 15.45 2.49
N GLY A 483 49.10 15.65 2.11
CA GLY A 483 49.78 16.90 2.38
C GLY A 483 50.24 17.58 1.11
N SER A 484 51.36 18.31 1.23
CA SER A 484 51.96 19.05 0.14
C SER A 484 53.34 18.51 -0.20
N THR A 485 54.13 18.21 0.83
CA THR A 485 55.51 17.77 0.67
C THR A 485 55.50 16.39 0.02
N PRO A 486 56.50 16.04 -0.84
CA PRO A 486 56.56 14.69 -1.42
C PRO A 486 56.70 13.63 -0.34
N CYS A 487 56.14 12.44 -0.63
CA CYS A 487 56.11 11.33 0.30
C CYS A 487 57.39 10.49 0.18
N ASN A 488 57.70 10.04 -1.04
CA ASN A 488 58.92 9.30 -1.36
C ASN A 488 58.96 7.97 -0.61
N GLY A 489 57.79 7.35 -0.46
CA GLY A 489 57.66 5.97 -0.01
C GLY A 489 57.83 5.82 1.50
N VAL A 490 58.85 6.51 2.04
CA VAL A 490 59.17 6.46 3.46
C VAL A 490 57.93 6.81 4.28
N GLU A 491 57.84 6.20 5.47
CA GLU A 491 56.77 6.48 6.41
C GLU A 491 57.11 7.74 7.20
N GLY A 492 56.15 8.69 7.23
CA GLY A 492 56.48 10.08 7.51
C GLY A 492 55.37 10.92 8.15
N PHE A 493 55.60 12.22 8.19
CA PHE A 493 54.65 13.21 8.71
C PHE A 493 53.38 13.28 7.85
N ASN A 494 53.24 12.46 6.80
CA ASN A 494 51.94 12.37 6.15
C ASN A 494 51.52 10.92 5.93
N CYS A 495 50.51 10.48 6.70
CA CYS A 495 49.68 9.33 6.37
C CYS A 495 50.54 8.08 6.17
N TYR A 496 50.91 7.49 7.30
CA TYR A 496 51.61 6.22 7.34
C TYR A 496 50.76 5.12 6.67
N PHE A 497 51.32 3.90 6.60
CA PHE A 497 50.65 2.75 6.02
C PHE A 497 49.16 2.70 6.35
N PRO A 498 48.30 2.50 5.33
CA PRO A 498 46.92 2.07 5.56
C PRO A 498 46.85 0.57 5.86
N LEU A 499 47.65 0.14 6.84
CA LEU A 499 47.72 -1.24 7.25
C LEU A 499 48.18 -1.30 8.70
N GLN A 500 47.36 -1.91 9.54
CA GLN A 500 47.65 -2.05 10.96
C GLN A 500 47.23 -3.43 11.44
N SER A 501 47.99 -3.98 12.40
CA SER A 501 47.74 -5.30 12.98
C SER A 501 46.96 -5.19 14.29
N TYR A 502 46.01 -6.11 14.47
CA TYR A 502 45.32 -6.30 15.73
C TYR A 502 46.32 -6.61 16.85
N GLY A 503 45.86 -6.56 18.10
CA GLY A 503 46.63 -7.07 19.22
C GLY A 503 46.40 -8.56 19.41
N PHE A 504 45.12 -8.91 19.65
CA PHE A 504 44.70 -10.29 19.88
C PHE A 504 45.41 -10.88 21.10
N GLN A 505 45.51 -10.11 22.17
CA GLN A 505 45.90 -10.75 23.41
C GLN A 505 44.77 -11.66 23.88
N PRO A 506 45.07 -12.88 24.36
CA PRO A 506 44.02 -13.80 24.83
C PRO A 506 43.28 -13.28 26.06
N THR A 507 43.93 -12.39 26.79
CA THR A 507 43.43 -11.83 28.04
C THR A 507 42.38 -10.75 27.80
N ASN A 508 41.91 -10.59 26.56
CA ASN A 508 40.96 -9.54 26.23
C ASN A 508 39.53 -9.95 26.56
N GLY A 509 38.61 -8.99 26.44
CA GLY A 509 37.18 -9.23 26.59
C GLY A 509 36.62 -10.04 25.41
N VAL A 510 35.29 -10.17 25.39
CA VAL A 510 34.61 -10.94 24.36
C VAL A 510 34.83 -10.28 23.01
N GLY A 511 34.40 -9.01 22.88
CA GLY A 511 34.44 -8.30 21.61
C GLY A 511 35.85 -8.05 21.10
N TYR A 512 36.84 -8.12 22.01
CA TYR A 512 38.23 -7.84 21.67
C TYR A 512 39.03 -9.12 21.40
N GLN A 513 38.33 -10.15 20.92
CA GLN A 513 38.99 -11.39 20.56
C GLN A 513 38.61 -11.76 19.12
N PRO A 514 39.55 -12.35 18.36
CA PRO A 514 39.28 -12.66 16.96
C PRO A 514 38.18 -13.69 16.76
N TYR A 515 37.27 -13.38 15.83
CA TYR A 515 36.27 -14.31 15.38
C TYR A 515 36.46 -14.53 13.89
N ARG A 516 36.83 -15.76 13.50
CA ARG A 516 36.89 -16.16 12.11
C ARG A 516 35.57 -15.89 11.38
N VAL A 517 35.59 -15.73 10.06
CA VAL A 517 34.37 -15.44 9.31
C VAL A 517 34.50 -16.06 7.92
N VAL A 518 33.41 -16.60 7.39
CA VAL A 518 33.39 -17.23 6.08
C VAL A 518 32.14 -16.73 5.38
N VAL A 519 32.33 -15.94 4.32
CA VAL A 519 31.21 -15.33 3.64
C VAL A 519 30.89 -16.19 2.42
N LEU A 520 29.68 -16.74 2.38
CA LEU A 520 29.19 -17.45 1.22
C LEU A 520 28.65 -16.46 0.21
N SER A 521 28.54 -16.90 -1.04
CA SER A 521 27.94 -16.13 -2.11
C SER A 521 27.11 -17.10 -2.94
N PHE A 522 25.85 -16.71 -3.17
CA PHE A 522 24.95 -17.50 -3.99
C PHE A 522 24.46 -16.60 -5.11
N GLU A 523 24.78 -16.99 -6.34
CA GLU A 523 24.37 -16.20 -7.50
C GLU A 523 23.72 -17.12 -8.53
N LEU A 524 22.85 -16.54 -9.35
CA LEU A 524 22.12 -17.29 -10.36
C LEU A 524 22.35 -16.63 -11.71
N LEU A 525 22.62 -17.47 -12.71
CA LEU A 525 22.85 -17.08 -14.09
C LEU A 525 22.03 -18.02 -14.97
N HIS A 526 22.25 -17.96 -16.29
CA HIS A 526 21.51 -18.82 -17.21
C HIS A 526 22.13 -20.21 -17.34
N ALA A 527 23.36 -20.36 -16.83
CA ALA A 527 24.04 -21.66 -16.78
C ALA A 527 23.31 -22.59 -15.82
N PRO A 528 23.23 -23.91 -16.09
CA PRO A 528 22.57 -24.84 -15.18
C PRO A 528 23.26 -24.89 -13.82
N ALA A 529 22.45 -25.19 -12.81
CA ALA A 529 22.88 -25.26 -11.43
C ALA A 529 23.80 -26.46 -11.25
N THR A 530 25.03 -26.19 -10.80
CA THR A 530 26.03 -27.24 -10.68
C THR A 530 26.11 -27.77 -9.24
N VAL A 531 25.91 -26.86 -8.29
CA VAL A 531 26.05 -27.19 -6.88
C VAL A 531 24.66 -27.50 -6.32
N CYS A 532 24.24 -28.75 -6.47
CA CYS A 532 22.88 -29.13 -6.14
C CYS A 532 22.87 -29.73 -4.73
N GLY A 533 21.67 -29.91 -4.16
CA GLY A 533 21.53 -30.43 -2.80
C GLY A 533 21.59 -31.94 -2.77
N PRO A 534 21.31 -32.58 -1.60
CA PRO A 534 21.38 -34.03 -1.45
C PRO A 534 20.10 -34.76 -1.84
N LYS A 535 19.30 -34.14 -2.71
CA LYS A 535 17.99 -34.63 -3.11
C LYS A 535 18.17 -35.76 -4.12
N LYS A 536 17.25 -36.74 -4.11
CA LYS A 536 17.33 -37.91 -4.98
C LYS A 536 16.22 -37.85 -6.01
N SER A 537 16.57 -37.99 -7.30
CA SER A 537 15.62 -37.90 -8.40
C SER A 537 14.65 -39.09 -8.39
N THR A 538 13.52 -38.93 -9.10
CA THR A 538 12.56 -39.98 -9.31
C THR A 538 12.44 -40.21 -10.81
N ASN A 539 11.68 -41.24 -11.20
CA ASN A 539 11.37 -41.46 -12.59
C ASN A 539 10.33 -40.46 -13.07
N LEU A 540 10.29 -40.23 -14.38
CA LEU A 540 9.36 -39.26 -14.95
C LEU A 540 8.16 -39.98 -15.58
N VAL A 541 6.97 -39.45 -15.28
CA VAL A 541 5.73 -40.04 -15.77
C VAL A 541 5.05 -39.08 -16.73
N LYS A 542 4.78 -39.56 -17.95
CA LYS A 542 4.24 -38.73 -19.02
C LYS A 542 2.72 -38.86 -19.10
N ASN A 543 2.08 -37.78 -19.56
CA ASN A 543 0.65 -37.72 -19.88
C ASN A 543 -0.23 -37.91 -18.64
N LYS A 544 0.29 -37.51 -17.49
CA LYS A 544 -0.49 -37.51 -16.26
C LYS A 544 -0.22 -36.22 -15.52
N CYS A 545 -1.19 -35.73 -14.73
CA CYS A 545 -1.02 -34.53 -13.92
C CYS A 545 -0.09 -34.85 -12.75
N VAL A 546 1.06 -34.17 -12.70
CA VAL A 546 2.11 -34.46 -11.73
C VAL A 546 2.64 -33.17 -11.10
N ASN A 547 3.27 -33.36 -9.93
CA ASN A 547 3.91 -32.27 -9.22
C ASN A 547 5.40 -32.38 -9.52
N PHE A 548 5.93 -31.49 -10.38
CA PHE A 548 7.30 -31.67 -10.85
C PHE A 548 8.27 -30.72 -10.17
N ASN A 549 9.54 -31.15 -10.20
CA ASN A 549 10.68 -30.38 -9.72
C ASN A 549 11.90 -30.63 -10.60
N PHE A 550 12.21 -29.66 -11.45
CA PHE A 550 13.40 -29.80 -12.29
C PHE A 550 14.42 -28.75 -11.88
N ASN A 551 15.52 -29.22 -11.26
CA ASN A 551 16.60 -28.36 -10.79
C ASN A 551 16.09 -27.23 -9.90
N GLY A 552 15.10 -27.51 -9.03
CA GLY A 552 14.59 -26.50 -8.12
C GLY A 552 13.39 -25.75 -8.67
N LEU A 553 13.08 -25.93 -9.98
CA LEU A 553 11.97 -25.28 -10.63
C LEU A 553 10.73 -26.14 -10.45
N THR A 554 9.72 -25.57 -9.78
CA THR A 554 8.59 -26.39 -9.41
C THR A 554 7.31 -25.90 -10.07
N GLY A 555 6.33 -26.80 -10.10
CA GLY A 555 5.01 -26.49 -10.57
C GLY A 555 4.20 -27.76 -10.73
N THR A 556 2.94 -27.58 -11.12
CA THR A 556 2.05 -28.69 -11.36
C THR A 556 1.57 -28.61 -12.80
N GLY A 557 1.58 -29.76 -13.47
CA GLY A 557 1.10 -29.82 -14.85
C GLY A 557 1.38 -31.19 -15.45
N VAL A 558 0.91 -31.37 -16.68
CA VAL A 558 1.08 -32.61 -17.41
C VAL A 558 2.32 -32.50 -18.29
N LEU A 559 3.22 -33.49 -18.17
CA LEU A 559 4.46 -33.51 -18.95
C LEU A 559 4.27 -34.38 -20.19
N THR A 560 4.43 -33.76 -21.35
CA THR A 560 4.27 -34.48 -22.61
C THR A 560 5.51 -34.26 -23.47
N GLU A 561 5.68 -35.11 -24.48
CA GLU A 561 6.73 -34.89 -25.45
C GLU A 561 6.38 -33.67 -26.28
N SER A 562 7.41 -33.03 -26.83
CA SER A 562 7.25 -31.81 -27.60
C SER A 562 8.14 -31.81 -28.83
N ASN A 563 7.82 -30.90 -29.76
CA ASN A 563 8.61 -30.69 -30.95
C ASN A 563 9.13 -29.25 -30.94
N LYS A 564 9.30 -28.70 -29.72
CA LYS A 564 9.93 -27.39 -29.59
C LYS A 564 11.45 -27.56 -29.60
N LYS A 565 12.08 -27.06 -30.67
CA LYS A 565 13.51 -27.30 -30.86
C LYS A 565 14.32 -26.23 -30.15
N PHE A 566 14.68 -26.52 -28.91
CA PHE A 566 15.52 -25.64 -28.11
C PHE A 566 16.91 -25.55 -28.75
N LEU A 567 17.52 -24.38 -28.72
CA LEU A 567 18.93 -24.32 -29.06
C LEU A 567 19.76 -24.93 -27.92
N PRO A 568 20.96 -25.49 -28.21
CA PRO A 568 21.77 -26.19 -27.21
C PRO A 568 22.07 -25.48 -25.90
N PHE A 569 22.04 -24.15 -25.93
CA PHE A 569 22.35 -23.36 -24.75
C PHE A 569 21.10 -23.02 -23.96
N GLN A 570 19.92 -23.33 -24.52
CA GLN A 570 18.64 -22.98 -23.90
C GLN A 570 18.13 -24.12 -23.01
N GLN A 571 17.67 -23.74 -21.82
CA GLN A 571 17.24 -24.70 -20.82
C GLN A 571 15.74 -24.61 -20.56
N PHE A 572 15.24 -23.38 -20.65
CA PHE A 572 13.85 -23.08 -20.33
C PHE A 572 13.19 -22.36 -21.51
N GLY A 573 11.90 -22.65 -21.73
CA GLY A 573 11.04 -21.87 -22.60
C GLY A 573 10.00 -21.13 -21.76
N ARG A 574 9.44 -20.05 -22.31
CA ARG A 574 8.55 -19.22 -21.49
C ARG A 574 7.30 -18.81 -22.25
N ASP A 575 6.23 -18.61 -21.47
CA ASP A 575 4.95 -18.12 -21.94
C ASP A 575 4.91 -16.61 -21.77
N ILE A 576 3.82 -16.01 -22.26
CA ILE A 576 3.67 -14.56 -22.25
C ILE A 576 3.64 -14.08 -20.80
N ALA A 577 3.05 -14.90 -19.93
CA ALA A 577 2.87 -14.68 -18.50
C ALA A 577 4.19 -14.79 -17.72
N ASP A 578 5.27 -15.14 -18.44
CA ASP A 578 6.62 -15.31 -17.90
C ASP A 578 6.71 -16.63 -17.10
N THR A 579 5.66 -17.45 -17.20
CA THR A 579 5.67 -18.77 -16.62
C THR A 579 6.45 -19.72 -17.53
N THR A 580 6.91 -20.84 -16.99
CA THR A 580 7.61 -21.83 -17.80
C THR A 580 6.63 -22.54 -18.72
N ASP A 581 7.02 -22.63 -19.99
CA ASP A 581 6.21 -23.26 -21.01
C ASP A 581 6.67 -24.68 -21.27
N ALA A 582 8.00 -24.85 -21.32
CA ALA A 582 8.65 -26.11 -21.67
C ALA A 582 10.04 -26.15 -21.04
N VAL A 583 10.52 -27.38 -20.82
CA VAL A 583 11.72 -27.58 -20.04
C VAL A 583 12.55 -28.66 -20.69
N ARG A 584 13.86 -28.54 -20.48
CA ARG A 584 14.73 -29.60 -20.91
C ARG A 584 15.07 -30.46 -19.70
N ASP A 585 14.77 -31.76 -19.83
CA ASP A 585 15.08 -32.73 -18.79
C ASP A 585 16.58 -32.72 -18.55
N PRO A 586 17.01 -32.43 -17.30
CA PRO A 586 18.42 -32.27 -16.94
C PRO A 586 19.26 -33.53 -17.00
N GLN A 587 18.60 -34.69 -17.05
CA GLN A 587 19.33 -35.95 -17.06
C GLN A 587 19.44 -36.46 -18.49
N THR A 588 18.32 -36.36 -19.21
CA THR A 588 18.19 -36.81 -20.58
C THR A 588 17.68 -35.63 -21.39
N LEU A 589 18.47 -35.21 -22.37
CA LEU A 589 18.20 -33.95 -23.03
C LEU A 589 17.05 -34.07 -24.05
N GLU A 590 15.82 -34.12 -23.53
CA GLU A 590 14.61 -34.02 -24.33
C GLU A 590 13.79 -32.83 -23.86
N ILE A 591 12.92 -32.33 -24.73
CA ILE A 591 12.09 -31.19 -24.38
C ILE A 591 10.67 -31.64 -24.05
N LEU A 592 10.21 -31.24 -22.87
CA LEU A 592 8.88 -31.58 -22.40
C LEU A 592 8.01 -30.34 -22.29
N ASP A 593 6.81 -30.45 -22.87
CA ASP A 593 5.81 -29.41 -22.72
C ASP A 593 5.13 -29.54 -21.35
N ILE A 594 4.81 -28.41 -20.76
CA ILE A 594 4.06 -28.45 -19.52
C ILE A 594 2.67 -27.83 -19.73
N THR A 595 1.64 -28.68 -19.67
CA THR A 595 0.28 -28.18 -19.79
C THR A 595 -0.42 -28.27 -18.44
N PRO A 596 -0.82 -27.13 -17.86
CA PRO A 596 -1.52 -27.11 -16.57
C PRO A 596 -2.79 -27.96 -16.64
N CYS A 597 -3.08 -28.60 -15.51
CA CYS A 597 -4.14 -29.58 -15.38
C CYS A 597 -5.54 -28.96 -15.58
N SER A 598 -6.44 -29.76 -16.19
CA SER A 598 -7.83 -29.38 -16.49
C SER A 598 -8.55 -28.75 -15.30
N PHE A 599 -9.33 -27.70 -15.53
CA PHE A 599 -10.16 -27.09 -14.50
C PHE A 599 -11.42 -26.46 -15.13
N GLY A 600 -12.39 -25.96 -14.34
CA GLY A 600 -13.53 -25.26 -14.95
C GLY A 600 -14.64 -24.88 -13.98
N GLY A 601 -15.44 -23.87 -14.35
CA GLY A 601 -16.51 -23.37 -13.49
C GLY A 601 -17.63 -24.39 -13.36
N VAL A 602 -18.33 -24.33 -12.23
CA VAL A 602 -19.46 -25.21 -12.02
C VAL A 602 -20.74 -24.41 -11.80
N SER A 603 -21.74 -24.72 -12.63
CA SER A 603 -23.06 -24.13 -12.48
C SER A 603 -24.09 -25.17 -12.02
N VAL A 604 -25.03 -24.72 -11.16
CA VAL A 604 -26.09 -25.61 -10.75
C VAL A 604 -27.42 -25.06 -11.24
N ILE A 605 -28.14 -25.91 -11.96
CA ILE A 605 -29.37 -25.52 -12.63
C ILE A 605 -30.51 -26.00 -11.78
N THR A 606 -31.32 -25.07 -11.30
CA THR A 606 -32.31 -25.48 -10.32
C THR A 606 -33.63 -24.74 -10.50
N PRO A 607 -34.77 -25.47 -10.38
CA PRO A 607 -36.08 -24.82 -10.22
C PRO A 607 -36.05 -24.38 -8.75
N GLY A 608 -36.85 -23.39 -8.38
CA GLY A 608 -36.80 -22.88 -7.01
C GLY A 608 -37.04 -24.02 -5.99
N THR A 609 -36.38 -23.92 -4.84
CA THR A 609 -36.50 -24.90 -3.77
C THR A 609 -37.91 -24.96 -3.16
N ASN A 610 -38.75 -23.98 -3.50
CA ASN A 610 -40.14 -23.89 -3.12
C ASN A 610 -40.97 -24.92 -3.91
N THR A 611 -40.35 -25.54 -4.93
CA THR A 611 -40.98 -26.49 -5.85
C THR A 611 -40.33 -27.86 -5.71
N SER A 612 -39.00 -27.90 -5.78
CA SER A 612 -38.27 -29.17 -5.77
C SER A 612 -36.83 -29.00 -5.28
N ASN A 613 -36.31 -30.08 -4.68
CA ASN A 613 -34.94 -30.08 -4.20
C ASN A 613 -33.97 -30.71 -5.19
N GLN A 614 -34.46 -30.97 -6.39
CA GLN A 614 -33.66 -31.71 -7.34
C GLN A 614 -32.90 -30.74 -8.24
N VAL A 615 -31.67 -31.11 -8.62
CA VAL A 615 -30.86 -30.16 -9.40
C VAL A 615 -30.13 -30.84 -10.57
N ALA A 616 -29.65 -30.05 -11.56
CA ALA A 616 -28.75 -30.55 -12.60
C ALA A 616 -27.42 -29.79 -12.56
N VAL A 617 -26.27 -30.44 -12.88
CA VAL A 617 -25.00 -29.76 -12.72
C VAL A 617 -24.24 -29.63 -14.04
N LEU A 618 -23.77 -28.40 -14.32
CA LEU A 618 -23.06 -28.15 -15.55
C LEU A 618 -21.60 -27.89 -15.22
N TYR A 619 -20.75 -28.70 -15.84
CA TYR A 619 -19.32 -28.49 -15.71
C TYR A 619 -18.85 -27.70 -16.93
N GLN A 620 -18.49 -26.44 -16.69
CA GLN A 620 -18.26 -25.52 -17.78
C GLN A 620 -16.96 -25.87 -18.50
N ASP A 621 -17.09 -25.93 -19.83
CA ASP A 621 -15.94 -25.86 -20.72
C ASP A 621 -15.05 -27.09 -20.49
N VAL A 622 -15.68 -28.23 -20.22
CA VAL A 622 -14.92 -29.47 -20.10
C VAL A 622 -15.65 -30.52 -20.90
N ASN A 623 -14.95 -31.64 -21.09
CA ASN A 623 -15.54 -32.81 -21.72
C ASN A 623 -16.10 -33.73 -20.64
N CYS A 624 -17.09 -34.57 -21.01
CA CYS A 624 -17.67 -35.55 -20.10
C CYS A 624 -16.75 -36.77 -19.96
N THR A 625 -15.55 -36.51 -19.42
CA THR A 625 -14.45 -37.46 -19.28
C THR A 625 -13.86 -37.33 -17.88
N GLU A 626 -13.16 -36.22 -17.60
CA GLU A 626 -12.49 -35.88 -16.33
C GLU A 626 -13.46 -35.99 -15.15
N VAL A 627 -14.73 -35.61 -15.42
CA VAL A 627 -15.78 -35.44 -14.43
C VAL A 627 -16.14 -36.83 -13.89
N ASN A 648 -27.27 -40.43 -17.55
CA ASN A 648 -28.08 -39.19 -17.67
C ASN A 648 -27.13 -38.01 -17.92
N VAL A 649 -26.30 -38.10 -18.99
CA VAL A 649 -25.22 -37.17 -19.25
C VAL A 649 -25.29 -36.62 -20.68
N PHE A 650 -25.33 -35.29 -20.81
CA PHE A 650 -25.51 -34.67 -22.11
C PHE A 650 -24.37 -33.69 -22.37
N GLN A 651 -23.61 -33.96 -23.43
CA GLN A 651 -22.48 -33.10 -23.78
C GLN A 651 -22.99 -31.95 -24.64
N THR A 652 -22.74 -30.72 -24.19
CA THR A 652 -23.16 -29.53 -24.90
C THR A 652 -21.95 -28.65 -25.13
N ARG A 653 -22.14 -27.59 -25.90
CA ARG A 653 -21.05 -26.68 -26.17
C ARG A 653 -20.72 -25.83 -24.95
N ALA A 654 -21.58 -25.92 -23.94
CA ALA A 654 -21.44 -25.12 -22.74
C ALA A 654 -20.55 -25.86 -21.74
N GLY A 655 -20.32 -27.14 -22.00
CA GLY A 655 -19.74 -27.99 -20.97
C GLY A 655 -20.53 -29.30 -20.84
N CYS A 656 -20.22 -30.09 -19.80
CA CYS A 656 -20.84 -31.38 -19.54
C CYS A 656 -22.03 -31.23 -18.58
N LEU A 657 -23.27 -31.52 -19.06
CA LEU A 657 -24.49 -31.32 -18.28
C LEU A 657 -24.97 -32.66 -17.73
N ILE A 658 -25.01 -32.77 -16.39
CA ILE A 658 -25.36 -34.03 -15.76
C ILE A 658 -26.58 -33.90 -14.87
N GLY A 659 -27.52 -34.82 -15.07
CA GLY A 659 -28.72 -34.79 -14.25
C GLY A 659 -29.96 -34.37 -15.04
N ALA A 660 -29.76 -33.76 -16.21
CA ALA A 660 -30.89 -33.34 -17.03
C ALA A 660 -31.16 -34.40 -18.09
N GLU A 661 -32.43 -34.74 -18.31
CA GLU A 661 -32.75 -35.66 -19.39
C GLU A 661 -32.85 -34.92 -20.74
N HIS A 662 -32.27 -35.54 -21.77
CA HIS A 662 -32.28 -34.90 -23.07
C HIS A 662 -33.58 -35.21 -23.81
N VAL A 663 -34.31 -34.18 -24.25
CA VAL A 663 -35.61 -34.31 -24.90
C VAL A 663 -35.56 -33.78 -26.34
N ASN A 664 -36.22 -34.47 -27.28
CA ASN A 664 -36.40 -34.06 -28.67
C ASN A 664 -37.34 -32.87 -28.93
N ASN A 665 -38.35 -32.64 -28.09
CA ASN A 665 -39.34 -31.57 -28.33
C ASN A 665 -38.76 -30.20 -27.99
N SER A 666 -38.96 -29.20 -28.85
CA SER A 666 -38.50 -27.85 -28.53
C SER A 666 -39.57 -27.12 -27.71
N TYR A 667 -39.14 -26.11 -26.95
CA TYR A 667 -40.08 -25.30 -26.21
C TYR A 667 -39.55 -23.88 -26.10
N GLU A 668 -40.35 -23.01 -25.47
CA GLU A 668 -39.88 -21.67 -25.14
C GLU A 668 -38.85 -21.78 -24.03
N CYS A 669 -37.85 -20.91 -24.12
CA CYS A 669 -36.73 -20.95 -23.18
C CYS A 669 -37.21 -20.62 -21.77
N ASP A 670 -36.70 -21.39 -20.78
CA ASP A 670 -36.97 -21.24 -19.36
C ASP A 670 -35.70 -20.85 -18.60
N ILE A 671 -34.90 -21.83 -18.22
CA ILE A 671 -33.60 -21.55 -17.64
C ILE A 671 -32.55 -21.76 -18.74
N PRO A 672 -31.91 -20.69 -19.21
CA PRO A 672 -30.99 -20.77 -20.35
C PRO A 672 -29.63 -21.35 -19.92
N ILE A 673 -29.08 -22.21 -20.77
CA ILE A 673 -27.80 -22.82 -20.48
C ILE A 673 -26.76 -22.24 -21.40
N GLY A 674 -27.05 -22.19 -22.71
CA GLY A 674 -26.09 -21.63 -23.63
C GLY A 674 -26.06 -22.39 -24.94
N ALA A 675 -25.62 -21.70 -26.00
CA ALA A 675 -25.57 -22.12 -27.40
C ALA A 675 -26.88 -22.78 -27.86
N GLY A 676 -28.03 -22.16 -27.54
CA GLY A 676 -29.33 -22.58 -28.01
C GLY A 676 -29.94 -23.70 -27.17
N ILE A 677 -29.31 -24.03 -26.03
CA ILE A 677 -29.84 -25.04 -25.09
C ILE A 677 -30.44 -24.35 -23.88
N CYS A 678 -31.68 -24.74 -23.55
CA CYS A 678 -32.35 -24.31 -22.32
C CYS A 678 -32.81 -25.56 -21.56
N ALA A 679 -33.04 -25.37 -20.23
CA ALA A 679 -33.53 -26.43 -19.35
C ALA A 679 -34.82 -26.01 -18.63
N SER A 680 -35.64 -27.02 -18.25
CA SER A 680 -36.84 -26.76 -17.47
C SER A 680 -37.25 -27.97 -16.63
N TYR A 681 -38.20 -27.76 -15.70
CA TYR A 681 -38.64 -28.78 -14.77
C TYR A 681 -40.06 -29.17 -15.14
N GLN A 682 -40.21 -30.36 -15.71
CA GLN A 682 -41.46 -30.74 -16.36
C GLN A 682 -41.66 -32.25 -16.19
N THR A 683 -42.89 -32.70 -16.50
CA THR A 683 -43.28 -34.10 -16.50
C THR A 683 -43.01 -34.71 -17.89
N SER A 696 -43.05 -37.24 -10.62
CA SER A 696 -43.31 -37.30 -12.08
C SER A 696 -42.48 -36.26 -12.83
N GLN A 697 -42.12 -35.16 -12.15
CA GLN A 697 -41.38 -34.06 -12.74
C GLN A 697 -39.88 -34.31 -12.61
N SER A 698 -39.12 -33.83 -13.61
CA SER A 698 -37.66 -33.89 -13.59
C SER A 698 -37.07 -32.79 -14.46
N ILE A 699 -35.76 -32.63 -14.35
CA ILE A 699 -35.14 -31.59 -15.14
C ILE A 699 -34.82 -32.14 -16.55
N ILE A 700 -35.20 -31.37 -17.58
CA ILE A 700 -34.98 -31.75 -18.98
C ILE A 700 -34.20 -30.65 -19.69
N ALA A 701 -33.60 -31.01 -20.83
CA ALA A 701 -32.80 -30.09 -21.63
C ALA A 701 -33.17 -30.27 -23.09
N TYR A 702 -33.23 -29.16 -23.86
CA TYR A 702 -33.69 -29.19 -25.26
C TYR A 702 -33.15 -27.96 -26.01
N THR A 703 -33.22 -28.04 -27.34
CA THR A 703 -32.90 -26.90 -28.20
C THR A 703 -34.12 -26.01 -28.30
N MET A 704 -33.92 -24.72 -28.01
CA MET A 704 -35.05 -23.80 -27.82
C MET A 704 -35.75 -23.49 -29.14
N SER A 705 -37.08 -23.35 -29.09
CA SER A 705 -37.89 -22.93 -30.24
C SER A 705 -37.78 -21.43 -30.46
N LEU A 706 -37.85 -20.98 -31.73
CA LEU A 706 -37.88 -19.56 -31.99
C LEU A 706 -39.30 -19.07 -32.13
N GLY A 707 -40.26 -20.01 -32.20
CA GLY A 707 -41.63 -19.60 -32.43
C GLY A 707 -42.32 -20.39 -33.52
N ALA A 708 -43.62 -20.08 -33.75
CA ALA A 708 -44.49 -20.90 -34.58
C ALA A 708 -44.26 -20.57 -36.04
N GLU A 709 -44.26 -21.59 -36.89
CA GLU A 709 -43.94 -21.44 -38.30
C GLU A 709 -45.23 -21.12 -39.05
N ASN A 710 -45.19 -20.16 -39.99
CA ASN A 710 -46.40 -19.64 -40.62
C ASN A 710 -46.15 -19.07 -42.01
N SER A 711 -46.42 -19.84 -43.08
CA SER A 711 -46.26 -19.33 -44.44
C SER A 711 -47.38 -18.34 -44.81
N VAL A 712 -47.04 -17.25 -45.48
CA VAL A 712 -48.05 -16.28 -45.93
C VAL A 712 -48.28 -16.53 -47.40
N ALA A 713 -49.55 -16.78 -47.79
CA ALA A 713 -50.06 -16.92 -49.15
C ALA A 713 -49.96 -15.63 -49.97
N TYR A 714 -48.88 -15.45 -50.74
CA TYR A 714 -48.64 -14.27 -51.56
C TYR A 714 -49.05 -14.57 -53.00
N SER A 715 -49.72 -13.63 -53.68
CA SER A 715 -50.13 -13.81 -55.08
C SER A 715 -50.12 -12.45 -55.73
N ASN A 716 -49.92 -12.39 -57.06
CA ASN A 716 -49.87 -11.08 -57.71
C ASN A 716 -51.18 -10.28 -57.78
N ASN A 717 -52.35 -10.85 -57.41
CA ASN A 717 -53.61 -10.11 -57.47
C ASN A 717 -54.56 -10.42 -56.29
N SER A 718 -53.99 -10.65 -55.09
CA SER A 718 -54.85 -10.96 -53.97
C SER A 718 -54.52 -10.08 -52.74
N ILE A 719 -55.55 -9.54 -52.07
CA ILE A 719 -55.34 -8.73 -50.87
C ILE A 719 -56.21 -9.23 -49.70
N ALA A 720 -55.71 -9.21 -48.46
CA ALA A 720 -56.58 -9.52 -47.33
C ALA A 720 -57.01 -8.26 -46.59
N ILE A 721 -58.30 -8.05 -46.41
CA ILE A 721 -58.75 -6.80 -45.81
C ILE A 721 -59.56 -7.12 -44.56
N PRO A 722 -59.19 -6.53 -43.41
CA PRO A 722 -59.85 -6.85 -42.16
C PRO A 722 -61.24 -6.23 -42.18
N THR A 723 -62.17 -6.99 -41.61
CA THR A 723 -63.58 -6.64 -41.49
C THR A 723 -64.02 -6.16 -40.09
N ASN A 724 -63.20 -6.42 -39.06
CA ASN A 724 -63.53 -5.97 -37.71
C ASN A 724 -62.21 -5.64 -37.00
N PHE A 725 -62.25 -5.12 -35.76
CA PHE A 725 -61.08 -4.69 -34.98
C PHE A 725 -61.30 -4.80 -33.46
N THR A 726 -60.21 -4.66 -32.70
CA THR A 726 -60.29 -4.65 -31.24
C THR A 726 -59.46 -3.51 -30.63
N ILE A 727 -59.90 -3.04 -29.46
CA ILE A 727 -59.19 -2.01 -28.74
C ILE A 727 -58.44 -2.69 -27.59
N SER A 728 -57.12 -2.56 -27.53
CA SER A 728 -56.37 -3.27 -26.47
C SER A 728 -55.56 -2.35 -25.59
N VAL A 729 -55.24 -2.78 -24.34
CA VAL A 729 -54.68 -1.84 -23.35
C VAL A 729 -53.52 -2.46 -22.57
N THR A 730 -52.38 -1.79 -22.48
CA THR A 730 -51.13 -2.50 -22.29
C THR A 730 -50.33 -1.69 -21.30
N THR A 731 -49.41 -2.35 -20.57
CA THR A 731 -48.71 -1.71 -19.46
C THR A 731 -47.21 -1.60 -19.73
N GLU A 732 -46.68 -0.38 -19.69
CA GLU A 732 -45.26 -0.14 -19.89
C GLU A 732 -44.63 0.46 -18.62
N ILE A 733 -43.52 -0.10 -18.11
CA ILE A 733 -43.01 0.34 -16.81
C ILE A 733 -41.60 0.91 -16.93
N LEU A 734 -41.33 2.06 -16.30
CA LEU A 734 -40.01 2.67 -16.37
C LEU A 734 -39.56 3.14 -15.01
N PRO A 735 -38.31 2.90 -14.61
CA PRO A 735 -37.69 3.65 -13.51
C PRO A 735 -37.42 5.12 -13.86
N VAL A 736 -37.54 5.96 -12.82
CA VAL A 736 -37.21 7.39 -12.94
C VAL A 736 -36.04 7.75 -12.03
N SER A 737 -35.97 7.15 -10.83
CA SER A 737 -35.10 7.73 -9.83
C SER A 737 -34.47 6.64 -8.98
N MET A 738 -33.53 6.99 -8.08
CA MET A 738 -32.95 6.06 -7.12
C MET A 738 -32.74 6.70 -5.74
N THR A 739 -32.56 5.93 -4.68
CA THR A 739 -32.42 6.50 -3.33
C THR A 739 -31.17 7.39 -3.16
N LYS A 740 -31.40 8.58 -2.58
CA LYS A 740 -30.33 9.56 -2.34
C LYS A 740 -29.53 9.27 -1.08
N THR A 741 -28.58 8.33 -1.16
CA THR A 741 -27.68 8.09 -0.04
C THR A 741 -26.64 9.20 0.09
N SER A 742 -26.03 9.30 1.28
CA SER A 742 -24.95 10.24 1.54
C SER A 742 -24.03 9.73 2.65
N VAL A 743 -22.72 9.86 2.48
CA VAL A 743 -21.79 9.20 3.41
C VAL A 743 -20.76 10.19 3.95
N ASP A 744 -20.56 10.12 5.28
CA ASP A 744 -19.48 10.85 5.92
C ASP A 744 -18.17 10.06 5.82
N CYS A 745 -17.29 10.45 4.87
CA CYS A 745 -16.07 9.70 4.57
C CYS A 745 -15.14 9.57 5.79
N THR A 746 -15.09 10.62 6.61
CA THR A 746 -14.18 10.67 7.76
C THR A 746 -14.67 9.72 8.87
N MET A 747 -15.97 9.82 9.14
CA MET A 747 -16.53 9.06 10.23
C MET A 747 -16.48 7.57 9.90
N TYR A 748 -16.66 7.23 8.62
CA TYR A 748 -16.67 5.83 8.22
C TYR A 748 -15.29 5.25 8.46
N ILE A 749 -14.24 5.96 8.00
CA ILE A 749 -12.85 5.49 8.07
C ILE A 749 -12.28 5.49 9.49
N CYS A 750 -12.39 6.60 10.23
CA CYS A 750 -11.74 6.80 11.52
C CYS A 750 -12.76 7.26 12.54
N GLY A 751 -13.78 6.44 12.80
CA GLY A 751 -14.85 6.92 13.66
C GLY A 751 -14.39 7.26 15.07
N ASP A 752 -14.54 8.55 15.44
CA ASP A 752 -14.31 9.07 16.78
C ASP A 752 -12.93 8.75 17.32
N SER A 753 -11.92 8.80 16.45
CA SER A 753 -10.54 8.61 16.86
C SER A 753 -9.67 9.74 16.33
N THR A 754 -9.05 10.45 17.28
CA THR A 754 -8.20 11.58 16.93
C THR A 754 -6.92 11.13 16.24
N GLU A 755 -6.36 10.02 16.72
CA GLU A 755 -5.11 9.49 16.18
C GLU A 755 -5.29 9.07 14.73
N CYS A 756 -6.41 8.39 14.42
CA CYS A 756 -6.75 7.97 13.07
C CYS A 756 -7.00 9.16 12.14
N SER A 757 -7.79 10.13 12.62
CA SER A 757 -8.10 11.33 11.87
C SER A 757 -6.84 12.08 11.38
N ASN A 758 -5.88 12.24 12.29
CA ASN A 758 -4.66 12.93 11.95
C ASN A 758 -3.88 12.20 10.85
N LEU A 759 -3.93 10.87 10.86
CA LEU A 759 -3.27 10.13 9.80
C LEU A 759 -4.03 10.31 8.48
N LEU A 760 -5.37 10.33 8.59
CA LEU A 760 -6.22 10.48 7.42
C LEU A 760 -5.91 11.76 6.64
N LEU A 761 -5.58 12.83 7.39
CA LEU A 761 -5.30 14.13 6.82
C LEU A 761 -4.18 14.14 5.78
N GLN A 762 -3.29 13.15 5.90
CA GLN A 762 -2.12 13.12 5.06
C GLN A 762 -2.45 12.73 3.62
N TYR A 763 -3.70 12.39 3.36
CA TYR A 763 -4.06 11.98 2.01
C TYR A 763 -4.70 13.12 1.21
N GLY A 764 -4.63 14.32 1.79
CA GLY A 764 -5.27 15.49 1.20
C GLY A 764 -6.78 15.39 1.04
N SER A 765 -7.24 15.61 -0.18
CA SER A 765 -8.65 15.82 -0.53
C SER A 765 -9.36 14.52 -0.90
N PHE A 766 -8.65 13.38 -0.68
CA PHE A 766 -9.21 12.07 -0.96
C PHE A 766 -10.59 11.93 -0.34
N CYS A 767 -10.78 12.57 0.82
CA CYS A 767 -12.02 12.46 1.58
C CYS A 767 -13.13 13.29 0.94
N THR A 768 -12.91 14.61 0.87
CA THR A 768 -13.91 15.58 0.42
C THR A 768 -14.40 15.39 -1.01
N GLN A 769 -13.55 14.86 -1.88
CA GLN A 769 -13.99 14.72 -3.25
C GLN A 769 -15.01 13.60 -3.39
N LEU A 770 -15.05 12.70 -2.39
CA LEU A 770 -16.04 11.61 -2.38
C LEU A 770 -17.41 12.16 -1.97
N ASN A 771 -17.34 13.05 -0.97
CA ASN A 771 -18.55 13.68 -0.51
C ASN A 771 -19.20 14.45 -1.66
N ARG A 772 -18.34 15.06 -2.49
CA ARG A 772 -18.81 15.88 -3.59
C ARG A 772 -19.50 15.00 -4.64
N ALA A 773 -18.88 13.87 -4.98
CA ALA A 773 -19.40 13.03 -6.04
C ALA A 773 -20.81 12.54 -5.70
N LEU A 774 -20.98 12.14 -4.43
CA LEU A 774 -22.24 11.57 -3.98
C LEU A 774 -23.31 12.65 -4.04
N THR A 775 -22.90 13.89 -3.74
CA THR A 775 -23.84 15.01 -3.75
C THR A 775 -24.41 15.24 -5.15
N GLY A 776 -23.50 15.15 -6.12
CA GLY A 776 -23.91 15.30 -7.52
C GLY A 776 -25.05 14.38 -7.89
N ILE A 777 -24.88 13.11 -7.49
CA ILE A 777 -25.90 12.12 -7.77
C ILE A 777 -27.21 12.53 -7.11
N ALA A 778 -27.13 12.89 -5.82
CA ALA A 778 -28.32 13.15 -5.04
C ALA A 778 -29.18 14.24 -5.66
N VAL A 779 -28.50 15.25 -6.18
CA VAL A 779 -29.23 16.34 -6.78
C VAL A 779 -29.95 15.93 -8.07
N GLU A 780 -29.27 15.15 -8.92
CA GLU A 780 -29.87 14.86 -10.20
C GLU A 780 -31.12 14.00 -10.03
N GLN A 781 -31.20 13.33 -8.88
CA GLN A 781 -32.36 12.50 -8.61
C GLN A 781 -33.67 13.30 -8.64
N ASP A 782 -33.59 14.53 -8.11
CA ASP A 782 -34.77 15.38 -8.09
C ASP A 782 -35.02 16.03 -9.45
N LYS A 783 -33.90 16.28 -10.15
CA LYS A 783 -34.04 16.77 -11.51
C LYS A 783 -34.78 15.79 -12.41
N ASN A 784 -34.47 14.50 -12.25
CA ASN A 784 -35.10 13.45 -13.04
C ASN A 784 -36.61 13.53 -12.90
N THR A 785 -37.01 13.62 -11.64
CA THR A 785 -38.42 13.56 -11.36
C THR A 785 -39.16 14.74 -11.99
N GLN A 786 -38.50 15.89 -11.96
CA GLN A 786 -39.10 17.11 -12.50
C GLN A 786 -39.34 16.98 -14.01
N GLU A 787 -38.37 16.37 -14.73
CA GLU A 787 -38.44 16.26 -16.19
C GLU A 787 -39.68 15.47 -16.63
N VAL A 788 -40.04 14.40 -15.88
CA VAL A 788 -41.12 13.50 -16.24
C VAL A 788 -42.45 14.10 -15.75
N PHE A 789 -42.66 14.21 -14.42
CA PHE A 789 -43.96 14.54 -13.87
C PHE A 789 -44.36 15.99 -14.13
N ALA A 790 -43.47 16.93 -13.90
CA ALA A 790 -43.86 18.36 -13.95
C ALA A 790 -43.79 18.88 -15.38
N GLN A 791 -44.83 18.59 -16.16
CA GLN A 791 -44.84 18.77 -17.60
C GLN A 791 -46.02 19.66 -18.01
N VAL A 792 -46.78 20.11 -17.01
CA VAL A 792 -48.00 20.89 -17.20
C VAL A 792 -47.93 22.05 -16.22
N LYS A 793 -48.31 23.23 -16.73
CA LYS A 793 -48.13 24.50 -16.08
C LYS A 793 -49.31 24.78 -15.14
N GLN A 794 -50.44 24.11 -15.38
CA GLN A 794 -51.66 24.35 -14.64
C GLN A 794 -52.21 23.05 -14.09
N ILE A 795 -52.80 23.13 -12.93
CA ILE A 795 -53.35 21.94 -12.33
C ILE A 795 -54.83 21.88 -12.65
N TYR A 796 -55.20 21.02 -13.62
CA TYR A 796 -56.55 21.00 -14.17
C TYR A 796 -57.22 19.94 -13.35
N LYS A 797 -58.56 20.03 -13.23
CA LYS A 797 -59.24 18.97 -12.50
C LYS A 797 -60.55 18.66 -13.19
N THR A 798 -60.97 17.39 -13.02
CA THR A 798 -62.06 16.80 -13.78
C THR A 798 -63.36 17.42 -13.32
N PRO A 799 -64.36 17.44 -14.20
CA PRO A 799 -65.69 17.92 -13.85
C PRO A 799 -66.37 16.92 -12.91
N PRO A 800 -67.37 17.37 -12.14
CA PRO A 800 -68.11 16.51 -11.20
C PRO A 800 -68.96 15.45 -11.89
N ILE A 801 -69.23 15.68 -13.18
CA ILE A 801 -70.08 14.78 -13.94
C ILE A 801 -69.20 14.03 -14.93
N LYS A 802 -69.21 12.71 -14.79
CA LYS A 802 -68.37 11.84 -15.58
C LYS A 802 -69.13 11.35 -16.82
N ASP A 803 -69.59 12.29 -17.66
CA ASP A 803 -70.37 11.92 -18.83
C ASP A 803 -69.50 11.81 -20.08
N PHE A 804 -68.64 10.79 -20.14
CA PHE A 804 -67.62 10.66 -21.17
C PHE A 804 -67.98 9.63 -22.25
N GLY A 805 -69.28 9.65 -22.65
CA GLY A 805 -69.87 8.93 -23.76
C GLY A 805 -69.73 7.41 -23.68
N GLY A 806 -69.74 6.85 -22.46
CA GLY A 806 -69.68 5.41 -22.34
C GLY A 806 -68.35 4.95 -21.79
N PHE A 807 -67.34 5.79 -21.86
CA PHE A 807 -66.03 5.31 -21.46
C PHE A 807 -65.92 5.50 -19.96
N ASN A 808 -65.57 4.43 -19.24
CA ASN A 808 -65.45 4.49 -17.78
C ASN A 808 -64.00 4.80 -17.34
N PHE A 809 -63.75 5.92 -16.59
CA PHE A 809 -62.38 6.31 -16.18
C PHE A 809 -62.03 6.12 -14.69
N SER A 810 -62.92 5.40 -14.02
CA SER A 810 -62.98 5.42 -12.56
C SER A 810 -61.78 4.75 -11.89
N GLN A 811 -61.04 3.90 -12.61
CA GLN A 811 -59.98 3.17 -11.93
C GLN A 811 -58.64 3.87 -12.07
N ILE A 812 -58.61 4.96 -12.84
CA ILE A 812 -57.37 5.65 -13.17
C ILE A 812 -57.42 7.06 -12.63
N LEU A 813 -58.63 7.58 -12.39
CA LEU A 813 -58.81 8.89 -11.78
C LEU A 813 -58.69 8.78 -10.26
N PRO A 814 -58.42 9.90 -9.54
CA PRO A 814 -58.13 9.83 -8.11
C PRO A 814 -59.36 9.46 -7.28
N ASP A 815 -59.07 8.84 -6.13
CA ASP A 815 -60.08 8.44 -5.16
C ASP A 815 -60.13 9.44 -4.01
N PRO A 816 -61.22 10.26 -3.94
CA PRO A 816 -61.43 11.30 -2.92
C PRO A 816 -61.41 10.87 -1.45
N SER A 817 -61.66 9.57 -1.22
CA SER A 817 -61.87 9.02 0.10
C SER A 817 -60.56 8.65 0.79
N LYS A 818 -59.45 8.70 0.06
CA LYS A 818 -58.17 8.25 0.58
C LYS A 818 -57.42 9.39 1.28
N PRO A 819 -56.54 9.06 2.25
CA PRO A 819 -55.67 10.05 2.90
C PRO A 819 -54.63 10.66 1.95
N SER A 820 -54.38 9.95 0.85
CA SER A 820 -53.62 10.47 -0.26
C SER A 820 -54.43 10.15 -1.50
N LYS A 821 -54.74 11.15 -2.29
CA LYS A 821 -55.73 10.98 -3.35
C LYS A 821 -55.12 10.25 -4.55
N ARG A 822 -55.02 8.93 -4.40
CA ARG A 822 -54.45 8.07 -5.42
C ARG A 822 -55.60 7.35 -6.12
N SER A 823 -55.40 6.92 -7.36
CA SER A 823 -56.42 6.10 -8.02
C SER A 823 -56.32 4.70 -7.44
N PHE A 824 -57.34 3.88 -7.75
CA PHE A 824 -57.37 2.47 -7.40
C PHE A 824 -56.11 1.74 -7.90
N ILE A 825 -55.80 1.91 -9.18
CA ILE A 825 -54.66 1.22 -9.74
C ILE A 825 -53.34 1.74 -9.18
N GLU A 826 -53.24 3.05 -8.88
CA GLU A 826 -52.03 3.52 -8.19
C GLU A 826 -51.79 2.78 -6.86
N ASP A 827 -52.87 2.53 -6.11
CA ASP A 827 -52.75 1.81 -4.85
C ASP A 827 -52.20 0.40 -5.02
N LEU A 828 -52.65 -0.28 -6.08
CA LEU A 828 -52.11 -1.59 -6.32
C LEU A 828 -50.61 -1.51 -6.56
N LEU A 829 -50.14 -0.45 -7.23
CA LEU A 829 -48.75 -0.38 -7.65
C LEU A 829 -47.90 -0.15 -6.40
N PHE A 830 -48.43 0.66 -5.46
CA PHE A 830 -47.68 1.03 -4.26
C PHE A 830 -47.59 -0.16 -3.33
N ASN A 831 -48.53 -1.10 -3.48
CA ASN A 831 -48.55 -2.31 -2.66
C ASN A 831 -47.80 -3.48 -3.28
N LYS A 832 -47.11 -3.26 -4.40
CA LYS A 832 -46.35 -4.34 -5.01
C LYS A 832 -44.85 -4.14 -4.84
N VAL A 833 -44.39 -2.89 -4.83
CA VAL A 833 -42.96 -2.67 -4.72
C VAL A 833 -42.62 -2.49 -3.25
N THR A 834 -41.59 -3.24 -2.80
CA THR A 834 -41.14 -3.26 -1.40
C THR A 834 -39.71 -2.70 -1.27
N LYS A 861 -25.80 2.73 8.55
CA LYS A 861 -26.67 2.83 9.76
C LYS A 861 -26.14 3.94 10.67
N PHE A 862 -25.15 3.59 11.49
CA PHE A 862 -24.49 4.50 12.40
C PHE A 862 -23.01 4.58 12.04
N ASN A 863 -22.68 4.33 10.78
CA ASN A 863 -21.31 4.41 10.34
C ASN A 863 -21.14 5.61 9.39
N GLY A 864 -22.01 6.62 9.62
CA GLY A 864 -22.00 7.88 8.89
C GLY A 864 -22.76 7.80 7.57
N LEU A 865 -23.56 6.73 7.46
CA LEU A 865 -24.27 6.43 6.23
C LEU A 865 -25.73 6.84 6.40
N THR A 866 -26.21 7.85 5.67
CA THR A 866 -27.57 8.35 5.89
C THR A 866 -28.34 8.45 4.57
N VAL A 867 -29.64 8.71 4.67
CA VAL A 867 -30.46 8.86 3.48
C VAL A 867 -31.26 10.15 3.48
N LEU A 868 -31.17 10.88 2.37
CA LEU A 868 -31.87 12.15 2.25
C LEU A 868 -33.23 11.89 1.62
N PRO A 869 -34.28 12.62 2.03
CA PRO A 869 -35.60 12.52 1.40
C PRO A 869 -35.64 13.14 0.02
N PRO A 870 -36.61 12.78 -0.81
CA PRO A 870 -36.85 13.42 -2.10
C PRO A 870 -37.52 14.77 -1.89
N LEU A 871 -37.43 15.63 -2.90
CA LEU A 871 -38.07 16.93 -2.80
C LEU A 871 -39.57 16.81 -2.94
N LEU A 872 -40.06 16.11 -3.95
CA LEU A 872 -41.51 16.09 -4.08
C LEU A 872 -42.09 14.85 -3.41
N THR A 873 -43.13 15.07 -2.61
CA THR A 873 -43.78 13.97 -1.91
C THR A 873 -44.67 13.13 -2.83
N ASP A 874 -45.01 11.89 -2.40
CA ASP A 874 -45.90 11.02 -3.15
C ASP A 874 -47.21 11.70 -3.54
N GLU A 875 -47.73 12.51 -2.61
CA GLU A 875 -48.95 13.27 -2.81
C GLU A 875 -48.79 14.27 -3.95
N MET A 876 -47.62 14.91 -4.04
CA MET A 876 -47.48 15.93 -5.04
C MET A 876 -47.33 15.26 -6.41
N ILE A 877 -46.65 14.10 -6.45
CA ILE A 877 -46.56 13.43 -7.74
C ILE A 877 -47.97 13.02 -8.20
N ALA A 878 -48.75 12.48 -7.26
CA ALA A 878 -50.13 12.15 -7.57
C ALA A 878 -50.93 13.35 -8.10
N GLN A 879 -50.66 14.55 -7.63
CA GLN A 879 -51.44 15.65 -8.15
C GLN A 879 -51.02 15.97 -9.57
N TYR A 880 -49.73 15.78 -9.87
CA TYR A 880 -49.32 16.02 -11.24
C TYR A 880 -50.02 15.02 -12.18
N THR A 881 -50.06 13.75 -11.75
CA THR A 881 -50.62 12.77 -12.64
C THR A 881 -52.08 13.15 -12.88
N SER A 882 -52.68 13.66 -11.82
CA SER A 882 -54.09 13.90 -11.91
C SER A 882 -54.41 14.97 -12.95
N ALA A 883 -53.60 16.06 -12.89
CA ALA A 883 -53.70 17.20 -13.80
C ALA A 883 -53.56 16.72 -15.23
N LEU A 884 -52.60 15.78 -15.44
CA LEU A 884 -52.25 15.26 -16.77
C LEU A 884 -53.44 14.53 -17.36
N LEU A 885 -54.07 13.77 -16.48
CA LEU A 885 -55.16 12.93 -16.88
C LEU A 885 -56.43 13.75 -17.13
N ALA A 886 -56.74 14.72 -16.24
CA ALA A 886 -57.87 15.64 -16.41
C ALA A 886 -57.81 16.41 -17.75
N GLY A 887 -56.56 16.87 -18.07
CA GLY A 887 -56.18 17.54 -19.31
C GLY A 887 -56.53 16.65 -20.52
N THR A 888 -55.96 15.43 -20.46
CA THR A 888 -56.04 14.48 -21.57
C THR A 888 -57.49 14.22 -21.93
N ILE A 889 -58.34 14.08 -20.89
CA ILE A 889 -59.70 13.62 -21.03
C ILE A 889 -60.56 14.71 -21.64
N THR A 890 -60.41 15.95 -21.13
CA THR A 890 -61.35 17.00 -21.50
C THR A 890 -60.87 17.97 -22.59
N SER A 891 -59.56 18.01 -22.84
CA SER A 891 -59.12 18.92 -23.87
C SER A 891 -58.26 18.22 -24.95
N GLY A 892 -58.14 16.89 -24.94
CA GLY A 892 -57.37 16.23 -25.98
C GLY A 892 -55.88 16.62 -25.93
N TRP A 893 -55.35 17.01 -27.09
CA TRP A 893 -53.93 17.36 -27.12
C TRP A 893 -53.72 18.86 -26.96
N THR A 894 -54.81 19.64 -26.89
CA THR A 894 -54.67 21.08 -26.99
C THR A 894 -53.86 21.62 -25.82
N PHE A 895 -54.07 21.03 -24.64
CA PHE A 895 -53.48 21.55 -23.42
C PHE A 895 -51.97 21.47 -23.54
N GLY A 896 -51.49 20.61 -24.43
CA GLY A 896 -50.07 20.41 -24.58
C GLY A 896 -49.44 21.52 -25.43
N ALA A 897 -50.14 21.90 -26.50
CA ALA A 897 -49.65 22.99 -27.36
C ALA A 897 -49.75 24.32 -26.61
N GLY A 898 -50.85 24.52 -25.89
CA GLY A 898 -51.03 25.81 -25.24
C GLY A 898 -52.18 25.78 -24.23
N ALA A 899 -53.30 26.35 -24.65
CA ALA A 899 -54.50 26.48 -23.81
C ALA A 899 -55.35 25.20 -23.93
N ALA A 900 -55.98 24.78 -22.81
CA ALA A 900 -56.89 23.64 -22.84
C ALA A 900 -58.22 24.09 -23.45
N LEU A 901 -58.52 23.62 -24.64
CA LEU A 901 -59.80 23.89 -25.31
C LEU A 901 -60.70 22.66 -25.17
N GLN A 902 -61.85 22.82 -24.54
CA GLN A 902 -62.69 21.65 -24.29
C GLN A 902 -63.25 21.08 -25.59
N ILE A 903 -63.51 19.76 -25.58
CA ILE A 903 -64.22 19.04 -26.62
C ILE A 903 -64.91 17.81 -26.00
N PRO A 904 -66.10 17.39 -26.48
CA PRO A 904 -66.68 16.09 -26.15
C PRO A 904 -65.75 14.89 -26.40
N PHE A 905 -65.78 13.92 -25.45
CA PHE A 905 -64.92 12.74 -25.47
C PHE A 905 -65.03 11.97 -26.80
N ALA A 906 -66.27 11.82 -27.26
CA ALA A 906 -66.52 11.03 -28.47
C ALA A 906 -65.88 11.68 -29.69
N MET A 907 -65.88 13.01 -29.68
CA MET A 907 -65.28 13.69 -30.81
C MET A 907 -63.75 13.59 -30.76
N GLN A 908 -63.22 13.71 -29.54
CA GLN A 908 -61.80 13.47 -29.40
C GLN A 908 -61.40 12.15 -30.08
N MET A 909 -62.15 11.07 -29.83
CA MET A 909 -61.86 9.74 -30.35
C MET A 909 -61.97 9.72 -31.86
N ALA A 910 -62.94 10.47 -32.41
CA ALA A 910 -63.06 10.44 -33.86
C ALA A 910 -61.82 11.00 -34.58
N TYR A 911 -61.19 12.00 -33.95
CA TYR A 911 -59.97 12.47 -34.57
C TYR A 911 -58.91 11.38 -34.42
N ARG A 912 -58.87 10.75 -33.29
CA ARG A 912 -57.79 9.83 -33.03
C ARG A 912 -57.92 8.65 -33.99
N PHE A 913 -59.16 8.34 -34.47
CA PHE A 913 -59.41 7.31 -35.48
C PHE A 913 -58.90 7.76 -36.84
N ASN A 914 -59.17 9.03 -37.18
CA ASN A 914 -58.61 9.55 -38.43
C ASN A 914 -57.10 9.52 -38.41
N GLY A 915 -56.48 9.69 -37.25
CA GLY A 915 -55.04 9.59 -37.18
C GLY A 915 -54.40 8.27 -37.60
N ILE A 916 -55.20 7.21 -37.66
CA ILE A 916 -54.67 5.89 -37.91
C ILE A 916 -55.28 5.45 -39.23
N GLY A 917 -55.99 6.37 -39.89
CA GLY A 917 -56.48 6.13 -41.25
C GLY A 917 -57.76 5.32 -41.28
N VAL A 918 -58.58 5.52 -40.26
CA VAL A 918 -59.89 4.89 -40.28
C VAL A 918 -60.91 6.02 -40.18
N THR A 919 -61.80 6.02 -41.16
CA THR A 919 -62.83 7.00 -41.40
C THR A 919 -63.72 7.15 -40.18
N GLN A 920 -64.01 8.41 -39.80
CA GLN A 920 -64.65 8.78 -38.53
C GLN A 920 -66.07 8.23 -38.38
N ASN A 921 -66.73 7.93 -39.49
CA ASN A 921 -68.07 7.39 -39.33
C ASN A 921 -68.00 6.06 -38.56
N VAL A 922 -66.85 5.37 -38.63
CA VAL A 922 -66.72 4.05 -38.06
C VAL A 922 -66.92 4.20 -36.55
N LEU A 923 -66.35 5.25 -35.97
CA LEU A 923 -66.37 5.37 -34.52
C LEU A 923 -67.77 5.67 -34.01
N TYR A 924 -68.44 6.59 -34.74
CA TYR A 924 -69.82 6.94 -34.41
C TYR A 924 -70.74 5.72 -34.46
N GLU A 925 -70.64 4.97 -35.56
CA GLU A 925 -71.53 3.84 -35.76
C GLU A 925 -71.22 2.71 -34.79
N ASN A 926 -69.99 2.59 -34.30
CA ASN A 926 -69.64 1.52 -33.38
C ASN A 926 -69.34 2.00 -31.95
N GLN A 927 -69.83 3.20 -31.60
CA GLN A 927 -69.64 3.86 -30.29
C GLN A 927 -69.74 2.90 -29.09
N LYS A 928 -70.81 2.11 -29.05
CA LYS A 928 -71.04 1.26 -27.90
C LYS A 928 -70.05 0.09 -27.80
N LEU A 929 -69.71 -0.49 -28.95
CA LEU A 929 -68.79 -1.60 -28.88
C LEU A 929 -67.40 -1.10 -28.45
N ILE A 930 -67.04 0.08 -28.94
CA ILE A 930 -65.71 0.58 -28.64
C ILE A 930 -65.61 0.88 -27.15
N ALA A 931 -66.67 1.50 -26.59
CA ALA A 931 -66.68 1.80 -25.17
C ALA A 931 -66.60 0.53 -24.32
N ASN A 932 -67.28 -0.54 -24.78
CA ASN A 932 -67.26 -1.82 -24.08
C ASN A 932 -65.91 -2.51 -24.09
N GLN A 933 -65.26 -2.42 -25.24
CA GLN A 933 -63.95 -3.02 -25.33
C GLN A 933 -63.01 -2.29 -24.37
N PHE A 934 -63.15 -0.95 -24.33
CA PHE A 934 -62.27 -0.10 -23.54
C PHE A 934 -62.38 -0.52 -22.08
N ASN A 935 -63.64 -0.56 -21.67
CA ASN A 935 -63.96 -0.82 -20.27
C ASN A 935 -63.43 -2.18 -19.82
N SER A 936 -63.54 -3.17 -20.69
CA SER A 936 -63.12 -4.53 -20.35
C SER A 936 -61.61 -4.60 -20.26
N ALA A 937 -60.92 -3.90 -21.18
CA ALA A 937 -59.45 -3.97 -21.22
C ALA A 937 -58.86 -3.43 -19.92
N ILE A 938 -59.50 -2.37 -19.39
CA ILE A 938 -59.02 -1.79 -18.14
C ILE A 938 -59.22 -2.76 -16.98
N GLY A 939 -60.38 -3.43 -16.95
CA GLY A 939 -60.65 -4.49 -15.98
C GLY A 939 -59.57 -5.56 -15.94
N LYS A 940 -59.15 -5.97 -17.10
CA LYS A 940 -58.07 -6.92 -17.11
C LYS A 940 -56.77 -6.37 -16.53
N ILE A 941 -56.51 -5.06 -16.67
CA ILE A 941 -55.26 -4.53 -16.15
C ILE A 941 -55.22 -4.72 -14.65
N GLN A 942 -56.38 -4.50 -14.01
CA GLN A 942 -56.49 -4.68 -12.58
C GLN A 942 -56.12 -6.09 -12.15
N ASP A 943 -56.66 -7.05 -12.90
CA ASP A 943 -56.48 -8.45 -12.57
C ASP A 943 -55.01 -8.83 -12.68
N SER A 944 -54.34 -8.30 -13.71
CA SER A 944 -52.95 -8.62 -13.94
C SER A 944 -52.08 -8.04 -12.80
N LEU A 945 -52.31 -6.76 -12.48
CA LEU A 945 -51.48 -6.05 -11.51
C LEU A 945 -51.65 -6.64 -10.12
N SER A 946 -52.88 -7.09 -9.83
CA SER A 946 -53.26 -7.61 -8.52
C SER A 946 -52.67 -8.99 -8.25
N SER A 947 -52.22 -9.68 -9.31
CA SER A 947 -51.85 -11.09 -9.16
C SER A 947 -50.41 -11.39 -9.56
N THR A 948 -49.82 -10.56 -10.43
CA THR A 948 -48.49 -10.84 -10.98
C THR A 948 -47.42 -10.00 -10.30
N ALA A 949 -46.70 -10.64 -9.36
CA ALA A 949 -45.64 -10.00 -8.58
C ALA A 949 -44.55 -9.45 -9.49
N SER A 950 -44.25 -10.24 -10.54
CA SER A 950 -43.16 -9.99 -11.47
C SER A 950 -43.43 -8.74 -12.31
N ALA A 951 -44.69 -8.26 -12.28
CA ALA A 951 -45.11 -7.11 -13.06
C ALA A 951 -44.23 -5.90 -12.75
N LEU A 952 -43.79 -5.81 -11.49
CA LEU A 952 -43.06 -4.64 -11.02
C LEU A 952 -41.54 -4.89 -10.92
N GLY A 953 -41.06 -5.91 -11.64
CA GLY A 953 -39.67 -6.35 -11.48
C GLY A 953 -38.64 -5.27 -11.78
N LYS A 954 -38.97 -4.44 -12.76
CA LYS A 954 -38.02 -3.44 -13.22
C LYS A 954 -37.71 -2.42 -12.11
N LEU A 955 -38.70 -2.22 -11.22
CA LEU A 955 -38.59 -1.22 -10.16
C LEU A 955 -37.98 -1.87 -8.93
N GLN A 956 -38.37 -3.12 -8.71
CA GLN A 956 -37.89 -3.86 -7.56
C GLN A 956 -36.39 -4.09 -7.65
N ASP A 957 -35.91 -4.27 -8.88
CA ASP A 957 -34.51 -4.50 -9.13
C ASP A 957 -33.64 -3.32 -8.69
N VAL A 958 -34.13 -2.10 -8.92
CA VAL A 958 -33.37 -0.90 -8.62
C VAL A 958 -33.16 -0.89 -7.13
N VAL A 959 -34.24 -1.20 -6.39
CA VAL A 959 -34.22 -1.15 -4.95
C VAL A 959 -33.15 -2.10 -4.43
N ASN A 960 -33.16 -3.30 -5.03
CA ASN A 960 -32.29 -4.36 -4.55
C ASN A 960 -30.83 -4.03 -4.79
N GLN A 961 -30.51 -3.46 -5.96
CA GLN A 961 -29.11 -3.15 -6.28
C GLN A 961 -28.49 -2.15 -5.29
N ASN A 962 -29.29 -1.18 -4.90
CA ASN A 962 -28.82 -0.14 -4.00
C ASN A 962 -28.62 -0.68 -2.58
N ALA A 963 -29.55 -1.55 -2.18
CA ALA A 963 -29.48 -2.16 -0.87
C ALA A 963 -28.24 -3.04 -0.70
N GLN A 964 -27.96 -3.76 -1.80
CA GLN A 964 -26.82 -4.64 -1.81
C GLN A 964 -25.52 -3.85 -1.70
N ALA A 965 -25.49 -2.70 -2.39
CA ALA A 965 -24.29 -1.89 -2.40
C ALA A 965 -23.94 -1.44 -0.98
N LEU A 966 -24.98 -1.09 -0.20
CA LEU A 966 -24.69 -0.60 1.14
C LEU A 966 -24.32 -1.71 2.09
N ASN A 967 -24.95 -2.88 1.92
CA ASN A 967 -24.63 -3.98 2.82
C ASN A 967 -23.16 -4.37 2.69
N THR A 968 -22.72 -4.32 1.43
CA THR A 968 -21.34 -4.65 1.12
C THR A 968 -20.38 -3.68 1.82
N LEU A 969 -20.73 -2.39 1.71
CA LEU A 969 -19.90 -1.32 2.25
C LEU A 969 -19.75 -1.49 3.75
N VAL A 970 -20.87 -1.79 4.43
CA VAL A 970 -20.85 -1.89 5.88
C VAL A 970 -19.94 -3.02 6.32
N LYS A 971 -20.16 -4.17 5.69
CA LYS A 971 -19.47 -5.35 6.15
C LYS A 971 -17.96 -5.17 6.05
N GLN A 972 -17.50 -4.46 5.02
CA GLN A 972 -16.08 -4.31 4.84
C GLN A 972 -15.35 -3.81 6.10
N LEU A 973 -16.07 -3.11 7.00
CA LEU A 973 -15.44 -2.45 8.14
C LEU A 973 -14.79 -3.49 9.05
N SER A 974 -15.35 -4.71 8.95
CA SER A 974 -14.97 -5.79 9.85
C SER A 974 -13.72 -6.54 9.38
N SER A 975 -13.19 -6.17 8.20
CA SER A 975 -11.96 -6.76 7.68
C SER A 975 -10.74 -6.15 8.36
N ASN A 976 -9.69 -6.94 8.47
CA ASN A 976 -8.47 -6.47 9.10
C ASN A 976 -7.51 -5.80 8.11
N PHE A 977 -7.56 -6.23 6.84
CA PHE A 977 -6.66 -5.77 5.79
C PHE A 977 -5.21 -5.91 6.25
N GLY A 978 -4.98 -6.91 7.11
CA GLY A 978 -3.66 -7.30 7.59
C GLY A 978 -3.28 -6.64 8.92
N ALA A 979 -4.16 -5.80 9.47
CA ALA A 979 -3.90 -5.26 10.80
C ALA A 979 -4.15 -6.34 11.84
N ILE A 980 -3.72 -6.07 13.09
CA ILE A 980 -3.97 -7.02 14.18
C ILE A 980 -5.45 -7.11 14.57
N SER A 981 -6.25 -6.09 14.21
CA SER A 981 -7.67 -6.08 14.52
C SER A 981 -8.42 -5.06 13.65
N SER A 982 -9.66 -5.39 13.31
CA SER A 982 -10.52 -4.50 12.55
C SER A 982 -11.03 -3.37 13.44
N VAL A 983 -10.90 -3.60 14.75
CA VAL A 983 -11.42 -2.67 15.73
C VAL A 983 -10.35 -1.65 16.11
N LEU A 984 -10.67 -0.39 15.80
CA LEU A 984 -9.68 0.67 15.88
C LEU A 984 -9.29 0.90 17.33
N ASN A 985 -10.31 0.82 18.20
CA ASN A 985 -10.07 1.07 19.62
C ASN A 985 -9.19 0.00 20.24
N ASP A 986 -9.23 -1.22 19.71
CA ASP A 986 -8.45 -2.32 20.28
C ASP A 986 -6.97 -2.18 19.94
N ILE A 987 -6.69 -1.56 18.79
CA ILE A 987 -5.30 -1.29 18.47
C ILE A 987 -4.80 -0.23 19.43
N LEU A 988 -5.55 0.87 19.56
CA LEU A 988 -5.17 2.05 20.31
C LEU A 988 -5.02 1.72 21.80
N SER A 989 -5.85 0.81 22.32
CA SER A 989 -5.84 0.46 23.73
C SER A 989 -4.71 -0.52 24.09
N ARG A 990 -4.01 -1.03 23.09
CA ARG A 990 -2.98 -2.01 23.39
C ARG A 990 -1.59 -1.57 22.91
N LEU A 991 -1.48 -0.71 21.89
CA LEU A 991 -0.17 -0.30 21.37
C LEU A 991 0.11 1.18 21.62
N ASP A 992 1.38 1.48 21.89
CA ASP A 992 1.96 2.81 21.86
C ASP A 992 1.85 3.41 20.46
N PRO A 993 1.78 4.75 20.35
CA PRO A 993 1.71 5.44 19.06
C PRO A 993 2.65 4.96 17.94
N PRO A 994 3.96 4.73 18.23
CA PRO A 994 4.93 4.34 17.20
C PRO A 994 4.57 3.02 16.52
N GLU A 995 3.71 2.24 17.18
CA GLU A 995 3.30 0.94 16.66
C GLU A 995 1.86 1.00 16.21
N ALA A 996 1.04 1.74 16.95
CA ALA A 996 -0.37 1.87 16.65
C ALA A 996 -0.56 2.52 15.28
N GLU A 997 0.35 3.45 14.91
CA GLU A 997 0.28 4.17 13.63
C GLU A 997 0.39 3.23 12.42
N VAL A 998 1.23 2.21 12.59
CA VAL A 998 1.45 1.26 11.53
C VAL A 998 0.16 0.47 11.30
N GLN A 999 -0.40 0.00 12.41
CA GLN A 999 -1.60 -0.81 12.35
C GLN A 999 -2.75 0.01 11.76
N ILE A 1000 -2.81 1.29 12.14
CA ILE A 1000 -3.89 2.15 11.68
C ILE A 1000 -3.78 2.38 10.19
N ASP A 1001 -2.55 2.63 9.72
CA ASP A 1001 -2.37 2.86 8.29
C ASP A 1001 -2.92 1.70 7.46
N ARG A 1002 -2.79 0.49 7.99
CA ARG A 1002 -3.33 -0.65 7.26
C ARG A 1002 -4.86 -0.57 7.14
N LEU A 1003 -5.50 -0.11 8.22
CA LEU A 1003 -6.95 0.01 8.21
C LEU A 1003 -7.41 1.19 7.34
N ILE A 1004 -6.65 2.29 7.38
CA ILE A 1004 -6.99 3.45 6.57
C ILE A 1004 -6.97 3.12 5.09
N THR A 1005 -5.92 2.39 4.68
CA THR A 1005 -5.79 2.01 3.28
C THR A 1005 -7.00 1.20 2.79
N GLY A 1006 -7.36 0.21 3.62
CA GLY A 1006 -8.46 -0.70 3.34
C GLY A 1006 -9.80 0.02 3.25
N ARG A 1007 -10.00 0.92 4.21
CA ARG A 1007 -11.29 1.59 4.27
C ARG A 1007 -11.47 2.65 3.18
N LEU A 1008 -10.35 3.31 2.89
CA LEU A 1008 -10.38 4.34 1.88
C LEU A 1008 -10.76 3.69 0.55
N GLN A 1009 -10.10 2.56 0.32
CA GLN A 1009 -10.29 1.84 -0.93
C GLN A 1009 -11.75 1.40 -1.08
N SER A 1010 -12.29 0.96 0.06
CA SER A 1010 -13.67 0.50 0.10
C SER A 1010 -14.68 1.59 -0.34
N LEU A 1011 -14.50 2.82 0.19
CA LEU A 1011 -15.41 3.91 -0.19
C LEU A 1011 -15.30 4.24 -1.67
N GLN A 1012 -14.05 4.25 -2.17
CA GLN A 1012 -13.85 4.67 -3.55
C GLN A 1012 -14.58 3.73 -4.50
N THR A 1013 -14.56 2.46 -4.09
CA THR A 1013 -15.22 1.47 -4.91
C THR A 1013 -16.71 1.74 -4.98
N TYR A 1014 -17.29 2.00 -3.80
CA TYR A 1014 -18.73 2.22 -3.68
C TYR A 1014 -19.13 3.42 -4.53
N VAL A 1015 -18.38 4.51 -4.39
CA VAL A 1015 -18.74 5.71 -5.12
C VAL A 1015 -18.71 5.55 -6.65
N THR A 1016 -17.67 4.89 -7.13
CA THR A 1016 -17.60 4.67 -8.57
C THR A 1016 -18.80 3.88 -9.09
N GLN A 1017 -19.17 2.83 -8.36
CA GLN A 1017 -20.35 2.07 -8.75
C GLN A 1017 -21.61 2.93 -8.79
N GLN A 1018 -21.74 3.81 -7.79
CA GLN A 1018 -22.94 4.63 -7.75
C GLN A 1018 -23.02 5.58 -8.95
N LEU A 1019 -21.86 6.10 -9.37
CA LEU A 1019 -21.86 7.04 -10.49
C LEU A 1019 -22.32 6.37 -11.78
N ILE A 1020 -21.81 5.16 -11.98
CA ILE A 1020 -22.16 4.41 -13.17
C ILE A 1020 -23.62 4.03 -13.16
N ARG A 1021 -24.09 3.55 -12.00
CA ARG A 1021 -25.49 3.18 -11.94
C ARG A 1021 -26.44 4.36 -12.16
N ALA A 1022 -26.03 5.52 -11.60
CA ALA A 1022 -26.83 6.72 -11.73
C ALA A 1022 -27.05 7.12 -13.19
N ALA A 1023 -26.02 6.79 -14.01
CA ALA A 1023 -26.05 7.11 -15.43
C ALA A 1023 -27.15 6.33 -16.16
N GLU A 1024 -27.31 5.08 -15.73
CA GLU A 1024 -28.31 4.25 -16.35
C GLU A 1024 -29.69 4.80 -16.03
N ILE A 1025 -29.92 5.13 -14.76
CA ILE A 1025 -31.20 5.70 -14.32
C ILE A 1025 -31.50 6.98 -15.10
N ARG A 1026 -30.51 7.86 -15.27
CA ARG A 1026 -30.80 9.11 -15.95
C ARG A 1026 -31.26 8.90 -17.38
N ALA A 1027 -30.62 7.94 -18.08
CA ALA A 1027 -31.08 7.60 -19.42
C ALA A 1027 -32.54 7.13 -19.48
N SER A 1028 -32.89 6.27 -18.51
CA SER A 1028 -34.26 5.82 -18.34
C SER A 1028 -35.20 7.02 -18.09
N ALA A 1029 -34.80 7.94 -17.20
CA ALA A 1029 -35.60 9.11 -16.87
C ALA A 1029 -35.89 9.96 -18.10
N ASN A 1030 -34.87 10.09 -18.98
CA ASN A 1030 -35.03 10.85 -20.21
C ASN A 1030 -36.01 10.20 -21.18
N LEU A 1031 -35.91 8.88 -21.29
CA LEU A 1031 -36.90 8.16 -22.08
C LEU A 1031 -38.31 8.33 -21.53
N ALA A 1032 -38.47 8.23 -20.21
CA ALA A 1032 -39.76 8.35 -19.58
C ALA A 1032 -40.40 9.69 -19.92
N ALA A 1033 -39.55 10.74 -19.79
CA ALA A 1033 -39.96 12.10 -20.05
C ALA A 1033 -40.41 12.26 -21.50
N THR A 1034 -39.70 11.56 -22.41
CA THR A 1034 -40.01 11.63 -23.81
C THR A 1034 -41.31 10.94 -24.14
N LYS A 1035 -41.63 9.77 -23.57
CA LYS A 1035 -42.92 9.15 -23.80
C LYS A 1035 -44.00 10.13 -23.35
N MET A 1036 -43.93 10.61 -22.09
CA MET A 1036 -44.91 11.56 -21.60
C MET A 1036 -45.29 12.62 -22.65
N SER A 1037 -44.27 13.27 -23.21
CA SER A 1037 -44.49 14.36 -24.15
C SER A 1037 -45.12 13.84 -25.45
N GLU A 1038 -44.49 12.86 -26.13
CA GLU A 1038 -44.93 12.41 -27.44
C GLU A 1038 -45.82 11.18 -27.38
N CYS A 1039 -46.89 11.14 -26.58
CA CYS A 1039 -47.65 9.91 -26.34
C CYS A 1039 -48.85 10.18 -25.44
N VAL A 1040 -48.63 10.75 -24.24
CA VAL A 1040 -49.72 11.25 -23.39
C VAL A 1040 -50.29 12.59 -23.87
N LEU A 1041 -49.39 13.56 -24.08
CA LEU A 1041 -49.76 14.87 -24.61
C LEU A 1041 -50.12 14.88 -26.10
N GLY A 1042 -49.74 13.84 -26.86
CA GLY A 1042 -50.05 13.77 -28.28
C GLY A 1042 -50.71 12.45 -28.71
N GLN A 1043 -50.57 12.11 -30.02
CA GLN A 1043 -50.76 10.79 -30.65
C GLN A 1043 -49.54 10.43 -31.54
N SER A 1044 -49.03 9.20 -31.48
CA SER A 1044 -47.69 8.90 -32.03
C SER A 1044 -47.77 8.09 -33.32
N LYS A 1045 -47.07 8.52 -34.40
CA LYS A 1045 -46.93 7.59 -35.53
C LYS A 1045 -45.55 6.97 -35.55
N ARG A 1046 -44.78 7.13 -34.49
CA ARG A 1046 -43.60 6.29 -34.40
C ARG A 1046 -44.00 4.87 -33.94
N VAL A 1047 -43.62 3.86 -34.74
CA VAL A 1047 -44.10 2.50 -34.60
C VAL A 1047 -43.60 1.81 -33.34
N ASP A 1048 -44.53 1.22 -32.57
CA ASP A 1048 -44.23 0.43 -31.38
C ASP A 1048 -43.60 1.28 -30.29
N PHE A 1049 -43.63 2.61 -30.50
CA PHE A 1049 -43.04 3.50 -29.52
C PHE A 1049 -43.96 3.56 -28.29
N CYS A 1050 -45.29 3.53 -28.55
CA CYS A 1050 -46.37 3.61 -27.56
C CYS A 1050 -47.24 2.33 -27.55
N GLY A 1051 -46.58 1.14 -27.46
CA GLY A 1051 -47.23 -0.16 -27.46
C GLY A 1051 -47.58 -0.71 -28.86
N LYS A 1052 -47.93 -2.00 -28.92
CA LYS A 1052 -48.06 -2.66 -30.22
C LYS A 1052 -49.47 -2.44 -30.74
N GLY A 1053 -49.64 -2.13 -32.02
CA GLY A 1053 -50.94 -1.78 -32.60
C GLY A 1053 -50.85 -0.37 -33.20
N TYR A 1054 -51.94 0.18 -33.72
CA TYR A 1054 -51.90 1.61 -34.02
C TYR A 1054 -52.34 2.47 -32.81
N HIS A 1055 -51.44 3.32 -32.28
CA HIS A 1055 -51.69 4.14 -31.09
C HIS A 1055 -52.89 5.06 -31.23
N LEU A 1056 -53.72 5.05 -30.20
CA LEU A 1056 -54.81 6.00 -30.06
C LEU A 1056 -54.47 7.07 -29.01
N MET A 1057 -54.28 6.62 -27.74
CA MET A 1057 -53.97 7.49 -26.59
C MET A 1057 -53.33 6.74 -25.42
N SER A 1058 -52.74 7.47 -24.43
CA SER A 1058 -52.09 6.87 -23.26
C SER A 1058 -52.43 7.59 -21.95
N PHE A 1059 -52.47 6.86 -20.81
CA PHE A 1059 -52.68 7.43 -19.46
C PHE A 1059 -51.56 7.02 -18.48
N PRO A 1060 -50.87 8.00 -17.86
CA PRO A 1060 -49.78 7.73 -16.89
C PRO A 1060 -50.31 7.51 -15.47
N GLN A 1061 -49.66 6.61 -14.72
CA GLN A 1061 -49.93 6.39 -13.30
C GLN A 1061 -48.59 6.29 -12.57
N SER A 1062 -48.54 6.84 -11.35
CA SER A 1062 -47.28 6.90 -10.65
C SER A 1062 -46.97 5.56 -9.94
N ALA A 1063 -45.72 5.36 -9.54
CA ALA A 1063 -45.35 4.16 -8.81
C ALA A 1063 -44.09 4.50 -8.06
N PRO A 1064 -43.71 3.63 -7.11
CA PRO A 1064 -42.45 3.82 -6.36
C PRO A 1064 -41.19 3.86 -7.22
N HIS A 1065 -40.50 4.99 -7.17
CA HIS A 1065 -39.32 5.22 -7.99
C HIS A 1065 -39.52 5.05 -9.51
N GLY A 1066 -40.75 5.14 -10.03
CA GLY A 1066 -40.90 5.24 -11.47
C GLY A 1066 -42.27 5.74 -11.92
N VAL A 1067 -42.55 5.47 -13.21
CA VAL A 1067 -43.85 5.76 -13.79
C VAL A 1067 -44.40 4.55 -14.55
N VAL A 1068 -45.72 4.43 -14.72
CA VAL A 1068 -46.32 3.31 -15.49
C VAL A 1068 -47.18 3.94 -16.60
N PHE A 1069 -47.20 3.37 -17.80
CA PHE A 1069 -47.96 3.95 -18.89
C PHE A 1069 -48.97 2.91 -19.40
N LEU A 1070 -50.29 3.19 -19.30
CA LEU A 1070 -51.30 2.38 -19.99
C LEU A 1070 -51.51 2.86 -21.43
N HIS A 1071 -51.04 2.10 -22.43
CA HIS A 1071 -51.31 2.50 -23.80
C HIS A 1071 -52.64 1.90 -24.31
N VAL A 1072 -53.54 2.65 -24.91
CA VAL A 1072 -54.69 2.13 -25.67
C VAL A 1072 -54.38 2.17 -27.18
N THR A 1073 -54.42 1.01 -27.86
CA THR A 1073 -54.17 0.94 -29.32
C THR A 1073 -55.32 0.33 -30.11
N TYR A 1074 -55.21 0.25 -31.44
CA TYR A 1074 -56.26 -0.33 -32.29
C TYR A 1074 -55.67 -1.50 -33.09
N VAL A 1075 -56.26 -2.71 -33.00
CA VAL A 1075 -55.69 -3.89 -33.67
C VAL A 1075 -56.72 -4.54 -34.62
N PRO A 1076 -56.48 -4.56 -35.97
CA PRO A 1076 -57.39 -5.18 -36.94
C PRO A 1076 -57.58 -6.66 -36.64
N ALA A 1077 -58.81 -7.11 -36.76
CA ALA A 1077 -59.15 -8.32 -36.05
C ALA A 1077 -59.58 -9.49 -36.91
N GLN A 1078 -60.45 -9.33 -37.93
CA GLN A 1078 -60.90 -10.52 -38.68
C GLN A 1078 -60.81 -10.20 -40.15
N GLU A 1079 -60.51 -11.15 -41.07
CA GLU A 1079 -60.13 -10.73 -42.42
C GLU A 1079 -60.55 -11.68 -43.53
N LYS A 1080 -60.72 -11.14 -44.76
CA LYS A 1080 -61.24 -11.90 -45.91
C LYS A 1080 -60.34 -11.68 -47.11
N ASN A 1081 -60.26 -12.69 -48.00
CA ASN A 1081 -59.36 -12.78 -49.13
C ASN A 1081 -60.06 -12.22 -50.38
N PHE A 1082 -59.66 -11.06 -50.92
CA PHE A 1082 -60.35 -10.48 -52.06
C PHE A 1082 -59.41 -10.29 -53.25
N THR A 1083 -60.01 -10.12 -54.43
CA THR A 1083 -59.17 -10.04 -55.61
C THR A 1083 -59.00 -8.56 -55.92
N THR A 1084 -57.83 -8.18 -56.48
CA THR A 1084 -57.58 -6.75 -56.58
C THR A 1084 -57.04 -6.37 -57.95
N ALA A 1085 -56.83 -5.06 -58.19
CA ALA A 1085 -56.24 -4.49 -59.40
C ALA A 1085 -55.72 -3.09 -59.09
N PRO A 1086 -54.63 -2.68 -59.79
CA PRO A 1086 -53.95 -1.39 -59.63
C PRO A 1086 -54.79 -0.27 -60.24
N ALA A 1087 -55.53 -0.62 -61.30
CA ALA A 1087 -56.26 0.41 -62.03
C ALA A 1087 -57.42 -0.24 -62.77
N ILE A 1088 -58.38 0.61 -63.15
CA ILE A 1088 -59.51 0.16 -63.95
C ILE A 1088 -59.64 0.98 -65.22
N CYS A 1089 -59.82 0.29 -66.36
CA CYS A 1089 -60.07 0.88 -67.66
C CYS A 1089 -61.56 1.14 -67.85
N HIS A 1090 -61.82 2.31 -68.46
CA HIS A 1090 -63.19 2.71 -68.71
C HIS A 1090 -63.40 2.96 -70.20
N ASP A 1091 -63.09 4.17 -70.64
CA ASP A 1091 -63.18 4.50 -72.06
C ASP A 1091 -61.80 4.62 -72.68
N GLY A 1092 -60.89 3.78 -72.19
CA GLY A 1092 -59.50 3.77 -72.62
C GLY A 1092 -58.64 4.50 -71.61
N LYS A 1093 -59.33 5.18 -70.69
CA LYS A 1093 -58.72 5.94 -69.62
C LYS A 1093 -58.39 4.98 -68.47
N ALA A 1094 -57.26 5.25 -67.82
CA ALA A 1094 -56.92 4.52 -66.61
C ALA A 1094 -57.39 5.30 -65.37
N HIS A 1095 -58.27 4.69 -64.59
CA HIS A 1095 -58.77 5.27 -63.36
C HIS A 1095 -58.06 4.66 -62.16
N PHE A 1096 -57.54 5.53 -61.29
CA PHE A 1096 -56.95 5.06 -60.05
C PHE A 1096 -57.72 5.57 -58.85
N PRO A 1097 -57.72 4.85 -57.69
CA PRO A 1097 -58.51 5.27 -56.53
C PRO A 1097 -57.89 6.51 -55.90
N ARG A 1098 -58.72 7.43 -55.41
CA ARG A 1098 -58.10 8.57 -54.76
C ARG A 1098 -57.57 8.13 -53.41
N GLU A 1099 -58.36 7.29 -52.74
CA GLU A 1099 -57.99 6.69 -51.47
C GLU A 1099 -58.57 5.28 -51.53
N GLY A 1100 -57.85 4.33 -50.94
CA GLY A 1100 -58.44 3.01 -50.94
C GLY A 1100 -57.93 2.11 -52.07
N VAL A 1101 -58.61 0.99 -52.28
CA VAL A 1101 -58.13 -0.10 -53.11
C VAL A 1101 -59.26 -0.60 -53.98
N PHE A 1102 -59.03 -0.88 -55.27
CA PHE A 1102 -60.07 -1.56 -56.03
C PHE A 1102 -60.12 -3.03 -55.59
N VAL A 1103 -61.29 -3.53 -55.19
CA VAL A 1103 -61.37 -4.87 -54.70
C VAL A 1103 -62.49 -5.54 -55.48
N SER A 1104 -62.49 -6.87 -55.45
CA SER A 1104 -63.54 -7.60 -56.13
C SER A 1104 -63.96 -8.77 -55.28
N ASN A 1105 -65.29 -8.97 -55.28
CA ASN A 1105 -65.94 -10.04 -54.55
C ASN A 1105 -66.06 -11.30 -55.41
N GLY A 1106 -65.50 -11.25 -56.62
CA GLY A 1106 -65.57 -12.33 -57.57
C GLY A 1106 -66.44 -11.98 -58.79
N THR A 1107 -67.37 -11.03 -58.60
CA THR A 1107 -68.26 -10.67 -59.71
C THR A 1107 -68.30 -9.16 -59.95
N HIS A 1108 -68.12 -8.37 -58.88
CA HIS A 1108 -68.23 -6.93 -59.01
C HIS A 1108 -67.05 -6.23 -58.35
N TRP A 1109 -66.70 -5.09 -58.95
CA TRP A 1109 -65.61 -4.29 -58.45
C TRP A 1109 -66.13 -3.17 -57.52
N PHE A 1110 -65.48 -3.00 -56.36
CA PHE A 1110 -65.78 -1.92 -55.43
C PHE A 1110 -64.51 -1.20 -55.05
N VAL A 1111 -64.65 -0.03 -54.44
CA VAL A 1111 -63.47 0.62 -53.89
C VAL A 1111 -63.65 0.69 -52.37
N THR A 1112 -62.64 0.30 -51.57
CA THR A 1112 -62.77 0.32 -50.11
C THR A 1112 -61.57 0.98 -49.42
N GLN A 1113 -61.72 1.49 -48.20
CA GLN A 1113 -60.58 1.97 -47.41
C GLN A 1113 -59.68 0.79 -47.05
N ARG A 1114 -58.42 1.08 -46.70
CA ARG A 1114 -57.40 0.04 -46.52
C ARG A 1114 -57.24 -0.58 -45.13
N ASN A 1115 -58.26 -0.54 -44.28
CA ASN A 1115 -58.06 -0.77 -42.87
C ASN A 1115 -59.34 -1.34 -42.26
N PHE A 1116 -60.39 -1.35 -43.05
CA PHE A 1116 -61.69 -1.80 -42.60
C PHE A 1116 -62.56 -1.96 -43.84
N TYR A 1117 -63.34 -3.03 -43.92
CA TYR A 1117 -63.95 -3.29 -45.22
C TYR A 1117 -65.22 -2.45 -45.39
N GLU A 1118 -65.16 -1.36 -46.16
CA GLU A 1118 -66.34 -0.54 -46.41
C GLU A 1118 -66.51 -0.40 -47.91
N PRO A 1119 -67.04 -1.41 -48.63
CA PRO A 1119 -67.13 -1.40 -50.10
C PRO A 1119 -68.10 -0.37 -50.66
N GLN A 1120 -67.65 0.28 -51.72
CA GLN A 1120 -68.44 1.32 -52.34
C GLN A 1120 -68.42 1.18 -53.86
N ILE A 1121 -69.40 1.81 -54.52
CA ILE A 1121 -69.51 1.79 -55.99
C ILE A 1121 -68.42 2.63 -56.59
N ILE A 1122 -67.78 2.12 -57.66
CA ILE A 1122 -66.72 2.87 -58.30
C ILE A 1122 -67.29 3.99 -59.15
N THR A 1123 -66.93 5.22 -58.81
CA THR A 1123 -67.44 6.40 -59.50
C THR A 1123 -66.32 7.40 -59.73
N THR A 1124 -66.67 8.47 -60.47
CA THR A 1124 -65.69 9.48 -60.79
C THR A 1124 -65.32 10.34 -59.57
N ASP A 1125 -66.09 10.17 -58.49
CA ASP A 1125 -65.78 10.91 -57.28
C ASP A 1125 -64.90 10.07 -56.36
N ASN A 1126 -64.63 8.83 -56.75
CA ASN A 1126 -63.79 7.95 -55.96
C ASN A 1126 -62.42 7.79 -56.61
N THR A 1127 -62.36 8.04 -57.92
CA THR A 1127 -61.14 7.80 -58.69
C THR A 1127 -60.67 9.06 -59.40
N PHE A 1128 -59.46 9.00 -59.96
CA PHE A 1128 -58.99 10.07 -60.80
C PHE A 1128 -58.40 9.44 -62.04
N VAL A 1129 -58.26 10.25 -63.08
CA VAL A 1129 -57.79 9.70 -64.35
C VAL A 1129 -56.40 10.19 -64.68
N SER A 1130 -55.57 9.27 -65.16
CA SER A 1130 -54.24 9.63 -65.61
C SER A 1130 -53.76 8.60 -66.62
N GLY A 1131 -53.46 9.10 -67.82
CA GLY A 1131 -52.92 8.27 -68.88
C GLY A 1131 -53.96 7.28 -69.40
N ASN A 1132 -53.50 6.10 -69.86
CA ASN A 1132 -54.40 5.18 -70.52
C ASN A 1132 -54.02 3.71 -70.26
N CYS A 1133 -54.83 2.84 -70.90
CA CYS A 1133 -54.88 1.41 -70.70
C CYS A 1133 -53.62 0.65 -71.10
N ASP A 1134 -52.75 1.27 -71.91
CA ASP A 1134 -51.64 0.55 -72.53
C ASP A 1134 -50.38 0.53 -71.65
N VAL A 1135 -50.46 1.16 -70.49
CA VAL A 1135 -49.26 1.33 -69.71
C VAL A 1135 -49.28 0.46 -68.46
N VAL A 1136 -50.45 0.37 -67.81
CA VAL A 1136 -50.52 -0.18 -66.46
C VAL A 1136 -50.60 -1.71 -66.49
N ILE A 1137 -49.67 -2.35 -65.77
CA ILE A 1137 -49.59 -3.80 -65.78
C ILE A 1137 -50.64 -4.37 -64.84
N GLY A 1138 -51.52 -5.23 -65.37
CA GLY A 1138 -52.55 -5.81 -64.53
C GLY A 1138 -53.82 -4.96 -64.46
N ILE A 1139 -53.95 -4.03 -65.42
CA ILE A 1139 -55.14 -3.20 -65.47
C ILE A 1139 -56.32 -4.08 -65.89
N VAL A 1140 -57.48 -3.85 -65.30
CA VAL A 1140 -58.67 -4.64 -65.58
C VAL A 1140 -59.74 -3.74 -66.15
N ASN A 1141 -60.70 -4.38 -66.84
CA ASN A 1141 -61.85 -3.68 -67.41
C ASN A 1141 -63.02 -3.69 -66.44
N ASN A 1142 -63.71 -2.54 -66.33
CA ASN A 1142 -64.93 -2.42 -65.55
C ASN A 1142 -65.68 -1.20 -66.05
N THR A 1143 -66.67 -0.76 -65.29
CA THR A 1143 -67.33 0.50 -65.63
C THR A 1143 -67.23 1.48 -64.47
N VAL A 1144 -67.13 2.77 -64.81
CA VAL A 1144 -67.03 3.79 -63.78
C VAL A 1144 -68.26 4.65 -63.91
N TYR A 1145 -68.99 4.73 -62.80
CA TYR A 1145 -70.23 5.47 -62.81
C TYR A 1145 -69.96 6.95 -62.61
N ASP A 1146 -70.71 7.75 -63.38
CA ASP A 1146 -70.64 9.20 -63.27
C ASP A 1146 -71.89 9.73 -62.56
N PRO A 1147 -71.79 10.17 -61.29
CA PRO A 1147 -72.92 10.67 -60.51
C PRO A 1147 -73.60 11.91 -61.07
N LEU A 1148 -72.90 12.60 -61.97
CA LEU A 1148 -73.45 13.78 -62.62
C LEU A 1148 -74.45 13.37 -63.69
N GLN A 1149 -74.19 12.24 -64.36
CA GLN A 1149 -74.99 11.87 -65.51
C GLN A 1149 -76.47 11.84 -65.18
N PRO A 1150 -76.97 11.11 -64.15
CA PRO A 1150 -78.40 11.05 -63.84
C PRO A 1150 -79.02 12.37 -63.37
N GLU A 1151 -78.20 13.32 -62.93
CA GLU A 1151 -78.70 14.63 -62.53
C GLU A 1151 -79.04 15.43 -63.79
N LEU A 1152 -78.25 15.21 -64.85
CA LEU A 1152 -78.44 15.91 -66.11
C LEU A 1152 -79.39 15.12 -66.99
N ASP A 1153 -79.41 13.79 -66.78
CA ASP A 1153 -80.23 12.85 -67.54
C ASP A 1153 -81.71 13.08 -67.23
N SER A 1154 -82.03 13.26 -65.93
CA SER A 1154 -83.34 13.59 -65.43
C SER A 1154 -83.60 15.09 -65.60
N ALA B 34 39.92 4.55 -42.39
CA ALA B 34 38.82 3.82 -43.10
C ALA B 34 37.72 3.44 -42.13
N TYR B 35 36.48 3.64 -42.61
CA TYR B 35 35.25 3.38 -41.87
C TYR B 35 34.23 2.70 -42.76
N THR B 36 33.31 1.99 -42.12
CA THR B 36 32.23 1.37 -42.87
C THR B 36 30.93 1.42 -42.11
N ASN B 37 29.89 0.97 -42.83
CA ASN B 37 28.50 0.92 -42.42
C ASN B 37 28.20 -0.44 -41.81
N SER B 38 27.84 -0.43 -40.53
CA SER B 38 27.56 -1.65 -39.80
C SER B 38 26.21 -2.25 -40.23
N PHE B 39 25.38 -1.45 -40.93
CA PHE B 39 24.04 -1.86 -41.32
C PHE B 39 23.25 -2.41 -40.14
N THR B 40 22.92 -3.71 -40.19
CA THR B 40 22.07 -4.31 -39.18
C THR B 40 22.81 -5.41 -38.41
N ARG B 41 24.15 -5.32 -38.42
CA ARG B 41 25.02 -6.30 -37.75
C ARG B 41 25.16 -6.01 -36.25
N GLY B 42 25.62 -7.01 -35.47
CA GLY B 42 25.98 -6.89 -34.05
C GLY B 42 24.79 -7.19 -33.11
N VAL B 43 23.92 -8.10 -33.58
CA VAL B 43 22.76 -8.51 -32.82
C VAL B 43 23.00 -9.94 -32.34
N TYR B 44 22.89 -10.15 -31.03
CA TYR B 44 23.15 -11.46 -30.42
C TYR B 44 21.97 -11.83 -29.52
N TYR B 45 21.85 -13.11 -29.20
CA TYR B 45 20.77 -13.53 -28.34
C TYR B 45 21.04 -13.00 -26.93
N PRO B 46 20.16 -12.13 -26.40
CA PRO B 46 20.39 -11.47 -25.12
C PRO B 46 20.31 -12.39 -23.90
N ASP B 47 19.63 -13.53 -24.04
CA ASP B 47 19.63 -14.51 -22.97
C ASP B 47 19.55 -15.92 -23.55
N LYS B 48 19.29 -16.89 -22.66
CA LYS B 48 19.31 -18.28 -23.03
C LYS B 48 17.92 -18.88 -22.95
N VAL B 49 16.91 -18.05 -23.17
CA VAL B 49 15.52 -18.49 -23.09
C VAL B 49 14.98 -18.71 -24.49
N PHE B 50 14.32 -19.84 -24.69
CA PHE B 50 13.64 -20.08 -25.94
C PHE B 50 12.37 -19.23 -26.07
N ARG B 51 12.26 -18.51 -27.19
CA ARG B 51 11.06 -17.75 -27.49
C ARG B 51 10.77 -17.97 -28.95
N SER B 52 9.51 -17.74 -29.33
CA SER B 52 9.11 -17.96 -30.71
C SER B 52 7.89 -17.12 -31.04
N SER B 53 7.76 -16.78 -32.34
CA SER B 53 6.62 -16.06 -32.89
C SER B 53 6.27 -14.85 -32.04
N VAL B 54 7.26 -14.00 -31.75
CA VAL B 54 7.06 -12.90 -30.82
C VAL B 54 8.03 -11.77 -31.13
N LEU B 55 7.58 -10.54 -30.89
CA LEU B 55 8.49 -9.39 -30.90
C LEU B 55 8.81 -9.06 -29.45
N HIS B 56 10.09 -9.21 -29.11
CA HIS B 56 10.52 -9.04 -27.73
C HIS B 56 11.39 -7.80 -27.58
N SER B 57 11.02 -6.96 -26.62
CA SER B 57 11.72 -5.72 -26.38
C SER B 57 12.70 -5.93 -25.25
N THR B 58 13.97 -5.62 -25.54
CA THR B 58 15.05 -5.88 -24.62
C THR B 58 16.05 -4.74 -24.66
N GLN B 59 16.61 -4.43 -23.48
CA GLN B 59 17.67 -3.46 -23.43
C GLN B 59 18.96 -4.16 -23.03
N ASP B 60 19.96 -4.03 -23.90
CA ASP B 60 21.26 -4.63 -23.65
C ASP B 60 22.32 -3.88 -24.44
N LEU B 61 23.57 -4.32 -24.35
CA LEU B 61 24.65 -3.65 -25.06
C LEU B 61 24.75 -4.23 -26.46
N PHE B 62 24.18 -3.51 -27.44
CA PHE B 62 24.19 -3.94 -28.84
C PHE B 62 24.95 -2.94 -29.69
N LEU B 63 25.34 -3.40 -30.88
CA LEU B 63 25.96 -2.50 -31.84
C LEU B 63 24.87 -1.67 -32.50
N PRO B 64 24.90 -0.30 -32.39
CA PRO B 64 23.83 0.54 -32.93
C PRO B 64 23.72 0.34 -34.44
N PHE B 65 22.49 0.32 -34.97
CA PHE B 65 22.30 0.10 -36.39
C PHE B 65 22.83 1.29 -37.18
N PHE B 66 23.45 0.95 -38.32
CA PHE B 66 24.05 1.85 -39.29
C PHE B 66 25.15 2.71 -38.69
N SER B 67 25.68 2.30 -37.54
CA SER B 67 26.79 3.02 -36.93
C SER B 67 28.08 2.79 -37.72
N ASN B 68 29.07 3.64 -37.43
CA ASN B 68 30.41 3.57 -37.99
C ASN B 68 31.27 2.61 -37.17
N VAL B 69 31.93 1.73 -37.92
CA VAL B 69 32.92 0.83 -37.34
C VAL B 69 34.25 1.12 -38.04
N THR B 70 35.31 1.17 -37.22
CA THR B 70 36.62 1.44 -37.78
C THR B 70 37.11 0.19 -38.50
N TRP B 71 37.62 0.43 -39.71
CA TRP B 71 38.04 -0.63 -40.59
C TRP B 71 39.56 -0.70 -40.64
N PHE B 72 40.09 -1.86 -40.24
CA PHE B 72 41.52 -2.13 -40.20
C PHE B 72 41.87 -3.16 -41.27
N HIS B 73 43.14 -3.14 -41.68
CA HIS B 73 43.57 -3.97 -42.81
C HIS B 73 44.67 -4.96 -42.39
N ALA B 74 44.62 -6.17 -43.00
CA ALA B 74 45.64 -7.19 -42.79
C ALA B 74 46.20 -7.68 -44.13
N ILE B 75 46.57 -6.71 -44.97
CA ILE B 75 46.98 -6.91 -46.35
C ILE B 75 48.24 -6.06 -46.58
N HIS B 76 49.02 -6.43 -47.61
CA HIS B 76 50.30 -5.84 -47.99
C HIS B 76 51.29 -5.91 -46.81
N ASP B 87 48.35 -4.53 -38.83
CA ASP B 87 47.43 -3.48 -38.31
C ASP B 87 46.80 -4.03 -37.02
N ASN B 88 47.54 -4.03 -35.90
CA ASN B 88 47.07 -4.56 -34.62
C ASN B 88 47.38 -3.58 -33.48
N PRO B 89 46.79 -2.36 -33.53
CA PRO B 89 46.90 -1.38 -32.45
C PRO B 89 46.10 -1.76 -31.21
N VAL B 90 46.31 -1.04 -30.12
CA VAL B 90 45.51 -1.25 -28.92
C VAL B 90 44.29 -0.35 -29.00
N LEU B 91 43.11 -0.95 -28.88
CA LEU B 91 41.91 -0.17 -28.92
C LEU B 91 41.30 -0.14 -27.52
N PRO B 92 40.61 0.95 -27.15
CA PRO B 92 39.78 0.96 -25.94
C PRO B 92 38.68 -0.09 -26.04
N PHE B 93 38.27 -0.59 -24.87
CA PHE B 93 37.22 -1.57 -24.76
C PHE B 93 35.89 -0.88 -24.48
N ASN B 94 35.97 0.27 -23.80
CA ASN B 94 34.80 1.03 -23.35
C ASN B 94 33.91 0.13 -22.48
N ASP B 95 32.63 -0.01 -22.85
CA ASP B 95 31.71 -0.80 -22.06
C ASP B 95 31.48 -2.16 -22.70
N GLY B 96 32.15 -2.40 -23.82
CA GLY B 96 31.92 -3.63 -24.56
C GLY B 96 32.26 -3.43 -26.03
N VAL B 97 32.72 -4.52 -26.68
CA VAL B 97 33.23 -4.40 -28.03
C VAL B 97 32.59 -5.35 -29.02
N TYR B 98 32.24 -4.77 -30.18
CA TYR B 98 31.92 -5.58 -31.33
C TYR B 98 33.15 -5.78 -32.16
N PHE B 99 33.39 -7.02 -32.51
CA PHE B 99 34.52 -7.27 -33.37
C PHE B 99 34.04 -8.12 -34.54
N ALA B 100 34.58 -7.77 -35.70
CA ALA B 100 34.19 -8.60 -36.82
C ALA B 100 35.38 -8.77 -37.72
N SER B 101 35.37 -9.91 -38.38
CA SER B 101 36.39 -10.10 -39.35
C SER B 101 35.85 -10.86 -40.54
N THR B 102 36.59 -10.66 -41.62
CA THR B 102 36.37 -11.44 -42.81
C THR B 102 37.60 -12.30 -43.05
N GLU B 103 37.36 -13.58 -43.35
CA GLU B 103 38.42 -14.57 -43.47
C GLU B 103 38.33 -15.36 -44.77
N LYS B 104 39.53 -15.82 -45.16
CA LYS B 104 39.69 -16.77 -46.24
C LYS B 104 40.76 -17.78 -45.85
N SER B 105 41.55 -17.43 -44.81
CA SER B 105 42.72 -18.21 -44.42
C SER B 105 42.96 -18.25 -42.91
N ASN B 106 41.97 -17.82 -42.10
CA ASN B 106 42.00 -17.91 -40.64
C ASN B 106 43.22 -17.18 -40.07
N ILE B 107 43.41 -15.92 -40.48
CA ILE B 107 44.54 -15.12 -40.04
C ILE B 107 44.33 -14.60 -38.61
N ILE B 108 43.10 -14.19 -38.27
CA ILE B 108 42.91 -13.67 -36.93
C ILE B 108 42.74 -14.84 -35.97
N ARG B 109 43.66 -14.93 -34.98
CA ARG B 109 43.78 -16.13 -34.15
C ARG B 109 43.70 -15.87 -32.66
N GLY B 110 43.55 -14.59 -32.29
CA GLY B 110 43.38 -14.34 -30.89
C GLY B 110 43.08 -12.91 -30.50
N TRP B 111 42.84 -12.79 -29.19
CA TRP B 111 42.47 -11.56 -28.53
C TRP B 111 43.15 -11.47 -27.15
N ILE B 112 43.51 -10.25 -26.75
CA ILE B 112 44.01 -10.01 -25.41
C ILE B 112 43.20 -8.89 -24.74
N PHE B 113 42.79 -9.12 -23.49
CA PHE B 113 41.97 -8.12 -22.83
C PHE B 113 42.53 -7.78 -21.45
N GLY B 114 42.59 -6.48 -21.14
CA GLY B 114 43.09 -6.04 -19.84
C GLY B 114 43.23 -4.54 -19.79
N THR B 115 44.17 -4.03 -18.97
CA THR B 115 44.32 -2.59 -18.83
C THR B 115 45.66 -2.16 -19.39
N THR B 116 46.69 -2.95 -19.08
CA THR B 116 48.05 -2.59 -19.44
C THR B 116 48.67 -3.63 -20.38
N LEU B 117 48.20 -4.89 -20.33
CA LEU B 117 48.63 -5.96 -21.22
C LEU B 117 50.15 -6.12 -21.20
N ASP B 118 50.77 -6.05 -20.02
CA ASP B 118 52.23 -6.04 -19.95
C ASP B 118 52.78 -6.80 -18.73
N SER B 119 52.07 -7.82 -18.22
CA SER B 119 52.51 -8.64 -17.09
C SER B 119 52.30 -7.97 -15.73
N LYS B 120 51.77 -6.74 -15.72
CA LYS B 120 51.53 -6.04 -14.46
C LYS B 120 50.15 -6.38 -13.89
N THR B 121 49.24 -6.83 -14.77
CA THR B 121 47.87 -7.15 -14.40
C THR B 121 47.48 -8.46 -15.06
N GLN B 122 46.32 -8.99 -14.64
CA GLN B 122 45.79 -10.21 -15.25
C GLN B 122 45.21 -9.84 -16.60
N SER B 123 45.52 -10.64 -17.62
CA SER B 123 45.04 -10.33 -18.95
C SER B 123 44.50 -11.57 -19.65
N LEU B 124 43.22 -11.48 -20.03
CA LEU B 124 42.56 -12.62 -20.62
C LEU B 124 43.13 -12.83 -22.02
N LEU B 125 43.53 -14.08 -22.28
CA LEU B 125 44.10 -14.40 -23.56
C LEU B 125 43.32 -15.53 -24.22
N ILE B 126 42.88 -15.28 -25.45
CA ILE B 126 42.20 -16.28 -26.25
C ILE B 126 43.04 -16.57 -27.50
N VAL B 127 43.34 -17.86 -27.67
CA VAL B 127 44.12 -18.31 -28.81
C VAL B 127 43.42 -19.48 -29.50
N ASN B 128 43.18 -19.34 -30.81
CA ASN B 128 42.61 -20.46 -31.55
C ASN B 128 43.69 -21.09 -32.44
N ASN B 129 44.80 -21.51 -31.83
CA ASN B 129 45.89 -22.11 -32.58
C ASN B 129 45.38 -23.40 -33.25
N ALA B 130 45.46 -23.45 -34.59
CA ALA B 130 44.90 -24.54 -35.38
C ALA B 130 43.47 -24.86 -34.92
N THR B 131 43.27 -26.02 -34.29
CA THR B 131 41.97 -26.49 -33.83
C THR B 131 41.99 -26.61 -32.30
N ASN B 132 42.24 -25.52 -31.58
CA ASN B 132 42.37 -25.55 -30.13
C ASN B 132 41.99 -24.19 -29.54
N VAL B 133 40.76 -24.05 -29.03
CA VAL B 133 40.36 -22.82 -28.38
C VAL B 133 40.94 -22.81 -26.96
N VAL B 134 42.04 -22.04 -26.78
CA VAL B 134 42.77 -22.03 -25.53
C VAL B 134 42.55 -20.70 -24.82
N ILE B 135 42.11 -20.77 -23.57
CA ILE B 135 41.81 -19.58 -22.81
C ILE B 135 42.66 -19.60 -21.55
N LYS B 136 43.42 -18.51 -21.36
CA LYS B 136 44.17 -18.33 -20.12
C LYS B 136 43.97 -16.93 -19.54
N VAL B 137 44.19 -16.77 -18.22
CA VAL B 137 43.97 -15.47 -17.61
C VAL B 137 45.15 -15.03 -16.75
N CYS B 138 46.33 -15.47 -17.16
CA CYS B 138 47.59 -15.24 -16.45
C CYS B 138 48.06 -13.79 -16.59
N GLU B 139 49.01 -13.37 -15.73
CA GLU B 139 49.67 -12.07 -15.85
C GLU B 139 50.79 -12.19 -16.89
N PHE B 140 50.35 -12.29 -18.16
CA PHE B 140 51.22 -12.64 -19.26
C PHE B 140 52.16 -11.51 -19.64
N GLN B 141 53.39 -11.89 -19.99
CA GLN B 141 54.29 -10.93 -20.60
C GLN B 141 54.07 -10.94 -22.11
N PHE B 142 53.41 -9.89 -22.61
CA PHE B 142 53.17 -9.76 -24.03
C PHE B 142 54.34 -9.04 -24.69
N CYS B 143 54.53 -9.34 -25.97
CA CYS B 143 55.53 -8.76 -26.83
C CYS B 143 55.24 -7.27 -27.04
N ASN B 144 56.28 -6.51 -27.41
CA ASN B 144 56.12 -5.10 -27.76
C ASN B 144 55.14 -4.96 -28.91
N ASP B 145 55.15 -5.98 -29.79
CA ASP B 145 54.26 -6.08 -30.92
C ASP B 145 53.76 -7.52 -30.99
N PRO B 146 52.65 -7.85 -30.29
CA PRO B 146 52.11 -9.21 -30.23
C PRO B 146 51.62 -9.73 -31.57
N PHE B 147 51.99 -10.98 -31.88
CA PHE B 147 51.59 -11.68 -33.09
C PHE B 147 51.78 -13.18 -32.89
N LEU B 148 51.20 -13.97 -33.81
CA LEU B 148 51.46 -15.39 -33.89
C LEU B 148 52.11 -15.67 -35.24
N GLY B 149 53.20 -16.46 -35.24
CA GLY B 149 53.80 -16.88 -36.49
C GLY B 149 53.09 -18.11 -37.05
N VAL B 150 53.12 -18.27 -38.39
CA VAL B 150 52.62 -19.46 -39.07
C VAL B 150 53.79 -20.47 -39.22
N ASN B 172 50.80 -16.45 -11.83
CA ASN B 172 49.64 -15.85 -11.12
C ASN B 172 48.37 -16.04 -11.95
N CYS B 173 48.16 -17.29 -12.40
CA CYS B 173 47.02 -17.70 -13.19
C CYS B 173 45.88 -18.13 -12.28
N THR B 174 44.65 -17.77 -12.68
CA THR B 174 43.44 -18.14 -11.95
C THR B 174 42.55 -19.05 -12.79
N PHE B 175 42.92 -19.27 -14.06
CA PHE B 175 42.05 -19.99 -14.99
C PHE B 175 42.80 -20.44 -16.24
N GLU B 176 42.43 -21.65 -16.66
CA GLU B 176 42.86 -22.21 -17.93
C GLU B 176 41.79 -23.16 -18.48
N TYR B 177 41.55 -23.06 -19.80
CA TYR B 177 40.61 -23.95 -20.47
C TYR B 177 41.07 -24.27 -21.89
N VAL B 178 40.85 -25.53 -22.29
CA VAL B 178 41.18 -25.95 -23.64
C VAL B 178 40.04 -26.76 -24.25
N SER B 179 39.63 -26.36 -25.47
CA SER B 179 38.66 -27.09 -26.27
C SER B 179 39.34 -28.31 -26.92
N PHE B 193 36.13 -12.67 -49.50
CA PHE B 193 36.27 -13.54 -48.31
C PHE B 193 35.13 -14.57 -48.33
N LYS B 194 35.33 -15.66 -47.58
CA LYS B 194 34.44 -16.82 -47.58
C LYS B 194 33.71 -16.97 -46.25
N ASN B 195 34.34 -16.43 -45.18
CA ASN B 195 33.84 -16.61 -43.84
C ASN B 195 33.77 -15.28 -43.09
N LEU B 196 32.56 -14.99 -42.63
CA LEU B 196 32.36 -13.84 -41.78
C LEU B 196 32.24 -14.36 -40.36
N ARG B 197 33.05 -13.79 -39.47
CA ARG B 197 33.12 -14.28 -38.12
C ARG B 197 32.93 -13.09 -37.19
N GLU B 198 31.73 -13.04 -36.63
CA GLU B 198 31.35 -11.90 -35.83
C GLU B 198 31.49 -12.33 -34.37
N PHE B 199 31.92 -11.37 -33.54
CA PHE B 199 32.10 -11.64 -32.12
C PHE B 199 31.66 -10.46 -31.26
N VAL B 200 31.25 -10.78 -30.06
CA VAL B 200 30.87 -9.76 -29.14
C VAL B 200 31.52 -10.11 -27.81
N PHE B 201 32.20 -9.13 -27.26
CA PHE B 201 32.93 -9.31 -26.02
C PHE B 201 32.46 -8.27 -25.02
N LYS B 202 31.92 -8.73 -23.89
CA LYS B 202 31.32 -7.78 -22.96
C LYS B 202 31.52 -8.21 -21.51
N ASN B 203 31.61 -7.24 -20.59
CA ASN B 203 31.89 -7.54 -19.19
C ASN B 203 30.81 -7.01 -18.27
N ILE B 204 30.09 -7.92 -17.63
CA ILE B 204 29.10 -7.55 -16.64
C ILE B 204 29.45 -8.12 -15.27
N ASP B 205 29.75 -7.23 -14.31
CA ASP B 205 30.10 -7.57 -12.94
C ASP B 205 31.19 -8.63 -12.87
N GLY B 206 32.19 -8.52 -13.76
CA GLY B 206 33.35 -9.40 -13.76
C GLY B 206 33.17 -10.66 -14.60
N TYR B 207 32.03 -10.77 -15.29
CA TYR B 207 31.78 -11.91 -16.16
C TYR B 207 32.02 -11.52 -17.61
N PHE B 208 32.97 -12.22 -18.24
CA PHE B 208 33.35 -11.98 -19.62
C PHE B 208 32.54 -12.87 -20.54
N LYS B 209 31.61 -12.25 -21.26
CA LYS B 209 30.68 -12.99 -22.09
C LYS B 209 31.15 -12.92 -23.54
N ILE B 210 31.24 -14.10 -24.18
CA ILE B 210 31.57 -14.18 -25.61
C ILE B 210 30.42 -14.73 -26.44
N TYR B 211 30.05 -13.98 -27.48
CA TYR B 211 29.09 -14.43 -28.47
C TYR B 211 29.81 -14.46 -29.80
N SER B 212 29.38 -15.36 -30.69
CA SER B 212 29.96 -15.36 -32.03
C SER B 212 29.05 -16.07 -33.03
N LYS B 213 29.25 -15.73 -34.30
CA LYS B 213 28.53 -16.41 -35.36
C LYS B 213 29.44 -16.48 -36.56
N HIS B 214 29.56 -17.70 -37.08
CA HIS B 214 30.32 -17.92 -38.29
C HIS B 214 29.33 -18.23 -39.39
N THR B 215 29.46 -17.50 -40.49
CA THR B 215 28.52 -17.61 -41.59
C THR B 215 29.30 -17.50 -42.89
N PRO B 216 28.92 -18.32 -43.91
CA PRO B 216 29.48 -18.24 -45.25
C PRO B 216 29.08 -16.94 -45.92
N ILE B 217 30.05 -16.36 -46.64
CA ILE B 217 29.89 -15.10 -47.34
C ILE B 217 30.58 -15.20 -48.69
N ASN B 218 30.26 -14.24 -49.58
CA ASN B 218 30.89 -14.12 -50.88
C ASN B 218 31.16 -12.64 -51.16
N LEU B 219 32.06 -12.05 -50.37
CA LEU B 219 32.34 -10.62 -50.45
C LEU B 219 33.72 -10.31 -49.87
N VAL B 220 34.52 -9.55 -50.62
CA VAL B 220 35.88 -9.25 -50.20
C VAL B 220 36.00 -7.82 -49.66
N ARG B 221 35.23 -6.90 -50.25
CA ARG B 221 35.39 -5.46 -50.12
C ARG B 221 35.10 -5.01 -48.69
N ASP B 222 34.00 -5.50 -48.11
CA ASP B 222 33.46 -4.90 -46.90
C ASP B 222 32.58 -5.89 -46.15
N LEU B 223 32.03 -5.46 -45.01
CA LEU B 223 31.00 -6.23 -44.33
C LEU B 223 29.75 -6.38 -45.22
N PRO B 224 29.29 -7.63 -45.43
CA PRO B 224 28.06 -7.91 -46.18
C PRO B 224 26.85 -7.35 -45.47
N GLN B 225 25.88 -6.90 -46.25
CA GLN B 225 24.64 -6.38 -45.71
C GLN B 225 23.66 -7.53 -45.49
N GLY B 226 22.98 -7.50 -44.35
CA GLY B 226 21.99 -8.51 -44.02
C GLY B 226 21.88 -8.70 -42.52
N PHE B 227 21.08 -9.68 -42.12
CA PHE B 227 20.81 -9.88 -40.71
C PHE B 227 21.10 -11.31 -40.29
N SER B 228 21.83 -11.46 -39.17
CA SER B 228 22.16 -12.74 -38.58
C SER B 228 22.54 -12.55 -37.11
N ALA B 229 21.84 -13.29 -36.26
CA ALA B 229 21.99 -13.18 -34.82
C ALA B 229 23.12 -14.10 -34.34
N LEU B 230 23.86 -13.67 -33.31
CA LEU B 230 24.98 -14.40 -32.72
C LEU B 230 24.58 -15.14 -31.42
N GLU B 231 24.85 -16.46 -31.37
CA GLU B 231 24.71 -17.22 -30.14
C GLU B 231 25.89 -17.03 -29.17
N PRO B 232 25.62 -17.10 -27.83
CA PRO B 232 26.67 -17.12 -26.82
C PRO B 232 27.39 -18.45 -26.87
N LEU B 233 28.69 -18.41 -26.55
CA LEU B 233 29.46 -19.63 -26.42
C LEU B 233 30.04 -19.79 -25.01
N VAL B 234 30.58 -18.71 -24.44
CA VAL B 234 31.37 -18.83 -23.23
C VAL B 234 31.04 -17.67 -22.28
N ASP B 235 31.07 -17.96 -20.97
CA ASP B 235 30.94 -16.98 -19.90
C ASP B 235 32.00 -17.24 -18.84
N LEU B 236 33.02 -16.38 -18.80
CA LEU B 236 34.18 -16.59 -17.95
C LEU B 236 34.17 -15.65 -16.75
N PRO B 237 34.11 -16.23 -15.53
CA PRO B 237 34.12 -15.47 -14.28
C PRO B 237 35.53 -15.04 -13.88
N ILE B 238 36.11 -14.15 -14.68
CA ILE B 238 37.52 -13.82 -14.56
C ILE B 238 37.74 -12.71 -13.54
N GLY B 239 36.78 -11.79 -13.41
CA GLY B 239 36.88 -10.68 -12.46
C GLY B 239 38.01 -9.72 -12.80
N ILE B 240 38.30 -9.60 -14.10
CA ILE B 240 39.35 -8.72 -14.60
C ILE B 240 38.76 -7.38 -15.03
N ASN B 241 39.44 -6.29 -14.61
CA ASN B 241 39.09 -4.94 -15.00
C ASN B 241 39.66 -4.68 -16.40
N ILE B 242 38.79 -4.65 -17.41
CA ILE B 242 39.18 -4.57 -18.82
C ILE B 242 38.81 -3.19 -19.38
N THR B 243 39.83 -2.48 -19.88
CA THR B 243 39.64 -1.13 -20.41
C THR B 243 40.20 -1.03 -21.83
N ARG B 244 41.11 -1.96 -22.18
CA ARG B 244 41.78 -1.97 -23.47
C ARG B 244 41.88 -3.39 -24.01
N PHE B 245 42.04 -3.49 -25.34
CA PHE B 245 42.25 -4.81 -25.89
C PHE B 245 43.14 -4.72 -27.13
N GLN B 246 43.65 -5.90 -27.50
CA GLN B 246 44.41 -5.99 -28.73
C GLN B 246 44.19 -7.33 -29.40
N THR B 247 44.38 -7.31 -30.74
CA THR B 247 44.20 -8.51 -31.54
C THR B 247 45.53 -9.17 -31.84
N LEU B 248 45.42 -10.43 -32.27
CA LEU B 248 46.54 -11.30 -32.61
C LEU B 248 46.34 -11.85 -34.02
N LEU B 249 47.31 -11.51 -34.87
CA LEU B 249 47.28 -11.87 -36.28
C LEU B 249 48.30 -12.96 -36.56
N ALA B 250 47.94 -13.91 -37.45
CA ALA B 250 48.82 -14.99 -37.88
C ALA B 250 49.61 -14.53 -39.12
N LEU B 251 50.93 -14.47 -38.96
CA LEU B 251 51.80 -13.93 -39.99
C LEU B 251 52.66 -15.03 -40.62
N HIS B 252 52.69 -15.03 -41.97
CA HIS B 252 53.46 -15.97 -42.78
C HIS B 252 54.94 -15.56 -42.80
N ALA B 270 42.80 -10.22 -44.54
CA ALA B 270 41.87 -10.54 -43.43
C ALA B 270 41.61 -9.27 -42.62
N ALA B 271 40.74 -8.42 -43.16
CA ALA B 271 40.39 -7.15 -42.58
C ALA B 271 39.51 -7.41 -41.36
N TYR B 272 39.51 -6.41 -40.46
CA TYR B 272 38.65 -6.53 -39.31
C TYR B 272 38.08 -5.18 -38.92
N TYR B 273 37.07 -5.22 -38.09
CA TYR B 273 36.40 -4.01 -37.71
C TYR B 273 36.33 -3.98 -36.18
N VAL B 274 36.32 -2.74 -35.69
CA VAL B 274 35.95 -2.50 -34.31
C VAL B 274 34.75 -1.55 -34.20
N GLY B 275 33.71 -2.03 -33.52
CA GLY B 275 32.66 -1.15 -33.05
C GLY B 275 32.55 -1.18 -31.53
N TYR B 276 31.57 -0.46 -31.03
CA TYR B 276 31.33 -0.46 -29.61
C TYR B 276 29.85 -0.63 -29.36
N LEU B 277 29.59 -1.25 -28.22
CA LEU B 277 28.23 -1.49 -27.84
C LEU B 277 27.72 -0.33 -26.99
N GLN B 278 26.40 -0.18 -27.04
CA GLN B 278 25.73 0.87 -26.30
C GLN B 278 24.47 0.22 -25.71
N PRO B 279 24.00 0.72 -24.55
CA PRO B 279 22.74 0.26 -23.96
C PRO B 279 21.48 0.70 -24.73
N ARG B 280 21.35 0.16 -25.95
CA ARG B 280 20.28 0.42 -26.89
C ARG B 280 19.11 -0.51 -26.61
N THR B 281 17.89 -0.03 -26.85
CA THR B 281 16.76 -0.92 -26.78
C THR B 281 16.50 -1.44 -28.18
N PHE B 282 16.33 -2.76 -28.26
CA PHE B 282 15.97 -3.38 -29.52
C PHE B 282 14.64 -4.13 -29.43
N LEU B 283 13.91 -4.08 -30.53
CA LEU B 283 12.77 -4.96 -30.73
C LEU B 283 13.29 -6.11 -31.56
N LEU B 284 13.31 -7.30 -30.98
CA LEU B 284 13.80 -8.46 -31.70
C LEU B 284 12.66 -9.34 -32.16
N LYS B 285 12.70 -9.71 -33.45
CA LYS B 285 11.67 -10.55 -34.02
C LYS B 285 12.15 -12.02 -34.06
N TYR B 286 11.48 -12.87 -33.27
CA TYR B 286 11.75 -14.30 -33.29
C TYR B 286 10.70 -15.00 -34.14
N ASN B 287 11.15 -15.84 -35.08
CA ASN B 287 10.20 -16.52 -35.95
C ASN B 287 9.62 -17.76 -35.26
N GLU B 288 8.97 -18.64 -36.04
CA GLU B 288 8.28 -19.82 -35.53
C GLU B 288 9.25 -20.84 -34.91
N ASN B 289 10.53 -20.79 -35.31
CA ASN B 289 11.57 -21.73 -34.91
C ASN B 289 12.45 -21.14 -33.79
N GLY B 290 12.09 -19.95 -33.29
CA GLY B 290 12.81 -19.28 -32.22
C GLY B 290 14.12 -18.65 -32.70
N THR B 291 14.19 -18.40 -34.01
CA THR B 291 15.37 -17.78 -34.59
C THR B 291 15.13 -16.28 -34.72
N ILE B 292 16.11 -15.48 -34.28
CA ILE B 292 15.97 -14.06 -34.48
C ILE B 292 16.18 -13.77 -35.96
N THR B 293 15.16 -13.21 -36.61
CA THR B 293 15.26 -12.96 -38.04
C THR B 293 15.33 -11.47 -38.35
N ASP B 294 14.90 -10.61 -37.42
CA ASP B 294 14.93 -9.17 -37.70
C ASP B 294 15.04 -8.39 -36.39
N ALA B 295 15.18 -7.06 -36.49
CA ALA B 295 15.29 -6.20 -35.32
C ALA B 295 15.10 -4.72 -35.65
N VAL B 296 14.59 -3.97 -34.66
CA VAL B 296 14.49 -2.52 -34.75
C VAL B 296 15.35 -1.88 -33.66
N ASP B 297 16.24 -1.00 -34.13
CA ASP B 297 16.98 -0.15 -33.24
C ASP B 297 16.07 1.02 -32.85
N CYS B 298 15.58 1.05 -31.60
CA CYS B 298 14.56 1.98 -31.12
C CYS B 298 15.01 3.45 -31.11
N ALA B 299 16.32 3.67 -31.24
CA ALA B 299 16.89 5.01 -31.16
C ALA B 299 17.56 5.43 -32.48
N LEU B 300 17.31 4.68 -33.54
CA LEU B 300 17.89 4.98 -34.85
C LEU B 300 17.26 6.21 -35.51
N ASP B 301 15.92 6.35 -35.49
CA ASP B 301 15.15 7.38 -36.18
C ASP B 301 13.72 7.50 -35.62
N PRO B 302 12.96 8.60 -35.85
CA PRO B 302 11.58 8.71 -35.38
C PRO B 302 10.61 7.60 -35.81
N LEU B 303 10.79 7.04 -37.01
CA LEU B 303 9.94 5.93 -37.42
C LEU B 303 10.24 4.67 -36.62
N SER B 304 11.52 4.41 -36.33
CA SER B 304 11.93 3.30 -35.49
C SER B 304 11.34 3.50 -34.09
N GLU B 305 11.27 4.75 -33.63
CA GLU B 305 10.72 5.04 -32.31
C GLU B 305 9.24 4.69 -32.31
N THR B 306 8.55 5.01 -33.41
CA THR B 306 7.14 4.71 -33.60
C THR B 306 6.92 3.21 -33.53
N LYS B 307 7.75 2.47 -34.26
CA LYS B 307 7.66 1.02 -34.32
C LYS B 307 7.82 0.39 -32.95
N CYS B 308 8.78 0.88 -32.16
CA CYS B 308 9.01 0.37 -30.81
C CYS B 308 7.84 0.71 -29.87
N THR B 309 7.28 1.94 -29.96
CA THR B 309 6.17 2.39 -29.14
C THR B 309 4.94 1.51 -29.35
N LEU B 310 4.68 1.15 -30.62
CA LEU B 310 3.52 0.35 -31.00
C LEU B 310 3.83 -1.15 -30.95
N LYS B 311 5.08 -1.51 -30.60
CA LYS B 311 5.52 -2.90 -30.55
C LYS B 311 5.22 -3.65 -31.84
N SER B 312 5.56 -3.02 -32.96
CA SER B 312 5.28 -3.62 -34.26
C SER B 312 6.34 -3.22 -35.29
N PHE B 313 6.49 -4.04 -36.33
CA PHE B 313 7.41 -3.71 -37.41
C PHE B 313 6.63 -3.00 -38.51
N THR B 314 5.31 -2.85 -38.33
CA THR B 314 4.47 -2.24 -39.36
C THR B 314 3.62 -1.13 -38.76
N VAL B 315 3.52 0.02 -39.45
CA VAL B 315 2.83 1.16 -38.87
C VAL B 315 1.67 1.58 -39.78
N GLU B 316 0.47 1.64 -39.20
CA GLU B 316 -0.70 2.11 -39.94
C GLU B 316 -0.57 3.61 -40.18
N LYS B 317 -1.23 4.08 -41.23
CA LYS B 317 -1.26 5.51 -41.50
C LYS B 317 -1.94 6.27 -40.34
N GLY B 318 -1.30 7.37 -39.94
CA GLY B 318 -1.87 8.28 -38.96
C GLY B 318 -0.82 9.13 -38.28
N ILE B 319 -1.18 9.74 -37.14
CA ILE B 319 -0.25 10.56 -36.39
C ILE B 319 -0.05 9.92 -35.02
N TYR B 320 1.21 9.75 -34.60
CA TYR B 320 1.44 9.01 -33.37
C TYR B 320 2.22 9.84 -32.36
N GLN B 321 1.80 9.70 -31.10
CA GLN B 321 2.55 10.28 -30.01
C GLN B 321 3.52 9.22 -29.47
N THR B 322 4.80 9.53 -29.54
CA THR B 322 5.81 8.50 -29.32
C THR B 322 6.70 8.82 -28.13
N SER B 323 6.87 10.12 -27.84
CA SER B 323 7.86 10.48 -26.83
C SER B 323 7.56 11.82 -26.18
N ASN B 324 8.49 12.25 -25.31
CA ASN B 324 8.45 13.55 -24.69
C ASN B 324 9.81 14.21 -24.73
N PHE B 325 9.81 15.42 -25.28
CA PHE B 325 11.03 16.17 -25.43
C PHE B 325 11.27 16.95 -24.15
N ARG B 326 12.54 16.99 -23.75
CA ARG B 326 12.95 17.92 -22.71
C ARG B 326 14.25 18.62 -23.09
N VAL B 327 14.27 19.94 -22.90
CA VAL B 327 15.54 20.67 -22.98
C VAL B 327 16.41 20.29 -21.79
N GLN B 328 17.69 20.05 -22.07
CA GLN B 328 18.64 19.65 -21.07
C GLN B 328 19.33 20.86 -20.45
N PRO B 329 19.74 20.75 -19.17
CA PRO B 329 20.54 21.78 -18.49
C PRO B 329 21.96 21.83 -19.06
N THR B 330 22.58 22.99 -18.90
CA THR B 330 23.94 23.23 -19.36
C THR B 330 24.96 23.07 -18.24
N GLU B 331 24.71 23.72 -17.10
CA GLU B 331 25.77 23.99 -16.12
C GLU B 331 25.17 24.30 -14.75
N SER B 332 25.97 24.12 -13.70
CA SER B 332 25.49 24.21 -12.33
C SER B 332 25.79 25.59 -11.74
N ILE B 333 24.89 26.03 -10.85
CA ILE B 333 25.02 27.28 -10.10
C ILE B 333 25.00 26.95 -8.62
N VAL B 334 26.07 27.34 -7.93
CA VAL B 334 26.16 27.08 -6.51
C VAL B 334 26.21 28.39 -5.75
N ARG B 335 25.25 28.58 -4.84
CA ARG B 335 25.27 29.75 -3.99
C ARG B 335 25.09 29.35 -2.52
N PHE B 336 26.02 29.82 -1.69
CA PHE B 336 25.92 29.77 -0.23
C PHE B 336 26.40 31.10 0.32
N PRO B 337 26.01 31.52 1.55
CA PRO B 337 26.37 32.86 2.04
C PRO B 337 27.88 32.88 2.32
N ASN B 338 28.57 33.96 1.91
CA ASN B 338 30.02 34.01 2.03
C ASN B 338 30.39 34.25 3.51
N ILE B 339 30.88 33.20 4.19
CA ILE B 339 31.14 33.19 5.63
C ILE B 339 32.47 32.46 5.89
N THR B 340 32.97 32.49 7.15
CA THR B 340 34.36 32.13 7.44
C THR B 340 34.58 31.42 8.79
N ASN B 341 33.81 31.81 9.82
CA ASN B 341 33.91 31.26 11.17
C ASN B 341 33.63 29.76 11.19
N LEU B 342 34.28 29.00 12.09
CA LEU B 342 34.12 27.55 12.22
C LEU B 342 33.52 27.19 13.58
N CYS B 343 33.09 25.93 13.75
CA CYS B 343 32.42 25.47 14.94
C CYS B 343 33.42 24.96 15.95
N PRO B 344 33.36 25.43 17.22
CA PRO B 344 34.34 25.03 18.22
C PRO B 344 34.15 23.59 18.69
N PHE B 345 34.12 22.66 17.73
CA PHE B 345 34.00 21.25 18.06
C PHE B 345 35.20 20.76 18.87
N GLY B 346 36.37 21.39 18.68
CA GLY B 346 37.56 21.07 19.44
C GLY B 346 37.30 21.09 20.95
N GLU B 347 36.81 22.22 21.45
CA GLU B 347 36.55 22.41 22.87
C GLU B 347 35.40 21.53 23.35
N VAL B 348 34.51 21.10 22.46
CA VAL B 348 33.39 20.24 22.85
C VAL B 348 33.87 18.80 23.01
N PHE B 349 34.32 18.19 21.91
CA PHE B 349 34.73 16.79 21.93
C PHE B 349 35.98 16.60 22.78
N ASN B 350 37.02 17.41 22.49
CA ASN B 350 38.30 17.30 23.19
C ASN B 350 38.27 17.95 24.57
N ALA B 351 37.06 18.26 25.08
CA ALA B 351 36.95 18.86 26.40
C ALA B 351 37.60 17.96 27.46
N THR B 352 38.06 18.61 28.53
CA THR B 352 38.77 17.94 29.61
C THR B 352 37.82 17.52 30.73
N ARG B 353 36.59 18.04 30.70
CA ARG B 353 35.65 17.82 31.78
C ARG B 353 34.25 17.68 31.19
N PHE B 354 33.55 16.64 31.66
CA PHE B 354 32.18 16.39 31.27
C PHE B 354 31.31 16.36 32.52
N ALA B 355 30.07 16.86 32.36
CA ALA B 355 29.07 16.77 33.40
C ALA B 355 28.30 15.46 33.26
N SER B 356 27.72 15.05 34.40
CA SER B 356 26.93 13.84 34.49
C SER B 356 25.64 13.98 33.69
N VAL B 357 24.97 12.85 33.50
CA VAL B 357 23.84 12.76 32.59
C VAL B 357 22.65 13.61 33.04
N TYR B 358 22.30 13.55 34.33
CA TYR B 358 21.16 14.31 34.80
C TYR B 358 21.44 15.81 34.68
N ALA B 359 22.68 16.24 34.96
CA ALA B 359 23.10 17.63 34.80
C ALA B 359 23.73 17.86 33.43
N TRP B 360 23.32 17.08 32.43
CA TRP B 360 23.82 17.17 31.06
C TRP B 360 23.89 18.62 30.58
N ASN B 361 25.02 18.94 29.95
CA ASN B 361 25.35 20.28 29.50
C ASN B 361 24.78 20.52 28.11
N ARG B 362 24.62 21.80 27.75
CA ARG B 362 24.21 22.19 26.41
C ARG B 362 25.05 23.35 25.90
N LYS B 363 25.38 23.32 24.61
CA LYS B 363 26.07 24.43 23.95
C LYS B 363 25.37 24.70 22.64
N ARG B 364 24.67 25.83 22.58
CA ARG B 364 24.10 26.30 21.34
C ARG B 364 25.20 26.85 20.44
N ILE B 365 25.21 26.32 19.22
CA ILE B 365 26.23 26.61 18.22
C ILE B 365 25.51 27.08 16.97
N SER B 366 26.14 28.06 16.30
CA SER B 366 25.60 28.63 15.09
C SER B 366 26.67 29.41 14.32
N ASN B 367 26.35 29.67 13.05
CA ASN B 367 27.10 30.56 12.16
C ASN B 367 28.52 30.03 11.98
N CYS B 368 28.61 28.86 11.34
CA CYS B 368 29.91 28.26 11.10
C CYS B 368 30.01 27.80 9.65
N VAL B 369 31.25 27.40 9.30
CA VAL B 369 31.49 26.43 8.25
C VAL B 369 31.86 25.10 8.92
N ALA B 370 31.09 24.05 8.62
CA ALA B 370 31.26 22.77 9.27
C ALA B 370 31.87 21.72 8.34
N ASP B 371 32.89 21.04 8.87
CA ASP B 371 33.44 19.86 8.20
C ASP B 371 33.24 18.68 9.15
N TYR B 372 32.26 17.84 8.86
CA TYR B 372 32.01 16.68 9.68
C TYR B 372 32.89 15.51 9.28
N SER B 373 33.49 15.57 8.08
CA SER B 373 34.25 14.44 7.59
C SER B 373 35.50 14.19 8.45
N VAL B 374 36.04 15.26 9.07
CA VAL B 374 37.17 15.13 9.97
C VAL B 374 36.87 14.17 11.11
N LEU B 375 35.62 14.19 11.58
CA LEU B 375 35.20 13.23 12.59
C LEU B 375 34.82 11.93 11.93
N TYR B 376 34.07 12.02 10.83
CA TYR B 376 33.50 10.83 10.20
C TYR B 376 34.60 9.81 9.89
N ASN B 377 35.69 10.30 9.28
CA ASN B 377 36.79 9.48 8.85
C ASN B 377 37.88 9.38 9.93
N SER B 378 37.67 10.02 11.09
CA SER B 378 38.60 9.94 12.21
C SER B 378 38.77 8.48 12.66
N ALA B 379 37.70 7.68 12.51
CA ALA B 379 37.66 6.26 12.81
C ALA B 379 38.11 5.98 14.24
N SER B 380 37.97 7.00 15.11
CA SER B 380 38.30 6.84 16.52
C SER B 380 37.04 6.62 17.36
N PHE B 381 35.88 6.44 16.71
CA PHE B 381 34.59 6.38 17.40
C PHE B 381 34.01 4.98 17.32
N SER B 382 33.72 4.40 18.48
CA SER B 382 33.16 3.06 18.56
C SER B 382 31.75 2.98 17.97
N THR B 383 31.06 4.12 17.86
CA THR B 383 29.67 4.14 17.43
C THR B 383 29.38 5.50 16.81
N PHE B 384 28.63 5.51 15.70
CA PHE B 384 28.25 6.76 15.05
C PHE B 384 27.03 6.48 14.20
N LYS B 385 25.87 6.89 14.70
CA LYS B 385 24.60 6.62 14.05
C LYS B 385 23.78 7.89 14.13
N CYS B 386 22.90 8.07 13.14
CA CYS B 386 21.86 9.06 13.27
C CYS B 386 20.78 8.86 12.23
N TYR B 387 19.73 9.67 12.38
CA TYR B 387 18.42 9.34 11.85
C TYR B 387 17.86 10.58 11.16
N GLY B 388 17.57 10.43 9.87
CA GLY B 388 17.07 11.53 9.06
C GLY B 388 18.06 11.96 7.98
N VAL B 389 19.36 11.70 8.18
CA VAL B 389 20.36 12.22 7.27
C VAL B 389 21.56 11.27 7.28
N SER B 390 22.07 10.90 6.10
CA SER B 390 23.36 10.24 6.01
C SER B 390 24.48 11.23 6.33
N PRO B 391 25.59 10.76 6.93
CA PRO B 391 26.71 11.66 7.24
C PRO B 391 27.25 12.45 6.05
N THR B 392 27.48 11.71 4.95
CA THR B 392 28.10 12.29 3.78
C THR B 392 27.18 13.36 3.18
N LYS B 393 25.87 13.07 3.17
CA LYS B 393 24.88 13.98 2.62
C LYS B 393 24.70 15.19 3.53
N LEU B 394 24.93 15.03 4.85
CA LEU B 394 24.75 16.17 5.75
C LEU B 394 25.94 17.12 5.70
N ASN B 395 27.11 16.57 5.39
CA ASN B 395 28.29 17.40 5.29
C ASN B 395 28.11 18.53 4.27
N ASP B 396 27.54 18.20 3.10
CA ASP B 396 27.27 19.16 2.05
C ASP B 396 25.82 19.62 2.11
N LEU B 397 25.43 20.17 3.26
CA LEU B 397 24.07 20.67 3.44
C LEU B 397 24.06 21.75 4.50
N CYS B 398 23.14 22.72 4.35
CA CYS B 398 23.06 23.81 5.33
C CYS B 398 21.91 23.57 6.30
N PHE B 399 22.13 24.06 7.52
CA PHE B 399 21.19 23.98 8.62
C PHE B 399 21.20 25.33 9.32
N THR B 400 20.11 25.62 10.01
CA THR B 400 19.86 26.94 10.58
C THR B 400 20.25 26.98 12.06
N ASN B 401 20.03 25.88 12.79
CA ASN B 401 20.28 25.85 14.21
C ASN B 401 20.71 24.44 14.63
N VAL B 402 21.75 24.37 15.46
CA VAL B 402 22.28 23.10 15.95
C VAL B 402 22.63 23.22 17.43
N TYR B 403 22.35 22.16 18.18
CA TYR B 403 22.68 22.11 19.60
C TYR B 403 23.70 21.01 19.82
N ALA B 404 24.43 21.08 20.93
CA ALA B 404 25.44 20.10 21.29
C ALA B 404 25.24 19.74 22.77
N ASP B 405 25.02 18.45 23.01
CA ASP B 405 24.79 17.94 24.35
C ASP B 405 25.70 16.75 24.58
N SER B 406 26.15 16.58 25.82
CA SER B 406 27.13 15.55 26.13
C SER B 406 27.02 15.12 27.57
N PHE B 407 27.37 13.86 27.83
CA PHE B 407 27.36 13.29 29.16
C PHE B 407 28.15 11.99 29.14
N VAL B 408 28.07 11.21 30.23
CA VAL B 408 28.81 9.96 30.36
C VAL B 408 27.84 8.92 30.85
N ILE B 409 27.73 7.81 30.12
CA ILE B 409 26.79 6.76 30.49
C ILE B 409 27.54 5.44 30.57
N ARG B 410 26.78 4.35 30.74
CA ARG B 410 27.37 3.02 30.75
C ARG B 410 27.20 2.36 29.38
N GLY B 411 28.18 1.51 29.05
CA GLY B 411 28.25 0.85 27.76
C GLY B 411 26.99 0.06 27.46
N ASP B 412 26.63 -0.80 28.42
CA ASP B 412 25.45 -1.65 28.35
C ASP B 412 24.21 -0.85 27.94
N GLU B 413 24.16 0.42 28.34
CA GLU B 413 22.95 1.22 28.17
C GLU B 413 23.08 2.19 27.00
N VAL B 414 24.16 2.09 26.22
CA VAL B 414 24.39 3.10 25.18
C VAL B 414 23.19 3.16 24.23
N ARG B 415 22.66 1.98 23.91
CA ARG B 415 21.56 1.78 22.98
C ARG B 415 20.34 2.61 23.38
N GLN B 416 20.22 2.97 24.67
CA GLN B 416 19.06 3.68 25.15
C GLN B 416 18.99 5.09 24.55
N ILE B 417 20.12 5.61 24.05
CA ILE B 417 20.10 6.93 23.45
C ILE B 417 19.66 6.79 22.01
N ALA B 418 18.33 6.72 21.84
CA ALA B 418 17.65 6.49 20.58
C ALA B 418 16.17 6.74 20.80
N PRO B 419 15.42 7.20 19.78
CA PRO B 419 13.99 7.45 19.93
C PRO B 419 13.24 6.20 20.38
N GLY B 420 12.32 6.36 21.33
CA GLY B 420 11.46 5.30 21.81
C GLY B 420 12.22 4.10 22.40
N GLN B 421 13.15 4.41 23.33
CA GLN B 421 13.83 3.37 24.10
C GLN B 421 13.31 3.37 25.53
N THR B 422 13.64 2.31 26.29
CA THR B 422 13.30 2.23 27.70
C THR B 422 14.53 1.89 28.53
N GLY B 423 14.40 2.08 29.84
CA GLY B 423 15.47 1.85 30.80
C GLY B 423 15.67 3.04 31.73
N LYS B 424 16.64 2.89 32.65
CA LYS B 424 17.06 3.92 33.57
C LYS B 424 17.13 5.28 32.89
N ILE B 425 17.98 5.39 31.86
CA ILE B 425 18.32 6.69 31.31
C ILE B 425 17.15 7.23 30.49
N ALA B 426 16.53 6.36 29.69
CA ALA B 426 15.40 6.75 28.86
C ALA B 426 14.27 7.33 29.72
N ASP B 427 14.10 6.76 30.93
CA ASP B 427 12.99 7.15 31.77
C ASP B 427 13.33 8.40 32.59
N TYR B 428 14.51 8.44 33.22
CA TYR B 428 14.75 9.39 34.29
C TYR B 428 15.98 10.27 34.08
N ASN B 429 16.66 10.13 32.95
CA ASN B 429 17.88 10.92 32.82
C ASN B 429 17.91 11.67 31.48
N TYR B 430 17.39 11.06 30.41
CA TYR B 430 17.43 11.68 29.10
C TYR B 430 16.51 10.90 28.18
N LYS B 431 15.79 11.64 27.31
CA LYS B 431 14.87 10.99 26.39
C LYS B 431 14.77 11.79 25.10
N LEU B 432 15.38 11.24 24.04
CA LEU B 432 15.27 11.82 22.71
C LEU B 432 13.81 11.81 22.27
N PRO B 433 13.33 12.89 21.60
CA PRO B 433 12.03 12.86 20.92
C PRO B 433 12.03 11.82 19.80
N ASP B 434 10.83 11.31 19.50
CA ASP B 434 10.65 10.25 18.52
C ASP B 434 11.18 10.70 17.16
N ASP B 435 10.76 11.89 16.71
CA ASP B 435 11.11 12.41 15.40
C ASP B 435 12.49 13.07 15.47
N PHE B 436 13.45 12.36 16.05
CA PHE B 436 14.77 12.91 16.28
C PHE B 436 15.55 13.02 14.97
N THR B 437 16.10 14.21 14.74
CA THR B 437 16.77 14.52 13.49
C THR B 437 18.24 14.91 13.69
N GLY B 438 18.75 14.74 14.91
CA GLY B 438 20.12 15.06 15.23
C GLY B 438 21.08 13.93 14.85
N CYS B 439 22.21 13.84 15.56
CA CYS B 439 23.17 12.77 15.33
C CYS B 439 23.82 12.38 16.66
N VAL B 440 23.99 11.08 16.88
CA VAL B 440 24.48 10.62 18.19
C VAL B 440 25.78 9.85 18.02
N ILE B 441 26.76 10.08 18.91
CA ILE B 441 28.10 9.51 18.76
C ILE B 441 28.57 9.03 20.13
N ALA B 442 29.43 8.00 20.17
CA ALA B 442 29.97 7.50 21.42
C ALA B 442 31.29 6.78 21.17
N TRP B 443 32.23 6.90 22.10
CA TRP B 443 33.49 6.19 22.01
C TRP B 443 33.92 5.72 23.39
N ASN B 444 34.85 4.77 23.44
CA ASN B 444 35.35 4.31 24.72
C ASN B 444 36.25 5.39 25.32
N SER B 445 36.05 5.66 26.62
CA SER B 445 36.84 6.63 27.35
C SER B 445 37.34 6.02 28.67
N ASN B 446 37.57 4.71 28.66
CA ASN B 446 38.11 4.01 29.82
C ASN B 446 39.50 4.55 30.19
N ASN B 447 40.17 5.14 29.21
CA ASN B 447 41.55 5.59 29.41
C ASN B 447 41.57 7.01 30.01
N LEU B 448 40.43 7.68 30.06
CA LEU B 448 40.40 9.07 30.50
C LEU B 448 39.52 9.26 31.74
N ASP B 449 38.30 8.69 31.72
CA ASP B 449 37.29 9.02 32.71
C ASP B 449 37.31 8.04 33.88
N SER B 450 37.58 6.76 33.59
CA SER B 450 37.72 5.78 34.65
C SER B 450 38.94 6.08 35.52
N LYS B 451 38.86 5.71 36.79
CA LYS B 451 39.98 5.80 37.71
C LYS B 451 39.91 4.66 38.71
N VAL B 452 41.10 4.29 39.21
CA VAL B 452 41.25 3.27 40.24
C VAL B 452 40.38 3.62 41.44
N GLY B 453 39.86 2.57 42.08
CA GLY B 453 39.07 2.71 43.30
C GLY B 453 37.61 3.08 43.03
N GLY B 454 37.28 3.52 41.80
CA GLY B 454 35.92 3.86 41.41
C GLY B 454 35.67 5.36 41.40
N ASN B 455 35.28 5.88 40.24
CA ASN B 455 35.05 7.31 40.10
C ASN B 455 33.68 7.67 40.65
N TYR B 456 33.67 8.46 41.73
CA TYR B 456 32.42 8.84 42.37
C TYR B 456 31.88 10.18 41.86
N ASN B 457 32.17 10.54 40.60
CA ASN B 457 31.78 11.85 40.12
C ASN B 457 30.41 11.81 39.44
N TYR B 458 30.31 11.08 38.32
CA TYR B 458 29.12 11.09 37.49
C TYR B 458 27.94 10.47 38.23
N LEU B 459 26.73 10.95 37.94
CA LEU B 459 25.51 10.52 38.60
C LEU B 459 24.42 10.22 37.57
N TYR B 460 23.34 9.57 38.03
CA TYR B 460 22.17 9.32 37.20
C TYR B 460 20.94 9.18 38.08
N ARG B 461 19.84 9.75 37.62
CA ARG B 461 18.59 9.78 38.37
C ARG B 461 17.91 8.42 38.27
N LEU B 462 17.26 8.03 39.37
CA LEU B 462 16.79 6.67 39.57
C LEU B 462 15.27 6.58 39.52
N PHE B 463 14.58 7.30 40.42
CA PHE B 463 13.13 7.22 40.55
C PHE B 463 12.48 8.55 40.16
N ARG B 464 11.18 8.48 39.86
CA ARG B 464 10.34 9.65 39.64
C ARG B 464 8.89 9.21 39.59
N LYS B 465 7.98 10.18 39.74
CA LYS B 465 6.55 9.95 39.69
C LYS B 465 6.06 9.75 38.25
N SER B 466 6.85 10.24 37.29
CA SER B 466 6.40 10.26 35.90
C SER B 466 7.60 10.13 34.98
N ASN B 467 7.30 10.08 33.68
CA ASN B 467 8.30 9.99 32.63
C ASN B 467 8.85 11.38 32.31
N LEU B 468 10.07 11.41 31.79
CA LEU B 468 10.70 12.67 31.43
C LEU B 468 10.24 13.10 30.03
N LYS B 469 9.85 14.36 29.94
CA LYS B 469 9.43 14.96 28.69
C LYS B 469 10.66 15.17 27.81
N PRO B 470 10.53 15.49 26.50
CA PRO B 470 11.70 15.79 25.68
C PRO B 470 12.57 16.90 26.24
N PHE B 471 13.85 16.58 26.38
CA PHE B 471 14.89 17.51 26.83
C PHE B 471 14.63 18.05 28.23
N GLU B 472 13.79 17.36 29.00
CA GLU B 472 13.50 17.76 30.38
C GLU B 472 14.71 17.45 31.27
N ARG B 473 15.29 18.52 31.82
CA ARG B 473 16.35 18.39 32.81
C ARG B 473 15.72 18.41 34.20
N ASP B 474 16.20 17.55 35.09
CA ASP B 474 15.77 17.56 36.47
C ASP B 474 16.97 17.54 37.41
N ILE B 475 17.46 18.73 37.78
CA ILE B 475 18.59 18.83 38.70
C ILE B 475 18.16 18.64 40.15
N SER B 476 16.84 18.61 40.39
CA SER B 476 16.31 18.57 41.75
C SER B 476 16.74 17.30 42.47
N THR B 477 17.39 17.49 43.62
CA THR B 477 17.71 16.39 44.52
C THR B 477 16.66 16.27 45.63
N GLU B 478 15.45 16.76 45.36
CA GLU B 478 14.39 16.70 46.35
C GLU B 478 14.02 15.25 46.65
N ILE B 479 14.02 14.89 47.93
CA ILE B 479 13.60 13.58 48.39
C ILE B 479 12.11 13.40 48.07
N TYR B 480 11.84 12.57 47.07
CA TYR B 480 10.47 12.19 46.77
C TYR B 480 9.91 11.35 47.91
N GLN B 481 8.61 11.50 48.18
CA GLN B 481 7.95 10.85 49.29
C GLN B 481 6.85 9.94 48.77
N ALA B 482 7.15 8.63 48.75
CA ALA B 482 6.20 7.60 48.33
C ALA B 482 5.42 7.01 49.52
N GLY B 483 5.49 7.66 50.68
CA GLY B 483 4.89 7.11 51.89
C GLY B 483 3.83 8.02 52.48
N SER B 484 3.72 7.96 53.80
CA SER B 484 2.74 8.74 54.56
C SER B 484 3.44 9.71 55.50
N THR B 485 4.49 9.24 56.17
CA THR B 485 5.22 10.04 57.16
C THR B 485 5.92 11.19 56.45
N PRO B 486 6.06 12.38 57.08
CA PRO B 486 6.80 13.48 56.45
C PRO B 486 8.26 13.10 56.20
N CYS B 487 8.82 13.68 55.14
CA CYS B 487 10.18 13.38 54.70
C CYS B 487 11.19 14.28 55.44
N ASN B 488 10.97 15.60 55.37
CA ASN B 488 11.78 16.60 56.08
C ASN B 488 13.23 16.57 55.59
N GLY B 489 13.39 16.35 54.28
CA GLY B 489 14.66 16.53 53.59
C GLY B 489 15.64 15.40 53.83
N VAL B 490 15.75 14.97 55.10
CA VAL B 490 16.66 13.91 55.51
C VAL B 490 16.42 12.66 54.67
N GLU B 491 17.50 11.91 54.44
CA GLU B 491 17.45 10.66 53.71
C GLU B 491 17.00 9.55 54.67
N GLY B 492 15.97 8.78 54.26
CA GLY B 492 15.17 8.03 55.22
C GLY B 492 14.51 6.76 54.68
N PHE B 493 13.60 6.21 55.48
CA PHE B 493 12.80 5.04 55.13
C PHE B 493 11.86 5.31 53.96
N ASN B 494 11.87 6.51 53.36
CA ASN B 494 11.15 6.67 52.09
C ASN B 494 12.02 7.37 51.05
N CYS B 495 12.42 6.59 50.03
CA CYS B 495 12.85 7.10 48.74
C CYS B 495 14.00 8.10 48.90
N TYR B 496 15.19 7.54 49.08
CA TYR B 496 16.43 8.31 49.12
C TYR B 496 16.63 9.07 47.81
N PHE B 497 17.71 9.85 47.74
CA PHE B 497 18.07 10.63 46.56
C PHE B 497 17.80 9.89 45.26
N PRO B 498 17.10 10.55 44.29
CA PRO B 498 17.10 10.09 42.91
C PRO B 498 18.39 10.49 42.19
N LEU B 499 19.53 10.13 42.81
CA LEU B 499 20.84 10.42 42.27
C LEU B 499 21.82 9.39 42.81
N GLN B 500 22.48 8.69 41.89
CA GLN B 500 23.45 7.66 42.24
C GLN B 500 24.65 7.74 41.29
N SER B 501 25.84 7.42 41.82
CA SER B 501 27.09 7.46 41.06
C SER B 501 27.45 6.06 40.56
N TYR B 502 27.96 6.01 39.32
CA TYR B 502 28.55 4.81 38.76
C TYR B 502 29.72 4.35 39.62
N GLY B 503 30.21 3.13 39.37
CA GLY B 503 31.46 2.68 39.94
C GLY B 503 32.64 3.09 39.06
N PHE B 504 32.62 2.64 37.81
CA PHE B 504 33.67 2.91 36.84
C PHE B 504 35.01 2.39 37.31
N GLN B 505 35.04 1.19 37.88
CA GLN B 505 36.33 0.57 38.05
C GLN B 505 36.91 0.20 36.70
N PRO B 506 38.22 0.45 36.46
CA PRO B 506 38.82 0.12 35.16
C PRO B 506 38.84 -1.38 34.88
N THR B 507 38.77 -2.18 35.95
CA THR B 507 38.85 -3.62 35.88
C THR B 507 37.53 -4.25 35.43
N ASN B 508 36.58 -3.45 34.95
CA ASN B 508 35.27 -3.96 34.57
C ASN B 508 35.29 -4.52 33.15
N GLY B 509 34.18 -5.14 32.76
CA GLY B 509 33.97 -5.64 31.40
C GLY B 509 33.77 -4.49 30.42
N VAL B 510 33.42 -4.85 29.18
CA VAL B 510 33.23 -3.88 28.12
C VAL B 510 32.05 -2.97 28.47
N GLY B 511 30.87 -3.57 28.66
CA GLY B 511 29.64 -2.82 28.88
C GLY B 511 29.64 -2.03 30.18
N TYR B 512 30.51 -2.43 31.13
CA TYR B 512 30.58 -1.81 32.44
C TYR B 512 31.68 -0.76 32.53
N GLN B 513 31.99 -0.13 31.39
CA GLN B 513 32.97 0.94 31.36
C GLN B 513 32.36 2.16 30.70
N PRO B 514 32.71 3.37 31.18
CA PRO B 514 32.10 4.59 30.65
C PRO B 514 32.40 4.85 29.18
N TYR B 515 31.36 5.18 28.43
CA TYR B 515 31.51 5.65 27.07
C TYR B 515 30.93 7.05 26.96
N ARG B 516 31.79 8.03 26.68
CA ARG B 516 31.35 9.39 26.41
C ARG B 516 30.32 9.44 25.29
N VAL B 517 29.48 10.47 25.23
CA VAL B 517 28.44 10.57 24.22
C VAL B 517 28.21 12.04 23.90
N VAL B 518 27.97 12.36 22.62
CA VAL B 518 27.73 13.72 22.18
C VAL B 518 26.55 13.68 21.23
N VAL B 519 25.44 14.25 21.65
CA VAL B 519 24.22 14.19 20.86
C VAL B 519 24.11 15.48 20.06
N LEU B 520 24.11 15.35 18.73
CA LEU B 520 23.88 16.47 17.84
C LEU B 520 22.37 16.69 17.72
N SER B 521 21.99 17.89 17.28
CA SER B 521 20.61 18.24 16.99
C SER B 521 20.63 19.08 15.73
N PHE B 522 19.80 18.69 14.77
CA PHE B 522 19.66 19.42 13.52
C PHE B 522 18.18 19.79 13.38
N GLU B 523 17.92 21.09 13.35
CA GLU B 523 16.55 21.56 13.23
C GLU B 523 16.49 22.62 12.12
N LEU B 524 15.30 22.75 11.53
CA LEU B 524 15.08 23.68 10.44
C LEU B 524 13.91 24.59 10.79
N LEU B 525 14.11 25.89 10.53
CA LEU B 525 13.13 26.94 10.78
C LEU B 525 13.10 27.82 9.53
N HIS B 526 12.42 28.96 9.61
CA HIS B 526 12.32 29.87 8.48
C HIS B 526 13.53 30.78 8.36
N ALA B 527 14.34 30.84 9.42
CA ALA B 527 15.59 31.59 9.43
C ALA B 527 16.59 30.96 8.45
N PRO B 528 17.43 31.75 7.75
CA PRO B 528 18.42 31.17 6.84
C PRO B 528 19.43 30.29 7.58
N ALA B 529 19.95 29.32 6.83
CA ALA B 529 20.89 28.34 7.33
C ALA B 529 22.22 29.04 7.61
N THR B 530 22.65 28.96 8.87
CA THR B 530 23.87 29.65 9.28
C THR B 530 25.09 28.73 9.26
N VAL B 531 24.84 27.46 9.60
CA VAL B 531 25.90 26.47 9.74
C VAL B 531 25.98 25.69 8.43
N CYS B 532 26.71 26.24 7.46
CA CYS B 532 26.74 25.67 6.12
C CYS B 532 27.96 24.78 5.98
N GLY B 533 28.00 23.97 4.91
CA GLY B 533 29.08 23.01 4.70
C GLY B 533 30.29 23.68 4.04
N PRO B 534 31.32 22.89 3.64
CA PRO B 534 32.56 23.43 3.07
C PRO B 534 32.51 23.64 1.56
N LYS B 535 31.30 23.85 1.03
CA LYS B 535 31.07 24.00 -0.40
C LYS B 535 31.48 25.42 -0.83
N LYS B 536 31.95 25.54 -2.08
CA LYS B 536 32.34 26.83 -2.66
C LYS B 536 31.32 27.23 -3.73
N SER B 537 30.82 28.48 -3.63
CA SER B 537 29.84 29.02 -4.57
C SER B 537 30.44 29.21 -5.96
N THR B 538 29.55 29.34 -6.95
CA THR B 538 29.93 29.66 -8.32
C THR B 538 29.25 30.97 -8.69
N ASN B 539 29.59 31.48 -9.89
CA ASN B 539 28.89 32.64 -10.41
C ASN B 539 27.51 32.24 -10.91
N LEU B 540 26.60 33.22 -11.00
CA LEU B 540 25.24 32.96 -11.43
C LEU B 540 25.04 33.40 -12.87
N VAL B 541 24.40 32.52 -13.65
CA VAL B 541 24.17 32.77 -15.06
C VAL B 541 22.67 32.91 -15.33
N LYS B 542 22.31 34.05 -15.91
CA LYS B 542 20.91 34.40 -16.14
C LYS B 542 20.46 34.02 -17.54
N ASN B 543 19.16 33.71 -17.66
CA ASN B 543 18.46 33.48 -18.92
C ASN B 543 18.99 32.24 -19.66
N LYS B 544 19.47 31.26 -18.89
CA LYS B 544 19.89 29.99 -19.45
C LYS B 544 19.38 28.89 -18.52
N CYS B 545 19.12 27.70 -19.08
CA CYS B 545 18.70 26.56 -18.28
C CYS B 545 19.88 26.02 -17.49
N VAL B 546 19.77 26.07 -16.16
CA VAL B 546 20.87 25.75 -15.25
C VAL B 546 20.41 24.82 -14.13
N ASN B 547 21.38 24.14 -13.53
CA ASN B 547 21.16 23.28 -12.39
C ASN B 547 21.57 24.08 -11.16
N PHE B 548 20.60 24.57 -10.38
CA PHE B 548 20.93 25.49 -9.31
C PHE B 548 20.90 24.83 -7.94
N ASN B 549 21.64 25.47 -7.02
CA ASN B 549 21.70 25.11 -5.61
C ASN B 549 21.81 26.36 -4.73
N PHE B 550 20.70 26.75 -4.11
CA PHE B 550 20.75 27.90 -3.23
C PHE B 550 20.52 27.43 -1.79
N ASN B 551 21.56 27.50 -0.98
CA ASN B 551 21.52 27.08 0.42
C ASN B 551 20.97 25.67 0.59
N GLY B 552 21.33 24.75 -0.32
CA GLY B 552 20.87 23.36 -0.21
C GLY B 552 19.58 23.09 -0.98
N LEU B 553 18.92 24.17 -1.48
CA LEU B 553 17.69 24.04 -2.22
C LEU B 553 18.03 23.85 -3.70
N THR B 554 17.63 22.71 -4.25
CA THR B 554 18.08 22.40 -5.59
C THR B 554 16.92 22.29 -6.56
N GLY B 555 17.27 22.40 -7.84
CA GLY B 555 16.33 22.21 -8.92
C GLY B 555 16.96 22.63 -10.24
N THR B 556 16.19 22.45 -11.31
CA THR B 556 16.61 22.85 -12.63
C THR B 556 15.61 23.85 -13.17
N GLY B 557 16.13 24.93 -13.76
CA GLY B 557 15.27 25.94 -14.35
C GLY B 557 16.08 27.13 -14.81
N VAL B 558 15.40 28.09 -15.43
CA VAL B 558 16.02 29.30 -15.94
C VAL B 558 15.87 30.40 -14.89
N LEU B 559 17.00 31.04 -14.53
CA LEU B 559 17.00 32.11 -13.54
C LEU B 559 16.92 33.45 -14.24
N THR B 560 15.88 34.21 -13.93
CA THR B 560 15.70 35.52 -14.54
C THR B 560 15.46 36.55 -13.44
N GLU B 561 15.63 37.83 -13.80
CA GLU B 561 15.28 38.89 -12.87
C GLU B 561 13.77 38.93 -12.71
N SER B 562 13.32 39.44 -11.56
CA SER B 562 11.91 39.49 -11.23
C SER B 562 11.54 40.80 -10.57
N ASN B 563 10.24 41.06 -10.55
CA ASN B 563 9.69 42.23 -9.88
C ASN B 563 8.77 41.75 -8.76
N LYS B 564 9.06 40.57 -8.22
CA LYS B 564 8.33 40.08 -7.04
C LYS B 564 8.95 40.67 -5.79
N LYS B 565 8.19 41.54 -5.12
CA LYS B 565 8.75 42.28 -3.99
C LYS B 565 8.58 41.48 -2.71
N PHE B 566 9.61 40.70 -2.39
CA PHE B 566 9.66 39.93 -1.16
C PHE B 566 9.70 40.89 0.03
N LEU B 567 9.01 40.55 1.12
CA LEU B 567 9.28 41.28 2.36
C LEU B 567 10.63 40.86 2.92
N PRO B 568 11.31 41.75 3.70
CA PRO B 568 12.66 41.51 4.19
C PRO B 568 12.93 40.20 4.93
N PHE B 569 11.88 39.63 5.51
CA PHE B 569 12.01 38.40 6.28
C PHE B 569 11.76 37.17 5.40
N GLN B 570 11.30 37.39 4.17
CA GLN B 570 10.94 36.30 3.27
C GLN B 570 12.13 35.88 2.40
N GLN B 571 12.33 34.57 2.29
CA GLN B 571 13.47 34.03 1.58
C GLN B 571 13.04 33.27 0.32
N PHE B 572 11.87 32.62 0.43
CA PHE B 572 11.35 31.77 -0.61
C PHE B 572 9.95 32.21 -1.00
N GLY B 573 9.61 32.09 -2.28
CA GLY B 573 8.25 32.20 -2.79
C GLY B 573 7.79 30.83 -3.26
N ARG B 574 6.47 30.61 -3.33
CA ARG B 574 5.98 29.27 -3.63
C ARG B 574 4.83 29.31 -4.64
N ASP B 575 4.74 28.22 -5.41
CA ASP B 575 3.68 27.96 -6.37
C ASP B 575 2.59 27.14 -5.68
N ILE B 576 1.50 26.92 -6.43
CA ILE B 576 0.35 26.23 -5.90
C ILE B 576 0.75 24.79 -5.53
N ALA B 577 1.66 24.24 -6.35
CA ALA B 577 2.21 22.88 -6.24
C ALA B 577 3.15 22.72 -5.04
N ASP B 578 3.39 23.84 -4.32
CA ASP B 578 4.27 23.92 -3.16
C ASP B 578 5.73 23.86 -3.59
N THR B 579 5.97 23.96 -4.90
CA THR B 579 7.32 24.06 -5.43
C THR B 579 7.81 25.50 -5.28
N THR B 580 9.13 25.69 -5.34
CA THR B 580 9.68 27.04 -5.26
C THR B 580 9.40 27.80 -6.55
N ASP B 581 8.91 29.02 -6.39
CA ASP B 581 8.56 29.87 -7.51
C ASP B 581 9.69 30.87 -7.78
N ALA B 582 10.22 31.44 -6.69
CA ALA B 582 11.22 32.51 -6.73
C ALA B 582 12.05 32.45 -5.47
N VAL B 583 13.28 32.98 -5.58
CA VAL B 583 14.27 32.82 -4.52
C VAL B 583 15.02 34.11 -4.35
N ARG B 584 15.48 34.32 -3.13
CA ARG B 584 16.35 35.43 -2.89
C ARG B 584 17.79 34.92 -2.86
N ASP B 585 18.61 35.51 -3.73
CA ASP B 585 20.02 35.18 -3.79
C ASP B 585 20.66 35.47 -2.43
N PRO B 586 21.26 34.44 -1.79
CA PRO B 586 21.80 34.53 -0.44
C PRO B 586 23.01 35.44 -0.28
N GLN B 587 23.68 35.77 -1.40
CA GLN B 587 24.88 36.59 -1.34
C GLN B 587 24.52 38.03 -1.64
N THR B 588 23.68 38.21 -2.65
CA THR B 588 23.23 39.51 -3.11
C THR B 588 21.71 39.49 -3.12
N LEU B 589 21.13 40.38 -2.33
CA LEU B 589 19.71 40.29 -2.06
C LEU B 589 18.86 40.81 -3.23
N GLU B 590 18.77 39.98 -4.30
CA GLU B 590 17.86 40.20 -5.41
C GLU B 590 16.93 39.00 -5.53
N ILE B 591 15.77 39.22 -6.16
CA ILE B 591 14.81 38.14 -6.33
C ILE B 591 14.86 37.60 -7.76
N LEU B 592 15.03 36.28 -7.85
CA LEU B 592 15.12 35.61 -9.12
C LEU B 592 13.92 34.67 -9.32
N ASP B 593 13.29 34.80 -10.49
CA ASP B 593 12.25 33.88 -10.88
C ASP B 593 12.87 32.58 -11.38
N ILE B 594 12.21 31.47 -11.08
CA ILE B 594 12.66 30.20 -11.62
C ILE B 594 11.61 29.64 -12.58
N THR B 595 11.95 29.63 -13.87
CA THR B 595 11.04 29.05 -14.86
C THR B 595 11.62 27.73 -15.37
N PRO B 596 10.93 26.61 -15.13
CA PRO B 596 11.38 25.29 -15.59
C PRO B 596 11.56 25.30 -17.11
N CYS B 597 12.56 24.54 -17.55
CA CYS B 597 13.05 24.53 -18.91
C CYS B 597 11.99 23.96 -19.89
N SER B 598 11.96 24.53 -21.11
CA SER B 598 11.05 24.15 -22.20
C SER B 598 10.97 22.64 -22.42
N PHE B 599 9.78 22.11 -22.65
CA PHE B 599 9.59 20.69 -22.99
C PHE B 599 8.34 20.52 -23.88
N GLY B 600 8.06 19.31 -24.42
CA GLY B 600 6.81 19.14 -25.16
C GLY B 600 6.68 17.79 -25.87
N GLY B 601 5.43 17.39 -26.15
CA GLY B 601 5.15 16.09 -26.76
C GLY B 601 5.64 16.05 -28.22
N VAL B 602 5.98 14.87 -28.68
CA VAL B 602 6.39 14.71 -30.06
C VAL B 602 5.46 13.74 -30.79
N SER B 603 4.92 14.23 -31.91
CA SER B 603 4.10 13.41 -32.79
C SER B 603 4.81 13.13 -34.12
N VAL B 604 4.62 11.91 -34.63
CA VAL B 604 5.16 11.60 -35.94
C VAL B 604 4.03 11.32 -36.91
N ILE B 605 4.05 12.06 -38.02
CA ILE B 605 2.99 12.04 -38.99
C ILE B 605 3.43 11.17 -40.13
N THR B 606 2.70 10.08 -40.36
CA THR B 606 3.22 9.12 -41.32
C THR B 606 2.12 8.49 -42.17
N PRO B 607 2.36 8.35 -43.48
CA PRO B 607 1.50 7.48 -44.32
C PRO B 607 1.98 6.08 -43.94
N GLY B 608 1.15 5.06 -44.15
CA GLY B 608 1.53 3.71 -43.73
C GLY B 608 2.87 3.29 -44.36
N THR B 609 3.64 2.50 -43.61
CA THR B 609 4.94 2.00 -44.05
C THR B 609 4.84 1.05 -45.25
N ASN B 610 3.61 0.63 -45.59
CA ASN B 610 3.30 -0.19 -46.74
C ASN B 610 3.39 0.66 -48.02
N THR B 611 3.50 1.98 -47.87
CA THR B 611 3.52 2.96 -48.95
C THR B 611 4.87 3.68 -48.99
N SER B 612 5.32 4.20 -47.84
CA SER B 612 6.54 4.98 -47.78
C SER B 612 7.16 4.97 -46.37
N ASN B 613 8.49 5.13 -46.35
CA ASN B 613 9.22 5.18 -45.09
C ASN B 613 9.48 6.61 -44.63
N GLN B 614 8.87 7.56 -45.30
CA GLN B 614 9.19 8.95 -45.05
C GLN B 614 8.20 9.52 -44.03
N VAL B 615 8.69 10.40 -43.16
CA VAL B 615 7.82 10.91 -42.09
C VAL B 615 7.93 12.43 -41.89
N ALA B 616 6.95 13.06 -41.21
CA ALA B 616 7.08 14.45 -40.75
C ALA B 616 6.95 14.52 -39.23
N VAL B 617 7.66 15.46 -38.56
CA VAL B 617 7.66 15.45 -37.11
C VAL B 617 7.08 16.74 -36.51
N LEU B 618 6.15 16.59 -35.58
CA LEU B 618 5.52 17.75 -34.96
C LEU B 618 5.99 17.83 -33.51
N TYR B 619 6.56 18.99 -33.21
CA TYR B 619 6.94 19.27 -31.84
C TYR B 619 5.83 20.09 -31.20
N GLN B 620 5.12 19.45 -30.27
CA GLN B 620 3.89 20.03 -29.76
C GLN B 620 4.20 21.22 -28.87
N ASP B 621 3.48 22.31 -29.14
CA ASP B 621 3.33 23.40 -28.20
C ASP B 621 4.69 24.05 -27.95
N VAL B 622 5.51 24.12 -28.99
CA VAL B 622 6.78 24.82 -28.89
C VAL B 622 6.92 25.72 -30.10
N ASN B 623 7.90 26.60 -30.03
CA ASN B 623 8.27 27.45 -31.14
C ASN B 623 9.38 26.77 -31.94
N CYS B 624 9.50 27.12 -33.24
CA CYS B 624 10.55 26.60 -34.11
C CYS B 624 11.87 27.32 -33.84
N THR B 625 12.36 27.16 -32.60
CA THR B 625 13.53 27.83 -32.05
C THR B 625 14.39 26.81 -31.33
N GLU B 626 13.92 26.32 -30.16
CA GLU B 626 14.58 25.34 -29.28
C GLU B 626 14.98 24.07 -30.06
N VAL B 627 14.12 23.71 -31.02
CA VAL B 627 14.17 22.46 -31.77
C VAL B 627 15.41 22.51 -32.66
N ASN B 648 12.48 23.44 -44.54
CA ASN B 648 11.18 22.71 -44.68
C ASN B 648 10.46 22.72 -43.33
N VAL B 649 10.23 23.93 -42.77
CA VAL B 649 9.73 24.09 -41.41
C VAL B 649 8.51 25.02 -41.38
N PHE B 650 7.40 24.52 -40.81
CA PHE B 650 6.16 25.26 -40.83
C PHE B 650 5.64 25.43 -39.39
N GLN B 651 5.53 26.69 -38.97
CA GLN B 651 5.04 26.97 -37.63
C GLN B 651 3.52 27.01 -37.64
N THR B 652 2.91 26.17 -36.80
CA THR B 652 1.46 26.10 -36.70
C THR B 652 1.07 26.30 -35.25
N ARG B 653 -0.24 26.41 -35.02
CA ARG B 653 -0.71 26.60 -33.67
C ARG B 653 -0.60 25.31 -32.86
N ALA B 654 -0.26 24.22 -33.55
CA ALA B 654 -0.19 22.92 -32.92
C ALA B 654 1.23 22.71 -32.37
N GLY B 655 2.16 23.57 -32.77
CA GLY B 655 3.57 23.28 -32.56
C GLY B 655 4.38 23.50 -33.83
N CYS B 656 5.65 23.08 -33.81
CA CYS B 656 6.57 23.22 -34.92
C CYS B 656 6.59 21.96 -35.80
N LEU B 657 6.14 22.08 -37.07
CA LEU B 657 6.00 20.94 -37.98
C LEU B 657 7.18 20.90 -38.94
N ILE B 658 7.97 19.83 -38.89
CA ILE B 658 9.17 19.75 -39.71
C ILE B 658 9.14 18.55 -40.63
N GLY B 659 9.43 18.81 -41.91
CA GLY B 659 9.45 17.72 -42.86
C GLY B 659 8.28 17.77 -43.85
N ALA B 660 7.24 18.53 -43.51
CA ALA B 660 6.09 18.65 -44.40
C ALA B 660 6.25 19.92 -45.25
N GLU B 661 5.96 19.83 -46.54
CA GLU B 661 5.97 21.03 -47.37
C GLU B 661 4.63 21.79 -47.26
N HIS B 662 4.75 23.11 -47.17
CA HIS B 662 3.55 23.91 -47.01
C HIS B 662 2.95 24.23 -48.38
N VAL B 663 1.68 23.89 -48.59
CA VAL B 663 0.99 24.06 -49.87
C VAL B 663 -0.19 25.04 -49.74
N ASN B 664 -0.38 25.91 -50.74
CA ASN B 664 -1.51 26.83 -50.86
C ASN B 664 -2.89 26.21 -51.17
N ASN B 665 -2.96 25.07 -51.87
CA ASN B 665 -4.23 24.47 -52.26
C ASN B 665 -4.91 23.77 -51.09
N SER B 666 -6.22 23.97 -50.91
CA SER B 666 -6.93 23.25 -49.85
C SER B 666 -7.41 21.91 -50.36
N TYR B 667 -7.62 20.96 -49.43
CA TYR B 667 -8.15 19.66 -49.82
C TYR B 667 -9.00 19.14 -48.69
N GLU B 668 -9.60 17.95 -48.92
CA GLU B 668 -10.30 17.24 -47.86
C GLU B 668 -9.27 16.71 -46.87
N CYS B 669 -9.65 16.73 -45.60
CA CYS B 669 -8.73 16.34 -44.54
C CYS B 669 -8.38 14.85 -44.66
N ASP B 670 -7.08 14.55 -44.45
CA ASP B 670 -6.52 13.20 -44.46
C ASP B 670 -5.99 12.81 -43.09
N ILE B 671 -4.74 13.21 -42.79
CA ILE B 671 -4.22 13.04 -41.45
C ILE B 671 -4.29 14.39 -40.74
N PRO B 672 -5.17 14.52 -39.73
CA PRO B 672 -5.42 15.82 -39.08
C PRO B 672 -4.28 16.17 -38.10
N ILE B 673 -3.89 17.44 -38.11
CA ILE B 673 -2.84 17.90 -37.22
C ILE B 673 -3.44 18.76 -36.14
N GLY B 674 -4.28 19.72 -36.53
CA GLY B 674 -4.91 20.56 -35.51
C GLY B 674 -5.01 22.01 -35.98
N ALA B 675 -5.98 22.72 -35.40
CA ALA B 675 -6.40 24.09 -35.70
C ALA B 675 -6.58 24.33 -37.20
N GLY B 676 -7.27 23.40 -37.89
CA GLY B 676 -7.63 23.55 -39.29
C GLY B 676 -6.52 23.14 -40.25
N ILE B 677 -5.43 22.54 -39.73
CA ILE B 677 -4.32 22.04 -40.55
C ILE B 677 -4.40 20.52 -40.63
N CYS B 678 -4.33 20.01 -41.87
CA CYS B 678 -4.22 18.57 -42.12
C CYS B 678 -3.00 18.33 -43.01
N ALA B 679 -2.49 17.07 -43.00
CA ALA B 679 -1.36 16.63 -43.82
C ALA B 679 -1.73 15.44 -44.68
N SER B 680 -1.02 15.28 -45.82
CA SER B 680 -1.19 14.13 -46.68
C SER B 680 0.05 13.82 -47.51
N TYR B 681 0.08 12.64 -48.14
CA TYR B 681 1.23 12.17 -48.91
C TYR B 681 0.85 12.17 -50.38
N GLN B 682 1.41 13.14 -51.11
CA GLN B 682 0.93 13.42 -52.46
C GLN B 682 2.12 13.88 -53.32
N THR B 683 1.88 13.93 -54.64
CA THR B 683 2.83 14.42 -55.62
C THR B 683 2.63 15.94 -55.82
N SER B 696 8.53 10.99 -56.23
CA SER B 696 7.69 12.16 -56.64
C SER B 696 6.76 12.59 -55.51
N GLN B 697 6.41 11.66 -54.63
CA GLN B 697 5.48 11.90 -53.53
C GLN B 697 6.24 12.42 -52.30
N SER B 698 5.59 13.28 -51.52
CA SER B 698 6.13 13.78 -50.26
C SER B 698 5.01 14.21 -49.33
N ILE B 699 5.38 14.49 -48.08
CA ILE B 699 4.35 14.90 -47.15
C ILE B 699 4.12 16.40 -47.28
N ILE B 700 2.84 16.81 -47.36
CA ILE B 700 2.45 18.21 -47.50
C ILE B 700 1.46 18.58 -46.39
N ALA B 701 1.34 19.89 -46.14
CA ALA B 701 0.45 20.40 -45.10
C ALA B 701 -0.33 21.58 -45.66
N TYR B 702 -1.62 21.71 -45.29
CA TYR B 702 -2.51 22.74 -45.86
C TYR B 702 -3.67 22.99 -44.89
N THR B 703 -4.37 24.12 -45.15
CA THR B 703 -5.60 24.42 -44.44
C THR B 703 -6.75 23.72 -45.11
N MET B 704 -7.52 22.96 -44.31
CA MET B 704 -8.50 22.03 -44.86
C MET B 704 -9.70 22.74 -45.48
N SER B 705 -10.22 22.20 -46.59
CA SER B 705 -11.44 22.71 -47.23
C SER B 705 -12.68 22.26 -46.45
N LEU B 706 -13.73 23.10 -46.45
CA LEU B 706 -14.98 22.66 -45.84
C LEU B 706 -15.91 22.11 -46.90
N GLY B 707 -15.55 22.26 -48.17
CA GLY B 707 -16.44 21.81 -49.22
C GLY B 707 -16.66 22.85 -50.32
N ALA B 708 -17.47 22.46 -51.32
CA ALA B 708 -17.57 23.22 -52.57
C ALA B 708 -18.54 24.38 -52.37
N GLU B 709 -18.22 25.54 -52.93
CA GLU B 709 -19.00 26.75 -52.74
C GLU B 709 -20.09 26.80 -53.82
N ASN B 710 -21.32 27.19 -53.42
CA ASN B 710 -22.48 27.06 -54.30
C ASN B 710 -23.59 28.07 -54.01
N SER B 711 -23.68 29.15 -54.78
CA SER B 711 -24.73 30.14 -54.55
C SER B 711 -26.07 29.65 -55.11
N VAL B 712 -27.16 29.83 -54.35
CA VAL B 712 -28.49 29.45 -54.82
C VAL B 712 -29.19 30.70 -55.33
N ALA B 713 -29.65 30.69 -56.58
CA ALA B 713 -30.44 31.73 -57.24
C ALA B 713 -31.84 31.90 -56.66
N TYR B 714 -32.03 32.78 -55.69
CA TYR B 714 -33.31 33.04 -55.03
C TYR B 714 -33.99 34.23 -55.69
N SER B 715 -35.30 34.15 -55.93
CA SER B 715 -36.07 35.25 -56.52
C SER B 715 -37.47 35.19 -55.96
N ASN B 716 -38.17 36.33 -55.91
CA ASN B 716 -39.51 36.33 -55.34
C ASN B 716 -40.60 35.58 -56.14
N ASN B 717 -40.35 35.13 -57.38
CA ASN B 717 -41.37 34.43 -58.17
C ASN B 717 -40.81 33.27 -59.01
N SER B 718 -39.79 32.58 -58.49
CA SER B 718 -39.22 31.48 -59.26
C SER B 718 -39.13 30.18 -58.44
N ILE B 719 -39.51 29.04 -59.03
CA ILE B 719 -39.42 27.75 -58.34
C ILE B 719 -38.70 26.71 -59.20
N ALA B 720 -37.87 25.82 -58.62
CA ALA B 720 -37.32 24.73 -59.40
C ALA B 720 -38.03 23.41 -59.13
N ILE B 721 -38.53 22.74 -60.15
CA ILE B 721 -39.32 21.54 -59.91
C ILE B 721 -38.67 20.38 -60.64
N PRO B 722 -38.38 19.28 -59.92
CA PRO B 722 -37.66 18.17 -60.51
C PRO B 722 -38.62 17.45 -61.46
N THR B 723 -38.02 16.99 -62.56
CA THR B 723 -38.71 16.27 -63.63
C THR B 723 -38.45 14.75 -63.64
N ASN B 724 -37.41 14.28 -62.93
CA ASN B 724 -37.13 12.84 -62.85
C ASN B 724 -36.55 12.56 -61.46
N PHE B 725 -36.30 11.27 -61.12
CA PHE B 725 -35.80 10.82 -59.81
C PHE B 725 -34.97 9.53 -59.89
N THR B 726 -34.29 9.20 -58.78
CA THR B 726 -33.54 7.95 -58.69
C THR B 726 -33.79 7.21 -57.36
N ILE B 727 -33.68 5.88 -57.42
CA ILE B 727 -33.83 5.06 -56.23
C ILE B 727 -32.44 4.67 -55.76
N SER B 728 -32.06 5.00 -54.53
CA SER B 728 -30.70 4.69 -54.09
C SER B 728 -30.66 3.80 -52.85
N VAL B 729 -29.55 3.07 -52.63
CA VAL B 729 -29.54 2.01 -51.60
C VAL B 729 -28.25 2.04 -50.77
N THR B 730 -28.34 2.05 -49.44
CA THR B 730 -27.27 2.62 -48.65
C THR B 730 -27.08 1.71 -47.47
N THR B 731 -25.88 1.70 -46.88
CA THR B 731 -25.54 0.73 -45.86
C THR B 731 -25.26 1.41 -44.51
N GLU B 732 -26.00 1.01 -43.47
CA GLU B 732 -25.81 1.54 -42.13
C GLU B 732 -25.37 0.42 -41.17
N ILE B 733 -24.30 0.62 -40.39
CA ILE B 733 -23.77 -0.48 -39.59
C ILE B 733 -23.79 -0.17 -38.11
N LEU B 734 -24.24 -1.10 -37.27
CA LEU B 734 -24.31 -0.87 -35.83
C LEU B 734 -23.78 -2.06 -35.07
N PRO B 735 -22.95 -1.87 -34.04
CA PRO B 735 -22.72 -2.92 -33.02
C PRO B 735 -23.94 -3.19 -32.15
N VAL B 736 -24.07 -4.46 -31.76
CA VAL B 736 -25.11 -4.89 -30.83
C VAL B 736 -24.51 -5.42 -29.53
N SER B 737 -23.38 -6.13 -29.61
CA SER B 737 -22.98 -6.93 -28.46
C SER B 737 -21.48 -6.94 -28.32
N MET B 738 -20.96 -7.53 -27.22
CA MET B 738 -19.52 -7.72 -27.04
C MET B 738 -19.20 -9.09 -26.41
N THR B 739 -17.96 -9.58 -26.49
CA THR B 739 -17.63 -10.90 -25.95
C THR B 739 -17.80 -11.03 -24.44
N LYS B 740 -18.48 -12.10 -24.02
CA LYS B 740 -18.76 -12.39 -22.61
C LYS B 740 -17.57 -13.04 -21.88
N THR B 741 -16.58 -12.24 -21.50
CA THR B 741 -15.49 -12.77 -20.69
C THR B 741 -15.92 -13.01 -19.25
N SER B 742 -15.16 -13.85 -18.54
CA SER B 742 -15.37 -14.12 -17.13
C SER B 742 -14.07 -14.50 -16.43
N VAL B 743 -13.81 -13.98 -15.23
CA VAL B 743 -12.50 -14.16 -14.61
C VAL B 743 -12.61 -14.71 -13.19
N ASP B 744 -11.79 -15.71 -12.90
CA ASP B 744 -11.63 -16.21 -11.54
C ASP B 744 -10.63 -15.34 -10.78
N CYS B 745 -11.16 -14.43 -9.92
CA CYS B 745 -10.34 -13.44 -9.22
C CYS B 745 -9.26 -14.08 -8.33
N THR B 746 -9.60 -15.22 -7.71
CA THR B 746 -8.72 -15.89 -6.76
C THR B 746 -7.55 -16.56 -7.51
N MET B 747 -7.91 -17.26 -8.58
CA MET B 747 -6.92 -18.02 -9.31
C MET B 747 -5.93 -17.06 -9.98
N TYR B 748 -6.43 -15.91 -10.44
CA TYR B 748 -5.58 -14.96 -11.13
C TYR B 748 -4.53 -14.44 -10.16
N ILE B 749 -4.98 -14.02 -8.95
CA ILE B 749 -4.12 -13.41 -7.93
C ILE B 749 -3.15 -14.40 -7.28
N CYS B 750 -3.65 -15.55 -6.79
CA CYS B 750 -2.88 -16.49 -5.98
C CYS B 750 -3.02 -17.88 -6.56
N GLY B 751 -2.59 -18.09 -7.80
CA GLY B 751 -2.85 -19.37 -8.44
C GLY B 751 -2.19 -20.54 -7.72
N ASP B 752 -3.04 -21.45 -7.21
CA ASP B 752 -2.64 -22.73 -6.62
C ASP B 752 -1.61 -22.57 -5.50
N SER B 753 -1.80 -21.54 -4.68
CA SER B 753 -0.96 -21.34 -3.51
C SER B 753 -1.83 -21.11 -2.28
N THR B 754 -1.66 -22.01 -1.30
CA THR B 754 -2.44 -21.93 -0.08
C THR B 754 -2.04 -20.72 0.78
N GLU B 755 -0.74 -20.45 0.81
CA GLU B 755 -0.20 -19.35 1.60
C GLU B 755 -0.73 -18.01 1.10
N CYS B 756 -0.74 -17.83 -0.23
CA CYS B 756 -1.26 -16.63 -0.88
C CYS B 756 -2.77 -16.48 -0.66
N SER B 757 -3.53 -17.57 -0.84
CA SER B 757 -4.97 -17.58 -0.65
C SER B 757 -5.38 -17.08 0.75
N ASN B 758 -4.69 -17.60 1.76
CA ASN B 758 -4.99 -17.21 3.13
C ASN B 758 -4.79 -15.70 3.37
N LEU B 759 -3.77 -15.14 2.70
CA LEU B 759 -3.55 -13.71 2.83
C LEU B 759 -4.66 -12.95 2.10
N LEU B 760 -5.06 -13.50 0.94
CA LEU B 760 -6.10 -12.86 0.13
C LEU B 760 -7.40 -12.68 0.91
N LEU B 761 -7.70 -13.67 1.77
CA LEU B 761 -8.93 -13.68 2.56
C LEU B 761 -9.13 -12.44 3.44
N GLN B 762 -8.01 -11.81 3.77
CA GLN B 762 -8.05 -10.71 4.71
C GLN B 762 -8.63 -9.45 4.08
N TYR B 763 -8.94 -9.50 2.79
CA TYR B 763 -9.46 -8.32 2.13
C TYR B 763 -11.01 -8.36 2.02
N GLY B 764 -11.59 -9.35 2.69
CA GLY B 764 -13.02 -9.59 2.60
C GLY B 764 -13.53 -9.93 1.19
N SER B 765 -14.52 -9.15 0.76
CA SER B 765 -15.35 -9.43 -0.42
C SER B 765 -14.77 -8.78 -1.68
N PHE B 766 -13.55 -8.23 -1.55
CA PHE B 766 -12.87 -7.59 -2.68
C PHE B 766 -12.89 -8.51 -3.90
N CYS B 767 -12.81 -9.82 -3.64
CA CYS B 767 -12.72 -10.82 -4.70
C CYS B 767 -14.09 -11.03 -5.37
N THR B 768 -15.07 -11.48 -4.59
CA THR B 768 -16.41 -11.87 -5.06
C THR B 768 -17.20 -10.76 -5.74
N GLN B 769 -16.97 -9.51 -5.32
CA GLN B 769 -17.76 -8.45 -5.92
C GLN B 769 -17.31 -8.19 -7.35
N LEU B 770 -16.08 -8.64 -7.70
CA LEU B 770 -15.58 -8.50 -9.06
C LEU B 770 -16.23 -9.53 -9.97
N ASN B 771 -16.36 -10.73 -9.39
CA ASN B 771 -16.99 -11.81 -10.12
C ASN B 771 -18.43 -11.40 -10.46
N ARG B 772 -19.05 -10.69 -9.52
CA ARG B 772 -20.44 -10.29 -9.68
C ARG B 772 -20.57 -9.27 -10.80
N ALA B 773 -19.68 -8.28 -10.81
CA ALA B 773 -19.78 -7.18 -11.77
C ALA B 773 -19.69 -7.72 -13.20
N LEU B 774 -18.75 -8.67 -13.40
CA LEU B 774 -18.49 -9.20 -14.72
C LEU B 774 -19.71 -9.98 -15.18
N THR B 775 -20.36 -10.66 -14.22
CA THR B 775 -21.54 -11.45 -14.53
C THR B 775 -22.67 -10.58 -15.07
N GLY B 776 -22.84 -9.43 -14.43
CA GLY B 776 -23.84 -8.48 -14.86
C GLY B 776 -23.72 -8.13 -16.34
N ILE B 777 -22.47 -7.86 -16.72
CA ILE B 777 -22.20 -7.52 -18.11
C ILE B 777 -22.60 -8.68 -19.00
N ALA B 778 -22.14 -9.89 -18.62
CA ALA B 778 -22.30 -11.06 -19.48
C ALA B 778 -23.77 -11.30 -19.79
N VAL B 779 -24.60 -11.10 -18.79
CA VAL B 779 -26.02 -11.32 -19.01
C VAL B 779 -26.63 -10.31 -19.97
N GLU B 780 -26.28 -9.03 -19.82
CA GLU B 780 -26.96 -8.03 -20.62
C GLU B 780 -26.61 -8.21 -22.09
N GLN B 781 -25.49 -8.90 -22.35
CA GLN B 781 -25.08 -9.14 -23.72
C GLN B 781 -26.14 -9.91 -24.51
N ASP B 782 -26.78 -10.87 -23.83
CA ASP B 782 -27.83 -11.65 -24.48
C ASP B 782 -29.14 -10.89 -24.54
N LYS B 783 -29.35 -10.05 -23.52
CA LYS B 783 -30.50 -9.19 -23.58
C LYS B 783 -30.49 -8.25 -24.78
N ASN B 784 -29.30 -7.70 -25.07
CA ASN B 784 -29.13 -6.78 -26.18
C ASN B 784 -29.60 -7.45 -27.47
N THR B 785 -29.10 -8.67 -27.65
CA THR B 785 -29.36 -9.34 -28.89
C THR B 785 -30.85 -9.59 -29.08
N GLN B 786 -31.49 -9.93 -27.98
CA GLN B 786 -32.89 -10.32 -28.03
C GLN B 786 -33.77 -9.14 -28.46
N GLU B 787 -33.46 -7.96 -27.90
CA GLU B 787 -34.21 -6.74 -28.13
C GLU B 787 -34.18 -6.33 -29.60
N VAL B 788 -33.04 -6.51 -30.28
CA VAL B 788 -32.86 -6.12 -31.68
C VAL B 788 -33.54 -7.14 -32.60
N PHE B 789 -33.27 -8.46 -32.43
CA PHE B 789 -33.66 -9.43 -33.43
C PHE B 789 -35.00 -10.11 -33.21
N ALA B 790 -35.42 -10.35 -31.96
CA ALA B 790 -36.62 -11.16 -31.74
C ALA B 790 -37.84 -10.24 -31.69
N GLN B 791 -38.19 -9.65 -32.83
CA GLN B 791 -39.12 -8.54 -32.90
C GLN B 791 -40.46 -9.06 -33.45
N VAL B 792 -40.38 -10.29 -33.99
CA VAL B 792 -41.47 -10.89 -34.72
C VAL B 792 -41.82 -12.17 -33.98
N LYS B 793 -43.12 -12.35 -33.78
CA LYS B 793 -43.68 -13.41 -32.95
C LYS B 793 -43.75 -14.72 -33.73
N GLN B 794 -43.71 -14.63 -35.05
CA GLN B 794 -43.93 -15.77 -35.93
C GLN B 794 -42.82 -15.86 -36.96
N ILE B 795 -42.48 -17.07 -37.32
CA ILE B 795 -41.42 -17.23 -38.28
C ILE B 795 -42.05 -17.42 -39.66
N TYR B 796 -42.03 -16.37 -40.49
CA TYR B 796 -42.75 -16.35 -41.76
C TYR B 796 -41.72 -16.79 -42.74
N LYS B 797 -42.16 -17.38 -43.86
CA LYS B 797 -41.19 -17.74 -44.87
C LYS B 797 -41.75 -17.47 -46.24
N THR B 798 -40.82 -17.19 -47.18
CA THR B 798 -41.15 -16.66 -48.49
C THR B 798 -41.80 -17.75 -49.31
N PRO B 799 -42.64 -17.36 -50.28
CA PRO B 799 -43.26 -18.31 -51.19
C PRO B 799 -42.20 -18.87 -52.15
N PRO B 800 -42.47 -20.04 -52.74
CA PRO B 800 -41.55 -20.70 -53.68
C PRO B 800 -41.39 -19.92 -54.99
N ILE B 801 -42.37 -19.05 -55.26
CA ILE B 801 -42.37 -18.30 -56.50
C ILE B 801 -42.04 -16.85 -56.18
N LYS B 802 -40.94 -16.39 -56.79
CA LYS B 802 -40.42 -15.06 -56.54
C LYS B 802 -40.97 -14.06 -57.56
N ASP B 803 -42.30 -13.94 -57.63
CA ASP B 803 -42.93 -13.06 -58.61
C ASP B 803 -43.23 -11.68 -58.02
N PHE B 804 -42.18 -10.90 -57.75
CA PHE B 804 -42.30 -9.64 -57.03
C PHE B 804 -42.21 -8.41 -57.93
N GLY B 805 -42.88 -8.52 -59.10
CA GLY B 805 -43.13 -7.47 -60.08
C GLY B 805 -41.87 -6.82 -60.65
N GLY B 806 -40.78 -7.58 -60.78
CA GLY B 806 -39.59 -7.03 -61.38
C GLY B 806 -38.48 -6.85 -60.35
N PHE B 807 -38.83 -6.81 -59.08
CA PHE B 807 -37.81 -6.50 -58.10
C PHE B 807 -37.10 -7.80 -57.76
N ASN B 808 -35.77 -7.80 -57.86
CA ASN B 808 -34.99 -9.01 -57.57
C ASN B 808 -34.50 -9.02 -56.11
N PHE B 809 -34.86 -10.06 -55.28
CA PHE B 809 -34.49 -10.11 -53.85
C PHE B 809 -33.42 -11.16 -53.47
N SER B 810 -32.79 -11.69 -54.51
CA SER B 810 -32.04 -12.93 -54.39
C SER B 810 -30.75 -12.79 -53.58
N GLN B 811 -30.24 -11.58 -53.40
CA GLN B 811 -28.95 -11.47 -52.72
C GLN B 811 -29.13 -11.21 -51.23
N ILE B 812 -30.38 -11.04 -50.80
CA ILE B 812 -30.67 -10.65 -49.42
C ILE B 812 -31.48 -11.74 -48.75
N LEU B 813 -32.15 -12.57 -49.55
CA LEU B 813 -32.89 -13.72 -49.03
C LEU B 813 -31.93 -14.91 -48.83
N PRO B 814 -32.32 -15.92 -48.00
CA PRO B 814 -31.39 -16.97 -47.62
C PRO B 814 -31.07 -17.91 -48.78
N ASP B 815 -29.86 -18.49 -48.69
CA ASP B 815 -29.36 -19.46 -49.65
C ASP B 815 -29.53 -20.88 -49.12
N PRO B 816 -30.49 -21.66 -49.70
CA PRO B 816 -30.80 -23.05 -49.30
C PRO B 816 -29.67 -24.07 -49.33
N SER B 817 -28.63 -23.77 -50.10
CA SER B 817 -27.55 -24.69 -50.41
C SER B 817 -26.44 -24.66 -49.34
N LYS B 818 -26.52 -23.71 -48.42
CA LYS B 818 -25.46 -23.52 -47.44
C LYS B 818 -25.72 -24.35 -46.18
N PRO B 819 -24.64 -24.73 -45.44
CA PRO B 819 -24.78 -25.42 -44.15
C PRO B 819 -25.40 -24.55 -43.06
N SER B 820 -25.38 -23.24 -43.29
CA SER B 820 -26.11 -22.29 -42.49
C SER B 820 -26.81 -21.39 -43.50
N LYS B 821 -28.12 -21.26 -43.39
CA LYS B 821 -28.88 -20.64 -44.45
C LYS B 821 -28.78 -19.11 -44.39
N ARG B 822 -27.64 -18.62 -44.88
CA ARG B 822 -27.35 -17.20 -44.88
C ARG B 822 -27.56 -16.69 -46.30
N SER B 823 -27.83 -15.39 -46.48
CA SER B 823 -27.90 -14.83 -47.81
C SER B 823 -26.46 -14.66 -48.31
N PHE B 824 -26.35 -14.37 -49.61
CA PHE B 824 -25.08 -14.05 -50.24
C PHE B 824 -24.36 -12.90 -49.54
N ILE B 825 -25.10 -11.81 -49.32
CA ILE B 825 -24.48 -10.65 -48.70
C ILE B 825 -24.14 -10.91 -47.23
N GLU B 826 -24.96 -11.70 -46.50
CA GLU B 826 -24.54 -12.08 -45.14
C GLU B 826 -23.16 -12.78 -45.13
N ASP B 827 -22.93 -13.65 -46.11
CA ASP B 827 -21.65 -14.34 -46.20
C ASP B 827 -20.47 -13.40 -46.39
N LEU B 828 -20.68 -12.37 -47.21
CA LEU B 828 -19.61 -11.40 -47.36
C LEU B 828 -19.30 -10.73 -46.03
N LEU B 829 -20.33 -10.49 -45.21
CA LEU B 829 -20.14 -9.71 -43.99
C LEU B 829 -19.36 -10.56 -43.01
N PHE B 830 -19.64 -11.89 -43.00
CA PHE B 830 -19.03 -12.79 -42.03
C PHE B 830 -17.58 -13.01 -42.40
N ASN B 831 -17.25 -12.78 -43.68
CA ASN B 831 -15.88 -12.94 -44.15
C ASN B 831 -15.06 -11.65 -44.10
N LYS B 832 -15.61 -10.59 -43.51
CA LYS B 832 -14.85 -9.34 -43.41
C LYS B 832 -14.42 -9.08 -41.97
N VAL B 833 -15.22 -9.50 -40.98
CA VAL B 833 -14.86 -9.20 -39.61
C VAL B 833 -14.08 -10.38 -39.07
N THR B 834 -12.92 -10.10 -38.46
CA THR B 834 -11.99 -11.09 -37.92
C THR B 834 -11.87 -10.97 -36.38
N LYS B 861 -6.06 -16.91 -20.57
CA LYS B 861 -5.77 -18.25 -21.15
C LYS B 861 -5.96 -19.32 -20.09
N PHE B 862 -4.90 -19.51 -19.28
CA PHE B 862 -4.89 -20.46 -18.18
C PHE B 862 -4.65 -19.71 -16.89
N ASN B 863 -5.04 -18.43 -16.85
CA ASN B 863 -4.88 -17.64 -15.64
C ASN B 863 -6.26 -17.33 -15.04
N GLY B 864 -7.20 -18.25 -15.32
CA GLY B 864 -8.57 -18.20 -14.80
C GLY B 864 -9.48 -17.32 -15.66
N LEU B 865 -8.98 -17.03 -16.87
CA LEU B 865 -9.66 -16.10 -17.77
C LEU B 865 -10.37 -16.92 -18.85
N THR B 866 -11.71 -16.92 -18.88
CA THR B 866 -12.43 -17.77 -19.83
C THR B 866 -13.47 -16.98 -20.60
N VAL B 867 -14.06 -17.61 -21.62
CA VAL B 867 -15.09 -16.95 -22.41
C VAL B 867 -16.36 -17.80 -22.52
N LEU B 868 -17.50 -17.17 -22.22
CA LEU B 868 -18.77 -17.86 -22.27
C LEU B 868 -19.36 -17.68 -23.67
N PRO B 869 -20.07 -18.69 -24.20
CA PRO B 869 -20.76 -18.57 -25.48
C PRO B 869 -22.00 -17.71 -25.38
N PRO B 870 -22.50 -17.17 -26.52
CA PRO B 870 -23.77 -16.46 -26.57
C PRO B 870 -24.93 -17.47 -26.51
N LEU B 871 -26.11 -16.98 -26.13
CA LEU B 871 -27.27 -17.84 -26.08
C LEU B 871 -27.75 -18.18 -27.48
N LEU B 872 -27.93 -17.18 -28.34
CA LEU B 872 -28.49 -17.55 -29.64
C LEU B 872 -27.36 -17.75 -30.66
N THR B 873 -27.42 -18.87 -31.38
CA THR B 873 -26.41 -19.19 -32.37
C THR B 873 -26.56 -18.35 -33.65
N ASP B 874 -25.49 -18.27 -34.47
CA ASP B 874 -25.52 -17.56 -35.74
C ASP B 874 -26.69 -17.98 -36.63
N GLU B 875 -26.98 -19.28 -36.61
CA GLU B 875 -28.08 -19.86 -37.37
C GLU B 875 -29.43 -19.30 -36.89
N MET B 876 -29.58 -19.12 -35.58
CA MET B 876 -30.85 -18.69 -35.08
C MET B 876 -31.04 -17.21 -35.42
N ILE B 877 -29.94 -16.44 -35.35
CA ILE B 877 -30.09 -15.04 -35.72
C ILE B 877 -30.50 -14.94 -37.20
N ALA B 878 -29.82 -15.73 -38.04
CA ALA B 878 -30.20 -15.79 -39.43
C ALA B 878 -31.69 -16.14 -39.65
N GLN B 879 -32.26 -16.99 -38.80
CA GLN B 879 -33.65 -17.29 -39.04
C GLN B 879 -34.53 -16.11 -38.70
N TYR B 880 -34.12 -15.35 -37.67
CA TYR B 880 -34.91 -14.17 -37.34
C TYR B 880 -34.89 -13.19 -38.52
N THR B 881 -33.68 -13.00 -39.08
CA THR B 881 -33.61 -12.00 -40.14
C THR B 881 -34.51 -12.46 -41.26
N SER B 882 -34.53 -13.77 -41.45
CA SER B 882 -35.23 -14.26 -42.60
C SER B 882 -36.74 -13.98 -42.50
N ALA B 883 -37.26 -14.25 -41.28
CA ALA B 883 -38.67 -14.05 -40.95
C ALA B 883 -39.04 -12.58 -41.19
N LEU B 884 -38.12 -11.66 -40.80
CA LEU B 884 -38.32 -10.22 -40.87
C LEU B 884 -38.49 -9.80 -42.31
N LEU B 885 -37.62 -10.41 -43.11
CA LEU B 885 -37.56 -10.04 -44.52
C LEU B 885 -38.74 -10.62 -45.29
N ALA B 886 -39.11 -11.91 -45.02
CA ALA B 886 -40.28 -12.56 -45.62
C ALA B 886 -41.59 -11.76 -45.35
N GLY B 887 -41.69 -11.29 -44.07
CA GLY B 887 -42.77 -10.42 -43.57
C GLY B 887 -42.86 -9.15 -44.41
N THR B 888 -41.70 -8.45 -44.46
CA THR B 888 -41.60 -7.13 -45.07
C THR B 888 -42.07 -7.20 -46.52
N ILE B 889 -41.67 -8.29 -47.22
CA ILE B 889 -41.85 -8.42 -48.66
C ILE B 889 -43.31 -8.68 -48.97
N THR B 890 -43.94 -9.60 -48.22
CA THR B 890 -45.27 -10.08 -48.62
C THR B 890 -46.44 -9.45 -47.85
N SER B 891 -46.17 -8.82 -46.72
CA SER B 891 -47.29 -8.21 -46.03
C SER B 891 -47.06 -6.72 -45.70
N GLY B 892 -45.98 -6.10 -46.22
CA GLY B 892 -45.79 -4.68 -45.95
C GLY B 892 -45.56 -4.41 -44.45
N TRP B 893 -46.30 -3.43 -43.92
CA TRP B 893 -46.10 -3.10 -42.51
C TRP B 893 -47.10 -3.83 -41.61
N THR B 894 -48.03 -4.59 -42.21
CA THR B 894 -49.15 -5.11 -41.44
C THR B 894 -48.67 -6.04 -40.34
N PHE B 895 -47.64 -6.83 -40.66
CA PHE B 895 -47.15 -7.87 -39.77
C PHE B 895 -46.67 -7.21 -38.48
N GLY B 896 -46.30 -5.92 -38.58
CA GLY B 896 -45.76 -5.23 -37.43
C GLY B 896 -46.87 -4.80 -36.46
N ALA B 897 -47.99 -4.33 -37.03
CA ALA B 897 -49.14 -3.93 -36.21
C ALA B 897 -49.78 -5.17 -35.60
N GLY B 898 -49.93 -6.23 -36.39
CA GLY B 898 -50.65 -7.39 -35.90
C GLY B 898 -50.43 -8.61 -36.80
N ALA B 899 -51.45 -8.91 -37.60
CA ALA B 899 -51.47 -10.07 -38.48
C ALA B 899 -50.85 -9.71 -39.83
N ALA B 900 -50.15 -10.67 -40.47
CA ALA B 900 -49.61 -10.46 -41.81
C ALA B 900 -50.75 -10.58 -42.82
N LEU B 901 -51.15 -9.46 -43.42
CA LEU B 901 -52.14 -9.45 -44.48
C LEU B 901 -51.41 -9.32 -45.84
N GLN B 902 -51.58 -10.29 -46.72
CA GLN B 902 -50.81 -10.28 -47.95
C GLN B 902 -51.26 -9.14 -48.86
N ILE B 903 -50.32 -8.66 -49.69
CA ILE B 903 -50.57 -7.71 -50.77
C ILE B 903 -49.51 -7.90 -51.88
N PRO B 904 -49.85 -7.71 -53.16
CA PRO B 904 -48.86 -7.58 -54.24
C PRO B 904 -47.76 -6.55 -53.99
N PHE B 905 -46.52 -6.90 -54.37
CA PHE B 905 -45.33 -6.08 -54.17
C PHE B 905 -45.50 -4.68 -54.75
N ALA B 906 -46.05 -4.63 -55.97
CA ALA B 906 -46.19 -3.38 -56.68
C ALA B 906 -47.14 -2.43 -55.95
N MET B 907 -48.15 -3.02 -55.32
CA MET B 907 -49.08 -2.17 -54.61
C MET B 907 -48.46 -1.68 -53.29
N GLN B 908 -47.71 -2.55 -52.65
CA GLN B 908 -46.96 -2.09 -51.50
C GLN B 908 -46.20 -0.80 -51.83
N MET B 909 -45.49 -0.79 -52.96
CA MET B 909 -44.65 0.33 -53.37
C MET B 909 -45.50 1.56 -53.65
N ALA B 910 -46.70 1.37 -54.20
CA ALA B 910 -47.52 2.53 -54.47
C ALA B 910 -47.92 3.30 -53.20
N TYR B 911 -48.12 2.54 -52.12
CA TYR B 911 -48.39 3.26 -50.89
C TYR B 911 -47.14 3.98 -50.45
N ARG B 912 -46.01 3.32 -50.60
CA ARG B 912 -44.80 3.88 -50.06
C ARG B 912 -44.47 5.18 -50.81
N PHE B 913 -44.91 5.28 -52.09
CA PHE B 913 -44.76 6.50 -52.89
C PHE B 913 -45.67 7.60 -52.38
N ASN B 914 -46.92 7.24 -52.07
CA ASN B 914 -47.82 8.22 -51.47
C ASN B 914 -47.28 8.73 -50.14
N GLY B 915 -46.58 7.89 -49.41
CA GLY B 915 -45.99 8.36 -48.17
C GLY B 915 -44.99 9.51 -48.25
N ILE B 916 -44.47 9.76 -49.44
CA ILE B 916 -43.41 10.73 -49.60
C ILE B 916 -43.98 11.82 -50.49
N GLY B 917 -45.28 11.73 -50.79
CA GLY B 917 -45.96 12.82 -51.49
C GLY B 917 -45.78 12.78 -53.00
N VAL B 918 -45.68 11.55 -53.50
CA VAL B 918 -45.65 11.41 -54.95
C VAL B 918 -46.82 10.49 -55.30
N THR B 919 -47.65 11.00 -56.20
CA THR B 919 -48.89 10.41 -56.66
C THR B 919 -48.63 9.04 -57.27
N GLN B 920 -49.49 8.06 -56.90
CA GLN B 920 -49.30 6.64 -57.16
C GLN B 920 -49.26 6.28 -58.65
N ASN B 921 -49.86 7.11 -59.48
CA ASN B 921 -49.80 6.78 -60.90
C ASN B 921 -48.34 6.75 -61.36
N VAL B 922 -47.47 7.50 -60.67
CA VAL B 922 -46.09 7.65 -61.11
C VAL B 922 -45.45 6.26 -61.05
N LEU B 923 -45.75 5.50 -60.00
CA LEU B 923 -45.07 4.23 -59.80
C LEU B 923 -45.49 3.21 -60.85
N TYR B 924 -46.82 3.19 -61.10
CA TYR B 924 -47.38 2.30 -62.11
C TYR B 924 -46.77 2.58 -63.48
N GLU B 925 -46.76 3.85 -63.86
CA GLU B 925 -46.30 4.22 -65.19
C GLU B 925 -44.79 4.01 -65.33
N ASN B 926 -44.03 4.08 -64.24
CA ASN B 926 -42.59 3.90 -64.33
C ASN B 926 -42.07 2.60 -63.68
N GLN B 927 -42.98 1.60 -63.53
CA GLN B 927 -42.70 0.30 -62.92
C GLN B 927 -41.34 -0.32 -63.31
N LYS B 928 -41.07 -0.36 -64.61
CA LYS B 928 -39.86 -1.02 -65.09
C LYS B 928 -38.58 -0.26 -64.74
N LEU B 929 -38.65 1.06 -64.84
CA LEU B 929 -37.44 1.81 -64.53
C LEU B 929 -37.13 1.70 -63.03
N ILE B 930 -38.18 1.72 -62.21
CA ILE B 930 -37.97 1.68 -60.78
C ILE B 930 -37.35 0.33 -60.39
N ALA B 931 -37.88 -0.76 -60.97
CA ALA B 931 -37.34 -2.07 -60.70
C ALA B 931 -35.88 -2.19 -61.12
N ASN B 932 -35.53 -1.56 -62.26
CA ASN B 932 -34.15 -1.58 -62.76
C ASN B 932 -33.18 -0.82 -61.88
N GLN B 933 -33.66 0.33 -61.39
CA GLN B 933 -32.80 1.10 -60.52
C GLN B 933 -32.53 0.29 -59.25
N PHE B 934 -33.59 -0.38 -58.75
CA PHE B 934 -33.52 -1.12 -57.50
C PHE B 934 -32.44 -2.19 -57.64
N ASN B 935 -32.60 -2.93 -58.72
CA ASN B 935 -31.75 -4.07 -58.97
C ASN B 935 -30.28 -3.69 -59.08
N SER B 936 -30.02 -2.55 -59.73
CA SER B 936 -28.66 -2.10 -59.94
C SER B 936 -28.05 -1.63 -58.63
N ALA B 937 -28.86 -0.94 -57.81
CA ALA B 937 -28.34 -0.39 -56.55
C ALA B 937 -27.84 -1.51 -55.63
N ILE B 938 -28.58 -2.65 -55.65
CA ILE B 938 -28.20 -3.78 -54.83
C ILE B 938 -26.89 -4.38 -55.32
N GLY B 939 -26.74 -4.50 -56.65
CA GLY B 939 -25.49 -4.93 -57.27
C GLY B 939 -24.27 -4.14 -56.81
N LYS B 940 -24.46 -2.83 -56.76
CA LYS B 940 -23.37 -2.05 -56.24
C LYS B 940 -23.05 -2.35 -54.77
N ILE B 941 -24.04 -2.72 -53.96
CA ILE B 941 -23.75 -2.97 -52.56
C ILE B 941 -22.78 -4.13 -52.45
N GLN B 942 -22.98 -5.13 -53.30
CA GLN B 942 -22.10 -6.29 -53.32
C GLN B 942 -20.65 -5.90 -53.60
N ASP B 943 -20.51 -5.03 -54.60
CA ASP B 943 -19.19 -4.62 -55.04
C ASP B 943 -18.47 -3.87 -53.94
N SER B 944 -19.21 -3.03 -53.22
CA SER B 944 -18.62 -2.23 -52.15
C SER B 944 -18.15 -3.14 -51.01
N LEU B 945 -19.04 -4.06 -50.58
CA LEU B 945 -18.78 -4.89 -49.43
C LEU B 945 -17.64 -5.84 -49.70
N SER B 946 -17.55 -6.30 -50.95
CA SER B 946 -16.56 -7.29 -51.38
C SER B 946 -15.15 -6.71 -51.48
N SER B 947 -15.04 -5.37 -51.51
CA SER B 947 -13.76 -4.75 -51.81
C SER B 947 -13.26 -3.80 -50.73
N THR B 948 -14.18 -3.24 -49.92
CA THR B 948 -13.81 -2.22 -48.94
C THR B 948 -13.73 -2.82 -47.53
N ALA B 949 -12.49 -3.07 -47.08
CA ALA B 949 -12.21 -3.66 -45.78
C ALA B 949 -12.76 -2.77 -44.66
N SER B 950 -12.61 -1.46 -44.86
CA SER B 950 -12.96 -0.43 -43.90
C SER B 950 -14.45 -0.36 -43.65
N ALA B 951 -15.22 -1.03 -44.53
CA ALA B 951 -16.69 -1.02 -44.46
C ALA B 951 -17.15 -1.52 -43.10
N LEU B 952 -16.39 -2.46 -42.54
CA LEU B 952 -16.79 -3.12 -41.30
C LEU B 952 -16.05 -2.58 -40.06
N GLY B 953 -15.48 -1.38 -40.19
CA GLY B 953 -14.60 -0.85 -39.15
C GLY B 953 -15.24 -0.74 -37.78
N LYS B 954 -16.52 -0.39 -37.80
CA LYS B 954 -17.22 -0.14 -36.55
C LYS B 954 -17.30 -1.41 -35.69
N LEU B 955 -17.31 -2.57 -36.36
CA LEU B 955 -17.46 -3.85 -35.70
C LEU B 955 -16.09 -4.39 -35.32
N GLN B 956 -15.13 -4.15 -36.21
CA GLN B 956 -13.78 -4.62 -36.02
C GLN B 956 -13.14 -3.94 -34.80
N ASP B 957 -13.52 -2.67 -34.60
CA ASP B 957 -13.00 -1.90 -33.49
C ASP B 957 -13.39 -2.49 -32.12
N VAL B 958 -14.62 -3.01 -32.04
CA VAL B 958 -15.13 -3.53 -30.78
C VAL B 958 -14.25 -4.72 -30.42
N VAL B 959 -13.98 -5.55 -31.44
CA VAL B 959 -13.23 -6.77 -31.23
C VAL B 959 -11.86 -6.41 -30.68
N ASN B 960 -11.26 -5.40 -31.30
CA ASN B 960 -9.90 -5.03 -30.98
C ASN B 960 -9.78 -4.49 -29.56
N GLN B 961 -10.75 -3.66 -29.13
CA GLN B 961 -10.71 -3.07 -27.80
C GLN B 961 -10.72 -4.13 -26.69
N ASN B 962 -11.53 -5.15 -26.90
CA ASN B 962 -11.69 -6.21 -25.91
C ASN B 962 -10.43 -7.09 -25.84
N ALA B 963 -9.85 -7.33 -27.01
CA ALA B 963 -8.65 -8.14 -27.08
C ALA B 963 -7.46 -7.47 -26.38
N GLN B 964 -7.42 -6.14 -26.58
CA GLN B 964 -6.35 -5.36 -25.98
C GLN B 964 -6.47 -5.37 -24.45
N ALA B 965 -7.72 -5.30 -23.98
CA ALA B 965 -7.95 -5.24 -22.55
C ALA B 965 -7.40 -6.51 -21.88
N LEU B 966 -7.61 -7.66 -22.55
CA LEU B 966 -7.16 -8.90 -21.93
C LEU B 966 -5.66 -9.07 -22.01
N ASN B 967 -5.07 -8.62 -23.12
CA ASN B 967 -3.62 -8.77 -23.24
C ASN B 967 -2.90 -8.00 -22.14
N THR B 968 -3.47 -6.83 -21.86
CA THR B 968 -2.93 -5.97 -20.84
C THR B 968 -2.98 -6.66 -19.46
N LEU B 969 -4.14 -7.25 -19.19
CA LEU B 969 -4.40 -7.91 -17.91
C LEU B 969 -3.40 -9.02 -17.69
N VAL B 970 -3.18 -9.83 -18.74
CA VAL B 970 -2.30 -10.99 -18.62
C VAL B 970 -0.89 -10.55 -18.29
N LYS B 971 -0.41 -9.59 -19.07
CA LYS B 971 0.97 -9.22 -18.96
C LYS B 971 1.28 -8.71 -17.56
N GLN B 972 0.32 -8.02 -16.94
CA GLN B 972 0.59 -7.46 -15.63
C GLN B 972 1.13 -8.48 -14.63
N LEU B 973 0.83 -9.79 -14.84
CA LEU B 973 1.17 -10.82 -13.85
C LEU B 973 2.68 -10.89 -13.67
N SER B 974 3.39 -10.46 -14.72
CA SER B 974 4.83 -10.59 -14.80
C SER B 974 5.56 -9.45 -14.08
N SER B 975 4.81 -8.46 -13.58
CA SER B 975 5.40 -7.37 -12.82
C SER B 975 5.70 -7.79 -11.38
N ASN B 976 6.73 -7.18 -10.80
CA ASN B 976 7.11 -7.51 -9.45
C ASN B 976 6.38 -6.66 -8.41
N PHE B 977 6.00 -5.43 -8.78
CA PHE B 977 5.38 -4.46 -7.89
C PHE B 977 6.22 -4.29 -6.64
N GLY B 978 7.54 -4.49 -6.80
CA GLY B 978 8.53 -4.28 -5.76
C GLY B 978 8.87 -5.55 -4.98
N ALA B 979 8.24 -6.67 -5.31
CA ALA B 979 8.63 -7.93 -4.69
C ALA B 979 9.95 -8.41 -5.29
N ILE B 980 10.56 -9.42 -4.66
CA ILE B 980 11.80 -9.99 -5.18
C ILE B 980 11.59 -10.77 -6.49
N SER B 981 10.34 -11.18 -6.77
CA SER B 981 10.03 -11.92 -7.98
C SER B 981 8.52 -11.91 -8.27
N SER B 982 8.17 -11.89 -9.55
CA SER B 982 6.78 -11.93 -9.98
C SER B 982 6.24 -13.35 -9.82
N VAL B 983 7.17 -14.29 -9.66
CA VAL B 983 6.81 -15.69 -9.59
C VAL B 983 6.58 -16.11 -8.14
N LEU B 984 5.34 -16.51 -7.87
CA LEU B 984 4.90 -16.72 -6.51
C LEU B 984 5.64 -17.91 -5.90
N ASN B 985 5.83 -18.93 -6.74
CA ASN B 985 6.49 -20.13 -6.26
C ASN B 985 7.95 -19.89 -5.90
N ASP B 986 8.58 -18.92 -6.57
CA ASP B 986 10.00 -18.64 -6.31
C ASP B 986 10.20 -17.93 -4.98
N ILE B 987 9.20 -17.16 -4.58
CA ILE B 987 9.28 -16.54 -3.26
C ILE B 987 9.15 -17.65 -2.23
N LEU B 988 8.12 -18.49 -2.38
CA LEU B 988 7.75 -19.51 -1.41
C LEU B 988 8.86 -20.55 -1.27
N SER B 989 9.57 -20.86 -2.37
CA SER B 989 10.62 -21.87 -2.36
C SER B 989 11.94 -21.38 -1.78
N ARG B 990 12.03 -20.08 -1.50
CA ARG B 990 13.29 -19.55 -1.01
C ARG B 990 13.15 -18.87 0.37
N LEU B 991 11.96 -18.38 0.74
CA LEU B 991 11.81 -17.69 2.02
C LEU B 991 10.90 -18.47 2.98
N ASP B 992 11.24 -18.39 4.27
CA ASP B 992 10.39 -18.76 5.39
C ASP B 992 9.13 -17.89 5.41
N PRO B 993 8.02 -18.43 5.95
CA PRO B 993 6.76 -17.68 6.07
C PRO B 993 6.83 -16.22 6.56
N PRO B 994 7.61 -15.92 7.64
CA PRO B 994 7.67 -14.57 8.20
C PRO B 994 8.20 -13.55 7.20
N GLU B 995 8.87 -14.03 6.16
CA GLU B 995 9.45 -13.15 5.15
C GLU B 995 8.68 -13.28 3.85
N ALA B 996 8.24 -14.51 3.56
CA ALA B 996 7.50 -14.79 2.34
C ALA B 996 6.19 -14.00 2.32
N GLU B 997 5.58 -13.80 3.51
CA GLU B 997 4.31 -13.08 3.63
C GLU B 997 4.41 -11.62 3.17
N VAL B 998 5.56 -11.03 3.46
CA VAL B 998 5.80 -9.65 3.10
C VAL B 998 5.85 -9.53 1.58
N GLN B 999 6.62 -10.45 0.99
CA GLN B 999 6.82 -10.44 -0.44
C GLN B 999 5.48 -10.68 -1.15
N ILE B 1000 4.68 -11.59 -0.57
CA ILE B 1000 3.42 -11.95 -1.18
C ILE B 1000 2.46 -10.77 -1.14
N ASP B 1001 2.42 -10.08 0.01
CA ASP B 1001 1.53 -8.93 0.13
C ASP B 1001 1.79 -7.92 -0.99
N ARG B 1002 3.05 -7.78 -1.37
CA ARG B 1002 3.34 -6.84 -2.44
C ARG B 1002 2.71 -7.29 -3.77
N LEU B 1003 2.74 -8.60 -4.02
CA LEU B 1003 2.15 -9.13 -5.24
C LEU B 1003 0.61 -9.08 -5.19
N ILE B 1004 0.04 -9.34 -4.01
CA ILE B 1004 -1.40 -9.31 -3.87
C ILE B 1004 -1.95 -7.92 -4.17
N THR B 1005 -1.26 -6.90 -3.62
CA THR B 1005 -1.69 -5.52 -3.83
C THR B 1005 -1.72 -5.17 -5.32
N GLY B 1006 -0.64 -5.54 -6.01
CA GLY B 1006 -0.46 -5.26 -7.42
C GLY B 1006 -1.51 -5.95 -8.29
N ARG B 1007 -1.75 -7.23 -7.94
CA ARG B 1007 -2.67 -8.00 -8.76
C ARG B 1007 -4.13 -7.62 -8.55
N LEU B 1008 -4.42 -7.30 -7.29
CA LEU B 1008 -5.78 -6.93 -6.97
C LEU B 1008 -6.12 -5.67 -7.74
N GLN B 1009 -5.15 -4.74 -7.70
CA GLN B 1009 -5.34 -3.45 -8.34
C GLN B 1009 -5.58 -3.61 -9.83
N SER B 1010 -4.80 -4.54 -10.39
CA SER B 1010 -4.89 -4.84 -11.81
C SER B 1010 -6.30 -5.30 -12.25
N LEU B 1011 -6.89 -6.23 -11.47
CA LEU B 1011 -8.25 -6.69 -11.82
C LEU B 1011 -9.27 -5.57 -11.73
N GLN B 1012 -9.14 -4.74 -10.68
CA GLN B 1012 -10.15 -3.71 -10.46
C GLN B 1012 -10.17 -2.74 -11.62
N THR B 1013 -8.97 -2.52 -12.15
CA THR B 1013 -8.87 -1.61 -13.27
C THR B 1013 -9.62 -2.18 -14.48
N TYR B 1014 -9.37 -3.47 -14.74
CA TYR B 1014 -9.95 -4.15 -15.88
C TYR B 1014 -11.48 -4.09 -15.79
N VAL B 1015 -11.99 -4.45 -14.62
CA VAL B 1015 -13.43 -4.50 -14.46
C VAL B 1015 -14.13 -3.15 -14.67
N THR B 1016 -13.53 -2.10 -14.11
CA THR B 1016 -14.12 -0.79 -14.30
C THR B 1016 -14.19 -0.40 -15.78
N GLN B 1017 -13.12 -0.67 -16.51
CA GLN B 1017 -13.14 -0.39 -17.93
C GLN B 1017 -14.24 -1.17 -18.67
N GLN B 1018 -14.42 -2.43 -18.27
CA GLN B 1018 -15.43 -3.22 -18.94
C GLN B 1018 -16.84 -2.68 -18.71
N LEU B 1019 -17.09 -2.16 -17.49
CA LEU B 1019 -18.41 -1.65 -17.18
C LEU B 1019 -18.76 -0.44 -18.03
N ILE B 1020 -17.77 0.43 -18.16
CA ILE B 1020 -17.94 1.64 -18.94
C ILE B 1020 -18.13 1.31 -20.41
N ARG B 1021 -17.29 0.41 -20.91
CA ARG B 1021 -17.43 0.05 -22.31
C ARG B 1021 -18.79 -0.61 -22.62
N ALA B 1022 -19.23 -1.45 -21.68
CA ALA B 1022 -20.50 -2.14 -21.84
C ALA B 1022 -21.68 -1.17 -22.02
N ALA B 1023 -21.52 -0.01 -21.36
CA ALA B 1023 -22.55 1.02 -21.38
C ALA B 1023 -22.72 1.60 -22.79
N GLU B 1024 -21.57 1.75 -23.44
CA GLU B 1024 -21.60 2.30 -24.78
C GLU B 1024 -22.31 1.34 -25.72
N ILE B 1025 -21.95 0.05 -25.63
CA ILE B 1025 -22.57 -0.99 -26.44
C ILE B 1025 -24.09 -1.01 -26.22
N ARG B 1026 -24.53 -0.92 -24.96
CA ARG B 1026 -25.96 -1.01 -24.71
C ARG B 1026 -26.72 0.13 -25.37
N ALA B 1027 -26.15 1.33 -25.32
CA ALA B 1027 -26.76 2.46 -26.02
C ALA B 1027 -26.92 2.23 -27.53
N SER B 1028 -25.86 1.68 -28.14
CA SER B 1028 -25.87 1.29 -29.53
C SER B 1028 -26.97 0.24 -29.78
N ALA B 1029 -27.06 -0.78 -28.91
CA ALA B 1029 -28.04 -1.83 -29.05
C ALA B 1029 -29.47 -1.27 -29.04
N ASN B 1030 -29.70 -0.27 -28.18
CA ASN B 1030 -31.02 0.37 -28.10
C ASN B 1030 -31.36 1.15 -29.37
N LEU B 1031 -30.37 1.85 -29.91
CA LEU B 1031 -30.58 2.51 -31.19
C LEU B 1031 -30.89 1.50 -32.30
N ALA B 1032 -30.15 0.38 -32.33
CA ALA B 1032 -30.33 -0.63 -33.36
C ALA B 1032 -31.76 -1.14 -33.35
N ALA B 1033 -32.20 -1.43 -32.09
CA ALA B 1033 -33.54 -1.96 -31.86
C ALA B 1033 -34.60 -0.97 -32.33
N THR B 1034 -34.31 0.33 -32.12
CA THR B 1034 -35.24 1.37 -32.53
C THR B 1034 -35.32 1.52 -34.03
N LYS B 1035 -34.22 1.45 -34.77
CA LYS B 1035 -34.30 1.50 -36.22
C LYS B 1035 -35.15 0.34 -36.69
N MET B 1036 -34.81 -0.90 -36.27
CA MET B 1036 -35.60 -2.07 -36.67
C MET B 1036 -37.11 -1.79 -36.63
N SER B 1037 -37.59 -1.30 -35.48
CA SER B 1037 -39.01 -1.10 -35.28
C SER B 1037 -39.57 -0.01 -36.20
N GLU B 1038 -38.96 1.19 -36.22
CA GLU B 1038 -39.48 2.32 -36.97
C GLU B 1038 -38.83 2.49 -38.34
N CYS B 1039 -38.68 1.46 -39.19
CA CYS B 1039 -37.84 1.58 -40.38
C CYS B 1039 -37.90 0.31 -41.25
N VAL B 1040 -37.69 -0.86 -40.62
CA VAL B 1040 -37.92 -2.17 -41.24
C VAL B 1040 -39.39 -2.59 -41.18
N LEU B 1041 -39.97 -2.45 -39.99
CA LEU B 1041 -41.37 -2.71 -39.74
C LEU B 1041 -42.27 -1.50 -40.02
N GLY B 1042 -41.87 -0.56 -40.88
CA GLY B 1042 -42.74 0.55 -41.28
C GLY B 1042 -42.04 1.49 -42.26
N GLN B 1043 -42.56 2.72 -42.42
CA GLN B 1043 -41.91 3.81 -43.16
C GLN B 1043 -41.68 5.01 -42.23
N SER B 1044 -40.62 5.83 -42.45
CA SER B 1044 -40.25 6.85 -41.44
C SER B 1044 -40.31 8.26 -42.03
N LYS B 1045 -40.99 9.21 -41.35
CA LYS B 1045 -40.83 10.61 -41.75
C LYS B 1045 -39.90 11.34 -40.81
N ARG B 1046 -39.19 10.63 -39.95
CA ARG B 1046 -38.10 11.32 -39.28
C ARG B 1046 -36.89 11.43 -40.23
N VAL B 1047 -36.42 12.66 -40.46
CA VAL B 1047 -35.46 13.00 -41.50
C VAL B 1047 -34.07 12.41 -41.23
N ASP B 1048 -33.52 11.73 -42.23
CA ASP B 1048 -32.17 11.18 -42.22
C ASP B 1048 -32.03 10.11 -41.14
N PHE B 1049 -33.16 9.68 -40.57
CA PHE B 1049 -33.12 8.67 -39.54
C PHE B 1049 -32.81 7.32 -40.20
N CYS B 1050 -33.38 7.11 -41.40
CA CYS B 1050 -33.25 5.89 -42.22
C CYS B 1050 -32.55 6.15 -43.57
N GLY B 1051 -31.38 6.82 -43.53
CA GLY B 1051 -30.58 7.17 -44.70
C GLY B 1051 -31.03 8.48 -45.40
N LYS B 1052 -30.20 8.98 -46.31
CA LYS B 1052 -30.42 10.30 -46.88
C LYS B 1052 -31.35 10.16 -48.08
N GLY B 1053 -32.34 11.05 -48.24
CA GLY B 1053 -33.37 10.94 -49.28
C GLY B 1053 -34.75 10.84 -48.62
N TYR B 1054 -35.82 10.66 -49.38
CA TYR B 1054 -37.06 10.30 -48.72
C TYR B 1054 -37.21 8.77 -48.57
N HIS B 1055 -37.28 8.25 -47.33
CA HIS B 1055 -37.36 6.82 -47.04
C HIS B 1055 -38.55 6.14 -47.69
N LEU B 1056 -38.25 5.00 -48.32
CA LEU B 1056 -39.29 4.11 -48.82
C LEU B 1056 -39.43 2.87 -47.91
N MET B 1057 -38.32 2.08 -47.82
CA MET B 1057 -38.27 0.85 -47.02
C MET B 1057 -36.84 0.40 -46.68
N SER B 1058 -36.68 -0.54 -45.71
CA SER B 1058 -35.35 -1.04 -45.28
C SER B 1058 -35.30 -2.57 -45.11
N PHE B 1059 -34.13 -3.20 -45.36
CA PHE B 1059 -33.90 -4.64 -45.14
C PHE B 1059 -32.67 -4.91 -44.25
N PRO B 1060 -32.86 -5.63 -43.11
CA PRO B 1060 -31.76 -5.95 -42.18
C PRO B 1060 -30.99 -7.21 -42.59
N GLN B 1061 -29.67 -7.23 -42.35
CA GLN B 1061 -28.82 -8.40 -42.52
C GLN B 1061 -27.90 -8.52 -41.31
N SER B 1062 -27.63 -9.75 -40.90
CA SER B 1062 -26.87 -9.94 -39.67
C SER B 1062 -25.36 -9.83 -39.94
N ALA B 1063 -24.56 -9.67 -38.89
CA ALA B 1063 -23.11 -9.63 -39.03
C ALA B 1063 -22.54 -9.97 -37.68
N PRO B 1064 -21.24 -10.27 -37.65
CA PRO B 1064 -20.56 -10.55 -36.37
C PRO B 1064 -20.64 -9.43 -35.34
N HIS B 1065 -21.25 -9.73 -34.20
CA HIS B 1065 -21.47 -8.76 -33.13
C HIS B 1065 -22.22 -7.49 -33.55
N GLY B 1066 -22.99 -7.49 -34.66
CA GLY B 1066 -23.89 -6.38 -34.90
C GLY B 1066 -24.95 -6.67 -35.94
N VAL B 1067 -25.57 -5.59 -36.43
CA VAL B 1067 -26.57 -5.68 -37.51
C VAL B 1067 -26.24 -4.69 -38.63
N VAL B 1068 -26.68 -4.93 -39.87
CA VAL B 1068 -26.44 -4.01 -41.00
C VAL B 1068 -27.81 -3.65 -41.59
N PHE B 1069 -28.03 -2.40 -42.00
CA PHE B 1069 -29.33 -2.00 -42.52
C PHE B 1069 -29.14 -1.46 -43.95
N LEU B 1070 -29.74 -2.11 -44.96
CA LEU B 1070 -29.84 -1.51 -46.31
C LEU B 1070 -31.06 -0.59 -46.43
N HIS B 1071 -30.86 0.73 -46.47
CA HIS B 1071 -32.00 1.60 -46.68
C HIS B 1071 -32.27 1.87 -48.18
N VAL B 1072 -33.48 1.71 -48.70
CA VAL B 1072 -33.87 2.19 -50.02
C VAL B 1072 -34.61 3.53 -49.92
N THR B 1073 -34.12 4.59 -50.58
CA THR B 1073 -34.77 5.93 -50.54
C THR B 1073 -35.04 6.55 -51.91
N TYR B 1074 -35.84 7.63 -51.99
CA TYR B 1074 -36.15 8.27 -53.28
C TYR B 1074 -35.46 9.62 -53.36
N VAL B 1075 -34.67 9.87 -54.42
CA VAL B 1075 -33.93 11.15 -54.54
C VAL B 1075 -34.29 11.89 -55.84
N PRO B 1076 -34.91 13.11 -55.79
CA PRO B 1076 -35.27 13.88 -56.99
C PRO B 1076 -34.03 14.23 -57.79
N ALA B 1077 -34.16 14.13 -59.12
CA ALA B 1077 -32.96 13.97 -59.88
C ALA B 1077 -32.67 15.07 -60.90
N GLN B 1078 -33.65 15.54 -61.69
CA GLN B 1078 -33.29 16.54 -62.73
C GLN B 1078 -34.30 17.66 -62.66
N GLU B 1079 -33.97 18.95 -62.94
CA GLU B 1079 -34.91 20.01 -62.55
C GLU B 1079 -34.92 21.22 -63.49
N LYS B 1080 -36.05 21.94 -63.53
CA LYS B 1080 -36.26 23.06 -64.45
C LYS B 1080 -36.79 24.27 -63.69
N ASN B 1081 -36.45 25.47 -64.19
CA ASN B 1081 -36.70 26.77 -63.55
C ASN B 1081 -38.05 27.31 -64.05
N PHE B 1082 -39.10 27.38 -63.22
CA PHE B 1082 -40.41 27.84 -63.68
C PHE B 1082 -40.88 29.06 -62.90
N THR B 1083 -41.85 29.78 -63.47
CA THR B 1083 -42.27 31.01 -62.82
C THR B 1083 -43.51 30.67 -62.02
N THR B 1084 -43.72 31.34 -60.89
CA THR B 1084 -44.80 30.89 -60.01
C THR B 1084 -45.65 32.04 -59.51
N ALA B 1085 -46.72 31.73 -58.75
CA ALA B 1085 -47.61 32.68 -58.10
C ALA B 1085 -48.34 31.98 -56.97
N PRO B 1086 -48.69 32.74 -55.89
CA PRO B 1086 -49.38 32.26 -54.69
C PRO B 1086 -50.85 32.00 -54.98
N ALA B 1087 -51.40 32.78 -55.91
CA ALA B 1087 -52.83 32.70 -56.16
C ALA B 1087 -53.12 33.21 -57.56
N ILE B 1088 -54.30 32.83 -58.06
CA ILE B 1088 -54.76 33.32 -59.34
C ILE B 1088 -56.14 33.97 -59.22
N CYS B 1089 -56.29 35.16 -59.82
CA CYS B 1089 -57.52 35.90 -59.92
C CYS B 1089 -58.33 35.45 -61.13
N HIS B 1090 -59.65 35.35 -60.88
CA HIS B 1090 -60.55 34.91 -61.94
C HIS B 1090 -61.62 35.98 -62.17
N ASP B 1091 -62.69 35.91 -61.39
CA ASP B 1091 -63.74 36.91 -61.48
C ASP B 1091 -63.72 37.84 -60.27
N GLY B 1092 -62.51 38.11 -59.79
CA GLY B 1092 -62.27 38.93 -58.62
C GLY B 1092 -61.98 38.06 -57.42
N LYS B 1093 -62.24 36.76 -57.62
CA LYS B 1093 -62.03 35.75 -56.62
C LYS B 1093 -60.56 35.32 -56.64
N ALA B 1094 -60.04 35.02 -55.45
CA ALA B 1094 -58.71 34.47 -55.35
C ALA B 1094 -58.78 32.92 -55.26
N HIS B 1095 -58.19 32.26 -56.24
CA HIS B 1095 -58.13 30.81 -56.29
C HIS B 1095 -56.76 30.33 -55.80
N PHE B 1096 -56.79 29.38 -54.86
CA PHE B 1096 -55.56 28.76 -54.41
C PHE B 1096 -55.55 27.26 -54.73
N PRO B 1097 -54.37 26.63 -54.93
CA PRO B 1097 -54.32 25.21 -55.31
C PRO B 1097 -54.73 24.35 -54.13
N ARG B 1098 -55.44 23.26 -54.39
CA ARG B 1098 -55.77 22.41 -53.25
C ARG B 1098 -54.51 21.66 -52.84
N GLU B 1099 -53.76 21.22 -53.85
CA GLU B 1099 -52.48 20.56 -53.65
C GLU B 1099 -51.60 21.04 -54.79
N GLY B 1100 -50.31 21.23 -54.48
CA GLY B 1100 -49.43 21.59 -55.57
C GLY B 1100 -49.24 23.10 -55.72
N VAL B 1101 -48.76 23.55 -56.88
CA VAL B 1101 -48.19 24.88 -57.05
C VAL B 1101 -48.68 25.43 -58.38
N PHE B 1102 -49.08 26.71 -58.46
CA PHE B 1102 -49.33 27.30 -59.76
C PHE B 1102 -47.97 27.56 -60.44
N VAL B 1103 -47.77 27.06 -61.66
CA VAL B 1103 -46.48 27.22 -62.29
C VAL B 1103 -46.78 27.80 -63.66
N SER B 1104 -45.73 28.37 -64.28
CA SER B 1104 -45.90 28.90 -65.61
C SER B 1104 -44.67 28.58 -66.42
N ASN B 1105 -44.96 28.21 -67.69
CA ASN B 1105 -43.95 27.86 -68.68
C ASN B 1105 -43.49 29.10 -69.47
N GLY B 1106 -44.01 30.26 -69.07
CA GLY B 1106 -43.71 31.53 -69.74
C GLY B 1106 -44.93 32.09 -70.48
N THR B 1107 -45.87 31.20 -70.84
CA THR B 1107 -47.04 31.67 -71.57
C THR B 1107 -48.36 31.18 -70.95
N HIS B 1108 -48.33 30.01 -70.31
CA HIS B 1108 -49.54 29.44 -69.75
C HIS B 1108 -49.33 28.97 -68.33
N TRP B 1109 -50.41 29.09 -67.55
CA TRP B 1109 -50.39 28.67 -66.17
C TRP B 1109 -50.92 27.24 -66.02
N PHE B 1110 -50.21 26.41 -65.24
CA PHE B 1110 -50.63 25.06 -64.92
C PHE B 1110 -50.55 24.84 -63.42
N VAL B 1111 -51.17 23.77 -62.93
CA VAL B 1111 -50.97 23.43 -61.54
C VAL B 1111 -50.24 22.08 -61.48
N THR B 1112 -49.20 21.92 -60.65
CA THR B 1112 -48.51 20.64 -60.56
C THR B 1112 -48.24 20.16 -59.13
N GLN B 1113 -48.02 18.87 -58.91
CA GLN B 1113 -47.56 18.35 -57.63
C GLN B 1113 -46.15 18.86 -57.34
N ARG B 1114 -45.78 18.89 -56.07
CA ARG B 1114 -44.51 19.49 -55.63
C ARG B 1114 -43.23 18.69 -55.92
N ASN B 1115 -43.30 17.39 -56.02
CA ASN B 1115 -42.08 16.61 -55.98
C ASN B 1115 -41.73 16.10 -57.37
N PHE B 1116 -42.52 16.47 -58.36
CA PHE B 1116 -42.36 15.80 -59.64
C PHE B 1116 -43.19 16.54 -60.67
N TYR B 1117 -42.53 16.92 -61.75
CA TYR B 1117 -43.20 17.82 -62.65
C TYR B 1117 -44.29 17.11 -63.45
N GLU B 1118 -45.54 17.51 -63.25
CA GLU B 1118 -46.69 16.87 -63.86
C GLU B 1118 -47.83 17.90 -64.07
N PRO B 1119 -47.72 18.76 -65.09
CA PRO B 1119 -48.58 19.92 -65.26
C PRO B 1119 -50.00 19.58 -65.68
N GLN B 1120 -50.93 20.35 -65.12
CA GLN B 1120 -52.34 20.14 -65.40
C GLN B 1120 -53.03 21.48 -65.63
N ILE B 1121 -54.21 21.44 -66.28
CA ILE B 1121 -55.03 22.62 -66.55
C ILE B 1121 -55.63 23.12 -65.26
N ILE B 1122 -55.61 24.44 -65.06
CA ILE B 1122 -56.18 25.00 -63.84
C ILE B 1122 -57.71 25.02 -63.93
N THR B 1123 -58.35 24.31 -63.01
CA THR B 1123 -59.80 24.20 -62.99
C THR B 1123 -60.33 24.33 -61.57
N THR B 1124 -61.66 24.36 -61.47
CA THR B 1124 -62.28 24.50 -60.16
C THR B 1124 -62.17 23.22 -59.32
N ASP B 1125 -61.71 22.14 -59.95
CA ASP B 1125 -61.50 20.92 -59.21
C ASP B 1125 -60.07 20.81 -58.71
N ASN B 1126 -59.24 21.78 -59.10
CA ASN B 1126 -57.85 21.79 -58.68
C ASN B 1126 -57.62 22.85 -57.61
N THR B 1127 -58.51 23.86 -57.59
CA THR B 1127 -58.34 25.00 -56.70
C THR B 1127 -59.54 25.20 -55.79
N PHE B 1128 -59.38 26.09 -54.82
CA PHE B 1128 -60.51 26.48 -53.99
C PHE B 1128 -60.50 27.99 -53.90
N VAL B 1129 -61.65 28.54 -53.52
CA VAL B 1129 -61.75 29.99 -53.49
C VAL B 1129 -61.85 30.52 -52.07
N SER B 1130 -61.12 31.60 -51.82
CA SER B 1130 -61.20 32.26 -50.54
C SER B 1130 -60.79 33.72 -50.69
N GLY B 1131 -61.74 34.59 -50.34
CA GLY B 1131 -61.48 36.03 -50.36
C GLY B 1131 -61.35 36.55 -51.78
N ASN B 1132 -60.55 37.61 -51.97
CA ASN B 1132 -60.50 38.27 -53.25
C ASN B 1132 -59.10 38.82 -53.58
N CYS B 1133 -59.05 39.48 -54.75
CA CYS B 1133 -57.85 39.93 -55.43
C CYS B 1133 -57.06 41.02 -54.71
N ASP B 1134 -57.69 41.71 -53.75
CA ASP B 1134 -57.10 42.91 -53.17
C ASP B 1134 -56.19 42.61 -51.98
N VAL B 1135 -56.07 41.34 -51.63
CA VAL B 1135 -55.38 41.02 -50.40
C VAL B 1135 -54.03 40.36 -50.68
N VAL B 1136 -54.00 39.47 -51.68
CA VAL B 1136 -52.87 38.56 -51.86
C VAL B 1136 -51.73 39.23 -52.63
N ILE B 1137 -50.54 39.22 -52.02
CA ILE B 1137 -49.40 39.90 -52.62
C ILE B 1137 -48.80 39.02 -53.71
N GLY B 1138 -48.72 39.55 -54.93
CA GLY B 1138 -48.16 38.77 -56.02
C GLY B 1138 -49.21 37.91 -56.73
N ILE B 1139 -50.49 38.25 -56.53
CA ILE B 1139 -51.55 37.53 -57.21
C ILE B 1139 -51.49 37.88 -58.70
N VAL B 1140 -51.74 36.89 -59.55
CA VAL B 1140 -51.68 37.08 -60.99
C VAL B 1140 -53.04 36.80 -61.59
N ASN B 1141 -53.24 37.33 -62.80
CA ASN B 1141 -54.47 37.12 -63.55
C ASN B 1141 -54.33 35.91 -64.48
N ASN B 1142 -55.38 35.09 -64.54
CA ASN B 1142 -55.46 33.99 -65.49
C ASN B 1142 -56.92 33.61 -65.65
N THR B 1143 -57.18 32.44 -66.24
CA THR B 1143 -58.55 31.95 -66.26
C THR B 1143 -58.64 30.59 -65.60
N VAL B 1144 -59.78 30.33 -64.95
CA VAL B 1144 -59.98 29.06 -64.29
C VAL B 1144 -61.12 28.37 -64.99
N TYR B 1145 -60.83 27.17 -65.48
CA TYR B 1145 -61.82 26.44 -66.24
C TYR B 1145 -62.77 25.70 -65.29
N ASP B 1146 -64.05 25.75 -65.66
CA ASP B 1146 -65.08 25.05 -64.94
C ASP B 1146 -65.51 23.79 -65.70
N PRO B 1147 -65.14 22.58 -65.28
CA PRO B 1147 -65.47 21.33 -65.97
C PRO B 1147 -66.97 21.02 -66.05
N LEU B 1148 -67.75 21.70 -65.22
CA LEU B 1148 -69.19 21.52 -65.22
C LEU B 1148 -69.79 22.26 -66.41
N GLN B 1149 -69.21 23.41 -66.77
CA GLN B 1149 -69.81 24.27 -67.77
C GLN B 1149 -70.11 23.51 -69.06
N PRO B 1150 -69.15 22.81 -69.72
CA PRO B 1150 -69.42 22.11 -70.98
C PRO B 1150 -70.39 20.92 -70.86
N GLU B 1151 -70.60 20.42 -69.65
CA GLU B 1151 -71.57 19.33 -69.45
C GLU B 1151 -72.98 19.91 -69.52
N LEU B 1152 -73.11 21.14 -69.03
CA LEU B 1152 -74.40 21.83 -69.01
C LEU B 1152 -74.59 22.59 -70.31
N ASP B 1153 -73.46 23.00 -70.92
CA ASP B 1153 -73.42 23.77 -72.16
C ASP B 1153 -73.93 22.92 -73.32
N SER B 1154 -73.46 21.66 -73.38
CA SER B 1154 -73.89 20.65 -74.33
C SER B 1154 -75.23 20.04 -73.88
N ALA C 34 -13.20 46.56 32.65
CA ALA C 34 -13.39 47.13 31.29
C ALA C 34 -12.94 46.12 30.24
N TYR C 35 -13.77 46.01 29.19
CA TYR C 35 -13.58 45.09 28.07
C TYR C 35 -13.88 45.81 26.77
N THR C 36 -13.30 45.29 25.69
CA THR C 36 -13.59 45.83 24.37
C THR C 36 -13.65 44.73 23.33
N ASN C 37 -14.04 45.19 22.13
CA ASN C 37 -14.25 44.41 20.93
C ASN C 37 -12.97 44.41 20.10
N SER C 38 -12.40 43.21 19.92
CA SER C 38 -11.15 43.06 19.19
C SER C 38 -11.38 43.23 17.68
N PHE C 39 -12.65 43.18 17.25
CA PHE C 39 -13.00 43.24 15.83
C PHE C 39 -12.19 42.24 15.02
N THR C 40 -11.34 42.74 14.12
CA THR C 40 -10.61 41.90 13.20
C THR C 40 -9.09 41.99 13.44
N ARG C 41 -8.72 42.39 14.66
CA ARG C 41 -7.31 42.56 15.05
C ARG C 41 -6.68 41.23 15.46
N GLY C 42 -5.33 41.18 15.51
CA GLY C 42 -4.52 40.06 16.03
C GLY C 42 -4.18 39.02 14.95
N VAL C 43 -4.03 39.52 13.71
CA VAL C 43 -3.68 38.69 12.58
C VAL C 43 -2.24 39.01 12.17
N TYR C 44 -1.39 37.97 12.14
CA TYR C 44 0.02 38.13 11.82
C TYR C 44 0.40 37.15 10.71
N TYR C 45 1.53 37.42 10.05
CA TYR C 45 1.96 36.53 9.00
C TYR C 45 2.39 35.20 9.63
N PRO C 46 1.72 34.09 9.31
CA PRO C 46 1.98 32.80 9.96
C PRO C 46 3.33 32.18 9.60
N ASP C 47 3.93 32.58 8.46
CA ASP C 47 5.26 32.12 8.13
C ASP C 47 5.99 33.20 7.33
N LYS C 48 7.14 32.81 6.77
CA LYS C 48 8.02 33.74 6.11
C LYS C 48 8.07 33.48 4.62
N VAL C 49 6.96 32.96 4.07
CA VAL C 49 6.88 32.63 2.67
C VAL C 49 6.10 33.71 1.93
N PHE C 50 6.65 34.15 0.80
CA PHE C 50 5.93 35.07 -0.05
C PHE C 50 4.78 34.39 -0.79
N ARG C 51 3.58 34.96 -0.68
CA ARG C 51 2.43 34.46 -1.40
C ARG C 51 1.71 35.69 -1.93
N SER C 52 0.91 35.48 -2.97
CA SER C 52 0.19 36.60 -3.57
C SER C 52 -1.05 36.08 -4.30
N SER C 53 -2.05 36.97 -4.40
CA SER C 53 -3.29 36.75 -5.14
C SER C 53 -3.88 35.38 -4.79
N VAL C 54 -4.05 35.09 -3.50
CA VAL C 54 -4.45 33.76 -3.08
C VAL C 54 -5.16 33.84 -1.73
N LEU C 55 -6.13 32.94 -1.53
CA LEU C 55 -6.71 32.73 -0.21
C LEU C 55 -6.08 31.50 0.38
N HIS C 56 -5.34 31.70 1.47
CA HIS C 56 -4.58 30.63 2.08
C HIS C 56 -5.16 30.24 3.44
N SER C 57 -5.41 28.94 3.59
CA SER C 57 -6.01 28.43 4.80
C SER C 57 -4.90 27.91 5.70
N THR C 58 -4.88 28.44 6.92
CA THR C 58 -3.82 28.14 7.87
C THR C 58 -4.38 27.99 9.27
N GLN C 59 -3.80 27.07 10.03
CA GLN C 59 -4.15 26.94 11.42
C GLN C 59 -2.97 27.35 12.29
N ASP C 60 -3.21 28.35 13.14
CA ASP C 60 -2.18 28.84 14.03
C ASP C 60 -2.84 29.52 15.22
N LEU C 61 -2.03 30.05 16.12
CA LEU C 61 -2.58 30.71 17.31
C LEU C 61 -2.85 32.17 16.98
N PHE C 62 -4.12 32.48 16.71
CA PHE C 62 -4.56 33.82 16.36
C PHE C 62 -5.54 34.34 17.40
N LEU C 63 -5.71 35.67 17.41
CA LEU C 63 -6.71 36.28 18.26
C LEU C 63 -8.08 36.10 17.61
N PRO C 64 -9.04 35.41 18.28
CA PRO C 64 -10.36 35.13 17.66
C PRO C 64 -11.06 36.44 17.31
N PHE C 65 -11.74 36.47 16.16
CA PHE C 65 -12.41 37.70 15.73
C PHE C 65 -13.58 37.99 16.65
N PHE C 66 -13.73 39.31 16.92
CA PHE C 66 -14.76 39.91 17.76
C PHE C 66 -14.72 39.39 19.19
N SER C 67 -13.61 38.80 19.60
CA SER C 67 -13.45 38.34 20.98
C SER C 67 -13.27 39.53 21.92
N ASN C 68 -13.44 39.24 23.21
CA ASN C 68 -13.23 40.18 24.29
C ASN C 68 -11.76 40.21 24.71
N VAL C 69 -11.26 41.43 24.80
CA VAL C 69 -9.94 41.69 25.33
C VAL C 69 -10.10 42.57 26.56
N THR C 70 -9.34 42.24 27.60
CA THR C 70 -9.41 43.02 28.82
C THR C 70 -8.68 44.33 28.61
N TRP C 71 -9.34 45.39 29.03
CA TRP C 71 -8.87 46.74 28.82
C TRP C 71 -8.33 47.31 30.13
N PHE C 72 -7.05 47.68 30.11
CA PHE C 72 -6.34 48.24 31.25
C PHE C 72 -6.01 49.70 30.97
N HIS C 73 -5.83 50.46 32.06
CA HIS C 73 -5.66 51.90 31.94
C HIS C 73 -4.29 52.37 32.48
N ALA C 74 -3.72 53.39 31.83
CA ALA C 74 -2.48 54.02 32.28
C ALA C 74 -2.65 55.53 32.41
N ILE C 75 -3.74 55.91 33.08
CA ILE C 75 -4.20 57.28 33.23
C ILE C 75 -4.57 57.49 34.70
N HIS C 76 -4.60 58.76 35.14
CA HIS C 76 -4.84 59.21 36.51
C HIS C 76 -3.81 58.57 37.47
N ASP C 87 -1.46 50.44 36.31
CA ASP C 87 -2.29 49.23 36.05
C ASP C 87 -1.38 48.19 35.37
N ASN C 88 -0.52 47.50 36.15
CA ASN C 88 0.42 46.52 35.64
C ASN C 88 0.40 45.24 36.48
N PRO C 89 -0.76 44.55 36.51
CA PRO C 89 -0.90 43.25 37.17
C PRO C 89 -0.20 42.12 36.41
N VAL C 90 -0.10 40.96 37.06
CA VAL C 90 0.46 39.79 36.39
C VAL C 90 -0.70 39.05 35.73
N LEU C 91 -0.55 38.83 34.41
CA LEU C 91 -1.59 38.10 33.71
C LEU C 91 -1.04 36.73 33.35
N PRO C 92 -1.91 35.71 33.27
CA PRO C 92 -1.54 34.42 32.67
C PRO C 92 -1.15 34.60 31.21
N PHE C 93 -0.27 33.72 30.74
CA PHE C 93 0.19 33.72 29.38
C PHE C 93 -0.63 32.73 28.56
N ASN C 94 -1.12 31.68 29.23
CA ASN C 94 -1.85 30.58 28.59
C ASN C 94 -0.99 29.96 27.49
N ASP C 95 -1.50 29.91 26.25
CA ASP C 95 -0.77 29.28 25.17
C ASP C 95 -0.14 30.35 24.27
N GLY C 96 -0.34 31.62 24.63
CA GLY C 96 0.12 32.70 23.78
C GLY C 96 -0.72 33.95 24.02
N VAL C 97 -0.08 35.11 23.85
CA VAL C 97 -0.74 36.36 24.21
C VAL C 97 -0.76 37.39 23.10
N TYR C 98 -1.95 37.99 22.93
CA TYR C 98 -2.06 39.19 22.16
C TYR C 98 -1.95 40.39 23.06
N PHE C 99 -1.11 41.30 22.66
CA PHE C 99 -1.01 42.51 23.45
C PHE C 99 -1.14 43.70 22.51
N ALA C 100 -1.87 44.68 23.02
CA ALA C 100 -1.97 45.86 22.18
C ALA C 100 -1.92 47.07 23.05
N SER C 101 -1.42 48.13 22.44
CA SER C 101 -1.45 49.37 23.17
C SER C 101 -1.70 50.51 22.20
N THR C 102 -2.19 51.57 22.83
CA THR C 102 -2.31 52.83 22.15
C THR C 102 -1.36 53.82 22.82
N GLU C 103 -0.63 54.56 21.98
CA GLU C 103 0.42 55.45 22.44
C GLU C 103 0.29 56.86 21.87
N LYS C 104 0.82 57.79 22.67
CA LYS C 104 1.03 59.15 22.25
C LYS C 104 2.38 59.63 22.79
N SER C 105 2.93 58.87 23.75
CA SER C 105 4.14 59.29 24.45
C SER C 105 5.08 58.13 24.82
N ASN C 106 4.86 56.94 24.23
CA ASN C 106 5.73 55.77 24.38
C ASN C 106 5.89 55.38 25.85
N ILE C 107 4.77 55.22 26.54
CA ILE C 107 4.76 54.87 27.97
C ILE C 107 5.06 53.39 28.16
N ILE C 108 4.52 52.52 27.30
CA ILE C 108 4.79 51.10 27.52
C ILE C 108 6.16 50.76 26.95
N ARG C 109 7.07 50.29 27.82
CA ARG C 109 8.48 50.18 27.47
C ARG C 109 9.07 48.79 27.67
N GLY C 110 8.23 47.87 28.17
CA GLY C 110 8.76 46.53 28.28
C GLY C 110 7.76 45.48 28.72
N TRP C 111 8.30 44.26 28.70
CA TRP C 111 7.58 43.02 29.01
C TRP C 111 8.49 42.08 29.79
N ILE C 112 7.89 41.32 30.72
CA ILE C 112 8.61 40.26 31.42
C ILE C 112 7.84 38.94 31.29
N PHE C 113 8.56 37.86 30.95
CA PHE C 113 7.88 36.60 30.76
C PHE C 113 8.56 35.49 31.56
N GLY C 114 7.75 34.67 32.25
CA GLY C 114 8.28 33.57 33.04
C GLY C 114 7.19 32.90 33.86
N THR C 115 7.57 32.31 35.00
CA THR C 115 6.58 31.60 35.81
C THR C 115 6.39 32.33 37.13
N THR C 116 7.51 32.77 37.71
CA THR C 116 7.49 33.36 39.04
C THR C 116 7.99 34.81 39.00
N LEU C 117 8.83 35.16 38.01
CA LEU C 117 9.31 36.52 37.81
C LEU C 117 9.96 37.09 39.08
N ASP C 118 10.76 36.28 39.78
CA ASP C 118 11.27 36.71 41.08
C ASP C 118 12.70 36.21 41.36
N SER C 119 13.53 36.00 40.31
CA SER C 119 14.92 35.58 40.43
C SER C 119 15.07 34.08 40.73
N LYS C 120 13.96 33.34 40.82
CA LYS C 120 14.03 31.91 41.06
C LYS C 120 14.14 31.13 39.75
N THR C 121 13.70 31.76 38.65
CA THR C 121 13.68 31.14 37.33
C THR C 121 14.21 32.13 36.30
N GLN C 122 14.45 31.64 35.09
CA GLN C 122 14.88 32.50 34.01
C GLN C 122 13.67 33.27 33.51
N SER C 123 13.84 34.58 33.30
CA SER C 123 12.71 35.38 32.88
C SER C 123 13.11 36.33 31.75
N LEU C 124 12.40 36.18 30.63
CA LEU C 124 12.74 36.97 29.45
C LEU C 124 12.33 38.41 29.72
N LEU C 125 13.29 39.30 29.47
CA LEU C 125 13.03 40.71 29.68
C LEU C 125 13.28 41.50 28.41
N ILE C 126 12.27 42.27 28.00
CA ILE C 126 12.37 43.15 26.85
C ILE C 126 12.19 44.59 27.32
N VAL C 127 13.19 45.41 26.97
CA VAL C 127 13.18 46.82 27.34
C VAL C 127 13.48 47.66 26.10
N ASN C 128 12.58 48.62 25.81
CA ASN C 128 12.84 49.55 24.72
C ASN C 128 13.21 50.92 25.28
N ASN C 129 14.24 50.97 26.14
CA ASN C 129 14.66 52.23 26.75
C ASN C 129 15.11 53.18 25.64
N ALA C 130 14.44 54.35 25.53
CA ALA C 130 14.66 55.31 24.45
C ALA C 130 14.67 54.59 23.10
N THR C 131 15.85 54.52 22.46
CA THR C 131 16.03 53.91 21.15
C THR C 131 16.97 52.71 21.28
N ASN C 132 16.60 51.70 22.07
CA ASN C 132 17.45 50.54 22.32
C ASN C 132 16.60 49.33 22.68
N VAL C 133 16.36 48.43 21.71
CA VAL C 133 15.64 47.20 21.99
C VAL C 133 16.59 46.22 22.66
N VAL C 134 16.47 46.09 23.99
CA VAL C 134 17.38 45.28 24.79
C VAL C 134 16.66 44.04 25.29
N ILE C 135 17.26 42.88 24.99
CA ILE C 135 16.64 41.61 25.37
C ILE C 135 17.64 40.86 26.24
N LYS C 136 17.16 40.47 27.44
CA LYS C 136 17.95 39.61 28.31
C LYS C 136 17.12 38.44 28.84
N VAL C 137 17.78 37.34 29.25
CA VAL C 137 17.04 36.19 29.73
C VAL C 137 17.57 35.68 31.05
N CYS C 138 18.07 36.61 31.86
CA CYS C 138 18.70 36.34 33.15
C CYS C 138 17.66 35.97 34.22
N GLU C 139 18.13 35.37 35.33
CA GLU C 139 17.29 35.13 36.50
C GLU C 139 17.18 36.41 37.31
N PHE C 140 16.42 37.36 36.76
CA PHE C 140 16.38 38.73 37.24
C PHE C 140 15.62 38.85 38.54
N GLN C 141 16.12 39.73 39.42
CA GLN C 141 15.35 40.11 40.58
C GLN C 141 14.47 41.30 40.22
N PHE C 142 13.17 41.02 40.08
CA PHE C 142 12.21 42.07 39.77
C PHE C 142 11.69 42.68 41.05
N CYS C 143 11.29 43.95 40.93
CA CYS C 143 10.72 44.75 42.00
C CYS C 143 9.36 44.17 42.41
N ASN C 144 8.92 44.48 43.64
CA ASN C 144 7.60 44.09 44.11
C ASN C 144 6.53 44.66 43.17
N ASP C 145 6.84 45.85 42.63
CA ASP C 145 6.00 46.54 41.67
C ASP C 145 6.91 47.06 40.56
N PRO C 146 7.17 46.25 39.50
CA PRO C 146 8.07 46.62 38.41
C PRO C 146 7.58 47.81 37.59
N PHE C 147 8.51 48.74 37.32
CA PHE C 147 8.25 49.91 36.50
C PHE C 147 9.58 50.49 36.00
N LEU C 148 9.49 51.40 35.02
CA LEU C 148 10.63 52.19 34.59
C LEU C 148 10.33 53.65 34.89
N GLY C 149 11.30 54.36 35.48
CA GLY C 149 11.16 55.80 35.69
C GLY C 149 11.56 56.56 34.43
N VAL C 150 10.97 57.75 34.23
CA VAL C 150 11.34 58.69 33.17
C VAL C 150 12.43 59.64 33.72
N ASN C 172 23.26 34.13 35.91
CA ASN C 172 22.78 32.88 35.26
C ASN C 172 22.05 33.22 33.96
N CYS C 173 22.68 34.08 33.15
CA CYS C 173 22.19 34.54 31.86
C CYS C 173 22.64 33.57 30.76
N THR C 174 21.73 33.33 29.80
CA THR C 174 22.00 32.49 28.64
C THR C 174 21.95 33.29 27.35
N PHE C 175 21.56 34.57 27.43
CA PHE C 175 21.30 35.37 26.24
C PHE C 175 21.21 36.86 26.55
N GLU C 176 21.79 37.63 25.62
CA GLU C 176 21.68 39.07 25.60
C GLU C 176 21.75 39.60 24.17
N TYR C 177 20.88 40.57 23.86
CA TYR C 177 20.89 41.20 22.55
C TYR C 177 20.51 42.67 22.65
N VAL C 178 21.20 43.49 21.84
CA VAL C 178 20.89 44.91 21.79
C VAL C 178 20.80 45.41 20.35
N SER C 179 19.70 46.11 20.03
CA SER C 179 19.49 46.78 18.75
C SER C 179 20.31 48.08 18.71
N PHE C 193 -5.09 58.87 20.66
CA PHE C 193 -3.72 58.31 20.50
C PHE C 193 -3.32 58.40 19.03
N LYS C 194 -2.00 58.33 18.78
CA LYS C 194 -1.42 58.54 17.46
C LYS C 194 -0.82 57.26 16.91
N ASN C 195 -0.45 56.34 17.81
CA ASN C 195 0.26 55.13 17.44
C ASN C 195 -0.38 53.90 18.07
N LEU C 196 -0.75 52.99 17.18
CA LEU C 196 -1.25 51.71 17.63
C LEU C 196 -0.12 50.71 17.43
N ARG C 197 0.19 49.99 18.51
CA ARG C 197 1.34 49.11 18.49
C ARG C 197 0.86 47.74 18.96
N GLU C 198 0.73 46.86 17.99
CA GLU C 198 0.17 45.56 18.26
C GLU C 198 1.33 44.58 18.35
N PHE C 199 1.19 43.60 19.26
CA PHE C 199 2.23 42.60 19.45
C PHE C 199 1.65 41.22 19.70
N VAL C 200 2.40 40.22 19.32
CA VAL C 200 1.99 38.88 19.55
C VAL C 200 3.21 38.14 20.09
N PHE C 201 2.98 37.48 21.21
CA PHE C 201 4.04 36.78 21.91
C PHE C 201 3.62 35.32 22.08
N LYS C 202 4.42 34.40 21.51
CA LYS C 202 3.99 33.01 21.52
C LYS C 202 5.18 32.06 21.65
N ASN C 203 4.96 30.90 22.28
CA ASN C 203 6.04 29.95 22.55
C ASN C 203 5.78 28.58 21.93
N ILE C 204 6.59 28.22 20.95
CA ILE C 204 6.51 26.90 20.34
C ILE C 204 7.81 26.14 20.54
N ASP C 205 7.74 25.04 21.31
CA ASP C 205 8.88 24.17 21.61
C ASP C 205 10.10 24.95 22.09
N GLY C 206 9.86 25.97 22.93
CA GLY C 206 10.93 26.75 23.55
C GLY C 206 11.38 27.96 22.73
N TYR C 207 10.71 28.18 21.59
CA TYR C 207 11.01 29.34 20.76
C TYR C 207 10.00 30.45 21.00
N PHE C 208 10.52 31.60 21.45
CA PHE C 208 9.71 32.77 21.75
C PHE C 208 9.63 33.67 20.52
N LYS C 209 8.45 33.67 19.91
CA LYS C 209 8.25 34.38 18.65
C LYS C 209 7.57 35.72 18.94
N ILE C 210 8.16 36.80 18.41
CA ILE C 210 7.56 38.14 18.52
C ILE C 210 7.14 38.69 17.17
N TYR C 211 5.88 39.10 17.06
CA TYR C 211 5.36 39.81 15.91
C TYR C 211 4.90 41.17 16.39
N SER C 212 4.97 42.16 15.50
CA SER C 212 4.42 43.47 15.86
C SER C 212 4.13 44.31 14.63
N LYS C 213 3.24 45.29 14.82
CA LYS C 213 2.94 46.22 13.76
C LYS C 213 2.65 47.56 14.40
N HIS C 214 3.35 48.56 13.89
CA HIS C 214 3.11 49.93 14.32
C HIS C 214 2.42 50.66 13.19
N THR C 215 1.30 51.29 13.53
CA THR C 215 0.48 51.94 12.53
C THR C 215 -0.06 53.23 13.12
N PRO C 216 -0.10 54.32 12.30
CA PRO C 216 -0.71 55.58 12.69
C PRO C 216 -2.21 55.43 12.86
N ILE C 217 -2.72 56.09 13.91
CA ILE C 217 -4.13 56.07 14.27
C ILE C 217 -4.55 57.47 14.69
N ASN C 218 -5.88 57.68 14.75
CA ASN C 218 -6.46 58.92 15.22
C ASN C 218 -7.67 58.59 16.11
N LEU C 219 -7.39 57.98 17.26
CA LEU C 219 -8.45 57.49 18.16
C LEU C 219 -7.90 57.34 19.58
N VAL C 220 -8.63 57.88 20.55
CA VAL C 220 -8.18 57.85 21.93
C VAL C 220 -8.94 56.80 22.75
N ARG C 221 -10.23 56.64 22.43
CA ARG C 221 -11.21 55.94 23.24
C ARG C 221 -10.88 54.45 23.35
N ASP C 222 -10.56 53.83 22.22
CA ASP C 222 -10.55 52.37 22.15
C ASP C 222 -9.67 51.90 21.00
N LEU C 223 -9.56 50.57 20.84
CA LEU C 223 -8.94 50.00 19.65
C LEU C 223 -9.72 50.39 18.39
N PRO C 224 -9.04 50.97 17.37
CA PRO C 224 -9.64 51.31 16.08
C PRO C 224 -10.10 50.07 15.35
N GLN C 225 -11.19 50.20 14.62
CA GLN C 225 -11.71 49.10 13.82
C GLN C 225 -11.03 49.10 12.45
N GLY C 226 -10.65 47.91 11.99
CA GLY C 226 -10.03 47.76 10.69
C GLY C 226 -9.11 46.55 10.67
N PHE C 227 -8.39 46.39 9.55
CA PHE C 227 -7.58 45.21 9.38
C PHE C 227 -6.14 45.59 9.02
N SER C 228 -5.19 44.97 9.72
CA SER C 228 -3.77 45.16 9.48
C SER C 228 -2.98 43.99 10.07
N ALA C 229 -2.18 43.36 9.19
CA ALA C 229 -1.43 42.17 9.53
C ALA C 229 -0.08 42.56 10.17
N LEU C 230 0.39 41.75 11.12
CA LEU C 230 1.66 41.97 11.83
C LEU C 230 2.79 41.08 11.29
N GLU C 231 3.92 41.71 10.93
CA GLU C 231 5.14 40.97 10.59
C GLU C 231 5.92 40.47 11.81
N PRO C 232 6.60 39.30 11.68
CA PRO C 232 7.51 38.82 12.71
C PRO C 232 8.76 39.69 12.72
N LEU C 233 9.33 39.84 13.92
CA LEU C 233 10.61 40.53 14.05
C LEU C 233 11.69 39.62 14.64
N VAL C 234 11.34 38.85 15.68
CA VAL C 234 12.36 38.14 16.45
C VAL C 234 11.88 36.74 16.80
N ASP C 235 12.82 35.79 16.85
CA ASP C 235 12.60 34.43 17.29
C ASP C 235 13.74 34.00 18.23
N LEU C 236 13.43 33.93 19.52
CA LEU C 236 14.44 33.70 20.54
C LEU C 236 14.37 32.28 21.09
N PRO C 237 15.46 31.51 20.91
CA PRO C 237 15.56 30.13 21.41
C PRO C 237 15.92 30.09 22.89
N ILE C 238 15.00 30.55 23.72
CA ILE C 238 15.27 30.77 25.13
C ILE C 238 15.04 29.51 25.95
N GLY C 239 14.09 28.66 25.54
CA GLY C 239 13.79 27.42 26.23
C GLY C 239 13.24 27.65 27.63
N ILE C 240 12.54 28.77 27.80
CA ILE C 240 11.94 29.14 29.07
C ILE C 240 10.48 28.72 29.13
N ASN C 241 10.10 28.12 30.26
CA ASN C 241 8.72 27.72 30.54
C ASN C 241 7.95 28.95 31.01
N ILE C 242 7.09 29.50 30.14
CA ILE C 242 6.39 30.76 30.37
C ILE C 242 4.90 30.49 30.62
N THR C 243 4.41 30.92 31.79
CA THR C 243 3.03 30.71 32.19
C THR C 243 2.36 32.04 32.57
N ARG C 244 3.20 33.03 32.91
CA ARG C 244 2.73 34.34 33.36
C ARG C 244 3.56 35.45 32.74
N PHE C 245 2.97 36.65 32.68
CA PHE C 245 3.75 37.77 32.21
C PHE C 245 3.31 39.05 32.89
N GLN C 246 4.17 40.06 32.76
CA GLN C 246 3.84 41.37 33.27
C GLN C 246 4.42 42.46 32.37
N THR C 247 3.76 43.62 32.40
CA THR C 247 4.18 44.75 31.61
C THR C 247 4.96 45.75 32.46
N LEU C 248 5.67 46.63 31.72
CA LEU C 248 6.53 47.67 32.29
C LEU C 248 6.12 49.01 31.70
N LEU C 249 5.72 49.90 32.61
CA LEU C 249 5.23 51.22 32.27
C LEU C 249 6.26 52.28 32.64
N ALA C 250 6.37 53.31 31.79
CA ALA C 250 7.26 54.45 32.02
C ALA C 250 6.51 55.54 32.79
N LEU C 251 6.99 55.81 34.01
CA LEU C 251 6.30 56.74 34.91
C LEU C 251 7.10 58.03 35.08
N HIS C 252 6.38 59.16 34.97
CA HIS C 252 6.93 60.51 35.13
C HIS C 252 7.09 60.84 36.62
N ALA C 270 -2.05 55.86 28.20
CA ALA C 270 -1.51 54.78 27.35
C ALA C 270 -2.12 53.46 27.79
N ALA C 271 -3.38 53.25 27.36
CA ALA C 271 -4.14 52.06 27.68
C ALA C 271 -3.58 50.87 26.92
N TYR C 272 -3.86 49.69 27.48
CA TYR C 272 -3.43 48.50 26.78
C TYR C 272 -4.45 47.38 26.96
N TYR C 273 -4.30 46.38 26.13
CA TYR C 273 -5.24 45.30 26.14
C TYR C 273 -4.47 43.99 26.26
N VAL C 274 -5.15 43.02 26.86
CA VAL C 274 -4.71 41.65 26.80
C VAL C 274 -5.78 40.75 26.19
N GLY C 275 -5.40 40.04 25.13
CA GLY C 275 -6.17 38.91 24.67
C GLY C 275 -5.34 37.62 24.70
N TYR C 276 -5.96 36.56 24.22
CA TYR C 276 -5.27 35.29 24.17
C TYR C 276 -5.50 34.67 22.82
N LEU C 277 -4.49 33.91 22.43
CA LEU C 277 -4.56 33.25 21.16
C LEU C 277 -5.15 31.85 21.33
N GLN C 278 -5.73 31.39 20.24
CA GLN C 278 -6.37 30.10 20.19
C GLN C 278 -5.97 29.47 18.86
N PRO C 279 -5.87 28.13 18.79
CA PRO C 279 -5.62 27.42 17.53
C PRO C 279 -6.79 27.44 16.53
N ARG C 280 -7.09 28.65 16.05
CA ARG C 280 -8.16 28.97 15.12
C ARG C 280 -7.68 28.76 13.69
N THR C 281 -8.59 28.34 12.82
CA THR C 281 -8.24 28.30 11.41
C THR C 281 -8.68 29.62 10.80
N PHE C 282 -7.77 30.21 10.03
CA PHE C 282 -8.09 31.42 9.29
C PHE C 282 -7.91 31.24 7.80
N LEU C 283 -8.80 31.88 7.04
CA LEU C 283 -8.61 32.05 5.62
C LEU C 283 -8.00 33.44 5.45
N LEU C 284 -6.76 33.48 4.98
CA LEU C 284 -6.09 34.77 4.82
C LEU C 284 -6.05 35.16 3.35
N LYS C 285 -6.45 36.41 3.09
CA LYS C 285 -6.46 36.91 1.73
C LYS C 285 -5.19 37.75 1.48
N TYR C 286 -4.34 37.25 0.57
CA TYR C 286 -3.15 37.99 0.15
C TYR C 286 -3.43 38.67 -1.18
N ASN C 287 -3.14 39.96 -1.27
CA ASN C 287 -3.40 40.68 -2.51
C ASN C 287 -2.27 40.46 -3.52
N GLU C 288 -2.24 41.28 -4.59
CA GLU C 288 -1.28 41.15 -5.67
C GLU C 288 0.17 41.42 -5.23
N ASN C 289 0.33 42.15 -4.12
CA ASN C 289 1.61 42.58 -3.58
C ASN C 289 2.06 41.68 -2.42
N GLY C 290 1.31 40.62 -2.14
CA GLY C 290 1.62 39.67 -1.09
C GLY C 290 1.31 40.22 0.31
N THR C 291 0.43 41.23 0.35
CA THR C 291 0.01 41.82 1.60
C THR C 291 -1.28 41.18 2.07
N ILE C 292 -1.32 40.79 3.36
CA ILE C 292 -2.58 40.28 3.85
C ILE C 292 -3.53 41.45 4.02
N THR C 293 -4.66 41.41 3.31
CA THR C 293 -5.60 42.52 3.35
C THR C 293 -6.90 42.15 4.06
N ASP C 294 -7.20 40.84 4.17
CA ASP C 294 -8.44 40.45 4.84
C ASP C 294 -8.28 39.04 5.43
N ALA C 295 -9.32 38.58 6.16
CA ALA C 295 -9.31 37.27 6.78
C ALA C 295 -10.69 36.82 7.25
N VAL C 296 -10.90 35.49 7.26
CA VAL C 296 -12.10 34.89 7.82
C VAL C 296 -11.72 33.99 8.98
N ASP C 297 -12.36 34.29 10.12
CA ASP C 297 -12.28 33.41 11.27
C ASP C 297 -13.27 32.27 11.04
N CYS C 298 -12.77 31.05 10.76
CA CYS C 298 -13.56 29.89 10.34
C CYS C 298 -14.54 29.37 11.41
N ALA C 299 -14.35 29.83 12.66
CA ALA C 299 -15.15 29.36 13.78
C ALA C 299 -15.96 30.49 14.43
N LEU C 300 -16.05 31.63 13.74
CA LEU C 300 -16.81 32.77 14.24
C LEU C 300 -18.32 32.57 14.20
N ASP C 301 -18.86 32.03 13.09
CA ASP C 301 -20.30 31.84 12.84
C ASP C 301 -20.55 30.89 11.67
N PRO C 302 -21.76 30.32 11.47
CA PRO C 302 -22.06 29.46 10.33
C PRO C 302 -21.76 30.01 8.94
N LEU C 303 -21.93 31.32 8.72
CA LEU C 303 -21.60 31.90 7.43
C LEU C 303 -20.08 31.87 7.17
N SER C 304 -19.29 32.14 8.22
CA SER C 304 -17.84 32.06 8.13
C SER C 304 -17.46 30.62 7.84
N GLU C 305 -18.16 29.65 8.45
CA GLU C 305 -17.87 28.25 8.24
C GLU C 305 -18.09 27.89 6.77
N THR C 306 -19.16 28.46 6.19
CA THR C 306 -19.51 28.28 4.79
C THR C 306 -18.37 28.82 3.93
N LYS C 307 -17.92 30.03 4.25
CA LYS C 307 -16.87 30.69 3.49
C LYS C 307 -15.59 29.88 3.48
N CYS C 308 -15.22 29.31 4.63
CA CYS C 308 -14.02 28.49 4.74
C CYS C 308 -14.17 27.18 3.97
N THR C 309 -15.34 26.53 4.03
CA THR C 309 -15.63 25.26 3.35
C THR C 309 -15.47 25.43 1.84
N LEU C 310 -15.96 26.56 1.31
CA LEU C 310 -15.93 26.84 -0.12
C LEU C 310 -14.65 27.57 -0.52
N LYS C 311 -13.76 27.85 0.44
CA LYS C 311 -12.51 28.58 0.20
C LYS C 311 -12.76 29.88 -0.56
N SER C 312 -13.74 30.65 -0.09
CA SER C 312 -14.07 31.90 -0.74
C SER C 312 -14.59 32.93 0.26
N PHE C 313 -14.46 34.22 -0.09
CA PHE C 313 -15.00 35.26 0.75
C PHE C 313 -16.40 35.62 0.27
N THR C 314 -16.87 34.95 -0.80
CA THR C 314 -18.17 35.27 -1.37
C THR C 314 -18.99 33.99 -1.54
N VAL C 315 -20.28 34.02 -1.19
CA VAL C 315 -21.08 32.80 -1.21
C VAL C 315 -22.27 32.99 -2.14
N GLU C 316 -22.41 32.08 -3.10
CA GLU C 316 -23.56 32.09 -4.00
C GLU C 316 -24.81 31.67 -3.23
N LYS C 317 -25.96 32.12 -3.70
CA LYS C 317 -27.22 31.69 -3.10
C LYS C 317 -27.40 30.18 -3.23
N GLY C 318 -27.81 29.57 -2.12
CA GLY C 318 -28.17 28.15 -2.10
C GLY C 318 -28.10 27.56 -0.70
N ILE C 319 -28.07 26.23 -0.62
CA ILE C 319 -27.99 25.54 0.66
C ILE C 319 -26.68 24.76 0.69
N TYR C 320 -25.91 24.90 1.78
CA TYR C 320 -24.59 24.28 1.77
C TYR C 320 -24.41 23.34 2.94
N GLN C 321 -23.77 22.21 2.65
CA GLN C 321 -23.37 21.29 3.69
C GLN C 321 -21.95 21.65 4.12
N THR C 322 -21.78 21.98 5.39
CA THR C 322 -20.53 22.61 5.82
C THR C 322 -19.83 21.76 6.88
N SER C 323 -20.61 20.99 7.66
CA SER C 323 -20.02 20.32 8.81
C SER C 323 -20.79 19.09 9.22
N ASN C 324 -20.34 18.48 10.33
CA ASN C 324 -21.03 17.37 10.96
C ASN C 324 -21.09 17.57 12.46
N PHE C 325 -22.32 17.49 12.96
CA PHE C 325 -22.57 17.69 14.36
C PHE C 325 -22.39 16.37 15.08
N ARG C 326 -21.77 16.44 16.24
CA ARG C 326 -21.79 15.31 17.16
C ARG C 326 -22.10 15.75 18.58
N VAL C 327 -23.00 15.02 19.24
CA VAL C 327 -23.19 15.18 20.67
C VAL C 327 -21.96 14.64 21.39
N GLN C 328 -21.50 15.41 22.38
CA GLN C 328 -20.32 15.07 23.15
C GLN C 328 -20.69 14.25 24.38
N PRO C 329 -19.78 13.37 24.83
CA PRO C 329 -19.93 12.61 26.08
C PRO C 329 -19.80 13.53 27.28
N THR C 330 -20.39 13.09 28.39
CA THR C 330 -20.37 13.84 29.65
C THR C 330 -19.29 13.31 30.59
N GLU C 331 -19.28 11.99 30.80
CA GLU C 331 -18.61 11.40 31.97
C GLU C 331 -18.31 9.93 31.73
N SER C 332 -17.33 9.40 32.48
CA SER C 332 -16.82 8.05 32.24
C SER C 332 -17.46 7.05 33.20
N ILE C 333 -17.62 5.82 32.71
CA ILE C 333 -18.14 4.68 33.49
C ILE C 333 -17.08 3.59 33.48
N VAL C 334 -16.65 3.21 34.67
CA VAL C 334 -15.64 2.16 34.77
C VAL C 334 -16.22 0.96 35.51
N ARG C 335 -16.20 -0.19 34.85
CA ARG C 335 -16.63 -1.41 35.49
C ARG C 335 -15.59 -2.52 35.31
N PHE C 336 -15.19 -3.11 36.44
CA PHE C 336 -14.39 -4.33 36.50
C PHE C 336 -14.97 -5.26 37.56
N PRO C 337 -14.70 -6.58 37.55
CA PRO C 337 -15.32 -7.46 38.55
C PRO C 337 -14.73 -7.17 39.92
N ASN C 338 -15.59 -7.11 40.96
CA ASN C 338 -15.10 -6.74 42.29
C ASN C 338 -14.43 -7.98 42.91
N ILE C 339 -13.08 -7.98 42.95
CA ILE C 339 -12.24 -9.05 43.48
C ILE C 339 -11.09 -8.41 44.26
N THR C 340 -10.28 -9.23 44.95
CA THR C 340 -9.26 -8.76 45.88
C THR C 340 -7.97 -9.59 45.88
N ASN C 341 -8.03 -10.87 45.45
CA ASN C 341 -6.91 -11.79 45.50
C ASN C 341 -5.74 -11.27 44.64
N LEU C 342 -4.50 -11.51 45.09
CA LEU C 342 -3.30 -11.01 44.44
C LEU C 342 -2.55 -12.16 43.75
N CYS C 343 -1.53 -11.84 42.94
CA CYS C 343 -0.77 -12.82 42.17
C CYS C 343 0.54 -13.15 42.87
N PRO C 344 0.92 -14.44 43.00
CA PRO C 344 2.12 -14.79 43.75
C PRO C 344 3.40 -14.58 42.94
N PHE C 345 3.59 -13.39 42.38
CA PHE C 345 4.82 -13.08 41.66
C PHE C 345 6.03 -13.14 42.58
N GLY C 346 5.83 -12.86 43.88
CA GLY C 346 6.88 -12.96 44.87
C GLY C 346 7.61 -14.31 44.82
N GLU C 347 6.83 -15.39 44.96
CA GLU C 347 7.38 -16.74 44.98
C GLU C 347 7.95 -17.15 43.61
N VAL C 348 7.48 -16.50 42.54
CA VAL C 348 7.99 -16.81 41.20
C VAL C 348 9.35 -16.17 40.98
N PHE C 349 9.37 -14.83 40.97
CA PHE C 349 10.60 -14.09 40.70
C PHE C 349 11.62 -14.29 41.82
N ASN C 350 11.19 -14.07 43.07
CA ASN C 350 12.07 -14.17 44.22
C ASN C 350 12.32 -15.62 44.64
N ALA C 351 11.95 -16.58 43.78
CA ALA C 351 12.18 -17.99 44.09
C ALA C 351 13.65 -18.25 44.37
N THR C 352 13.89 -19.28 45.20
CA THR C 352 15.23 -19.64 45.63
C THR C 352 15.85 -20.71 44.72
N ARG C 353 15.02 -21.32 43.87
CA ARG C 353 15.46 -22.44 43.06
C ARG C 353 14.79 -22.36 41.70
N PHE C 354 15.61 -22.52 40.66
CA PHE C 354 15.14 -22.54 39.29
C PHE C 354 15.54 -23.86 38.64
N ALA C 355 14.66 -24.35 37.76
CA ALA C 355 14.95 -25.51 36.95
C ALA C 355 15.64 -25.08 35.66
N SER C 356 16.37 -26.03 35.08
CA SER C 356 17.09 -25.84 33.85
C SER C 356 16.11 -25.66 32.68
N VAL C 357 16.67 -25.23 31.54
CA VAL C 357 15.86 -24.80 30.41
C VAL C 357 15.05 -25.96 29.81
N TYR C 358 15.68 -27.12 29.61
CA TYR C 358 14.96 -28.23 29.00
C TYR C 358 13.84 -28.69 29.92
N ALA C 359 14.08 -28.70 31.25
CA ALA C 359 13.07 -29.04 32.23
C ALA C 359 12.35 -27.80 32.74
N TRP C 360 12.27 -26.75 31.91
CA TRP C 360 11.63 -25.49 32.25
C TRP C 360 10.27 -25.71 32.93
N ASN C 361 10.06 -24.95 34.00
CA ASN C 361 8.90 -25.06 34.86
C ASN C 361 7.76 -24.20 34.31
N ARG C 362 6.54 -24.52 34.72
CA ARG C 362 5.37 -23.71 34.40
C ARG C 362 4.46 -23.52 35.62
N LYS C 363 3.90 -22.32 35.75
CA LYS C 363 2.93 -22.03 36.80
C LYS C 363 1.77 -21.29 36.17
N ARG C 364 0.64 -21.98 36.07
CA ARG C 364 -0.59 -21.34 35.64
C ARG C 364 -1.14 -20.45 36.75
N ILE C 365 -1.39 -19.21 36.39
CA ILE C 365 -1.81 -18.16 37.31
C ILE C 365 -3.10 -17.58 36.76
N SER C 366 -4.00 -17.24 37.68
CA SER C 366 -5.29 -16.68 37.35
C SER C 366 -5.94 -16.04 38.57
N ASN C 367 -6.96 -15.21 38.30
CA ASN C 367 -7.86 -14.63 39.28
C ASN C 367 -7.08 -13.76 40.26
N CYS C 368 -6.50 -12.68 39.73
CA CYS C 368 -5.75 -11.77 40.59
C CYS C 368 -6.13 -10.33 40.30
N VAL C 369 -5.59 -9.45 41.15
CA VAL C 369 -5.33 -8.06 40.80
C VAL C 369 -3.82 -7.93 40.59
N ALA C 370 -3.42 -7.46 39.41
CA ALA C 370 -2.02 -7.40 39.01
C ALA C 370 -1.52 -5.95 38.98
N ASP C 371 -0.36 -5.74 39.62
CA ASP C 371 0.36 -4.49 39.49
C ASP C 371 1.71 -4.80 38.87
N TYR C 372 1.86 -4.51 37.58
CA TYR C 372 3.12 -4.77 36.92
C TYR C 372 4.10 -3.61 37.12
N SER C 373 3.60 -2.45 37.54
CA SER C 373 4.46 -1.28 37.66
C SER C 373 5.53 -1.47 38.73
N VAL C 374 5.23 -2.28 39.74
CA VAL C 374 6.19 -2.60 40.80
C VAL C 374 7.45 -3.22 40.20
N LEU C 375 7.28 -4.03 39.17
CA LEU C 375 8.42 -4.58 38.46
C LEU C 375 8.95 -3.58 37.46
N TYR C 376 8.02 -2.96 36.73
CA TYR C 376 8.40 -2.10 35.62
C TYR C 376 9.38 -1.03 36.08
N ASN C 377 9.04 -0.38 37.20
CA ASN C 377 9.81 0.72 37.75
C ASN C 377 10.84 0.23 38.78
N SER C 378 10.91 -1.09 39.01
CA SER C 378 11.89 -1.67 39.92
C SER C 378 13.31 -1.35 39.45
N ALA C 379 13.48 -1.23 38.13
CA ALA C 379 14.72 -0.86 37.46
C ALA C 379 15.86 -1.78 37.89
N SER C 380 15.51 -3.00 38.32
CA SER C 380 16.50 -4.00 38.69
C SER C 380 16.72 -5.01 37.58
N PHE C 381 16.12 -4.78 36.40
CA PHE C 381 16.11 -5.76 35.31
C PHE C 381 16.96 -5.25 34.15
N SER C 382 17.93 -6.07 33.75
CA SER C 382 18.82 -5.72 32.65
C SER C 382 18.10 -5.67 31.32
N THR C 383 16.93 -6.31 31.22
CA THR C 383 16.22 -6.43 29.95
C THR C 383 14.73 -6.61 30.25
N PHE C 384 13.88 -5.94 29.48
CA PHE C 384 12.43 -6.07 29.64
C PHE C 384 11.77 -5.65 28.34
N LYS C 385 11.35 -6.63 27.57
CA LYS C 385 10.77 -6.39 26.25
C LYS C 385 9.57 -7.29 26.12
N CYS C 386 8.60 -6.85 25.32
CA CYS C 386 7.55 -7.75 24.87
C CYS C 386 6.79 -7.15 23.70
N TYR C 387 5.89 -7.97 23.17
CA TYR C 387 5.42 -7.83 21.82
C TYR C 387 3.91 -8.00 21.81
N GLY C 388 3.22 -6.94 21.35
CA GLY C 388 1.77 -6.93 21.33
C GLY C 388 1.18 -5.89 22.28
N VAL C 389 1.92 -5.51 23.32
CA VAL C 389 1.37 -4.66 24.35
C VAL C 389 2.50 -3.84 24.97
N SER C 390 2.31 -2.52 25.12
CA SER C 390 3.20 -1.72 25.96
C SER C 390 2.98 -2.06 27.43
N PRO C 391 4.03 -1.97 28.26
CA PRO C 391 3.89 -2.26 29.69
C PRO C 391 2.81 -1.44 30.40
N THR C 392 2.86 -0.13 30.15
CA THR C 392 1.99 0.80 30.83
C THR C 392 0.53 0.53 30.44
N LYS C 393 0.32 0.22 29.15
CA LYS C 393 -1.01 -0.05 28.65
C LYS C 393 -1.51 -1.40 29.14
N LEU C 394 -0.61 -2.36 29.40
CA LEU C 394 -1.06 -3.66 29.87
C LEU C 394 -1.41 -3.65 31.35
N ASN C 395 -0.76 -2.76 32.10
CA ASN C 395 -1.06 -2.65 33.51
C ASN C 395 -2.55 -2.37 33.75
N ASP C 396 -3.12 -1.45 32.98
CA ASP C 396 -4.52 -1.08 33.07
C ASP C 396 -5.33 -1.81 32.00
N LEU C 397 -5.26 -3.14 32.02
CA LEU C 397 -5.99 -3.96 31.07
C LEU C 397 -6.26 -5.33 31.68
N CYS C 398 -7.39 -5.94 31.30
CA CYS C 398 -7.73 -7.25 31.84
C CYS C 398 -7.41 -8.35 30.83
N PHE C 399 -7.04 -9.50 31.40
CA PHE C 399 -6.69 -10.70 30.65
C PHE C 399 -7.35 -11.88 31.35
N THR C 400 -7.57 -12.95 30.59
CA THR C 400 -8.34 -14.09 31.03
C THR C 400 -7.45 -15.21 31.56
N ASN C 401 -6.27 -15.40 30.94
CA ASN C 401 -5.38 -16.49 31.29
C ASN C 401 -3.94 -16.07 31.07
N VAL C 402 -3.08 -16.37 32.03
CA VAL C 402 -1.65 -16.04 31.98
C VAL C 402 -0.84 -17.22 32.50
N TYR C 403 0.30 -17.47 31.84
CA TYR C 403 1.22 -18.51 32.26
C TYR C 403 2.53 -17.87 32.69
N ALA C 404 3.32 -18.58 33.49
CA ALA C 404 4.61 -18.11 33.96
C ALA C 404 5.62 -19.25 33.78
N ASP C 405 6.67 -18.95 33.02
CA ASP C 405 7.71 -19.92 32.73
C ASP C 405 9.06 -19.28 33.00
N SER C 406 10.02 -20.09 33.46
CA SER C 406 11.30 -19.56 33.89
C SER C 406 12.38 -20.62 33.75
N PHE C 407 13.60 -20.15 33.52
CA PHE C 407 14.77 -21.01 33.39
C PHE C 407 16.03 -20.17 33.49
N VAL C 408 17.19 -20.75 33.17
CA VAL C 408 18.47 -20.05 33.26
C VAL C 408 19.22 -20.33 31.98
N ILE C 409 19.63 -19.27 31.30
CA ILE C 409 20.33 -19.44 30.04
C ILE C 409 21.65 -18.66 30.10
N ARG C 410 22.32 -18.56 28.95
CA ARG C 410 23.54 -17.79 28.85
C ARG C 410 23.26 -16.42 28.26
N GLY C 411 24.07 -15.44 28.69
CA GLY C 411 23.90 -14.04 28.31
C GLY C 411 23.92 -13.87 26.80
N ASP C 412 24.99 -14.41 26.20
CA ASP C 412 25.20 -14.37 24.77
C ASP C 412 23.95 -14.80 23.99
N GLU C 413 23.18 -15.71 24.57
CA GLU C 413 22.06 -16.32 23.86
C GLU C 413 20.73 -15.73 24.29
N VAL C 414 20.73 -14.67 25.11
CA VAL C 414 19.47 -14.18 25.65
C VAL C 414 18.50 -13.81 24.53
N ARG C 415 19.08 -13.21 23.47
CA ARG C 415 18.34 -12.71 22.32
C ARG C 415 17.51 -13.81 21.67
N GLN C 416 17.91 -15.08 21.87
CA GLN C 416 17.22 -16.19 21.22
C GLN C 416 15.79 -16.35 21.75
N ILE C 417 15.49 -15.77 22.91
CA ILE C 417 14.14 -15.87 23.44
C ILE C 417 13.32 -14.75 22.84
N ALA C 418 12.84 -15.01 21.62
CA ALA C 418 12.11 -14.08 20.78
C ALA C 418 11.54 -14.89 19.60
N PRO C 419 10.38 -14.47 19.05
CA PRO C 419 9.79 -15.20 17.91
C PRO C 419 10.75 -15.26 16.73
N GLY C 420 10.83 -16.43 16.10
CA GLY C 420 11.63 -16.65 14.90
C GLY C 420 13.12 -16.36 15.10
N GLN C 421 13.69 -16.96 16.15
CA GLN C 421 15.14 -16.92 16.35
C GLN C 421 15.75 -18.28 16.06
N THR C 422 17.09 -18.33 15.93
CA THR C 422 17.80 -19.59 15.75
C THR C 422 18.92 -19.72 16.77
N GLY C 423 19.44 -20.94 16.89
CA GLY C 423 20.50 -21.28 17.83
C GLY C 423 20.16 -22.52 18.65
N LYS C 424 21.09 -22.88 19.54
CA LYS C 424 20.96 -23.97 20.49
C LYS C 424 19.55 -23.98 21.10
N ILE C 425 19.19 -22.90 21.79
CA ILE C 425 18.01 -22.89 22.62
C ILE C 425 16.76 -22.85 21.75
N ALA C 426 16.78 -22.01 20.72
CA ALA C 426 15.65 -21.87 19.81
C ALA C 426 15.29 -23.22 19.17
N ASP C 427 16.33 -24.02 18.89
CA ASP C 427 16.12 -25.27 18.19
C ASP C 427 15.72 -26.38 19.15
N TYR C 428 16.42 -26.53 20.27
CA TYR C 428 16.36 -27.77 21.04
C TYR C 428 15.96 -27.57 22.50
N ASN C 429 15.70 -26.33 22.92
CA ASN C 429 15.41 -26.17 24.33
C ASN C 429 14.12 -25.38 24.56
N TYR C 430 13.85 -24.38 23.71
CA TYR C 430 12.66 -23.55 23.88
C TYR C 430 12.45 -22.75 22.61
N LYS C 431 11.19 -22.59 22.23
CA LYS C 431 10.87 -21.85 21.02
C LYS C 431 9.52 -21.15 21.16
N LEU C 432 9.57 -19.83 21.33
CA LEU C 432 8.36 -19.01 21.34
C LEU C 432 7.64 -19.13 20.01
N PRO C 433 6.29 -19.21 20.01
CA PRO C 433 5.52 -19.07 18.78
C PRO C 433 5.70 -17.67 18.18
N ASP C 434 5.54 -17.59 16.85
CA ASP C 434 5.75 -16.37 16.10
C ASP C 434 4.85 -15.25 16.62
N ASP C 435 3.54 -15.54 16.75
CA ASP C 435 2.55 -14.57 17.17
C ASP C 435 2.54 -14.47 18.68
N PHE C 436 3.72 -14.30 19.27
CA PHE C 436 3.87 -14.31 20.71
C PHE C 436 3.33 -13.02 21.31
N THR C 437 2.46 -13.16 22.31
CA THR C 437 1.77 -12.04 22.91
C THR C 437 2.06 -11.89 24.41
N GLY C 438 3.03 -12.66 24.90
CA GLY C 438 3.43 -12.61 26.31
C GLY C 438 4.40 -11.48 26.59
N CYS C 439 5.24 -11.66 27.62
CA CYS C 439 6.25 -10.67 27.95
C CYS C 439 7.49 -11.38 28.49
N VAL C 440 8.67 -10.93 28.08
CA VAL C 440 9.89 -11.66 28.42
C VAL C 440 10.84 -10.74 29.21
N ILE C 441 11.48 -11.25 30.27
CA ILE C 441 12.27 -10.44 31.17
C ILE C 441 13.55 -11.21 31.52
N ALA C 442 14.64 -10.51 31.80
CA ALA C 442 15.90 -11.15 32.19
C ALA C 442 16.76 -10.17 32.99
N TRP C 443 17.49 -10.69 33.99
CA TRP C 443 18.40 -9.88 34.76
C TRP C 443 19.66 -10.67 35.06
N ASN C 444 20.73 -9.98 35.47
CA ASN C 444 21.94 -10.68 35.84
C ASN C 444 21.74 -11.36 37.18
N SER C 445 22.16 -12.63 37.27
CA SER C 445 22.08 -13.41 38.50
C SER C 445 23.42 -14.07 38.80
N ASN C 446 24.51 -13.41 38.39
CA ASN C 446 25.86 -13.89 38.68
C ASN C 446 26.11 -13.97 40.19
N ASN C 447 25.35 -13.19 40.96
CA ASN C 447 25.56 -13.10 42.40
C ASN C 447 24.82 -14.22 43.13
N LEU C 448 23.94 -14.94 42.43
CA LEU C 448 23.09 -15.93 43.09
C LEU C 448 23.32 -17.33 42.54
N ASP C 449 23.35 -17.47 41.20
CA ASP C 449 23.29 -18.78 40.57
C ASP C 449 24.69 -19.32 40.26
N SER C 450 25.61 -18.42 39.89
CA SER C 450 26.98 -18.83 39.67
C SER C 450 27.62 -19.27 40.98
N LYS C 451 28.58 -20.20 40.88
CA LYS C 451 29.38 -20.62 42.02
C LYS C 451 30.78 -20.98 41.54
N VAL C 452 31.74 -20.83 42.47
CA VAL C 452 33.12 -21.19 42.24
C VAL C 452 33.23 -22.64 41.78
N GLY C 453 34.21 -22.88 40.91
CA GLY C 453 34.49 -24.21 40.41
C GLY C 453 33.58 -24.65 39.26
N GLY C 454 32.47 -23.92 39.03
CA GLY C 454 31.55 -24.20 37.94
C GLY C 454 30.29 -24.94 38.41
N ASN C 455 29.13 -24.34 38.18
CA ASN C 455 27.88 -24.93 38.61
C ASN C 455 27.44 -26.00 37.63
N TYR C 456 27.41 -27.25 38.10
CA TYR C 456 27.04 -28.37 37.24
C TYR C 456 25.56 -28.71 37.34
N ASN C 457 24.71 -27.73 37.61
CA ASN C 457 23.30 -28.04 37.81
C ASN C 457 22.50 -27.90 36.52
N TYR C 458 22.43 -26.69 35.97
CA TYR C 458 21.57 -26.39 34.84
C TYR C 458 22.05 -27.13 33.59
N LEU C 459 21.12 -27.50 32.71
CA LEU C 459 21.40 -28.28 31.51
C LEU C 459 20.71 -27.65 30.31
N TYR C 460 21.10 -28.10 29.10
CA TYR C 460 20.46 -27.68 27.87
C TYR C 460 20.63 -28.76 26.81
N ARG C 461 19.57 -29.01 26.05
CA ARG C 461 19.53 -30.06 25.05
C ARG C 461 20.31 -29.59 23.82
N LEU C 462 20.98 -30.56 23.18
CA LEU C 462 21.98 -30.29 22.16
C LEU C 462 21.51 -30.71 20.77
N PHE C 463 21.21 -32.00 20.59
CA PHE C 463 20.86 -32.56 19.30
C PHE C 463 19.42 -33.04 19.29
N ARG C 464 18.86 -33.19 18.09
CA ARG C 464 17.56 -33.80 17.86
C ARG C 464 17.40 -34.05 16.36
N LYS C 465 16.42 -34.91 16.03
CA LYS C 465 16.09 -35.25 14.65
C LYS C 465 15.31 -34.13 13.98
N SER C 466 14.67 -33.28 14.79
CA SER C 466 13.76 -32.28 14.26
C SER C 466 13.76 -31.04 15.15
N ASN C 467 12.99 -30.04 14.73
CA ASN C 467 12.83 -28.79 15.45
C ASN C 467 11.77 -28.96 16.53
N LEU C 468 11.87 -28.12 17.56
CA LEU C 468 10.92 -28.17 18.65
C LEU C 468 9.67 -27.35 18.30
N LYS C 469 8.51 -27.96 18.53
CA LYS C 469 7.24 -27.32 18.29
C LYS C 469 7.02 -26.27 19.37
N PRO C 470 6.01 -25.37 19.27
CA PRO C 470 5.72 -24.43 20.34
C PRO C 470 5.46 -25.10 21.69
N PHE C 471 6.21 -24.65 22.69
CA PHE C 471 6.09 -25.08 24.07
C PHE C 471 6.35 -26.57 24.25
N GLU C 472 7.01 -27.20 23.27
CA GLU C 472 7.36 -28.60 23.34
C GLU C 472 8.47 -28.82 24.37
N ARG C 473 8.15 -29.56 25.44
CA ARG C 473 9.13 -29.96 26.42
C ARG C 473 9.66 -31.35 26.03
N ASP C 474 10.97 -31.54 26.15
CA ASP C 474 11.57 -32.84 25.92
C ASP C 474 12.49 -33.22 27.08
N ILE C 475 11.94 -33.90 28.10
CA ILE C 475 12.75 -34.32 29.24
C ILE C 475 13.53 -35.60 28.94
N SER C 476 13.24 -36.21 27.78
CA SER C 476 13.82 -37.50 27.45
C SER C 476 15.34 -37.42 27.32
N THR C 477 16.03 -38.25 28.11
CA THR C 477 17.47 -38.40 27.98
C THR C 477 17.82 -39.61 27.12
N GLU C 478 16.88 -40.01 26.25
CA GLU C 478 17.12 -41.16 25.40
C GLU C 478 18.27 -40.89 24.44
N ILE C 479 19.24 -41.82 24.41
CA ILE C 479 20.37 -41.75 23.49
C ILE C 479 19.84 -41.91 22.07
N TYR C 480 19.84 -40.79 21.34
CA TYR C 480 19.51 -40.83 19.93
C TYR C 480 20.59 -41.60 19.16
N GLN C 481 20.18 -42.32 18.12
CA GLN C 481 21.07 -43.20 17.36
C GLN C 481 21.12 -42.72 15.92
N ALA C 482 22.22 -42.04 15.58
CA ALA C 482 22.48 -41.54 14.23
C ALA C 482 23.30 -42.53 13.39
N GLY C 483 23.46 -43.77 13.87
CA GLY C 483 24.33 -44.73 13.23
C GLY C 483 23.60 -45.97 12.78
N SER C 484 24.33 -47.09 12.79
CA SER C 484 23.81 -48.38 12.38
C SER C 484 23.79 -49.37 13.54
N THR C 485 24.87 -49.37 14.34
CA THR C 485 25.04 -50.30 15.44
C THR C 485 24.01 -49.98 16.51
N PRO C 486 23.46 -50.98 17.25
CA PRO C 486 22.53 -50.70 18.33
C PRO C 486 23.16 -49.83 19.42
N CYS C 487 22.33 -49.02 20.07
CA CYS C 487 22.78 -48.07 21.09
C CYS C 487 22.83 -48.75 22.46
N ASN C 488 21.70 -49.34 22.88
CA ASN C 488 21.58 -50.10 24.12
C ASN C 488 21.81 -49.19 25.33
N GLY C 489 21.34 -47.95 25.23
CA GLY C 489 21.24 -47.03 26.35
C GLY C 489 22.58 -46.40 26.73
N VAL C 490 23.63 -47.24 26.77
CA VAL C 490 24.97 -46.82 27.15
C VAL C 490 25.39 -45.65 26.26
N GLU C 491 26.21 -44.77 26.84
CA GLU C 491 26.78 -43.62 26.14
C GLU C 491 28.00 -44.09 25.35
N GLY C 492 28.03 -43.76 24.05
CA GLY C 492 28.85 -44.51 23.10
C GLY C 492 29.31 -43.72 21.87
N PHE C 493 29.85 -44.46 20.90
CA PHE C 493 30.32 -43.93 19.62
C PHE C 493 29.17 -43.37 18.79
N ASN C 494 27.92 -43.38 19.28
CA ASN C 494 26.88 -42.63 18.58
C ASN C 494 26.07 -41.77 19.54
N CYS C 495 26.26 -40.44 19.44
CA CYS C 495 25.31 -39.45 19.91
C CYS C 495 25.00 -39.64 21.40
N TYR C 496 25.93 -39.14 22.21
CA TYR C 496 25.78 -39.11 23.65
C TYR C 496 24.54 -38.27 24.04
N PHE C 497 24.25 -38.19 25.34
CA PHE C 497 23.14 -37.44 25.89
C PHE C 497 22.91 -36.12 25.15
N PRO C 498 21.66 -35.83 24.74
CA PRO C 498 21.26 -34.47 24.37
C PRO C 498 21.00 -33.62 25.62
N LEU C 499 21.99 -33.60 26.52
CA LEU C 499 21.91 -32.84 27.76
C LEU C 499 23.33 -32.52 28.20
N GLN C 500 23.59 -31.22 28.36
CA GLN C 500 24.90 -30.73 28.78
C GLN C 500 24.72 -29.57 29.77
N SER C 501 25.64 -29.48 30.74
CA SER C 501 25.63 -28.44 31.77
C SER C 501 26.55 -27.29 31.38
N TYR C 502 26.09 -26.06 31.68
CA TYR C 502 26.90 -24.86 31.60
C TYR C 502 28.12 -24.99 32.51
N GLY C 503 29.08 -24.07 32.34
CA GLY C 503 30.17 -23.94 33.31
C GLY C 503 29.77 -23.00 34.45
N PHE C 504 29.42 -21.77 34.08
CA PHE C 504 29.03 -20.73 35.02
C PHE C 504 30.14 -20.45 36.03
N GLN C 505 31.38 -20.37 35.56
CA GLN C 505 32.39 -19.82 36.45
C GLN C 505 32.12 -18.33 36.63
N PRO C 506 32.24 -17.81 37.87
CA PRO C 506 32.00 -16.37 38.11
C PRO C 506 33.01 -15.47 37.41
N THR C 507 34.17 -16.03 37.10
CA THR C 507 35.28 -15.31 36.50
C THR C 507 35.09 -15.10 35.00
N ASN C 508 33.89 -15.37 34.47
CA ASN C 508 33.63 -15.26 33.04
C ASN C 508 33.29 -13.83 32.65
N GLY C 509 33.21 -13.59 31.34
CA GLY C 509 32.78 -12.32 30.78
C GLY C 509 31.29 -12.07 31.02
N VAL C 510 30.79 -11.00 30.41
CA VAL C 510 29.39 -10.59 30.56
C VAL C 510 28.49 -11.69 29.99
N GLY C 511 28.66 -11.97 28.70
CA GLY C 511 27.79 -12.90 27.97
C GLY C 511 27.89 -14.33 28.48
N TYR C 512 29.00 -14.65 29.17
CA TYR C 512 29.26 -16.00 29.66
C TYR C 512 28.86 -16.17 31.12
N GLN C 513 27.87 -15.40 31.55
CA GLN C 513 27.35 -15.53 32.91
C GLN C 513 25.84 -15.71 32.85
N PRO C 514 25.28 -16.54 33.77
CA PRO C 514 23.86 -16.83 33.74
C PRO C 514 22.97 -15.62 33.97
N TYR C 515 21.95 -15.49 33.11
CA TYR C 515 20.90 -14.51 33.31
C TYR C 515 19.58 -15.24 33.43
N ARG C 516 18.95 -15.15 34.61
CA ARG C 516 17.61 -15.67 34.83
C ARG C 516 16.62 -15.09 33.81
N VAL C 517 15.51 -15.79 33.54
CA VAL C 517 14.55 -15.34 32.55
C VAL C 517 13.15 -15.80 32.99
N VAL C 518 12.14 -14.96 32.77
CA VAL C 518 10.77 -15.27 33.15
C VAL C 518 9.90 -14.85 31.99
N VAL C 519 9.30 -15.83 31.32
CA VAL C 519 8.52 -15.55 30.14
C VAL C 519 7.05 -15.48 30.53
N LEU C 520 6.43 -14.32 30.34
CA LEU C 520 5.00 -14.16 30.54
C LEU C 520 4.27 -14.66 29.30
N SER C 521 2.97 -14.95 29.47
CA SER C 521 2.09 -15.32 28.38
C SER C 521 0.76 -14.63 28.65
N PHE C 522 0.26 -13.94 27.63
CA PHE C 522 -1.02 -13.27 27.70
C PHE C 522 -1.88 -13.81 26.57
N GLU C 523 -2.98 -14.44 26.93
CA GLU C 523 -3.88 -15.01 25.94
C GLU C 523 -5.31 -14.58 26.23
N LEU C 524 -6.13 -14.54 25.18
CA LEU C 524 -7.52 -14.11 25.31
C LEU C 524 -8.41 -15.20 24.73
N LEU C 525 -9.48 -15.50 25.49
CA LEU C 525 -10.49 -16.49 25.12
C LEU C 525 -11.86 -15.86 25.36
N HIS C 526 -12.92 -16.67 25.30
CA HIS C 526 -14.26 -16.16 25.51
C HIS C 526 -14.63 -16.06 26.99
N ALA C 527 -13.82 -16.70 27.84
CA ALA C 527 -13.98 -16.62 29.29
C ALA C 527 -13.69 -15.20 29.76
N PRO C 528 -14.40 -14.68 30.80
CA PRO C 528 -14.12 -13.34 31.31
C PRO C 528 -12.71 -13.23 31.88
N ALA C 529 -12.19 -12.00 31.81
CA ALA C 529 -10.85 -11.67 32.26
C ALA C 529 -10.78 -11.78 33.78
N THR C 530 -9.90 -12.66 34.25
CA THR C 530 -9.78 -12.90 35.68
C THR C 530 -8.60 -12.12 36.26
N VAL C 531 -7.48 -12.12 35.52
CA VAL C 531 -6.29 -11.40 35.94
C VAL C 531 -6.43 -9.95 35.46
N CYS C 532 -7.05 -9.12 36.30
CA CYS C 532 -7.35 -7.75 35.91
C CYS C 532 -6.29 -6.84 36.54
N GLY C 533 -6.32 -5.54 36.16
CA GLY C 533 -5.40 -4.55 36.68
C GLY C 533 -5.98 -3.88 37.93
N PRO C 534 -5.32 -2.81 38.45
CA PRO C 534 -5.75 -2.16 39.67
C PRO C 534 -6.79 -1.06 39.48
N LYS C 535 -7.42 -0.97 38.29
CA LYS C 535 -8.29 0.15 37.99
C LYS C 535 -9.62 0.01 38.74
N LYS C 536 -10.01 1.04 39.50
CA LYS C 536 -11.22 1.05 40.30
C LYS C 536 -12.46 1.35 39.47
N SER C 537 -13.58 0.70 39.82
CA SER C 537 -14.83 0.90 39.12
C SER C 537 -15.51 2.19 39.57
N THR C 538 -16.46 2.67 38.76
CA THR C 538 -17.32 3.79 39.09
C THR C 538 -18.76 3.31 39.06
N ASN C 539 -19.69 4.19 39.44
CA ASN C 539 -21.10 3.88 39.32
C ASN C 539 -21.54 4.01 37.86
N LEU C 540 -22.64 3.33 37.51
CA LEU C 540 -23.13 3.35 36.15
C LEU C 540 -24.33 4.30 36.02
N VAL C 541 -24.29 5.11 34.97
CA VAL C 541 -25.33 6.10 34.73
C VAL C 541 -26.08 5.75 33.45
N LYS C 542 -27.40 5.61 33.57
CA LYS C 542 -28.26 5.18 32.48
C LYS C 542 -28.88 6.37 31.75
N ASN C 543 -29.14 6.18 30.45
CA ASN C 543 -29.87 7.09 29.58
C ASN C 543 -29.14 8.43 29.40
N LYS C 544 -27.81 8.38 29.46
CA LYS C 544 -26.99 9.54 29.19
C LYS C 544 -25.82 9.10 28.34
N CYS C 545 -25.29 9.99 27.49
CA CYS C 545 -24.12 9.71 26.67
C CYS C 545 -22.88 9.68 27.57
N VAL C 546 -22.23 8.51 27.64
CA VAL C 546 -21.12 8.26 28.55
C VAL C 546 -19.96 7.58 27.84
N ASN C 547 -18.78 7.71 28.45
CA ASN C 547 -17.58 7.06 27.99
C ASN C 547 -17.39 5.82 28.85
N PHE C 548 -17.66 4.63 28.30
CA PHE C 548 -17.69 3.44 29.14
C PHE C 548 -16.44 2.58 28.96
N ASN C 549 -16.19 1.78 30.00
CA ASN C 549 -15.13 0.79 30.05
C ASN C 549 -15.58 -0.46 30.82
N PHE C 550 -15.91 -1.52 30.09
CA PHE C 550 -16.30 -2.76 30.76
C PHE C 550 -15.24 -3.82 30.50
N ASN C 551 -14.49 -4.18 31.55
CA ASN C 551 -13.44 -5.17 31.47
C ASN C 551 -12.44 -4.87 30.35
N GLY C 552 -12.10 -3.58 30.15
CA GLY C 552 -11.12 -3.22 29.12
C GLY C 552 -11.77 -2.89 27.77
N LEU C 553 -13.07 -3.17 27.62
CA LEU C 553 -13.80 -2.90 26.39
C LEU C 553 -14.35 -1.48 26.46
N THR C 554 -13.90 -0.65 25.52
CA THR C 554 -14.23 0.75 25.63
C THR C 554 -15.07 1.23 24.44
N GLY C 555 -15.72 2.37 24.66
CA GLY C 555 -16.47 3.03 23.63
C GLY C 555 -17.31 4.15 24.22
N THR C 556 -18.01 4.87 23.35
CA THR C 556 -18.89 5.93 23.76
C THR C 556 -20.29 5.60 23.28
N GLY C 557 -21.27 5.79 24.16
CA GLY C 557 -22.66 5.56 23.81
C GLY C 557 -23.55 5.68 25.03
N VAL C 558 -24.86 5.55 24.80
CA VAL C 558 -25.85 5.64 25.84
C VAL C 558 -26.19 4.23 26.33
N LEU C 559 -26.11 4.03 27.66
CA LEU C 559 -26.39 2.73 28.25
C LEU C 559 -27.83 2.69 28.73
N THR C 560 -28.60 1.76 28.20
CA THR C 560 -29.99 1.63 28.57
C THR C 560 -30.27 0.18 28.95
N GLU C 561 -31.39 -0.04 29.65
CA GLU C 561 -31.83 -1.39 29.93
C GLU C 561 -32.27 -2.05 28.63
N SER C 562 -32.19 -3.39 28.61
CA SER C 562 -32.52 -4.15 27.42
C SER C 562 -33.31 -5.40 27.77
N ASN C 563 -33.93 -5.98 26.75
CA ASN C 563 -34.65 -7.23 26.86
C ASN C 563 -33.97 -8.26 25.96
N LYS C 564 -32.67 -8.09 25.73
CA LYS C 564 -31.91 -9.10 24.99
C LYS C 564 -31.47 -10.20 25.95
N LYS C 565 -32.03 -11.40 25.75
CA LYS C 565 -31.80 -12.47 26.70
C LYS C 565 -30.54 -13.25 26.32
N PHE C 566 -29.42 -12.81 26.90
CA PHE C 566 -28.14 -13.49 26.72
C PHE C 566 -28.22 -14.88 27.33
N LEU C 567 -27.60 -15.87 26.69
CA LEU C 567 -27.41 -17.14 27.38
C LEU C 567 -26.33 -16.98 28.45
N PRO C 568 -26.36 -17.78 29.54
CA PRO C 568 -25.45 -17.64 30.68
C PRO C 568 -23.96 -17.58 30.39
N PHE C 569 -23.55 -18.16 29.27
CA PHE C 569 -22.14 -18.22 28.91
C PHE C 569 -21.75 -17.03 28.03
N GLN C 570 -22.74 -16.25 27.58
CA GLN C 570 -22.52 -15.14 26.68
C GLN C 570 -22.27 -13.83 27.43
N GLN C 571 -21.25 -13.10 27.00
CA GLN C 571 -20.84 -11.88 27.68
C GLN C 571 -21.08 -10.65 26.81
N PHE C 572 -20.92 -10.84 25.49
CA PHE C 572 -20.99 -9.76 24.53
C PHE C 572 -22.01 -10.10 23.45
N GLY C 573 -22.73 -9.08 22.96
CA GLY C 573 -23.54 -9.17 21.76
C GLY C 573 -22.89 -8.31 20.66
N ARG C 574 -23.20 -8.61 19.39
CA ARG C 574 -22.50 -7.92 18.32
C ARG C 574 -23.45 -7.48 17.21
N ASP C 575 -23.05 -6.38 16.55
CA ASP C 575 -23.73 -5.83 15.40
C ASP C 575 -23.09 -6.39 14.13
N ILE C 576 -23.69 -6.05 12.99
CA ILE C 576 -23.25 -6.56 11.70
C ILE C 576 -21.82 -6.10 11.44
N ALA C 577 -21.53 -4.87 11.91
CA ALA C 577 -20.25 -4.17 11.78
C ALA C 577 -19.16 -4.77 12.67
N ASP C 578 -19.54 -5.79 13.46
CA ASP C 578 -18.68 -6.49 14.41
C ASP C 578 -18.39 -5.62 15.62
N THR C 579 -19.10 -4.49 15.73
CA THR C 579 -19.02 -3.64 16.91
C THR C 579 -19.89 -4.25 18.02
N THR C 580 -19.62 -3.86 19.27
CA THR C 580 -20.44 -4.34 20.38
C THR C 580 -21.81 -3.70 20.34
N ASP C 581 -22.82 -4.54 20.49
CA ASP C 581 -24.21 -4.10 20.46
C ASP C 581 -24.76 -3.95 21.87
N ALA C 582 -24.42 -4.93 22.72
CA ALA C 582 -24.93 -5.04 24.08
C ALA C 582 -23.92 -5.79 24.94
N VAL C 583 -23.98 -5.51 26.25
CA VAL C 583 -22.95 -6.00 27.16
C VAL C 583 -23.61 -6.46 28.43
N ARG C 584 -22.94 -7.42 29.07
CA ARG C 584 -23.39 -7.82 30.38
C ARG C 584 -22.50 -7.15 31.41
N ASP C 585 -23.16 -6.40 32.31
CA ASP C 585 -22.45 -5.73 33.39
C ASP C 585 -21.73 -6.78 34.23
N PRO C 586 -20.39 -6.66 34.36
CA PRO C 586 -19.54 -7.64 35.03
C PRO C 586 -19.75 -7.77 36.53
N GLN C 587 -20.39 -6.76 37.15
CA GLN C 587 -20.58 -6.76 38.59
C GLN C 587 -21.98 -7.29 38.90
N THR C 588 -22.95 -6.80 38.13
CA THR C 588 -24.35 -7.14 38.29
C THR C 588 -24.84 -7.64 36.93
N LEU C 589 -25.30 -8.89 36.92
CA LEU C 589 -25.55 -9.54 35.65
C LEU C 589 -26.88 -9.08 35.02
N GLU C 590 -26.85 -7.86 34.45
CA GLU C 590 -27.92 -7.34 33.62
C GLU C 590 -27.38 -7.01 32.23
N ILE C 591 -28.27 -6.97 31.24
CA ILE C 591 -27.85 -6.67 29.88
C ILE C 591 -28.19 -5.23 29.52
N LEU C 592 -27.16 -4.51 29.06
CA LEU C 592 -27.31 -3.12 28.69
C LEU C 592 -27.10 -2.94 27.19
N ASP C 593 -28.04 -2.24 26.56
CA ASP C 593 -27.90 -1.85 25.18
C ASP C 593 -26.97 -0.65 25.07
N ILE C 594 -26.17 -0.63 24.00
CA ILE C 594 -25.34 0.53 23.76
C ILE C 594 -25.78 1.23 22.48
N THR C 595 -26.35 2.43 22.63
CA THR C 595 -26.75 3.20 21.47
C THR C 595 -25.82 4.40 21.30
N PRO C 596 -25.06 4.47 20.20
CA PRO C 596 -24.16 5.58 19.94
C PRO C 596 -24.92 6.91 19.94
N CYS C 597 -24.24 7.93 20.44
CA CYS C 597 -24.79 9.25 20.70
C CYS C 597 -25.24 9.95 19.41
N SER C 598 -26.35 10.73 19.50
CA SER C 598 -26.94 11.48 18.41
C SER C 598 -25.93 12.31 17.63
N PHE C 599 -26.05 12.34 16.30
CA PHE C 599 -25.21 13.18 15.44
C PHE C 599 -25.98 13.58 14.17
N GLY C 600 -25.44 14.47 13.31
CA GLY C 600 -26.13 14.75 12.05
C GLY C 600 -25.52 15.90 11.23
N GLY C 601 -25.78 15.89 9.92
CA GLY C 601 -25.21 16.89 9.01
C GLY C 601 -25.80 18.26 9.26
N VAL C 602 -25.03 19.29 8.97
CA VAL C 602 -25.52 20.65 9.11
C VAL C 602 -25.48 21.38 7.77
N SER C 603 -26.64 21.91 7.39
CA SER C 603 -26.77 22.73 6.20
C SER C 603 -27.04 24.19 6.55
N VAL C 604 -26.46 25.11 5.77
CA VAL C 604 -26.74 26.51 5.96
C VAL C 604 -27.43 27.08 4.73
N ILE C 605 -28.60 27.66 4.97
CA ILE C 605 -29.47 28.14 3.91
C ILE C 605 -29.26 29.62 3.78
N THR C 606 -28.79 30.04 2.62
CA THR C 606 -28.40 31.44 2.53
C THR C 606 -28.75 32.06 1.18
N PRO C 607 -29.27 33.30 1.17
CA PRO C 607 -29.35 34.10 -0.06
C PRO C 607 -27.91 34.55 -0.24
N GLY C 608 -27.51 34.90 -1.47
CA GLY C 608 -26.12 35.28 -1.71
C GLY C 608 -25.68 36.43 -0.79
N THR C 609 -24.41 36.40 -0.38
CA THR C 609 -23.83 37.44 0.48
C THR C 609 -23.78 38.82 -0.17
N ASN C 610 -24.04 38.88 -1.48
CA ASN C 610 -24.14 40.10 -2.27
C ASN C 610 -25.45 40.82 -1.95
N THR C 611 -26.35 40.14 -1.21
CA THR C 611 -27.69 40.63 -0.87
C THR C 611 -27.81 40.80 0.65
N SER C 612 -27.44 39.75 1.40
CA SER C 612 -27.61 39.75 2.85
C SER C 612 -26.64 38.80 3.54
N ASN C 613 -26.30 39.15 4.80
CA ASN C 613 -25.42 38.32 5.60
C ASN C 613 -26.18 37.40 6.54
N GLN C 614 -27.49 37.33 6.35
CA GLN C 614 -28.31 36.61 7.31
C GLN C 614 -28.52 35.19 6.81
N VAL C 615 -28.56 34.23 7.74
CA VAL C 615 -28.67 32.83 7.31
C VAL C 615 -29.68 32.02 8.14
N ALA C 616 -30.12 30.85 7.64
CA ALA C 616 -30.90 29.89 8.43
C ALA C 616 -30.18 28.55 8.52
N VAL C 617 -30.29 27.82 9.66
CA VAL C 617 -29.50 26.60 9.80
C VAL C 617 -30.36 25.36 9.96
N LEU C 618 -30.04 24.33 9.16
CA LEU C 618 -30.81 23.10 9.21
C LEU C 618 -29.94 22.01 9.82
N TYR C 619 -30.47 21.43 10.89
CA TYR C 619 -29.81 20.29 11.50
C TYR C 619 -30.47 19.03 10.97
N GLN C 620 -29.71 18.30 10.14
CA GLN C 620 -30.29 17.21 9.39
C GLN C 620 -30.62 16.04 10.31
N ASP C 621 -31.85 15.55 10.14
CA ASP C 621 -32.23 14.23 10.61
C ASP C 621 -32.13 14.19 12.14
N VAL C 622 -32.49 15.31 12.79
CA VAL C 622 -32.53 15.34 14.24
C VAL C 622 -33.84 15.99 14.63
N ASN C 623 -34.15 15.86 15.92
CA ASN C 623 -35.28 16.54 16.51
C ASN C 623 -34.83 17.87 17.09
N CYS C 624 -35.75 18.84 17.21
CA CYS C 624 -35.49 20.14 17.81
C CYS C 624 -35.46 20.04 19.33
N THR C 625 -34.49 19.24 19.83
CA THR C 625 -34.32 18.88 21.22
C THR C 625 -32.84 19.02 21.59
N GLU C 626 -31.99 18.10 21.08
CA GLU C 626 -30.55 18.03 21.30
C GLU C 626 -29.86 19.36 20.99
N VAL C 627 -30.39 20.04 19.96
CA VAL C 627 -29.82 21.23 19.35
C VAL C 627 -29.92 22.38 20.37
N ASN C 648 -38.09 30.86 16.92
CA ASN C 648 -38.03 30.87 15.43
C ASN C 648 -37.54 29.51 14.94
N VAL C 649 -38.25 28.43 15.36
CA VAL C 649 -37.80 27.05 15.13
C VAL C 649 -38.90 26.21 14.48
N PHE C 650 -38.58 25.59 13.35
CA PHE C 650 -39.58 24.86 12.59
C PHE C 650 -39.10 23.42 12.36
N GLN C 651 -39.88 22.48 12.88
CA GLN C 651 -39.52 21.07 12.74
C GLN C 651 -40.07 20.55 11.42
N THR C 652 -39.17 20.02 10.59
CA THR C 652 -39.55 19.49 9.28
C THR C 652 -39.05 18.06 9.18
N ARG C 653 -39.44 17.38 8.11
CA ARG C 653 -39.01 16.02 7.93
C ARG C 653 -37.54 15.95 7.52
N ALA C 654 -36.97 17.12 7.24
CA ALA C 654 -35.60 17.21 6.78
C ALA C 654 -34.66 17.30 7.99
N GLY C 655 -35.23 17.58 9.16
CA GLY C 655 -34.43 17.98 10.29
C GLY C 655 -35.01 19.22 10.98
N CYS C 656 -34.25 19.82 11.90
CA CYS C 656 -34.66 20.99 12.66
C CYS C 656 -34.16 22.27 12.00
N LEU C 657 -35.09 23.14 11.51
CA LEU C 657 -34.75 24.35 10.77
C LEU C 657 -34.86 25.56 11.69
N ILE C 658 -33.74 26.26 11.89
CA ILE C 658 -33.72 27.37 12.84
C ILE C 658 -33.31 28.67 12.16
N GLY C 659 -34.11 29.70 12.39
CA GLY C 659 -33.77 30.99 11.80
C GLY C 659 -34.74 31.41 10.69
N ALA C 660 -35.49 30.44 10.15
CA ALA C 660 -36.46 30.75 9.11
C ALA C 660 -37.84 30.93 9.73
N GLU C 661 -38.57 31.97 9.30
CA GLU C 661 -39.94 32.12 9.77
C GLU C 661 -40.90 31.26 8.95
N HIS C 662 -41.83 30.61 9.67
CA HIS C 662 -42.77 29.72 8.99
C HIS C 662 -43.95 30.54 8.47
N VAL C 663 -44.23 30.44 7.17
CA VAL C 663 -45.30 31.19 6.50
C VAL C 663 -46.36 30.26 5.92
N ASN C 664 -47.65 30.65 6.04
CA ASN C 664 -48.80 29.97 5.45
C ASN C 664 -48.95 30.05 3.92
N ASN C 665 -48.48 31.11 3.27
CA ASN C 665 -48.66 31.28 1.82
C ASN C 665 -47.71 30.38 1.03
N SER C 666 -48.20 29.70 -0.01
CA SER C 666 -47.31 28.90 -0.85
C SER C 666 -46.71 29.76 -1.95
N TYR C 667 -45.55 29.34 -2.47
CA TYR C 667 -44.94 30.06 -3.58
C TYR C 667 -44.20 29.06 -4.45
N GLU C 668 -43.61 29.58 -5.55
CA GLU C 668 -42.73 28.78 -6.37
C GLU C 668 -41.44 28.54 -5.60
N CYS C 669 -40.89 27.34 -5.79
CA CYS C 669 -39.71 26.93 -5.04
C CYS C 669 -38.51 27.81 -5.42
N ASP C 670 -37.72 28.20 -4.40
CA ASP C 670 -36.51 29.00 -4.52
C ASP C 670 -35.29 28.20 -4.08
N ILE C 671 -35.01 28.20 -2.77
CA ILE C 671 -33.97 27.34 -2.24
C ILE C 671 -34.65 26.12 -1.62
N PRO C 672 -34.50 24.92 -2.22
CA PRO C 672 -35.23 23.73 -1.76
C PRO C 672 -34.60 23.14 -0.50
N ILE C 673 -35.44 22.71 0.43
CA ILE C 673 -34.96 22.12 1.66
C ILE C 673 -35.23 20.64 1.64
N GLY C 674 -36.47 20.25 1.31
CA GLY C 674 -36.78 18.83 1.26
C GLY C 674 -38.17 18.54 1.77
N ALA C 675 -38.73 17.42 1.31
CA ALA C 675 -40.09 16.93 1.54
C ALA C 675 -41.15 18.01 1.33
N GLY C 676 -41.04 18.76 0.22
CA GLY C 676 -42.04 19.74 -0.19
C GLY C 676 -41.87 21.10 0.51
N ILE C 677 -40.76 21.29 1.25
CA ILE C 677 -40.45 22.56 1.90
C ILE C 677 -39.35 23.27 1.13
N CYS C 678 -39.60 24.56 0.81
CA CYS C 678 -38.60 25.44 0.22
C CYS C 678 -38.49 26.70 1.09
N ALA C 679 -37.34 27.41 0.96
CA ALA C 679 -37.08 28.66 1.67
C ALA C 679 -36.74 29.79 0.70
N SER C 680 -37.02 31.04 1.14
CA SER C 680 -36.64 32.21 0.35
C SER C 680 -36.44 33.46 1.22
N TYR C 681 -35.87 34.51 0.63
CA TYR C 681 -35.54 35.73 1.35
C TYR C 681 -36.46 36.83 0.85
N GLN C 682 -37.42 37.20 1.70
CA GLN C 682 -38.54 38.04 1.28
C GLN C 682 -38.96 38.95 2.43
N THR C 683 -39.79 39.95 2.10
CA THR C 683 -40.38 40.86 3.06
C THR C 683 -41.73 40.29 3.55
N SER C 696 -36.18 44.79 6.43
CA SER C 696 -37.58 44.34 6.18
C SER C 696 -37.62 42.90 5.69
N GLN C 697 -36.53 42.45 5.05
CA GLN C 697 -36.42 41.12 4.46
C GLN C 697 -35.89 40.13 5.50
N SER C 698 -36.36 38.86 5.41
CA SER C 698 -35.88 37.79 6.25
C SER C 698 -36.08 36.45 5.57
N ILE C 699 -35.49 35.41 6.17
CA ILE C 699 -35.63 34.11 5.54
C ILE C 699 -36.94 33.47 6.02
N ILE C 700 -37.73 32.94 5.07
CA ILE C 700 -39.01 32.30 5.35
C ILE C 700 -39.02 30.88 4.78
N ALA C 701 -39.94 30.05 5.29
CA ALA C 701 -40.07 28.67 4.87
C ALA C 701 -41.54 28.36 4.65
N TYR C 702 -41.88 27.55 3.62
CA TYR C 702 -43.26 27.28 3.24
C TYR C 702 -43.32 25.98 2.43
N THR C 703 -44.56 25.45 2.32
CA THR C 703 -44.83 24.32 1.45
C THR C 703 -45.04 24.81 0.03
N MET C 704 -44.28 24.22 -0.90
CA MET C 704 -44.18 24.77 -2.26
C MET C 704 -45.47 24.57 -3.05
N SER C 705 -45.84 25.56 -3.87
CA SER C 705 -46.98 25.46 -4.78
C SER C 705 -46.64 24.60 -6.00
N LEU C 706 -47.61 23.87 -6.55
CA LEU C 706 -47.38 23.15 -7.78
C LEU C 706 -47.83 23.96 -8.97
N GLY C 707 -48.52 25.08 -8.72
CA GLY C 707 -49.04 25.85 -9.84
C GLY C 707 -50.51 26.23 -9.68
N ALA C 708 -51.03 26.96 -10.67
CA ALA C 708 -52.34 27.62 -10.56
C ALA C 708 -53.43 26.62 -10.86
N GLU C 709 -54.53 26.67 -10.09
CA GLU C 709 -55.60 25.72 -10.21
C GLU C 709 -56.60 26.22 -11.26
N ASN C 710 -57.09 25.31 -12.12
CA ASN C 710 -57.87 25.73 -13.30
C ASN C 710 -58.85 24.67 -13.79
N SER C 711 -60.14 24.80 -13.45
CA SER C 711 -61.13 23.81 -13.88
C SER C 711 -61.51 24.04 -15.35
N VAL C 712 -61.57 22.96 -16.15
CA VAL C 712 -61.97 23.09 -17.56
C VAL C 712 -63.45 22.70 -17.66
N ALA C 713 -64.27 23.63 -18.17
CA ALA C 713 -65.70 23.47 -18.48
C ALA C 713 -65.97 22.45 -19.59
N TYR C 714 -66.23 21.18 -19.24
CA TYR C 714 -66.48 20.09 -20.18
C TYR C 714 -67.98 19.88 -20.30
N SER C 715 -68.48 19.66 -21.52
CA SER C 715 -69.91 19.42 -21.76
C SER C 715 -70.03 18.50 -22.95
N ASN C 716 -71.11 17.72 -23.04
CA ASN C 716 -71.25 16.80 -24.16
C ASN C 716 -71.48 17.44 -25.55
N ASN C 717 -71.71 18.75 -25.68
CA ASN C 717 -71.95 19.37 -26.98
C ASN C 717 -71.33 20.78 -27.11
N SER C 718 -70.16 20.98 -26.49
CA SER C 718 -69.54 22.30 -26.58
C SER C 718 -68.06 22.22 -27.01
N ILE C 719 -67.64 23.09 -27.93
CA ILE C 719 -66.25 23.12 -28.37
C ILE C 719 -65.66 24.54 -28.31
N ALA C 720 -64.39 24.71 -27.93
CA ALA C 720 -63.78 26.04 -28.04
C ALA C 720 -62.88 26.14 -29.25
N ILE C 721 -63.08 27.13 -30.12
CA ILE C 721 -62.29 27.19 -31.35
C ILE C 721 -61.56 28.51 -31.39
N PRO C 722 -60.23 28.51 -31.55
CA PRO C 722 -59.46 29.74 -31.48
C PRO C 722 -59.73 30.51 -32.77
N THR C 723 -59.79 31.83 -32.56
CA THR C 723 -60.03 32.82 -33.62
C THR C 723 -58.80 33.60 -34.07
N ASN C 724 -57.70 33.58 -33.29
CA ASN C 724 -56.46 34.24 -33.69
C ASN C 724 -55.30 33.41 -33.15
N PHE C 725 -54.04 33.78 -33.48
CA PHE C 725 -52.81 33.06 -33.11
C PHE C 725 -51.59 33.97 -32.98
N THR C 726 -50.50 33.42 -32.40
CA THR C 726 -49.25 34.15 -32.30
C THR C 726 -48.04 33.28 -32.72
N ILE C 727 -47.01 33.96 -33.24
CA ILE C 727 -45.79 33.28 -33.63
C ILE C 727 -44.76 33.53 -32.54
N SER C 728 -44.21 32.48 -31.91
CA SER C 728 -43.27 32.72 -30.80
C SER C 728 -41.91 32.08 -31.04
N VAL C 729 -40.85 32.60 -30.38
CA VAL C 729 -39.48 32.21 -30.74
C VAL C 729 -38.61 31.94 -29.50
N THR C 730 -37.92 30.80 -29.43
CA THR C 730 -37.58 30.24 -28.13
C THR C 730 -36.17 29.73 -28.26
N THR C 731 -35.43 29.65 -27.14
CA THR C 731 -34.02 29.34 -27.17
C THR C 731 -33.72 28.01 -26.47
N GLU C 732 -33.09 27.08 -27.20
CA GLU C 732 -32.71 25.79 -26.64
C GLU C 732 -31.18 25.64 -26.65
N ILE C 733 -30.55 25.26 -25.53
CA ILE C 733 -29.09 25.25 -25.48
C ILE C 733 -28.53 23.87 -25.20
N LEU C 734 -27.51 23.44 -25.94
CA LEU C 734 -26.92 22.12 -25.75
C LEU C 734 -25.42 22.19 -25.74
N PRO C 735 -24.72 21.52 -24.82
CA PRO C 735 -23.29 21.20 -24.99
C PRO C 735 -23.01 20.20 -26.09
N VAL C 736 -21.87 20.40 -26.75
CA VAL C 736 -21.38 19.46 -27.77
C VAL C 736 -20.07 18.81 -27.34
N SER C 737 -19.19 19.57 -26.68
CA SER C 737 -17.82 19.11 -26.56
C SER C 737 -17.22 19.49 -25.22
N MET C 738 -16.01 19.03 -24.91
CA MET C 738 -15.27 19.44 -23.71
C MET C 738 -13.78 19.62 -23.99
N THR C 739 -13.03 20.32 -23.12
CA THR C 739 -11.61 20.56 -23.38
C THR C 739 -10.74 19.30 -23.43
N LYS C 740 -9.91 19.21 -24.48
CA LYS C 740 -9.01 18.07 -24.70
C LYS C 740 -7.73 18.15 -23.88
N THR C 741 -7.81 17.79 -22.60
CA THR C 741 -6.60 17.72 -21.78
C THR C 741 -5.76 16.49 -22.13
N SER C 742 -4.48 16.53 -21.75
CA SER C 742 -3.57 15.40 -21.91
C SER C 742 -2.48 15.44 -20.84
N VAL C 743 -2.12 14.29 -20.25
CA VAL C 743 -1.23 14.29 -19.11
C VAL C 743 -0.06 13.33 -19.31
N ASP C 744 1.15 13.81 -19.00
CA ASP C 744 2.32 12.97 -18.94
C ASP C 744 2.41 12.27 -17.58
N CYS C 745 2.00 10.98 -17.54
CA CYS C 745 1.89 10.22 -16.29
C CYS C 745 3.23 10.13 -15.54
N THR C 746 4.32 10.01 -16.30
CA THR C 746 5.65 9.82 -15.72
C THR C 746 6.16 11.12 -15.08
N MET C 747 5.99 12.21 -15.83
CA MET C 747 6.51 13.49 -15.38
C MET C 747 5.74 13.94 -14.14
N TYR C 748 4.43 13.63 -14.09
CA TYR C 748 3.61 14.08 -12.98
C TYR C 748 4.09 13.37 -11.72
N ILE C 749 4.28 12.04 -11.79
CA ILE C 749 4.65 11.21 -10.66
C ILE C 749 6.09 11.43 -10.18
N CYS C 750 7.07 11.36 -11.10
CA CYS C 750 8.50 11.35 -10.76
C CYS C 750 9.20 12.41 -11.60
N GLY C 751 8.83 13.67 -11.43
CA GLY C 751 9.39 14.68 -12.32
C GLY C 751 10.90 14.82 -12.21
N ASP C 752 11.60 14.53 -13.31
CA ASP C 752 13.03 14.74 -13.49
C ASP C 752 13.86 14.08 -12.40
N SER C 753 13.44 12.86 -11.99
CA SER C 753 14.20 12.09 -11.03
C SER C 753 14.41 10.67 -11.56
N THR C 754 15.69 10.32 -11.73
CA THR C 754 16.03 9.00 -12.24
C THR C 754 15.71 7.89 -11.25
N GLU C 755 15.96 8.16 -9.97
CA GLU C 755 15.72 7.21 -8.90
C GLU C 755 14.23 6.85 -8.81
N CYS C 756 13.36 7.87 -8.89
CA CYS C 756 11.92 7.70 -8.86
C CYS C 756 11.41 6.95 -10.10
N SER C 757 11.90 7.35 -11.28
CA SER C 757 11.52 6.71 -12.54
C SER C 757 11.77 5.19 -12.52
N ASN C 758 12.95 4.80 -12.03
CA ASN C 758 13.28 3.37 -11.98
C ASN C 758 12.33 2.60 -11.08
N LEU C 759 11.88 3.23 -9.98
CA LEU C 759 10.92 2.56 -9.13
C LEU C 759 9.57 2.46 -9.84
N LEU C 760 9.21 3.54 -10.57
CA LEU C 760 7.95 3.59 -11.27
C LEU C 760 7.80 2.43 -12.25
N LEU C 761 8.92 2.04 -12.89
CA LEU C 761 8.94 0.98 -13.89
C LEU C 761 8.41 -0.36 -13.40
N GLN C 762 8.48 -0.55 -12.08
CA GLN C 762 8.13 -1.83 -11.51
C GLN C 762 6.62 -2.07 -11.52
N TYR C 763 5.86 -1.07 -11.94
CA TYR C 763 4.41 -1.22 -11.94
C TYR C 763 3.86 -1.62 -13.33
N GLY C 764 4.80 -1.93 -14.23
CA GLY C 764 4.45 -2.23 -15.60
C GLY C 764 3.79 -1.08 -16.36
N SER C 765 2.63 -1.38 -16.94
CA SER C 765 1.93 -0.56 -17.91
C SER C 765 0.93 0.40 -17.25
N PHE C 766 0.98 0.45 -15.90
CA PHE C 766 0.10 1.34 -15.13
C PHE C 766 0.14 2.76 -15.70
N CYS C 767 1.33 3.15 -16.21
CA CYS C 767 1.54 4.50 -16.70
C CYS C 767 0.88 4.70 -18.07
N THR C 768 1.33 3.92 -19.07
CA THR C 768 0.92 4.04 -20.46
C THR C 768 -0.55 3.84 -20.74
N GLN C 769 -1.22 3.02 -19.92
CA GLN C 769 -2.62 2.79 -20.20
C GLN C 769 -3.46 4.01 -19.83
N LEU C 770 -2.89 4.90 -18.99
CA LEU C 770 -3.58 6.14 -18.63
C LEU C 770 -3.49 7.14 -19.77
N ASN C 771 -2.30 7.15 -20.38
CA ASN C 771 -2.08 8.02 -21.50
C ASN C 771 -3.06 7.64 -22.63
N ARG C 772 -3.29 6.33 -22.75
CA ARG C 772 -4.14 5.83 -23.81
C ARG C 772 -5.60 6.27 -23.57
N ALA C 773 -6.06 6.12 -22.34
CA ALA C 773 -7.46 6.40 -22.03
C ALA C 773 -7.79 7.86 -22.35
N LEU C 774 -6.86 8.77 -21.97
CA LEU C 774 -7.09 10.19 -22.14
C LEU C 774 -7.14 10.51 -23.62
N THR C 775 -6.32 9.78 -24.40
CA THR C 775 -6.26 10.01 -25.84
C THR C 775 -7.61 9.70 -26.49
N GLY C 776 -8.20 8.59 -26.04
CA GLY C 776 -9.50 8.19 -26.54
C GLY C 776 -10.54 9.32 -26.43
N ILE C 777 -10.54 9.92 -25.24
CA ILE C 777 -11.46 11.02 -25.00
C ILE C 777 -11.19 12.15 -25.98
N ALA C 778 -9.90 12.51 -26.09
CA ALA C 778 -9.52 13.69 -26.87
C ALA C 778 -9.99 13.57 -28.31
N VAL C 779 -9.88 12.36 -28.84
CA VAL C 779 -10.30 12.18 -30.22
C VAL C 779 -11.81 12.33 -30.39
N GLU C 780 -12.60 11.75 -29.48
CA GLU C 780 -14.02 11.75 -29.70
C GLU C 780 -14.57 13.17 -29.64
N GLN C 781 -13.81 14.06 -28.99
CA GLN C 781 -14.24 15.45 -28.90
C GLN C 781 -14.43 16.08 -30.27
N ASP C 782 -13.53 15.73 -31.20
CA ASP C 782 -13.63 16.27 -32.55
C ASP C 782 -14.69 15.54 -33.37
N LYS C 783 -14.85 14.26 -33.06
CA LYS C 783 -15.91 13.52 -33.69
C LYS C 783 -17.29 14.12 -33.38
N ASN C 784 -17.49 14.50 -32.11
CA ASN C 784 -18.74 15.08 -31.67
C ASN C 784 -19.10 16.28 -32.54
N THR C 785 -18.09 17.13 -32.67
CA THR C 785 -18.33 18.38 -33.35
C THR C 785 -18.73 18.14 -34.81
N GLN C 786 -18.08 17.16 -35.41
CA GLN C 786 -18.26 16.92 -36.82
C GLN C 786 -19.68 16.45 -37.12
N GLU C 787 -20.21 15.58 -36.23
CA GLU C 787 -21.56 15.03 -36.41
C GLU C 787 -22.64 16.11 -36.43
N VAL C 788 -22.50 17.15 -35.56
CA VAL C 788 -23.48 18.20 -35.43
C VAL C 788 -23.30 19.23 -36.55
N PHE C 789 -22.15 19.91 -36.64
CA PHE C 789 -22.01 21.05 -37.53
C PHE C 789 -21.94 20.65 -39.00
N ALA C 790 -21.17 19.63 -39.34
CA ALA C 790 -20.98 19.26 -40.75
C ALA C 790 -22.12 18.32 -41.18
N GLN C 791 -23.25 18.95 -41.55
CA GLN C 791 -24.51 18.25 -41.82
C GLN C 791 -24.95 18.56 -43.26
N VAL C 792 -24.09 19.28 -43.99
CA VAL C 792 -24.36 19.81 -45.32
C VAL C 792 -23.07 19.65 -46.11
N LYS C 793 -23.24 19.23 -47.37
CA LYS C 793 -22.15 18.83 -48.23
C LYS C 793 -21.61 20.03 -48.98
N GLN C 794 -22.41 21.09 -49.09
CA GLN C 794 -22.07 22.25 -49.89
C GLN C 794 -22.20 23.52 -49.07
N ILE C 795 -21.34 24.48 -49.35
CA ILE C 795 -21.39 25.70 -48.60
C ILE C 795 -22.19 26.71 -49.39
N TYR C 796 -23.46 26.94 -48.98
CA TYR C 796 -24.39 27.74 -49.75
C TYR C 796 -24.25 29.10 -49.14
N LYS C 797 -24.55 30.14 -49.93
CA LYS C 797 -24.50 31.48 -49.34
C LYS C 797 -25.64 32.31 -49.87
N THR C 798 -26.05 33.27 -49.02
CA THR C 798 -27.28 34.02 -49.22
C THR C 798 -27.10 34.97 -50.37
N PRO C 799 -28.21 35.32 -51.04
CA PRO C 799 -28.18 36.30 -52.12
C PRO C 799 -27.92 37.69 -51.55
N PRO C 800 -27.42 38.62 -52.40
CA PRO C 800 -27.12 39.99 -51.97
C PRO C 800 -28.38 40.80 -51.63
N ILE C 801 -29.53 40.31 -52.12
CA ILE C 801 -30.77 41.02 -51.90
C ILE C 801 -31.61 40.22 -50.92
N LYS C 802 -31.93 40.88 -49.81
CA LYS C 802 -32.64 40.25 -48.71
C LYS C 802 -34.14 40.48 -48.85
N ASP C 803 -34.73 40.04 -49.97
CA ASP C 803 -36.15 40.26 -50.22
C ASP C 803 -36.99 39.06 -49.79
N PHE C 804 -37.09 38.84 -48.47
CA PHE C 804 -37.71 37.64 -47.93
C PHE C 804 -39.12 37.87 -47.38
N GLY C 805 -39.89 38.68 -48.15
CA GLY C 805 -41.32 38.94 -48.00
C GLY C 805 -41.71 39.55 -46.65
N GLY C 806 -40.82 40.35 -46.05
CA GLY C 806 -41.17 41.02 -44.80
C GLY C 806 -40.38 40.45 -43.64
N PHE C 807 -39.84 39.26 -43.79
CA PHE C 807 -39.21 38.64 -42.65
C PHE C 807 -37.78 39.16 -42.58
N ASN C 808 -37.40 39.70 -41.41
CA ASN C 808 -36.05 40.25 -41.25
C ASN C 808 -35.08 39.20 -40.67
N PHE C 809 -33.95 38.85 -41.38
CA PHE C 809 -33.01 37.81 -40.92
C PHE C 809 -31.64 38.31 -40.42
N SER C 810 -31.59 39.62 -40.22
CA SER C 810 -30.31 40.32 -40.12
C SER C 810 -29.55 40.01 -38.83
N GLN C 811 -30.21 39.49 -37.80
CA GLN C 811 -29.50 39.31 -36.54
C GLN C 811 -28.94 37.90 -36.41
N ILE C 812 -29.26 37.04 -37.39
CA ILE C 812 -28.90 35.63 -37.31
C ILE C 812 -27.97 35.28 -38.46
N LEU C 813 -27.99 36.10 -39.52
CA LEU C 813 -27.08 35.93 -40.64
C LEU C 813 -25.73 36.60 -40.32
N PRO C 814 -24.64 36.23 -41.03
CA PRO C 814 -23.30 36.70 -40.66
C PRO C 814 -23.11 38.18 -40.93
N ASP C 815 -22.21 38.76 -40.12
CA ASP C 815 -21.82 40.16 -40.23
C ASP C 815 -20.49 40.30 -40.98
N PRO C 816 -20.52 40.80 -42.25
CA PRO C 816 -19.35 40.98 -43.12
C PRO C 816 -18.19 41.84 -42.60
N SER C 817 -18.50 42.70 -41.62
CA SER C 817 -17.59 43.72 -41.12
C SER C 817 -16.66 43.18 -40.03
N LYS C 818 -16.93 41.97 -39.55
CA LYS C 818 -16.18 41.41 -38.43
C LYS C 818 -14.95 40.66 -38.90
N PRO C 819 -13.89 40.57 -38.04
CA PRO C 819 -12.70 39.75 -38.33
C PRO C 819 -12.99 38.26 -38.37
N SER C 820 -14.12 37.87 -37.77
CA SER C 820 -14.66 36.54 -37.90
C SER C 820 -16.13 36.74 -38.20
N LYS C 821 -16.61 36.17 -39.29
CA LYS C 821 -17.93 36.52 -39.80
C LYS C 821 -19.02 35.83 -38.99
N ARG C 822 -19.29 36.39 -37.82
CA ARG C 822 -20.29 35.87 -36.90
C ARG C 822 -21.53 36.75 -37.00
N SER C 823 -22.71 36.23 -36.68
CA SER C 823 -23.89 37.07 -36.62
C SER C 823 -23.83 37.89 -35.33
N PHE C 824 -24.70 38.88 -35.24
CA PHE C 824 -24.88 39.68 -34.04
C PHE C 824 -25.13 38.83 -32.80
N ILE C 825 -26.10 37.92 -32.92
CA ILE C 825 -26.44 37.09 -31.79
C ILE C 825 -25.34 36.09 -31.43
N GLU C 826 -24.61 35.57 -32.44
CA GLU C 826 -23.44 34.75 -32.10
C GLU C 826 -22.44 35.52 -31.21
N ASP C 827 -22.21 36.79 -31.51
CA ASP C 827 -21.31 37.60 -30.71
C ASP C 827 -21.75 37.73 -29.26
N LEU C 828 -23.05 37.88 -29.05
CA LEU C 828 -23.52 37.94 -27.68
C LEU C 828 -23.20 36.65 -26.96
N LEU C 829 -23.29 35.50 -27.66
CA LEU C 829 -23.17 34.21 -27.02
C LEU C 829 -21.71 34.02 -26.60
N PHE C 830 -20.78 34.51 -27.46
CA PHE C 830 -19.35 34.31 -27.24
C PHE C 830 -18.90 35.20 -26.10
N ASN C 831 -19.66 36.28 -25.83
CA ASN C 831 -19.34 37.20 -24.75
C ASN C 831 -20.03 36.85 -23.44
N LYS C 832 -20.71 35.72 -23.36
CA LYS C 832 -21.35 35.33 -22.12
C LYS C 832 -20.64 34.16 -21.46
N VAL C 833 -20.04 33.25 -22.24
CA VAL C 833 -19.41 32.10 -21.65
C VAL C 833 -17.95 32.44 -21.43
N THR C 834 -17.45 32.19 -20.21
CA THR C 834 -16.07 32.49 -19.80
C THR C 834 -15.29 31.20 -19.47
N LYS C 861 -0.47 22.84 -16.08
CA LYS C 861 0.66 23.11 -15.16
C LYS C 861 1.96 22.56 -15.75
N PHE C 862 3.02 22.64 -14.94
CA PHE C 862 4.35 22.20 -15.30
C PHE C 862 4.57 20.79 -14.78
N ASN C 863 3.52 19.95 -14.91
CA ASN C 863 3.61 18.55 -14.52
C ASN C 863 3.26 17.64 -15.69
N GLY C 864 3.29 18.20 -16.91
CA GLY C 864 2.89 17.51 -18.12
C GLY C 864 1.39 17.66 -18.39
N LEU C 865 0.73 18.50 -17.59
CA LEU C 865 -0.68 18.75 -17.75
C LEU C 865 -0.89 19.78 -18.87
N THR C 866 -1.23 19.35 -20.08
CA THR C 866 -1.29 20.27 -21.22
C THR C 866 -2.64 20.19 -21.94
N VAL C 867 -2.88 21.13 -22.86
CA VAL C 867 -4.16 21.16 -23.55
C VAL C 867 -4.00 21.20 -25.07
N LEU C 868 -4.69 20.29 -25.74
CA LEU C 868 -4.62 20.21 -27.19
C LEU C 868 -5.71 21.10 -27.77
N PRO C 869 -5.46 21.75 -28.92
CA PRO C 869 -6.48 22.53 -29.61
C PRO C 869 -7.52 21.65 -30.30
N PRO C 870 -8.70 22.19 -30.62
CA PRO C 870 -9.70 21.49 -31.43
C PRO C 870 -9.29 21.50 -32.89
N LEU C 871 -9.86 20.58 -33.66
CA LEU C 871 -9.55 20.54 -35.08
C LEU C 871 -10.22 21.68 -35.81
N LEU C 872 -11.50 21.90 -35.61
CA LEU C 872 -12.12 22.95 -36.40
C LEU C 872 -12.14 24.26 -35.61
N THR C 873 -11.70 25.34 -36.25
CA THR C 873 -11.66 26.65 -35.62
C THR C 873 -13.05 27.28 -35.50
N ASP C 874 -13.19 28.29 -34.61
CA ASP C 874 -14.43 29.02 -34.45
C ASP C 874 -15.00 29.55 -35.77
N GLU C 875 -14.09 30.01 -36.63
CA GLU C 875 -14.41 30.53 -37.94
C GLU C 875 -15.04 29.44 -38.82
N MET C 876 -14.51 28.23 -38.72
CA MET C 876 -15.01 27.19 -39.60
C MET C 876 -16.38 26.76 -39.12
N ILE C 877 -16.57 26.72 -37.79
CA ILE C 877 -17.91 26.36 -37.32
C ILE C 877 -18.92 27.41 -37.79
N ALA C 878 -18.54 28.68 -37.66
CA ALA C 878 -19.38 29.74 -38.17
C ALA C 878 -19.72 29.59 -39.67
N GLN C 879 -18.80 29.06 -40.46
CA GLN C 879 -19.16 28.93 -41.87
C GLN C 879 -20.17 27.82 -42.06
N TYR C 880 -20.07 26.77 -41.23
CA TYR C 880 -21.06 25.71 -41.35
C TYR C 880 -22.45 26.26 -41.00
N THR C 881 -22.50 27.06 -39.93
CA THR C 881 -23.81 27.52 -39.51
C THR C 881 -24.37 28.35 -40.65
N SER C 882 -23.47 29.07 -41.29
CA SER C 882 -23.95 30.02 -42.26
C SER C 882 -24.61 29.32 -43.44
N ALA C 883 -23.91 28.24 -43.90
CA ALA C 883 -24.37 27.40 -45.00
C ALA C 883 -25.75 26.83 -44.69
N LEU C 884 -25.93 26.42 -43.41
CA LEU C 884 -27.15 25.76 -42.93
C LEU C 884 -28.32 26.72 -43.03
N LEU C 885 -28.00 27.94 -42.64
CA LEU C 885 -29.02 28.97 -42.58
C LEU C 885 -29.39 29.47 -43.97
N ALA C 886 -28.38 29.70 -44.85
CA ALA C 886 -28.60 30.10 -46.26
C ALA C 886 -29.50 29.08 -47.01
N GLY C 887 -29.19 27.77 -46.74
CA GLY C 887 -29.94 26.60 -47.23
C GLY C 887 -31.43 26.72 -46.82
N THR C 888 -31.60 26.83 -45.48
CA THR C 888 -32.91 26.81 -44.85
C THR C 888 -33.80 27.89 -45.45
N ILE C 889 -33.21 29.08 -45.69
CA ILE C 889 -33.94 30.28 -46.07
C ILE C 889 -34.41 30.17 -47.49
N THR C 890 -33.50 29.73 -48.40
CA THR C 890 -33.79 29.83 -49.83
C THR C 890 -34.25 28.54 -50.49
N SER C 891 -34.03 27.39 -49.84
CA SER C 891 -34.51 26.18 -50.47
C SER C 891 -35.40 25.33 -49.54
N GLY C 892 -35.79 25.84 -48.37
CA GLY C 892 -36.67 25.06 -47.51
C GLY C 892 -35.99 23.77 -47.02
N TRP C 893 -36.70 22.64 -47.17
CA TRP C 893 -36.13 21.38 -46.69
C TRP C 893 -35.40 20.64 -47.81
N THR C 894 -35.45 21.15 -49.04
CA THR C 894 -34.97 20.37 -50.17
C THR C 894 -33.49 20.07 -50.04
N PHE C 895 -32.74 21.05 -49.53
CA PHE C 895 -31.29 20.96 -49.48
C PHE C 895 -30.91 19.78 -48.61
N GLY C 896 -31.82 19.37 -47.73
CA GLY C 896 -31.51 18.27 -46.82
C GLY C 896 -31.68 16.91 -47.53
N ALA C 897 -32.79 16.79 -48.30
CA ALA C 897 -33.09 15.55 -49.00
C ALA C 897 -32.08 15.33 -50.12
N GLY C 898 -31.78 16.37 -50.89
CA GLY C 898 -30.84 16.24 -51.97
C GLY C 898 -30.28 17.60 -52.40
N ALA C 899 -30.77 18.08 -53.54
CA ALA C 899 -30.35 19.32 -54.16
C ALA C 899 -31.16 20.51 -53.60
N ALA C 900 -30.53 21.70 -53.50
CA ALA C 900 -31.25 22.89 -53.08
C ALA C 900 -32.10 23.41 -54.25
N LEU C 901 -33.40 23.27 -54.16
CA LEU C 901 -34.34 23.82 -55.14
C LEU C 901 -34.93 25.13 -54.59
N GLN C 902 -34.71 26.24 -55.29
CA GLN C 902 -35.13 27.51 -54.72
C GLN C 902 -36.66 27.62 -54.70
N ILE C 903 -37.17 28.41 -53.74
CA ILE C 903 -38.57 28.81 -53.64
C ILE C 903 -38.66 30.17 -52.94
N PRO C 904 -39.61 31.04 -53.27
CA PRO C 904 -39.97 32.22 -52.46
C PRO C 904 -40.26 31.91 -50.99
N PHE C 905 -39.77 32.80 -50.10
CA PHE C 905 -39.90 32.67 -48.65
C PHE C 905 -41.36 32.48 -48.21
N ALA C 906 -42.23 33.28 -48.82
CA ALA C 906 -43.64 33.28 -48.43
C ALA C 906 -44.29 31.94 -48.76
N MET C 907 -43.83 31.34 -49.87
CA MET C 907 -44.41 30.06 -50.22
C MET C 907 -43.88 28.95 -49.30
N GLN C 908 -42.60 29.05 -48.96
CA GLN C 908 -42.08 28.14 -47.98
C GLN C 908 -42.99 28.11 -46.74
N MET C 909 -43.38 29.28 -46.23
CA MET C 909 -44.19 29.40 -45.02
C MET C 909 -45.58 28.80 -45.24
N ALA C 910 -46.11 28.95 -46.45
CA ALA C 910 -47.44 28.39 -46.66
C ALA C 910 -47.48 26.86 -46.53
N TYR C 911 -46.38 26.22 -46.93
CA TYR C 911 -46.35 24.79 -46.72
C TYR C 911 -46.25 24.53 -45.23
N ARG C 912 -45.44 25.31 -44.54
CA ARG C 912 -45.18 25.02 -43.17
C ARG C 912 -46.48 25.19 -42.37
N PHE C 913 -47.40 26.06 -42.84
CA PHE C 913 -48.73 26.24 -42.24
C PHE C 913 -49.61 25.02 -42.48
N ASN C 914 -49.57 24.51 -43.73
CA ASN C 914 -50.30 23.28 -43.99
C ASN C 914 -49.80 22.13 -43.14
N GLY C 915 -48.52 22.12 -42.82
CA GLY C 915 -48.00 21.07 -41.95
C GLY C 915 -48.61 20.97 -40.54
N ILE C 916 -49.27 22.04 -40.11
CA ILE C 916 -49.75 22.09 -38.75
C ILE C 916 -51.26 22.15 -38.86
N GLY C 917 -51.79 22.00 -40.07
CA GLY C 917 -53.23 21.86 -40.25
C GLY C 917 -53.97 23.20 -40.28
N VAL C 918 -53.29 24.19 -40.81
CA VAL C 918 -53.95 25.47 -41.00
C VAL C 918 -53.83 25.79 -42.48
N THR C 919 -55.01 26.04 -43.08
CA THR C 919 -55.18 26.28 -44.49
C THR C 919 -54.35 27.47 -44.96
N GLN C 920 -53.68 27.30 -46.12
CA GLN C 920 -52.65 28.21 -46.63
C GLN C 920 -53.16 29.62 -46.93
N ASN C 921 -54.46 29.76 -47.18
CA ASN C 921 -54.95 31.10 -47.43
C ASN C 921 -54.71 31.98 -46.20
N VAL C 922 -54.62 31.36 -45.01
CA VAL C 922 -54.51 32.12 -43.78
C VAL C 922 -53.20 32.89 -43.84
N LEU C 923 -52.13 32.26 -44.34
CA LEU C 923 -50.83 32.88 -44.31
C LEU C 923 -50.76 34.06 -45.26
N TYR C 924 -51.31 33.84 -46.46
CA TYR C 924 -51.36 34.90 -47.48
C TYR C 924 -52.13 36.12 -46.96
N GLU C 925 -53.30 35.88 -46.40
CA GLU C 925 -54.15 36.96 -45.98
C GLU C 925 -53.57 37.68 -44.75
N ASN C 926 -52.77 37.00 -43.93
CA ASN C 926 -52.20 37.64 -42.75
C ASN C 926 -50.68 37.83 -42.82
N GLN C 927 -50.13 37.85 -44.08
CA GLN C 927 -48.69 38.00 -44.36
C GLN C 927 -47.98 39.06 -43.49
N LYS C 928 -48.57 40.25 -43.41
CA LYS C 928 -47.91 41.34 -42.70
C LYS C 928 -47.88 41.14 -41.18
N LEU C 929 -48.98 40.61 -40.63
CA LEU C 929 -48.98 40.43 -39.20
C LEU C 929 -47.98 39.33 -38.81
N ILE C 930 -47.89 38.29 -39.65
CA ILE C 930 -47.02 37.20 -39.31
C ILE C 930 -45.56 37.67 -39.35
N ALA C 931 -45.22 38.47 -40.38
CA ALA C 931 -43.87 39.00 -40.48
C ALA C 931 -43.52 39.88 -39.29
N ASN C 932 -44.51 40.67 -38.82
CA ASN C 932 -44.31 41.55 -37.67
C ASN C 932 -44.10 40.81 -36.36
N GLN C 933 -44.87 39.73 -36.20
CA GLN C 933 -44.72 38.96 -35.00
C GLN C 933 -43.30 38.35 -34.99
N PHE C 934 -42.87 37.88 -36.18
CA PHE C 934 -41.59 37.19 -36.33
C PHE C 934 -40.49 38.13 -35.87
N ASN C 935 -40.56 39.31 -36.48
CA ASN C 935 -39.53 40.32 -36.28
C ASN C 935 -39.39 40.71 -34.83
N SER C 936 -40.53 40.84 -34.14
CA SER C 936 -40.55 41.27 -32.76
C SER C 936 -39.99 40.18 -31.85
N ALA C 937 -40.34 38.92 -32.17
CA ALA C 937 -39.91 37.81 -31.32
C ALA C 937 -38.38 37.70 -31.30
N ILE C 938 -37.76 37.98 -32.47
CA ILE C 938 -36.32 37.92 -32.56
C ILE C 938 -35.68 39.04 -31.74
N GLY C 939 -36.26 40.23 -31.82
CA GLY C 939 -35.85 41.36 -30.97
C GLY C 939 -35.81 41.03 -29.48
N LYS C 940 -36.84 40.35 -29.04
CA LYS C 940 -36.80 39.93 -27.66
C LYS C 940 -35.67 38.95 -27.35
N ILE C 941 -35.28 38.11 -28.31
CA ILE C 941 -34.22 37.15 -28.02
C ILE C 941 -32.94 37.90 -27.69
N GLN C 942 -32.70 38.99 -28.42
CA GLN C 942 -31.53 39.80 -28.18
C GLN C 942 -31.49 40.34 -26.75
N ASP C 943 -32.66 40.84 -26.33
CA ASP C 943 -32.77 41.48 -25.03
C ASP C 943 -32.51 40.47 -23.92
N SER C 944 -33.01 39.24 -24.12
CA SER C 944 -32.85 38.20 -23.12
C SER C 944 -31.37 37.81 -23.01
N LEU C 945 -30.74 37.56 -24.16
CA LEU C 945 -29.37 37.05 -24.20
C LEU C 945 -28.40 38.08 -23.65
N SER C 946 -28.70 39.35 -23.91
CA SER C 946 -27.85 40.48 -23.55
C SER C 946 -27.87 40.78 -22.05
N SER C 947 -28.88 40.25 -21.34
CA SER C 947 -29.10 40.65 -19.96
C SER C 947 -29.06 39.49 -18.96
N THR C 948 -29.36 38.26 -19.43
CA THR C 948 -29.50 37.13 -18.53
C THR C 948 -28.25 36.24 -18.58
N ALA C 949 -27.39 36.39 -17.55
CA ALA C 949 -26.13 35.65 -17.43
C ALA C 949 -26.40 34.16 -17.39
N SER C 950 -27.47 33.80 -16.68
CA SER C 950 -27.85 32.42 -16.39
C SER C 950 -28.27 31.68 -17.67
N ALA C 951 -28.50 32.45 -18.74
CA ALA C 951 -28.96 31.91 -20.02
C ALA C 951 -27.99 30.84 -20.51
N LEU C 952 -26.71 31.03 -20.21
CA LEU C 952 -25.66 30.17 -20.73
C LEU C 952 -25.15 29.15 -19.69
N GLY C 953 -25.96 28.90 -18.66
CA GLY C 953 -25.50 28.11 -17.53
C GLY C 953 -25.06 26.69 -17.90
N LYS C 954 -25.76 26.13 -18.87
CA LYS C 954 -25.50 24.75 -19.23
C LYS C 954 -24.09 24.57 -19.79
N LEU C 955 -23.57 25.64 -20.40
CA LEU C 955 -22.27 25.61 -21.06
C LEU C 955 -21.19 25.99 -20.05
N GLN C 956 -21.54 26.94 -19.19
CA GLN C 956 -20.62 27.44 -18.20
C GLN C 956 -20.27 26.34 -17.19
N ASP C 957 -21.26 25.49 -16.92
CA ASP C 957 -21.08 24.39 -15.99
C ASP C 957 -20.01 23.39 -16.45
N VAL C 958 -19.97 23.14 -17.76
CA VAL C 958 -19.06 22.15 -18.32
C VAL C 958 -17.66 22.67 -18.05
N VAL C 959 -17.49 23.97 -18.30
CA VAL C 959 -16.18 24.60 -18.18
C VAL C 959 -15.69 24.43 -16.74
N ASN C 960 -16.61 24.70 -15.82
CA ASN C 960 -16.27 24.72 -14.41
C ASN C 960 -15.87 23.35 -13.91
N GLN C 961 -16.60 22.30 -14.34
CA GLN C 961 -16.32 20.94 -13.88
C GLN C 961 -14.90 20.49 -14.26
N ASN C 962 -14.50 20.85 -15.47
CA ASN C 962 -13.21 20.44 -15.98
C ASN C 962 -12.06 21.18 -15.27
N ALA C 963 -12.32 22.46 -15.00
CA ALA C 963 -11.34 23.28 -14.31
C ALA C 963 -11.08 22.79 -12.88
N GLN C 964 -12.18 22.39 -12.26
CA GLN C 964 -12.11 21.90 -10.90
C GLN C 964 -11.31 20.60 -10.84
N ALA C 965 -11.53 19.75 -11.86
CA ALA C 965 -10.87 18.45 -11.88
C ALA C 965 -9.35 18.65 -11.91
N LEU C 966 -8.89 19.64 -12.69
CA LEU C 966 -7.45 19.83 -12.78
C LEU C 966 -6.86 20.48 -11.56
N ASN C 967 -7.61 21.39 -10.95
CA ASN C 967 -7.08 22.04 -9.76
C ASN C 967 -6.84 21.03 -8.64
N THR C 968 -7.78 20.08 -8.58
CA THR C 968 -7.70 19.04 -7.59
C THR C 968 -6.44 18.18 -7.81
N LEU C 969 -6.23 17.82 -9.08
CA LEU C 969 -5.11 16.97 -9.47
C LEU C 969 -3.79 17.61 -9.06
N VAL C 970 -3.67 18.91 -9.35
CA VAL C 970 -2.42 19.62 -9.09
C VAL C 970 -2.11 19.62 -7.61
N LYS C 971 -3.12 19.99 -6.84
CA LYS C 971 -2.88 20.21 -5.44
C LYS C 971 -2.41 18.93 -4.78
N GLN C 972 -2.93 17.78 -5.23
CA GLN C 972 -2.56 16.52 -4.61
C GLN C 972 -1.05 16.33 -4.48
N LEU C 973 -0.25 16.98 -5.36
CA LEU C 973 1.18 16.72 -5.42
C LEU C 973 1.85 17.11 -4.11
N SER C 974 1.18 18.04 -3.41
CA SER C 974 1.72 18.65 -2.21
C SER C 974 1.49 17.78 -0.97
N SER C 975 0.75 16.67 -1.11
CA SER C 975 0.51 15.75 -0.01
C SER C 975 1.72 14.85 0.21
N ASN C 976 1.91 14.44 1.46
CA ASN C 976 3.03 13.58 1.80
C ASN C 976 2.70 12.10 1.64
N PHE C 977 1.42 11.73 1.84
CA PHE C 977 0.95 10.35 1.83
C PHE C 977 1.78 9.52 2.78
N GLY C 978 2.29 10.18 3.84
CA GLY C 978 3.04 9.56 4.93
C GLY C 978 4.55 9.58 4.73
N ALA C 979 5.02 10.14 3.62
CA ALA C 979 6.45 10.31 3.45
C ALA C 979 6.94 11.46 4.33
N ILE C 980 8.26 11.59 4.47
CA ILE C 980 8.83 12.70 5.25
C ILE C 980 8.66 14.05 4.56
N SER C 981 8.40 14.06 3.24
CA SER C 981 8.19 15.29 2.49
C SER C 981 7.53 15.02 1.15
N SER C 982 6.70 15.97 0.70
CA SER C 982 6.03 15.88 -0.58
C SER C 982 7.03 16.19 -1.69
N VAL C 983 8.15 16.78 -1.30
CA VAL C 983 9.15 17.23 -2.26
C VAL C 983 10.18 16.13 -2.48
N LEU C 984 10.22 15.67 -3.73
CA LEU C 984 10.97 14.48 -4.07
C LEU C 984 12.47 14.75 -3.90
N ASN C 985 12.86 15.96 -4.29
CA ASN C 985 14.27 16.32 -4.22
C ASN C 985 14.76 16.40 -2.77
N ASP C 986 13.87 16.73 -1.84
CA ASP C 986 14.27 16.87 -0.44
C ASP C 986 14.51 15.52 0.20
N ILE C 987 13.81 14.50 -0.27
CA ILE C 987 14.07 13.16 0.22
C ILE C 987 15.44 12.75 -0.29
N LEU C 988 15.67 12.90 -1.60
CA LEU C 988 16.85 12.43 -2.28
C LEU C 988 18.10 13.14 -1.78
N SER C 989 17.98 14.42 -1.41
CA SER C 989 19.11 15.22 -0.96
C SER C 989 19.48 14.96 0.51
N ARG C 990 18.67 14.17 1.21
CA ARG C 990 18.96 13.95 2.62
C ARG C 990 19.13 12.46 2.95
N LEU C 991 18.56 11.53 2.17
CA LEU C 991 18.68 10.11 2.49
C LEU C 991 19.49 9.35 1.44
N ASP C 992 20.25 8.36 1.91
CA ASP C 992 20.86 7.31 1.11
C ASP C 992 19.78 6.49 0.41
N PRO C 993 20.11 5.90 -0.77
CA PRO C 993 19.18 5.05 -1.51
C PRO C 993 18.34 4.02 -0.73
N PRO C 994 18.96 3.26 0.21
CA PRO C 994 18.25 2.21 0.95
C PRO C 994 17.10 2.76 1.78
N GLU C 995 17.13 4.07 2.04
CA GLU C 995 16.10 4.72 2.84
C GLU C 995 15.23 5.59 1.96
N ALA C 996 15.87 6.23 0.97
CA ALA C 996 15.17 7.12 0.07
C ALA C 996 14.12 6.35 -0.73
N GLU C 997 14.41 5.08 -1.05
CA GLU C 997 13.49 4.23 -1.82
C GLU C 997 12.16 4.00 -1.11
N VAL C 998 12.25 3.88 0.21
CA VAL C 998 11.06 3.65 1.01
C VAL C 998 10.17 4.89 0.94
N GLN C 999 10.80 6.03 1.14
CA GLN C 999 10.08 7.28 1.16
C GLN C 999 9.44 7.54 -0.21
N ILE C 1000 10.19 7.19 -1.27
CA ILE C 1000 9.71 7.44 -2.62
C ILE C 1000 8.50 6.55 -2.91
N ASP C 1001 8.59 5.29 -2.51
CA ASP C 1001 7.47 4.39 -2.75
C ASP C 1001 6.17 4.94 -2.18
N ARG C 1002 6.27 5.62 -1.04
CA ARG C 1002 5.07 6.21 -0.47
C ARG C 1002 4.48 7.30 -1.38
N LEU C 1003 5.36 8.09 -1.99
CA LEU C 1003 4.91 9.14 -2.87
C LEU C 1003 4.38 8.57 -4.21
N ILE C 1004 5.04 7.52 -4.70
CA ILE C 1004 4.60 6.90 -5.94
C ILE C 1004 3.19 6.35 -5.81
N THR C 1005 2.94 5.68 -4.69
CA THR C 1005 1.62 5.10 -4.45
C THR C 1005 0.52 6.16 -4.48
N GLY C 1006 0.80 7.26 -3.76
CA GLY C 1006 -0.12 8.38 -3.64
C GLY C 1006 -0.42 9.06 -4.97
N ARG C 1007 0.67 9.25 -5.73
CA ARG C 1007 0.51 9.97 -6.98
C ARG C 1007 -0.15 9.13 -8.08
N LEU C 1008 0.19 7.85 -8.04
CA LEU C 1008 -0.37 6.97 -9.04
C LEU C 1008 -1.88 6.94 -8.85
N GLN C 1009 -2.25 6.81 -7.56
CA GLN C 1009 -3.65 6.71 -7.21
C GLN C 1009 -4.42 7.95 -7.66
N SER C 1010 -3.74 9.09 -7.45
CA SER C 1010 -4.32 10.36 -7.82
C SER C 1010 -4.68 10.47 -9.33
N LEU C 1011 -3.73 10.04 -10.19
CA LEU C 1011 -4.01 10.07 -11.62
C LEU C 1011 -5.18 9.16 -12.02
N GLN C 1012 -5.20 7.97 -11.40
CA GLN C 1012 -6.21 6.98 -11.79
C GLN C 1012 -7.59 7.52 -11.50
N THR C 1013 -7.66 8.26 -10.39
CA THR C 1013 -8.92 8.83 -10.01
C THR C 1013 -9.40 9.84 -11.06
N TYR C 1014 -8.46 10.71 -11.46
CA TYR C 1014 -8.76 11.77 -12.41
C TYR C 1014 -9.26 11.15 -13.73
N VAL C 1015 -8.51 10.16 -14.22
CA VAL C 1015 -8.87 9.58 -15.49
C VAL C 1015 -10.27 8.91 -15.51
N THR C 1016 -10.56 8.19 -14.44
CA THR C 1016 -11.87 7.57 -14.37
C THR C 1016 -13.01 8.61 -14.42
N GLN C 1017 -12.83 9.68 -13.68
CA GLN C 1017 -13.83 10.75 -13.73
C GLN C 1017 -13.99 11.33 -15.13
N GLN C 1018 -12.87 11.49 -15.83
CA GLN C 1018 -12.95 12.07 -17.16
C GLN C 1018 -13.72 11.16 -18.12
N LEU C 1019 -13.54 9.84 -17.97
CA LEU C 1019 -14.21 8.91 -18.87
C LEU C 1019 -15.73 8.96 -18.71
N ILE C 1020 -16.13 9.03 -17.45
CA ILE C 1020 -17.54 9.07 -17.14
C ILE C 1020 -18.15 10.39 -17.62
N ARG C 1021 -17.45 11.48 -17.35
CA ARG C 1021 -17.98 12.75 -17.78
C ARG C 1021 -18.09 12.86 -19.31
N ALA C 1022 -17.08 12.30 -19.99
CA ALA C 1022 -17.07 12.31 -21.45
C ALA C 1022 -18.30 11.63 -22.05
N ALA C 1023 -18.78 10.62 -21.31
CA ALA C 1023 -19.94 9.85 -21.74
C ALA C 1023 -21.20 10.70 -21.78
N GLU C 1024 -21.29 11.57 -20.77
CA GLU C 1024 -22.46 12.43 -20.69
C GLU C 1024 -22.46 13.40 -21.86
N ILE C 1025 -21.30 14.01 -22.13
CA ILE C 1025 -21.15 14.94 -23.24
C ILE C 1025 -21.52 14.25 -24.56
N ARG C 1026 -21.04 13.01 -24.78
CA ARG C 1026 -21.32 12.37 -26.05
C ARG C 1026 -22.81 12.16 -26.28
N ALA C 1027 -23.52 11.77 -25.20
CA ALA C 1027 -24.98 11.66 -25.31
C ALA C 1027 -25.67 12.97 -25.71
N SER C 1028 -25.22 14.07 -25.10
CA SER C 1028 -25.68 15.39 -25.45
C SER C 1028 -25.37 15.69 -26.92
N ALA C 1029 -24.15 15.40 -27.37
CA ALA C 1029 -23.75 15.64 -28.75
C ALA C 1029 -24.65 14.91 -29.74
N ASN C 1030 -25.03 13.68 -29.39
CA ASN C 1030 -25.92 12.89 -30.25
C ASN C 1030 -27.32 13.49 -30.34
N LEU C 1031 -27.82 13.96 -29.20
CA LEU C 1031 -29.09 14.66 -29.21
C LEU C 1031 -29.03 15.93 -30.08
N ALA C 1032 -27.94 16.70 -29.93
CA ALA C 1032 -27.77 17.93 -30.68
C ALA C 1032 -27.86 17.66 -32.17
N ALA C 1033 -27.10 16.61 -32.56
CA ALA C 1033 -27.00 16.21 -33.95
C ALA C 1033 -28.37 15.82 -34.49
N THR C 1034 -29.16 15.16 -33.63
CA THR C 1034 -30.49 14.73 -34.01
C THR C 1034 -31.44 15.88 -34.18
N LYS C 1035 -31.43 16.90 -33.34
CA LYS C 1035 -32.26 18.07 -33.57
C LYS C 1035 -31.86 18.70 -34.89
N MET C 1036 -30.55 18.93 -35.08
CA MET C 1036 -30.11 19.53 -36.34
C MET C 1036 -30.83 18.93 -37.57
N SER C 1037 -30.82 17.59 -37.63
CA SER C 1037 -31.40 16.89 -38.77
C SER C 1037 -32.91 17.04 -38.82
N GLU C 1038 -33.62 16.64 -37.75
CA GLU C 1038 -35.07 16.59 -37.74
C GLU C 1038 -35.73 17.85 -37.19
N CYS C 1039 -35.41 19.06 -37.69
CA CYS C 1039 -35.85 20.30 -37.03
C CYS C 1039 -35.35 21.53 -37.80
N VAL C 1040 -34.03 21.60 -38.08
CA VAL C 1040 -33.43 22.62 -38.95
C VAL C 1040 -33.56 22.27 -40.42
N LEU C 1041 -33.21 21.02 -40.75
CA LEU C 1041 -33.35 20.48 -42.11
C LEU C 1041 -34.74 19.87 -42.35
N GLY C 1042 -35.80 20.31 -41.66
CA GLY C 1042 -37.16 19.86 -41.94
C GLY C 1042 -38.18 20.50 -41.01
N GLN C 1043 -39.39 19.91 -40.89
CA GLN C 1043 -40.43 20.27 -39.91
C GLN C 1043 -40.76 19.05 -39.05
N SER C 1044 -41.13 19.22 -37.76
CA SER C 1044 -41.24 18.06 -36.86
C SER C 1044 -42.66 17.90 -36.32
N LYS C 1045 -43.25 16.69 -36.41
CA LYS C 1045 -44.50 16.47 -35.67
C LYS C 1045 -44.25 15.67 -34.41
N ARG C 1046 -43.00 15.50 -34.01
CA ARG C 1046 -42.82 15.01 -32.66
C ARG C 1046 -43.02 16.17 -31.66
N VAL C 1047 -43.93 15.98 -30.70
CA VAL C 1047 -44.42 17.01 -29.79
C VAL C 1047 -43.36 17.48 -28.82
N ASP C 1048 -43.18 18.82 -28.74
CA ASP C 1048 -42.30 19.47 -27.80
C ASP C 1048 -40.85 19.11 -28.06
N PHE C 1049 -40.60 18.45 -29.20
CA PHE C 1049 -39.24 18.05 -29.52
C PHE C 1049 -38.46 19.29 -29.95
N CYS C 1050 -39.14 20.20 -30.68
CA CYS C 1050 -38.59 21.47 -31.21
C CYS C 1050 -39.30 22.71 -30.62
N GLY C 1051 -39.40 22.76 -29.27
CA GLY C 1051 -40.04 23.85 -28.53
C GLY C 1051 -41.57 23.71 -28.41
N LYS C 1052 -42.18 24.53 -27.54
CA LYS C 1052 -43.57 24.33 -27.19
C LYS C 1052 -44.44 25.08 -28.20
N GLY C 1053 -45.53 24.48 -28.68
CA GLY C 1053 -46.36 25.06 -29.75
C GLY C 1053 -46.39 24.09 -30.94
N TYR C 1054 -47.02 24.44 -32.05
CA TYR C 1054 -46.79 23.65 -33.25
C TYR C 1054 -45.59 24.16 -34.06
N HIS C 1055 -44.55 23.32 -34.23
CA HIS C 1055 -43.31 23.69 -34.92
C HIS C 1055 -43.53 24.14 -36.36
N LEU C 1056 -42.89 25.26 -36.70
CA LEU C 1056 -42.82 25.73 -38.06
C LEU C 1056 -41.43 25.48 -38.66
N MET C 1057 -40.40 26.12 -38.04
CA MET C 1057 -38.99 26.02 -38.47
C MET C 1057 -37.99 26.40 -37.38
N SER C 1058 -36.68 26.06 -37.56
CA SER C 1058 -35.63 26.38 -36.57
C SER C 1058 -34.34 26.93 -37.21
N PHE C 1059 -33.59 27.80 -36.49
CA PHE C 1059 -32.29 28.33 -36.93
C PHE C 1059 -31.18 28.12 -35.88
N PRO C 1060 -30.08 27.44 -36.25
CA PRO C 1060 -28.95 27.16 -35.33
C PRO C 1060 -27.95 28.31 -35.27
N GLN C 1061 -27.37 28.56 -34.10
CA GLN C 1061 -26.28 29.51 -33.90
C GLN C 1061 -25.22 28.85 -33.01
N SER C 1062 -23.95 29.15 -33.31
CA SER C 1062 -22.88 28.48 -32.59
C SER C 1062 -22.61 29.16 -31.24
N ALA C 1063 -21.90 28.46 -30.35
CA ALA C 1063 -21.53 29.05 -29.07
C ALA C 1063 -20.33 28.27 -28.58
N PRO C 1064 -19.66 28.80 -27.56
CA PRO C 1064 -18.53 28.09 -26.94
C PRO C 1064 -18.85 26.71 -26.38
N HIS C 1065 -18.19 25.70 -26.93
CA HIS C 1065 -18.45 24.31 -26.57
C HIS C 1065 -19.91 23.84 -26.70
N GLY C 1066 -20.75 24.52 -27.51
CA GLY C 1066 -22.04 23.92 -27.82
C GLY C 1066 -22.73 24.55 -29.04
N VAL C 1067 -24.04 24.28 -29.11
CA VAL C 1067 -24.91 24.89 -30.12
C VAL C 1067 -26.14 25.50 -29.48
N VAL C 1068 -26.79 26.50 -30.12
CA VAL C 1068 -28.03 27.11 -29.61
C VAL C 1068 -29.08 26.98 -30.72
N PHE C 1069 -30.34 26.69 -30.39
CA PHE C 1069 -31.37 26.52 -31.41
C PHE C 1069 -32.50 27.52 -31.14
N LEU C 1070 -32.76 28.45 -32.08
CA LEU C 1070 -33.98 29.28 -32.05
C LEU C 1070 -35.16 28.56 -32.71
N HIS C 1071 -36.13 28.08 -31.93
CA HIS C 1071 -37.29 27.49 -32.56
C HIS C 1071 -38.39 28.53 -32.84
N VAL C 1072 -38.97 28.62 -34.03
CA VAL C 1072 -40.20 29.38 -34.30
C VAL C 1072 -41.41 28.44 -34.33
N THR C 1073 -42.41 28.67 -33.45
CA THR C 1073 -43.64 27.84 -33.41
C THR C 1073 -44.92 28.64 -33.61
N TYR C 1074 -46.08 27.98 -33.64
CA TYR C 1074 -47.37 28.65 -33.81
C TYR C 1074 -48.26 28.36 -32.61
N VAL C 1075 -48.79 29.38 -31.92
CA VAL C 1075 -49.59 29.16 -30.70
C VAL C 1075 -50.98 29.79 -30.82
N PRO C 1076 -52.10 29.00 -30.82
CA PRO C 1076 -53.47 29.53 -30.91
C PRO C 1076 -53.76 30.47 -29.75
N ALA C 1077 -54.44 31.56 -30.07
CA ALA C 1077 -54.33 32.68 -29.16
C ALA C 1077 -55.64 33.14 -28.51
N GLN C 1078 -56.76 33.26 -29.24
CA GLN C 1078 -57.98 33.78 -28.59
C GLN C 1078 -59.12 32.88 -28.98
N GLU C 1079 -60.15 32.64 -28.12
CA GLU C 1079 -61.07 31.54 -28.41
C GLU C 1079 -62.51 31.78 -27.97
N LYS C 1080 -63.46 31.12 -28.65
CA LYS C 1080 -64.90 31.32 -28.41
C LYS C 1080 -65.59 29.99 -28.24
N ASN C 1081 -66.67 29.97 -27.44
CA ASN C 1081 -67.40 28.80 -26.99
C ASN C 1081 -68.55 28.52 -27.98
N PHE C 1082 -68.50 27.45 -28.78
CA PHE C 1082 -69.55 27.20 -29.77
C PHE C 1082 -70.22 25.85 -29.54
N THR C 1083 -71.41 25.70 -30.13
CA THR C 1083 -72.14 24.47 -29.86
C THR C 1083 -71.87 23.53 -31.03
N THR C 1084 -71.84 22.22 -30.77
CA THR C 1084 -71.38 21.34 -31.83
C THR C 1084 -72.28 20.13 -32.01
N ALA C 1085 -71.98 19.27 -33.01
CA ALA C 1085 -72.66 18.02 -33.29
C ALA C 1085 -71.75 17.14 -34.13
N PRO C 1086 -71.87 15.79 -33.97
CA PRO C 1086 -71.07 14.78 -34.67
C PRO C 1086 -71.52 14.64 -36.11
N ALA C 1087 -72.80 14.88 -36.34
CA ALA C 1087 -73.36 14.64 -37.66
C ALA C 1087 -74.61 15.50 -37.84
N ILE C 1088 -74.98 15.68 -39.10
CA ILE C 1088 -76.21 16.38 -39.44
C ILE C 1088 -77.10 15.52 -40.32
N CYS C 1089 -78.40 15.45 -39.98
CA CYS C 1089 -79.43 14.79 -40.74
C CYS C 1089 -80.01 15.72 -41.79
N HIS C 1090 -80.24 15.13 -42.97
CA HIS C 1090 -80.78 15.90 -44.08
C HIS C 1090 -82.09 15.26 -44.55
N ASP C 1091 -81.97 14.28 -45.45
CA ASP C 1091 -83.14 13.57 -45.92
C ASP C 1091 -83.19 12.16 -45.34
N GLY C 1092 -82.72 12.04 -44.10
CA GLY C 1092 -82.65 10.78 -43.39
C GLY C 1092 -81.22 10.27 -43.41
N LYS C 1093 -80.42 10.92 -44.25
CA LYS C 1093 -79.01 10.61 -44.43
C LYS C 1093 -78.21 11.30 -43.33
N ALA C 1094 -77.17 10.62 -42.88
CA ALA C 1094 -76.24 11.23 -41.95
C ALA C 1094 -75.04 11.82 -42.71
N HIS C 1095 -74.85 13.13 -42.59
CA HIS C 1095 -73.74 13.82 -43.22
C HIS C 1095 -72.64 14.09 -42.18
N PHE C 1096 -71.42 13.72 -42.54
CA PHE C 1096 -70.28 14.03 -41.69
C PHE C 1096 -69.31 14.96 -42.40
N PRO C 1097 -68.53 15.81 -41.67
CA PRO C 1097 -67.62 16.77 -42.30
C PRO C 1097 -66.46 16.03 -42.94
N ARG C 1098 -66.00 16.51 -44.10
CA ARG C 1098 -64.84 15.82 -44.65
C ARG C 1098 -63.61 16.21 -43.84
N GLU C 1099 -63.56 17.49 -43.47
CA GLU C 1099 -62.52 18.03 -42.61
C GLU C 1099 -63.21 19.04 -41.71
N GLY C 1100 -62.77 19.13 -40.46
CA GLY C 1100 -63.35 20.18 -39.66
C GLY C 1100 -64.54 19.70 -38.80
N VAL C 1101 -65.38 20.65 -38.36
CA VAL C 1101 -66.30 20.41 -37.25
C VAL C 1101 -67.61 21.09 -37.60
N PHE C 1102 -68.77 20.46 -37.36
CA PHE C 1102 -70.00 21.21 -37.44
C PHE C 1102 -70.12 22.11 -36.20
N VAL C 1103 -70.31 23.40 -36.39
CA VAL C 1103 -70.35 24.29 -35.25
C VAL C 1103 -71.63 25.09 -35.39
N SER C 1104 -72.05 25.70 -34.29
CA SER C 1104 -73.24 26.51 -34.33
C SER C 1104 -73.03 27.75 -33.49
N ASN C 1105 -73.53 28.86 -34.04
CA ASN C 1105 -73.46 30.18 -33.43
C ASN C 1105 -74.68 30.44 -32.55
N GLY C 1106 -75.54 29.42 -32.42
CA GLY C 1106 -76.78 29.52 -31.65
C GLY C 1106 -78.01 29.48 -32.55
N THR C 1107 -77.85 29.85 -33.82
CA THR C 1107 -79.00 29.87 -34.72
C THR C 1107 -78.72 29.12 -36.03
N HIS C 1108 -77.46 29.12 -36.48
CA HIS C 1108 -77.13 28.51 -37.75
C HIS C 1108 -75.93 27.59 -37.61
N TRP C 1109 -75.95 26.54 -38.44
CA TRP C 1109 -74.88 25.57 -38.46
C TRP C 1109 -73.87 25.91 -39.56
N PHE C 1110 -72.57 25.86 -39.23
CA PHE C 1110 -71.50 26.05 -40.19
C PHE C 1110 -70.48 24.93 -40.06
N VAL C 1111 -69.62 24.78 -41.05
CA VAL C 1111 -68.53 23.84 -40.89
C VAL C 1111 -67.22 24.64 -40.86
N THR C 1112 -66.34 24.41 -39.87
CA THR C 1112 -65.14 25.21 -39.73
C THR C 1112 -63.84 24.41 -39.66
N GLN C 1113 -62.70 25.05 -39.96
CA GLN C 1113 -61.39 24.43 -39.81
C GLN C 1113 -61.10 24.27 -38.31
N ARG C 1114 -60.35 23.21 -37.97
CA ARG C 1114 -60.18 22.91 -36.52
C ARG C 1114 -59.29 23.86 -35.70
N ASN C 1115 -58.28 24.41 -36.35
CA ASN C 1115 -57.29 25.13 -35.60
C ASN C 1115 -57.52 26.63 -35.73
N PHE C 1116 -58.62 27.01 -36.40
CA PHE C 1116 -58.74 28.42 -36.67
C PHE C 1116 -60.15 28.65 -37.17
N TYR C 1117 -60.79 29.61 -36.51
CA TYR C 1117 -62.20 29.75 -36.77
C TYR C 1117 -62.45 30.39 -38.14
N GLU C 1118 -63.08 29.62 -39.04
CA GLU C 1118 -63.30 30.05 -40.41
C GLU C 1118 -64.58 29.38 -40.94
N PRO C 1119 -65.76 29.90 -40.55
CA PRO C 1119 -67.04 29.25 -40.79
C PRO C 1119 -67.48 29.29 -42.24
N GLN C 1120 -68.09 28.20 -42.66
CA GLN C 1120 -68.56 28.05 -44.03
C GLN C 1120 -69.94 27.43 -44.04
N ILE C 1121 -70.65 27.59 -45.17
CA ILE C 1121 -71.99 27.02 -45.37
C ILE C 1121 -71.88 25.52 -45.54
N ILE C 1122 -72.77 24.78 -44.88
CA ILE C 1122 -72.73 23.33 -45.00
C ILE C 1122 -73.30 22.88 -46.34
N THR C 1123 -72.47 22.21 -47.12
CA THR C 1123 -72.85 21.77 -48.46
C THR C 1123 -72.35 20.35 -48.71
N THR C 1124 -72.77 19.81 -49.86
CA THR C 1124 -72.38 18.45 -50.21
C THR C 1124 -70.89 18.35 -50.59
N ASP C 1125 -70.26 19.51 -50.75
CA ASP C 1125 -68.84 19.51 -51.06
C ASP C 1125 -68.01 19.62 -49.78
N ASN C 1126 -68.69 19.79 -48.65
CA ASN C 1126 -68.00 19.89 -47.38
C ASN C 1126 -68.17 18.62 -46.56
N THR C 1127 -69.22 17.85 -46.88
CA THR C 1127 -69.56 16.67 -46.11
C THR C 1127 -69.61 15.43 -46.98
N PHE C 1128 -69.72 14.27 -46.32
CA PHE C 1128 -69.95 13.03 -47.05
C PHE C 1128 -71.05 12.30 -46.33
N VAL C 1129 -71.66 11.35 -47.05
CA VAL C 1129 -72.80 10.65 -46.48
C VAL C 1129 -72.46 9.20 -46.16
N SER C 1130 -72.92 8.75 -45.00
CA SER C 1130 -72.74 7.38 -44.62
C SER C 1130 -73.82 6.99 -43.62
N GLY C 1131 -74.61 5.99 -44.00
CA GLY C 1131 -75.65 5.46 -43.13
C GLY C 1131 -76.78 6.45 -42.93
N ASN C 1132 -77.43 6.41 -41.76
CA ASN C 1132 -78.63 7.20 -41.54
C ASN C 1132 -78.76 7.69 -40.09
N CYS C 1133 -79.89 8.39 -39.88
CA CYS C 1133 -80.20 9.16 -38.69
C CYS C 1133 -80.38 8.34 -37.41
N ASP C 1134 -80.60 7.02 -37.54
CA ASP C 1134 -81.01 6.21 -36.42
C ASP C 1134 -79.83 5.65 -35.61
N VAL C 1135 -78.62 5.97 -36.05
CA VAL C 1135 -77.47 5.32 -35.46
C VAL C 1135 -76.67 6.30 -34.61
N VAL C 1136 -76.52 7.54 -35.10
CA VAL C 1136 -75.54 8.47 -34.53
C VAL C 1136 -76.10 9.19 -33.32
N ILE C 1137 -75.37 9.08 -32.20
CA ILE C 1137 -75.82 9.66 -30.95
C ILE C 1137 -75.54 11.16 -30.94
N GLY C 1138 -76.59 11.97 -30.76
CA GLY C 1138 -76.39 13.40 -30.74
C GLY C 1138 -76.47 14.02 -32.14
N ILE C 1139 -77.04 13.29 -33.09
CA ILE C 1139 -77.21 13.81 -34.42
C ILE C 1139 -78.28 14.91 -34.38
N VAL C 1140 -78.05 15.98 -35.15
CA VAL C 1140 -78.96 17.12 -35.16
C VAL C 1140 -79.53 17.28 -36.55
N ASN C 1141 -80.66 17.98 -36.63
CA ASN C 1141 -81.32 18.30 -37.89
C ASN C 1141 -80.86 19.65 -38.41
N ASN C 1142 -80.61 19.72 -39.74
CA ASN C 1142 -80.29 20.96 -40.41
C ASN C 1142 -80.57 20.77 -41.89
N THR C 1143 -80.09 21.69 -42.71
CA THR C 1143 -80.19 21.48 -44.15
C THR C 1143 -78.81 21.50 -44.79
N VAL C 1144 -78.64 20.70 -45.84
CA VAL C 1144 -77.36 20.63 -46.52
C VAL C 1144 -77.60 21.14 -47.93
N TYR C 1145 -76.84 22.17 -48.28
CA TYR C 1145 -77.02 22.80 -49.56
C TYR C 1145 -76.25 22.02 -50.63
N ASP C 1146 -76.92 21.89 -51.79
CA ASP C 1146 -76.32 21.25 -52.94
C ASP C 1146 -75.94 22.29 -53.98
N PRO C 1147 -74.63 22.60 -54.16
CA PRO C 1147 -74.16 23.62 -55.10
C PRO C 1147 -74.47 23.33 -56.57
N LEU C 1148 -74.80 22.07 -56.85
CA LEU C 1148 -75.15 21.68 -58.21
C LEU C 1148 -76.57 22.14 -58.53
N GLN C 1149 -77.45 22.13 -57.52
CA GLN C 1149 -78.86 22.37 -57.76
C GLN C 1149 -79.08 23.69 -58.52
N PRO C 1150 -78.59 24.87 -58.06
CA PRO C 1150 -78.81 26.13 -58.76
C PRO C 1150 -78.17 26.24 -60.14
N GLU C 1151 -77.18 25.38 -60.45
CA GLU C 1151 -76.57 25.37 -61.76
C GLU C 1151 -77.51 24.72 -62.75
N LEU C 1152 -78.25 23.71 -62.25
CA LEU C 1152 -79.19 22.96 -63.07
C LEU C 1152 -80.56 23.64 -63.02
N ASP C 1153 -80.83 24.34 -61.91
CA ASP C 1153 -82.08 25.04 -61.65
C ASP C 1153 -82.23 26.22 -62.62
N SER C 1154 -81.13 26.98 -62.79
CA SER C 1154 -81.02 28.07 -63.73
C SER C 1154 -80.74 27.53 -65.15
N GLU D 1 36.65 -7.62 50.04
CA GLU D 1 36.05 -7.66 51.42
C GLU D 1 36.06 -6.25 52.01
N VAL D 2 35.10 -5.99 52.92
CA VAL D 2 34.92 -4.68 53.53
C VAL D 2 36.02 -4.44 54.56
N GLN D 3 36.72 -3.31 54.41
CA GLN D 3 37.72 -2.93 55.40
C GLN D 3 37.43 -1.51 55.87
N LEU D 4 37.47 -1.32 57.19
CA LEU D 4 37.41 -0.01 57.81
C LEU D 4 38.62 0.14 58.73
N VAL D 5 39.46 1.14 58.45
CA VAL D 5 40.66 1.38 59.23
C VAL D 5 40.54 2.74 59.90
N GLN D 6 40.55 2.74 61.23
CA GLN D 6 40.40 3.96 62.01
C GLN D 6 41.75 4.54 62.42
N SER D 7 41.75 5.85 62.74
CA SER D 7 42.88 6.54 63.36
C SER D 7 43.23 5.99 64.74
N GLY D 8 44.48 6.17 65.17
CA GLY D 8 45.00 5.67 66.44
C GLY D 8 44.40 6.34 67.69
N ALA D 9 44.80 5.80 68.86
CA ALA D 9 44.31 6.22 70.18
C ALA D 9 44.72 7.66 70.53
N GLU D 10 43.79 8.38 71.18
CA GLU D 10 43.91 9.80 71.52
C GLU D 10 43.79 10.02 73.03
N VAL D 11 44.46 11.06 73.52
CA VAL D 11 44.17 11.61 74.85
C VAL D 11 43.84 13.10 74.69
N LYS D 12 42.81 13.55 75.43
CA LYS D 12 42.41 14.95 75.39
C LYS D 12 42.26 15.46 76.82
N LYS D 13 42.25 16.79 76.96
CA LYS D 13 41.85 17.42 78.21
C LYS D 13 40.37 17.73 78.13
N PRO D 14 39.62 17.77 79.27
CA PRO D 14 38.26 18.34 79.30
C PRO D 14 38.15 19.73 78.66
N GLY D 15 37.10 19.92 77.85
CA GLY D 15 36.86 21.18 77.15
C GLY D 15 37.39 21.18 75.71
N ALA D 16 38.32 20.26 75.40
CA ALA D 16 38.92 20.14 74.07
C ALA D 16 37.99 19.41 73.09
N SER D 17 38.46 19.26 71.83
CA SER D 17 37.78 18.47 70.80
C SER D 17 38.68 17.34 70.29
N VAL D 18 38.06 16.31 69.70
CA VAL D 18 38.75 15.20 69.07
C VAL D 18 38.09 14.92 67.72
N LYS D 19 38.90 14.65 66.69
CA LYS D 19 38.39 14.26 65.39
C LYS D 19 38.98 12.90 64.99
N VAL D 20 38.11 11.89 64.90
CA VAL D 20 38.50 10.53 64.59
C VAL D 20 38.22 10.29 63.10
N SER D 21 39.12 9.56 62.42
CA SER D 21 38.95 9.20 61.02
C SER D 21 38.68 7.70 60.86
N CYS D 22 37.94 7.38 59.79
CA CYS D 22 37.62 6.02 59.39
C CYS D 22 37.81 5.92 57.88
N LYS D 23 38.87 5.21 57.45
CA LYS D 23 39.19 4.98 56.04
C LYS D 23 38.50 3.70 55.58
N ALA D 24 37.72 3.79 54.49
CA ALA D 24 36.95 2.66 53.98
C ALA D 24 37.51 2.14 52.67
N SER D 25 37.39 0.81 52.48
CA SER D 25 37.76 0.17 51.23
C SER D 25 37.00 -1.14 51.05
N GLY D 26 37.05 -1.66 49.82
CA GLY D 26 36.59 -3.01 49.49
C GLY D 26 35.12 -3.07 49.08
N TYR D 27 34.53 -1.90 48.83
CA TYR D 27 33.16 -1.74 48.36
C TYR D 27 33.02 -0.33 47.79
N THR D 28 31.89 -0.08 47.11
CA THR D 28 31.49 1.24 46.61
C THR D 28 31.23 2.19 47.79
N PHE D 29 32.17 3.13 48.04
CA PHE D 29 32.23 3.96 49.25
C PHE D 29 30.92 4.71 49.48
N THR D 30 30.39 5.33 48.42
CA THR D 30 29.26 6.23 48.53
C THR D 30 27.93 5.50 48.69
N GLY D 31 27.91 4.22 48.31
CA GLY D 31 26.70 3.42 48.22
C GLY D 31 26.10 2.96 49.55
N TYR D 32 26.73 3.29 50.71
CA TYR D 32 26.39 2.78 52.04
C TYR D 32 26.53 3.86 53.14
N TYR D 33 25.61 3.91 54.14
CA TYR D 33 25.80 4.74 55.32
C TYR D 33 26.98 4.30 56.18
N PHE D 34 27.52 5.28 56.92
CA PHE D 34 28.47 5.03 57.99
C PHE D 34 27.85 5.46 59.30
N HIS D 35 27.86 4.52 60.25
CA HIS D 35 27.44 4.74 61.62
C HIS D 35 28.65 5.02 62.49
N TRP D 36 28.41 5.79 63.55
CA TRP D 36 29.35 5.84 64.66
C TRP D 36 28.65 5.33 65.91
N VAL D 37 29.36 4.44 66.62
CA VAL D 37 28.91 3.86 67.87
C VAL D 37 30.09 3.99 68.83
N ARG D 38 29.80 4.35 70.09
CA ARG D 38 30.85 4.41 71.09
C ARG D 38 30.55 3.47 72.25
N GLN D 39 31.62 3.13 72.97
CA GLN D 39 31.53 2.24 74.12
C GLN D 39 32.49 2.76 75.19
N ALA D 40 31.94 3.25 76.32
CA ALA D 40 32.73 3.64 77.49
C ALA D 40 33.37 2.39 78.12
N PRO D 41 34.57 2.47 78.77
CA PRO D 41 35.23 1.29 79.33
C PRO D 41 34.37 0.45 80.29
N GLY D 42 34.13 -0.82 79.92
CA GLY D 42 33.32 -1.75 80.69
C GLY D 42 31.81 -1.51 80.58
N GLN D 43 31.39 -0.67 79.62
CA GLN D 43 30.00 -0.26 79.45
C GLN D 43 29.44 -0.74 78.10
N GLY D 44 28.15 -0.51 77.88
CA GLY D 44 27.45 -0.92 76.67
C GLY D 44 27.72 -0.05 75.45
N LEU D 45 27.06 -0.41 74.34
CA LEU D 45 27.15 0.29 73.06
C LEU D 45 26.15 1.46 73.00
N GLU D 46 26.65 2.63 72.58
CA GLU D 46 25.84 3.83 72.40
C GLU D 46 25.94 4.33 70.95
N TRP D 47 24.80 4.36 70.26
CA TRP D 47 24.68 4.89 68.91
C TRP D 47 24.88 6.41 68.89
N MET D 48 25.79 6.91 68.02
CA MET D 48 26.10 8.33 67.97
C MET D 48 25.38 9.04 66.82
N GLY D 49 25.10 8.32 65.72
CA GLY D 49 24.59 8.94 64.51
C GLY D 49 24.97 8.17 63.26
N TRP D 50 24.53 8.69 62.11
CA TRP D 50 24.81 8.15 60.77
C TRP D 50 25.17 9.31 59.83
N ILE D 51 26.02 9.04 58.83
CA ILE D 51 26.31 9.98 57.75
C ILE D 51 26.14 9.33 56.38
N ASN D 52 25.51 10.04 55.43
CA ASN D 52 25.40 9.60 54.04
C ASN D 52 26.53 10.22 53.22
N PRO D 53 27.48 9.42 52.67
CA PRO D 53 28.52 9.95 51.81
C PRO D 53 28.02 10.71 50.58
N ILE D 54 26.76 10.47 50.17
CA ILE D 54 26.17 11.24 49.07
C ILE D 54 25.65 12.55 49.65
N SER D 55 26.19 13.69 49.19
CA SER D 55 25.87 15.04 49.64
C SER D 55 26.44 15.36 51.03
N GLY D 56 26.24 14.46 52.00
CA GLY D 56 26.75 14.64 53.36
C GLY D 56 25.63 14.75 54.40
N GLY D 57 24.46 14.17 54.08
CA GLY D 57 23.32 14.15 54.99
C GLY D 57 23.66 13.40 56.28
N THR D 58 23.28 13.98 57.43
CA THR D 58 23.54 13.36 58.73
C THR D 58 22.28 13.29 59.58
N LYS D 59 22.29 12.38 60.54
CA LYS D 59 21.38 12.40 61.67
C LYS D 59 22.19 11.98 62.89
N TYR D 60 22.08 12.75 63.97
CA TYR D 60 22.82 12.43 65.18
C TYR D 60 21.89 11.77 66.20
N ALA D 61 22.51 11.19 67.25
CA ALA D 61 21.82 10.90 68.50
C ALA D 61 21.45 12.22 69.18
N GLN D 62 20.23 12.26 69.76
CA GLN D 62 19.64 13.45 70.37
C GLN D 62 20.54 14.01 71.48
N LYS D 63 21.15 13.10 72.25
CA LYS D 63 22.00 13.40 73.40
C LYS D 63 23.31 14.08 73.00
N PHE D 64 23.71 14.02 71.72
CA PHE D 64 24.98 14.56 71.25
C PHE D 64 24.77 15.72 70.30
N GLN D 65 23.50 16.06 70.03
CA GLN D 65 23.14 17.13 69.12
C GLN D 65 23.69 18.47 69.62
N GLY D 66 24.52 19.11 68.79
CA GLY D 66 25.15 20.38 69.15
C GLY D 66 26.63 20.28 69.54
N TRP D 67 27.18 19.05 69.60
CA TRP D 67 28.62 18.89 69.81
C TRP D 67 29.22 17.67 69.10
N VAL D 68 28.45 17.00 68.23
CA VAL D 68 28.98 16.00 67.31
C VAL D 68 28.83 16.49 65.87
N THR D 69 29.92 16.36 65.09
CA THR D 69 29.91 16.64 63.67
C THR D 69 30.46 15.42 62.94
N MET D 70 29.70 14.89 61.97
CA MET D 70 30.21 13.85 61.08
C MET D 70 30.40 14.45 59.69
N THR D 71 31.55 14.14 59.07
CA THR D 71 31.85 14.57 57.71
C THR D 71 32.46 13.41 56.93
N ARG D 72 32.57 13.57 55.60
CA ARG D 72 33.24 12.58 54.78
C ARG D 72 33.98 13.30 53.65
N ALA D 73 35.04 12.67 53.17
CA ALA D 73 35.70 13.03 51.92
C ALA D 73 35.59 11.84 50.97
N THR D 74 34.86 12.04 49.86
CA THR D 74 34.51 10.97 48.93
C THR D 74 35.69 10.53 48.07
N SER D 75 36.66 11.46 47.87
CA SER D 75 37.88 11.28 47.10
C SER D 75 38.87 10.31 47.76
N ILE D 76 38.90 10.29 49.10
CA ILE D 76 39.84 9.44 49.84
C ILE D 76 39.11 8.27 50.49
N SER D 77 37.77 8.22 50.38
CA SER D 77 36.91 7.22 51.01
C SER D 77 37.04 7.23 52.55
N THR D 78 37.00 8.42 53.16
CA THR D 78 37.21 8.57 54.60
C THR D 78 36.02 9.30 55.22
N VAL D 79 35.54 8.76 56.34
CA VAL D 79 34.53 9.41 57.17
C VAL D 79 35.23 9.91 58.42
N TYR D 80 34.80 11.11 58.88
CA TYR D 80 35.32 11.70 60.10
C TYR D 80 34.18 11.90 61.09
N MET D 81 34.54 11.85 62.36
CA MET D 81 33.63 12.12 63.45
C MET D 81 34.36 13.02 64.44
N GLU D 82 33.79 14.20 64.71
CA GLU D 82 34.35 15.19 65.63
C GLU D 82 33.43 15.37 66.83
N VAL D 83 34.00 15.33 68.04
CA VAL D 83 33.28 15.63 69.28
C VAL D 83 33.93 16.85 69.93
N SER D 84 33.10 17.85 70.28
CA SER D 84 33.57 19.07 70.93
C SER D 84 33.11 19.15 72.40
N ARG D 85 33.83 19.96 73.21
CA ARG D 85 33.52 20.25 74.61
C ARG D 85 33.60 19.00 75.48
N LEU D 86 34.65 18.18 75.25
CA LEU D 86 34.83 16.85 75.84
C LEU D 86 34.82 16.87 77.38
N ARG D 87 34.26 15.81 77.98
CA ARG D 87 34.33 15.57 79.42
C ARG D 87 34.77 14.12 79.63
N SER D 88 35.08 13.77 80.89
CA SER D 88 35.56 12.47 81.31
C SER D 88 34.61 11.33 80.90
N ASP D 89 33.30 11.63 80.86
CA ASP D 89 32.24 10.72 80.40
C ASP D 89 32.34 10.37 78.91
N ASP D 90 33.11 11.16 78.14
CA ASP D 90 33.35 10.91 76.72
C ASP D 90 34.54 9.97 76.50
N THR D 91 35.19 9.50 77.58
CA THR D 91 36.19 8.42 77.50
C THR D 91 35.52 7.13 77.00
N ALA D 92 35.90 6.72 75.79
CA ALA D 92 35.26 5.59 75.12
C ALA D 92 36.12 5.06 73.97
N VAL D 93 35.84 3.81 73.58
CA VAL D 93 36.23 3.33 72.25
C VAL D 93 35.17 3.80 71.27
N TYR D 94 35.63 4.51 70.24
CA TYR D 94 34.80 5.06 69.18
C TYR D 94 34.94 4.13 67.97
N TYR D 95 33.82 3.55 67.54
CA TYR D 95 33.80 2.69 66.36
C TYR D 95 33.09 3.41 65.21
N CYS D 96 33.68 3.36 64.00
CA CYS D 96 32.89 3.54 62.80
C CYS D 96 32.36 2.17 62.37
N ALA D 97 31.15 2.16 61.80
CA ALA D 97 30.63 0.91 61.25
C ALA D 97 29.88 1.19 59.96
N ARG D 98 30.04 0.29 58.97
CA ARG D 98 29.36 0.42 57.69
C ARG D 98 28.00 -0.27 57.77
N GLY D 99 26.96 0.42 57.28
CA GLY D 99 25.62 -0.13 57.22
C GLY D 99 24.93 0.00 55.85
N HIS D 100 23.59 -0.16 55.85
CA HIS D 100 22.67 0.03 54.73
C HIS D 100 22.60 1.50 54.29
N THR D 101 21.77 1.80 53.27
CA THR D 101 21.65 3.16 52.76
C THR D 101 20.20 3.66 52.79
N TYR D 102 19.29 2.78 53.17
CA TYR D 102 17.93 3.17 53.48
C TYR D 102 17.98 3.68 54.91
N ASN D 103 17.64 4.95 55.17
CA ASN D 103 17.77 5.52 56.52
C ASN D 103 17.04 4.65 57.53
N TRP D 104 15.69 4.62 57.49
CA TRP D 104 14.93 4.04 58.60
C TRP D 104 15.02 2.50 58.59
N ASN D 105 15.78 1.91 59.50
CA ASN D 105 16.09 0.48 59.41
C ASN D 105 16.61 0.02 60.77
N TYR D 106 16.54 -1.29 61.00
CA TYR D 106 17.07 -1.98 62.17
C TYR D 106 18.47 -2.53 61.85
N ALA D 107 19.26 -2.77 62.90
CA ALA D 107 20.57 -3.43 62.78
C ALA D 107 21.51 -2.69 61.84
N TYR D 108 21.69 -1.38 62.03
CA TYR D 108 22.35 -0.51 61.06
C TYR D 108 23.80 -0.93 60.79
N CYS D 109 24.56 -1.21 61.86
CA CYS D 109 26.00 -1.32 61.80
C CYS D 109 26.39 -2.78 61.55
N ASP D 110 26.82 -3.11 60.33
CA ASP D 110 27.09 -4.50 59.97
C ASP D 110 28.59 -4.81 60.09
N TYR D 111 29.41 -3.93 59.50
CA TYR D 111 30.85 -4.14 59.43
C TYR D 111 31.53 -3.03 60.21
N TRP D 112 32.24 -3.43 61.27
CA TRP D 112 32.76 -2.50 62.25
C TRP D 112 34.27 -2.29 62.01
N GLY D 113 34.74 -1.04 62.17
CA GLY D 113 36.16 -0.74 62.29
C GLY D 113 36.77 -1.28 63.58
N GLN D 114 38.09 -1.11 63.75
CA GLN D 114 38.80 -1.73 64.87
C GLN D 114 38.55 -0.97 66.19
N GLY D 115 38.05 0.27 66.09
CA GLY D 115 37.81 1.13 67.25
C GLY D 115 38.99 2.06 67.56
N THR D 116 38.66 3.30 67.95
CA THR D 116 39.62 4.30 68.40
C THR D 116 39.36 4.59 69.88
N LEU D 117 40.33 4.27 70.76
CA LEU D 117 40.20 4.67 72.16
C LEU D 117 40.53 6.15 72.32
N VAL D 118 39.56 6.92 72.85
CA VAL D 118 39.79 8.29 73.23
C VAL D 118 39.62 8.37 74.75
N THR D 119 40.64 8.91 75.43
CA THR D 119 40.60 9.13 76.87
C THR D 119 40.58 10.63 77.13
N VAL D 120 39.62 11.06 77.97
CA VAL D 120 39.48 12.43 78.44
C VAL D 120 39.72 12.46 79.95
N VAL E 3 18.24 1.51 76.40
CA VAL E 3 16.79 1.51 76.02
C VAL E 3 16.23 0.09 76.17
N LEU E 4 16.87 -0.88 75.51
CA LEU E 4 16.51 -2.28 75.70
C LEU E 4 17.18 -2.82 76.97
N THR E 5 16.50 -3.76 77.67
CA THR E 5 17.00 -4.29 78.93
C THR E 5 17.42 -5.74 78.75
N GLN E 6 18.67 -6.03 79.12
CA GLN E 6 19.27 -7.35 79.10
C GLN E 6 19.72 -7.69 80.53
N PRO E 7 19.86 -9.00 80.90
CA PRO E 7 20.57 -9.36 82.13
C PRO E 7 22.05 -9.03 81.99
N ALA E 8 22.70 -8.54 83.06
CA ALA E 8 24.10 -8.13 83.02
C ALA E 8 25.06 -9.30 82.83
N SER E 9 24.65 -10.48 83.32
CA SER E 9 25.46 -11.69 83.30
C SER E 9 24.56 -12.90 83.06
N VAL E 10 25.06 -13.84 82.24
CA VAL E 10 24.51 -15.18 82.06
C VAL E 10 25.70 -16.12 82.09
N SER E 11 25.57 -17.27 82.77
CA SER E 11 26.63 -18.28 82.78
C SER E 11 26.07 -19.64 82.37
N GLY E 12 26.96 -20.52 81.90
CA GLY E 12 26.63 -21.91 81.64
C GLY E 12 27.88 -22.77 81.49
N SER E 13 27.70 -24.09 81.56
CA SER E 13 28.78 -25.05 81.38
C SER E 13 28.95 -25.40 79.89
N PRO E 14 30.14 -25.88 79.44
CA PRO E 14 30.31 -26.37 78.06
C PRO E 14 29.32 -27.45 77.65
N GLY E 15 28.65 -27.23 76.51
CA GLY E 15 27.70 -28.17 75.95
C GLY E 15 26.24 -27.87 76.30
N GLN E 16 25.99 -27.00 77.29
CA GLN E 16 24.62 -26.65 77.67
C GLN E 16 23.99 -25.65 76.70
N SER E 17 22.68 -25.43 76.86
CA SER E 17 21.96 -24.33 76.25
C SER E 17 21.82 -23.19 77.27
N ILE E 18 22.07 -21.95 76.83
CA ILE E 18 21.77 -20.75 77.60
C ILE E 18 20.84 -19.86 76.78
N THR E 19 20.14 -18.94 77.45
CA THR E 19 19.33 -17.93 76.80
C THR E 19 19.68 -16.55 77.34
N ILE E 20 19.57 -15.54 76.46
CA ILE E 20 19.78 -14.15 76.83
C ILE E 20 18.53 -13.37 76.43
N SER E 21 17.84 -12.78 77.41
CA SER E 21 16.65 -11.98 77.17
C SER E 21 16.98 -10.54 76.76
N CYS E 22 16.07 -9.96 75.96
CA CYS E 22 16.09 -8.56 75.60
C CYS E 22 14.66 -8.03 75.70
N THR E 23 14.42 -7.05 76.59
CA THR E 23 13.09 -6.49 76.77
C THR E 23 13.07 -5.05 76.29
N GLY E 24 12.11 -4.74 75.41
CA GLY E 24 11.87 -3.38 74.94
C GLY E 24 10.40 -2.98 75.09
N THR E 25 9.92 -2.15 74.15
CA THR E 25 8.58 -1.58 74.19
C THR E 25 7.89 -1.77 72.83
N SER E 26 6.71 -1.14 72.66
CA SER E 26 5.96 -1.15 71.41
C SER E 26 6.52 -0.17 70.37
N SER E 27 7.47 0.70 70.79
CA SER E 27 8.09 1.65 69.88
C SER E 27 9.42 1.12 69.32
N ASP E 28 10.02 0.17 70.06
CA ASP E 28 11.09 -0.70 69.57
C ASP E 28 10.56 -2.12 69.37
N VAL E 29 10.83 -3.07 70.29
CA VAL E 29 10.73 -4.51 70.03
C VAL E 29 9.35 -4.98 69.52
N GLY E 30 8.24 -4.39 70.01
CA GLY E 30 6.90 -4.63 69.47
C GLY E 30 6.73 -4.42 67.96
N VAL E 31 5.90 -5.26 67.32
CA VAL E 31 5.67 -5.24 65.87
C VAL E 31 4.98 -3.94 65.43
N TYR E 32 5.48 -3.22 64.39
CA TYR E 32 6.53 -3.56 63.44
C TYR E 32 7.95 -3.30 63.96
N ASN E 33 8.73 -4.38 63.95
CA ASN E 33 10.06 -4.37 64.51
C ASN E 33 10.85 -5.61 64.09
N TYR E 34 12.18 -5.44 64.05
CA TYR E 34 13.16 -6.48 63.77
C TYR E 34 14.37 -6.33 64.69
N VAL E 35 14.73 -7.45 65.33
CA VAL E 35 15.81 -7.43 66.31
C VAL E 35 17.10 -7.87 65.64
N SER E 36 18.22 -7.25 66.05
CA SER E 36 19.54 -7.77 65.77
C SER E 36 20.30 -8.07 67.05
N TRP E 37 21.30 -8.94 66.90
CA TRP E 37 22.19 -9.30 67.99
C TRP E 37 23.63 -9.17 67.50
N TYR E 38 24.48 -8.63 68.39
CA TYR E 38 25.91 -8.52 68.19
C TYR E 38 26.63 -9.35 69.24
N GLN E 39 27.74 -9.97 68.84
CA GLN E 39 28.68 -10.64 69.73
C GLN E 39 29.95 -9.81 69.74
N GLN E 40 30.41 -9.47 70.94
CA GLN E 40 31.67 -8.77 71.10
C GLN E 40 32.58 -9.64 71.95
N HIS E 41 33.52 -10.32 71.29
CA HIS E 41 34.61 -11.06 71.94
C HIS E 41 35.49 -10.09 72.72
N PRO E 42 36.10 -10.49 73.87
CA PRO E 42 36.95 -9.58 74.65
C PRO E 42 38.08 -8.93 73.86
N GLY E 43 38.13 -7.58 73.88
CA GLY E 43 39.15 -6.78 73.21
C GLY E 43 38.95 -6.63 71.70
N LYS E 44 37.75 -6.95 71.19
CA LYS E 44 37.46 -6.87 69.76
C LYS E 44 36.25 -5.98 69.50
N ALA E 45 36.09 -5.57 68.23
CA ALA E 45 34.89 -4.92 67.75
C ALA E 45 33.69 -5.87 67.81
N PRO E 46 32.44 -5.37 68.00
CA PRO E 46 31.24 -6.19 67.77
C PRO E 46 31.16 -6.76 66.35
N LYS E 47 30.65 -7.99 66.21
CA LYS E 47 30.24 -8.54 64.93
C LYS E 47 28.73 -8.79 64.95
N LEU E 48 28.05 -8.63 63.80
CA LEU E 48 26.67 -9.04 63.63
C LEU E 48 26.54 -10.56 63.77
N MET E 49 25.51 -11.01 64.51
CA MET E 49 25.28 -12.42 64.82
C MET E 49 23.91 -12.85 64.30
N ILE E 50 22.91 -12.01 64.56
CA ILE E 50 21.54 -12.24 64.15
C ILE E 50 21.04 -10.91 63.62
N TYR E 51 20.35 -10.96 62.48
CA TYR E 51 19.55 -9.84 61.98
C TYR E 51 18.15 -10.38 61.75
N ASP E 52 17.14 -9.50 61.71
CA ASP E 52 15.78 -9.87 61.30
C ASP E 52 15.21 -10.94 62.24
N VAL E 53 15.37 -10.72 63.55
CA VAL E 53 14.84 -11.58 64.61
C VAL E 53 15.64 -12.89 64.74
N SER E 54 15.88 -13.60 63.62
CA SER E 54 16.29 -15.00 63.65
C SER E 54 17.24 -15.42 62.52
N ASN E 55 17.57 -14.50 61.60
CA ASN E 55 18.44 -14.81 60.47
C ASN E 55 19.91 -14.66 60.87
N ARG E 56 20.73 -15.59 60.39
CA ARG E 56 22.16 -15.59 60.67
C ARG E 56 22.92 -15.11 59.43
N PRO E 57 23.89 -14.18 59.58
CA PRO E 57 24.91 -13.96 58.56
C PRO E 57 25.72 -15.24 58.27
N SER E 58 26.34 -15.33 57.08
CA SER E 58 27.17 -16.48 56.73
C SER E 58 28.37 -16.62 57.68
N GLY E 59 28.64 -17.84 58.14
CA GLY E 59 29.69 -18.08 59.11
C GLY E 59 29.21 -18.06 60.56
N VAL E 60 27.94 -17.70 60.79
CA VAL E 60 27.33 -17.88 62.11
C VAL E 60 26.66 -19.26 62.17
N SER E 61 27.12 -20.08 63.13
CA SER E 61 26.66 -21.44 63.37
C SER E 61 25.19 -21.51 63.79
N ASN E 62 24.54 -22.65 63.48
CA ASN E 62 23.10 -22.84 63.62
C ASN E 62 22.67 -22.94 65.08
N ARG E 63 23.66 -23.10 65.99
CA ARG E 63 23.45 -23.23 67.43
C ARG E 63 23.18 -21.88 68.10
N PHE E 64 23.47 -20.77 67.40
CA PHE E 64 22.95 -19.45 67.73
C PHE E 64 21.58 -19.29 67.08
N SER E 65 20.55 -19.04 67.89
CA SER E 65 19.22 -18.80 67.34
C SER E 65 18.58 -17.61 68.04
N GLY E 66 17.88 -16.77 67.26
CA GLY E 66 17.18 -15.63 67.81
C GLY E 66 15.67 -15.85 67.73
N SER E 67 14.92 -15.18 68.62
CA SER E 67 13.46 -15.18 68.59
C SER E 67 12.94 -13.83 69.05
N LYS E 68 11.66 -13.57 68.76
CA LYS E 68 10.98 -12.38 69.25
C LYS E 68 9.53 -12.76 69.55
N SER E 69 9.05 -12.28 70.70
CA SER E 69 7.64 -12.42 71.07
C SER E 69 7.15 -11.08 71.64
N GLY E 70 6.19 -10.45 70.96
CA GLY E 70 5.68 -9.15 71.38
C GLY E 70 6.78 -8.08 71.50
N ASN E 71 6.98 -7.57 72.73
CA ASN E 71 7.96 -6.53 73.04
C ASN E 71 9.24 -7.12 73.65
N THR E 72 9.44 -8.44 73.54
CA THR E 72 10.66 -9.07 74.02
C THR E 72 11.32 -9.90 72.92
N ALA E 73 12.63 -10.08 73.07
CA ALA E 73 13.41 -10.92 72.18
C ALA E 73 14.34 -11.79 73.03
N SER E 74 14.86 -12.85 72.41
CA SER E 74 15.74 -13.78 73.08
C SER E 74 16.81 -14.25 72.10
N LEU E 75 18.02 -14.48 72.62
CA LEU E 75 19.09 -15.17 71.91
C LEU E 75 19.35 -16.48 72.65
N THR E 76 19.25 -17.59 71.92
CA THR E 76 19.53 -18.91 72.48
C THR E 76 20.87 -19.38 71.92
N ILE E 77 21.76 -19.84 72.80
CA ILE E 77 23.00 -20.47 72.38
C ILE E 77 22.99 -21.91 72.88
N SER E 78 22.88 -22.86 71.93
CA SER E 78 22.96 -24.30 72.22
C SER E 78 24.40 -24.77 72.05
N GLY E 79 24.74 -25.89 72.71
CA GLY E 79 26.06 -26.50 72.64
C GLY E 79 27.17 -25.50 72.94
N LEU E 80 27.05 -24.81 74.08
CA LEU E 80 27.90 -23.72 74.54
C LEU E 80 29.38 -24.10 74.53
N GLN E 81 30.21 -23.22 73.93
CA GLN E 81 31.65 -23.45 73.80
C GLN E 81 32.39 -22.33 74.52
N ALA E 82 33.68 -22.57 74.86
CA ALA E 82 34.51 -21.64 75.62
C ALA E 82 34.67 -20.31 74.88
N GLU E 83 34.84 -20.39 73.54
CA GLU E 83 34.97 -19.25 72.63
C GLU E 83 33.68 -18.44 72.51
N ASP E 84 32.56 -18.91 73.10
CA ASP E 84 31.32 -18.13 73.17
C ASP E 84 31.40 -17.07 74.27
N GLU E 85 32.41 -17.13 75.15
CA GLU E 85 32.61 -16.12 76.20
C GLU E 85 32.83 -14.71 75.63
N ALA E 86 31.79 -13.87 75.73
CA ALA E 86 31.68 -12.61 75.01
C ALA E 86 30.58 -11.75 75.64
N ASP E 87 30.57 -10.46 75.26
CA ASP E 87 29.46 -9.56 75.52
C ASP E 87 28.46 -9.63 74.36
N TYR E 88 27.17 -9.81 74.68
CA TYR E 88 26.13 -9.91 73.67
C TYR E 88 25.18 -8.73 73.80
N TYR E 89 24.96 -8.04 72.68
CA TYR E 89 24.09 -6.88 72.64
C TYR E 89 22.91 -7.16 71.73
N CYS E 90 21.69 -6.93 72.24
CA CYS E 90 20.54 -6.80 71.36
C CYS E 90 20.46 -5.35 70.86
N SER E 91 19.87 -5.19 69.69
CA SER E 91 19.72 -3.89 69.07
C SER E 91 18.41 -3.95 68.29
N SER E 92 17.76 -2.80 68.12
CA SER E 92 16.46 -2.75 67.45
C SER E 92 16.21 -1.37 66.86
N TYR E 93 15.28 -1.29 65.89
CA TYR E 93 14.87 0.00 65.35
C TYR E 93 13.85 0.64 66.29
N THR E 94 13.84 1.99 66.40
CA THR E 94 12.97 2.64 67.39
C THR E 94 12.23 3.83 66.81
N SER E 95 10.87 3.79 66.89
CA SER E 95 9.98 4.92 66.64
C SER E 95 9.86 5.34 65.17
N SER E 96 10.27 4.46 64.23
CA SER E 96 10.60 4.81 62.85
C SER E 96 11.55 6.02 62.74
N SER E 97 12.42 6.24 63.75
CA SER E 97 13.50 7.23 63.66
C SER E 97 14.94 6.76 64.00
N THR E 98 15.17 5.92 65.03
CA THR E 98 16.51 5.78 65.61
C THR E 98 16.90 4.32 65.97
N LEU E 99 18.22 3.98 65.90
CA LEU E 99 18.77 2.72 66.41
C LEU E 99 19.05 2.78 67.93
N VAL E 100 18.62 1.72 68.66
CA VAL E 100 18.88 1.60 70.10
C VAL E 100 19.55 0.26 70.42
N PHE E 101 20.31 0.26 71.52
CA PHE E 101 20.96 -0.94 72.02
C PHE E 101 20.39 -1.36 73.38
N GLY E 102 20.55 -2.65 73.68
CA GLY E 102 20.51 -3.16 75.03
C GLY E 102 21.77 -2.78 75.82
N GLY E 103 21.74 -3.06 77.13
CA GLY E 103 22.83 -2.74 78.04
C GLY E 103 24.03 -3.67 77.92
N GLY E 104 23.84 -4.81 77.22
CA GLY E 104 24.85 -5.85 77.10
C GLY E 104 24.70 -6.95 78.15
N THR E 105 24.96 -8.19 77.73
CA THR E 105 25.01 -9.34 78.62
C THR E 105 26.40 -9.94 78.52
N LYS E 106 27.13 -10.00 79.64
CA LYS E 106 28.35 -10.78 79.65
C LYS E 106 28.00 -12.26 79.79
N LEU E 107 28.32 -13.06 78.77
CA LEU E 107 28.20 -14.50 78.85
C LEU E 107 29.54 -15.06 79.34
N THR E 108 29.50 -15.86 80.42
CA THR E 108 30.68 -16.56 80.91
C THR E 108 30.49 -18.07 80.77
N VAL E 109 31.59 -18.76 80.43
CA VAL E 109 31.56 -20.21 80.30
C VAL E 109 32.32 -20.82 81.47
N LEU E 110 31.64 -21.73 82.19
CA LEU E 110 32.14 -22.35 83.41
C LEU E 110 33.02 -23.58 83.09
N GLU F 1 53.81 -1.85 31.67
CA GLU F 1 54.80 -0.74 31.51
C GLU F 1 55.81 -1.11 30.42
N VAL F 2 56.37 -0.08 29.78
CA VAL F 2 57.29 -0.24 28.66
C VAL F 2 58.65 -0.72 29.18
N GLN F 3 59.12 -1.84 28.61
CA GLN F 3 60.45 -2.33 28.95
C GLN F 3 61.25 -2.51 27.66
N LEU F 4 62.50 -2.03 27.68
CA LEU F 4 63.46 -2.29 26.62
C LEU F 4 64.72 -2.86 27.25
N VAL F 5 65.08 -4.08 26.85
CA VAL F 5 66.25 -4.76 27.40
C VAL F 5 67.26 -4.97 26.28
N GLN F 6 68.44 -4.36 26.43
CA GLN F 6 69.48 -4.43 25.41
C GLN F 6 70.49 -5.55 25.71
N SER F 7 71.21 -5.99 24.66
CA SER F 7 72.36 -6.88 24.78
C SER F 7 73.51 -6.27 25.58
N GLY F 8 74.36 -7.12 26.16
CA GLY F 8 75.49 -6.71 26.99
C GLY F 8 76.61 -5.97 26.26
N ALA F 9 77.60 -5.51 27.03
CA ALA F 9 78.74 -4.72 26.57
C ALA F 9 79.67 -5.51 25.64
N GLU F 10 80.17 -4.81 24.60
CA GLU F 10 80.98 -5.39 23.53
C GLU F 10 82.35 -4.70 23.45
N VAL F 11 83.36 -5.45 23.00
CA VAL F 11 84.61 -4.87 22.53
C VAL F 11 84.87 -5.35 21.10
N LYS F 12 85.33 -4.43 20.25
CA LYS F 12 85.63 -4.76 18.87
C LYS F 12 87.02 -4.21 18.51
N LYS F 13 87.58 -4.73 17.41
CA LYS F 13 88.76 -4.14 16.81
C LYS F 13 88.30 -3.17 15.73
N PRO F 14 89.08 -2.09 15.42
CA PRO F 14 88.84 -1.29 14.21
C PRO F 14 88.70 -2.12 12.93
N GLY F 15 87.70 -1.76 12.10
CA GLY F 15 87.42 -2.46 10.85
C GLY F 15 86.33 -3.52 10.97
N ALA F 16 86.06 -3.97 12.21
CA ALA F 16 85.05 -4.98 12.49
C ALA F 16 83.63 -4.40 12.49
N SER F 17 82.62 -5.26 12.73
CA SER F 17 81.23 -4.86 12.91
C SER F 17 80.70 -5.28 14.28
N VAL F 18 79.62 -4.61 14.72
CA VAL F 18 78.92 -4.95 15.96
C VAL F 18 77.42 -4.93 15.67
N LYS F 19 76.69 -5.90 16.23
CA LYS F 19 75.24 -5.93 16.14
C LYS F 19 74.64 -5.97 17.54
N VAL F 20 73.93 -4.88 17.90
CA VAL F 20 73.33 -4.72 19.20
C VAL F 20 71.84 -5.08 19.09
N SER F 21 71.30 -5.76 20.12
CA SER F 21 69.88 -6.11 20.16
C SER F 21 69.15 -5.30 21.24
N CYS F 22 67.86 -5.08 20.99
CA CYS F 22 66.95 -4.41 21.90
C CYS F 22 65.64 -5.21 21.93
N LYS F 23 65.37 -5.90 23.04
CA LYS F 23 64.16 -6.69 23.25
C LYS F 23 63.09 -5.80 23.90
N ALA F 24 61.90 -5.73 23.28
CA ALA F 24 60.82 -4.87 23.73
C ALA F 24 59.66 -5.67 24.33
N SER F 25 59.03 -5.07 25.33
CA SER F 25 57.83 -5.64 25.94
C SER F 25 56.98 -4.55 26.59
N GLY F 26 55.74 -4.93 26.92
CA GLY F 26 54.85 -4.11 27.74
C GLY F 26 53.98 -3.15 26.95
N TYR F 27 53.95 -3.34 25.62
CA TYR F 27 53.13 -2.57 24.70
C TYR F 27 53.05 -3.35 23.39
N THR F 28 52.17 -2.89 22.48
CA THR F 28 52.05 -3.40 21.11
C THR F 28 53.31 -3.08 20.32
N PHE F 29 54.16 -4.11 20.08
CA PHE F 29 55.52 -3.98 19.55
C PHE F 29 55.55 -3.20 18.24
N THR F 30 54.65 -3.56 17.32
CA THR F 30 54.68 -3.04 15.96
C THR F 30 54.12 -1.61 15.86
N GLY F 31 53.35 -1.20 16.87
CA GLY F 31 52.60 0.04 16.86
C GLY F 31 53.43 1.32 17.05
N TYR F 32 54.77 1.21 17.25
CA TYR F 32 55.66 2.31 17.62
C TYR F 32 57.04 2.23 16.94
N TYR F 33 57.63 3.36 16.51
CA TYR F 33 59.02 3.39 16.04
C TYR F 33 60.02 3.08 17.15
N PHE F 34 61.18 2.56 16.73
CA PHE F 34 62.35 2.43 17.58
C PHE F 34 63.45 3.31 17.01
N HIS F 35 63.98 4.16 17.90
CA HIS F 35 65.12 5.02 17.65
C HIS F 35 66.39 4.35 18.17
N TRP F 36 67.50 4.67 17.52
CA TRP F 36 68.79 4.45 18.12
C TRP F 36 69.50 5.78 18.30
N VAL F 37 70.06 5.96 19.50
CA VAL F 37 70.83 7.14 19.87
C VAL F 37 72.10 6.61 20.51
N ARG F 38 73.24 7.24 20.19
CA ARG F 38 74.49 6.86 20.83
C ARG F 38 75.09 8.04 21.58
N GLN F 39 75.98 7.71 22.51
CA GLN F 39 76.67 8.68 23.34
C GLN F 39 78.10 8.22 23.55
N ALA F 40 79.07 8.94 22.97
CA ALA F 40 80.50 8.69 23.20
C ALA F 40 80.85 9.04 24.66
N PRO F 41 81.85 8.38 25.31
CA PRO F 41 82.16 8.66 26.73
C PRO F 41 82.45 10.13 27.06
N GLY F 42 81.61 10.71 27.93
CA GLY F 42 81.71 12.10 28.36
C GLY F 42 81.21 13.11 27.32
N GLN F 43 80.49 12.61 26.29
CA GLN F 43 80.02 13.42 25.17
C GLN F 43 78.49 13.45 25.11
N GLY F 44 77.95 14.25 24.18
CA GLY F 44 76.51 14.42 24.02
C GLY F 44 75.81 13.26 23.29
N LEU F 45 74.49 13.43 23.11
CA LEU F 45 73.63 12.45 22.45
C LEU F 45 73.64 12.68 20.93
N GLU F 46 73.81 11.57 20.18
CA GLU F 46 73.79 11.58 18.72
C GLU F 46 72.72 10.62 18.20
N TRP F 47 71.74 11.16 17.47
CA TRP F 47 70.67 10.41 16.82
C TRP F 47 71.24 9.57 15.67
N MET F 48 70.93 8.26 15.65
CA MET F 48 71.47 7.36 14.64
C MET F 48 70.46 7.06 13.53
N GLY F 49 69.16 7.11 13.86
CA GLY F 49 68.14 6.66 12.92
C GLY F 49 66.90 6.14 13.64
N TRP F 50 65.90 5.71 12.83
CA TRP F 50 64.65 5.13 13.29
C TRP F 50 64.32 3.91 12.42
N ILE F 51 63.65 2.89 12.99
CA ILE F 51 63.18 1.71 12.26
C ILE F 51 61.68 1.50 12.55
N ASN F 52 60.90 1.19 11.50
CA ASN F 52 59.48 0.90 11.64
C ASN F 52 59.30 -0.62 11.67
N PRO F 53 58.84 -1.22 12.80
CA PRO F 53 58.56 -2.66 12.84
C PRO F 53 57.56 -3.15 11.79
N ILE F 54 56.72 -2.25 11.26
CA ILE F 54 55.81 -2.62 10.17
C ILE F 54 56.60 -2.55 8.87
N SER F 55 56.74 -3.69 8.16
CA SER F 55 57.48 -3.85 6.91
C SER F 55 58.99 -3.80 7.10
N GLY F 56 59.51 -2.81 7.84
CA GLY F 56 60.93 -2.67 8.09
C GLY F 56 61.50 -1.36 7.53
N GLY F 57 60.63 -0.35 7.35
CA GLY F 57 61.06 0.94 6.84
C GLY F 57 62.05 1.62 7.79
N THR F 58 63.13 2.19 7.24
CA THR F 58 64.15 2.86 8.04
C THR F 58 64.45 4.24 7.50
N LYS F 59 65.02 5.09 8.37
CA LYS F 59 65.72 6.30 7.98
C LYS F 59 66.91 6.42 8.91
N TYR F 60 68.09 6.65 8.33
CA TYR F 60 69.30 6.78 9.12
C TYR F 60 69.67 8.25 9.29
N ALA F 61 70.60 8.51 10.22
CA ALA F 61 71.38 9.74 10.22
C ALA F 61 72.30 9.76 9.00
N GLN F 62 72.43 10.93 8.36
CA GLN F 62 73.17 11.15 7.12
C GLN F 62 74.63 10.71 7.27
N LYS F 63 75.21 10.98 8.45
CA LYS F 63 76.60 10.73 8.80
C LYS F 63 76.92 9.23 8.89
N PHE F 64 75.90 8.37 9.02
CA PHE F 64 76.09 6.94 9.21
C PHE F 64 75.56 6.15 8.02
N GLN F 65 75.01 6.85 7.02
CA GLN F 65 74.45 6.25 5.83
C GLN F 65 75.52 5.46 5.07
N GLY F 66 75.28 4.14 4.91
CA GLY F 66 76.23 3.25 4.24
C GLY F 66 77.02 2.34 5.18
N TRP F 67 76.85 2.48 6.50
CA TRP F 67 77.45 1.54 7.44
C TRP F 67 76.63 1.30 8.71
N VAL F 68 75.38 1.80 8.73
CA VAL F 68 74.41 1.41 9.77
C VAL F 68 73.25 0.65 9.12
N THR F 69 72.88 -0.48 9.73
CA THR F 69 71.71 -1.25 9.34
C THR F 69 70.84 -1.47 10.57
N MET F 70 69.56 -1.08 10.49
CA MET F 70 68.60 -1.42 11.54
C MET F 70 67.62 -2.46 11.00
N THR F 71 67.36 -3.49 11.81
CA THR F 71 66.39 -4.53 11.48
C THR F 71 65.52 -4.85 12.68
N ARG F 72 64.45 -5.61 12.45
CA ARG F 72 63.62 -6.07 13.55
C ARG F 72 63.11 -7.48 13.23
N ALA F 73 62.83 -8.24 14.30
CA ALA F 73 62.06 -9.47 14.21
C ALA F 73 60.78 -9.30 15.03
N THR F 74 59.63 -9.34 14.36
CA THR F 74 58.34 -9.00 14.95
C THR F 74 57.82 -10.13 15.85
N SER F 75 58.27 -11.36 15.59
CA SER F 75 57.95 -12.59 16.32
C SER F 75 58.53 -12.60 17.74
N ILE F 76 59.72 -12.01 17.92
CA ILE F 76 60.39 -12.01 19.22
C ILE F 76 60.33 -10.62 19.87
N SER F 77 59.77 -9.63 19.16
CA SER F 77 59.71 -8.24 19.61
C SER F 77 61.11 -7.63 19.83
N THR F 78 62.04 -7.87 18.89
CA THR F 78 63.43 -7.42 19.04
C THR F 78 63.83 -6.55 17.85
N VAL F 79 64.48 -5.43 18.16
CA VAL F 79 65.09 -4.57 17.16
C VAL F 79 66.60 -4.75 17.25
N TYR F 80 67.26 -4.74 16.09
CA TYR F 80 68.70 -4.84 16.00
C TYR F 80 69.26 -3.61 15.32
N MET F 81 70.50 -3.28 15.70
CA MET F 81 71.24 -2.20 15.10
C MET F 81 72.66 -2.71 14.85
N GLU F 82 73.10 -2.67 13.59
CA GLU F 82 74.43 -3.13 13.19
C GLU F 82 75.25 -1.94 12.66
N VAL F 83 76.49 -1.81 13.14
CA VAL F 83 77.45 -0.83 12.63
C VAL F 83 78.64 -1.57 12.04
N SER F 84 79.02 -1.23 10.81
CA SER F 84 80.16 -1.83 10.12
C SER F 84 81.33 -0.84 9.96
N ARG F 85 82.54 -1.38 9.77
CA ARG F 85 83.77 -0.64 9.52
C ARG F 85 84.15 0.26 10.70
N LEU F 86 84.02 -0.28 11.92
CA LEU F 86 84.16 0.44 13.19
C LEU F 86 85.53 1.14 13.34
N ARG F 87 85.51 2.31 13.99
CA ARG F 87 86.71 3.02 14.37
C ARG F 87 86.57 3.43 15.84
N SER F 88 87.66 3.92 16.43
CA SER F 88 87.75 4.33 17.84
C SER F 88 86.70 5.38 18.21
N ASP F 89 86.33 6.23 17.25
CA ASP F 89 85.28 7.24 17.37
C ASP F 89 83.88 6.64 17.55
N ASP F 90 83.71 5.35 17.24
CA ASP F 90 82.45 4.63 17.41
C ASP F 90 82.34 4.03 18.82
N THR F 91 83.35 4.22 19.69
CA THR F 91 83.26 3.91 21.12
C THR F 91 82.16 4.77 21.76
N ALA F 92 81.08 4.10 22.19
CA ALA F 92 79.89 4.78 22.69
C ALA F 92 78.99 3.84 23.48
N VAL F 93 78.13 4.43 24.32
CA VAL F 93 76.94 3.74 24.79
C VAL F 93 75.86 3.90 23.71
N TYR F 94 75.35 2.74 23.26
CA TYR F 94 74.32 2.66 22.24
C TYR F 94 72.99 2.42 22.94
N TYR F 95 72.05 3.35 22.78
CA TYR F 95 70.71 3.20 23.34
C TYR F 95 69.71 2.89 22.24
N CYS F 96 68.83 1.92 22.47
CA CYS F 96 67.55 1.89 21.75
C CYS F 96 66.55 2.72 22.54
N ALA F 97 65.63 3.39 21.84
CA ALA F 97 64.56 4.09 22.54
C ALA F 97 63.26 3.96 21.74
N ARG F 98 62.15 3.77 22.47
CA ARG F 98 60.83 3.68 21.85
C ARG F 98 60.24 5.06 21.68
N GLY F 99 59.68 5.32 20.48
CA GLY F 99 59.00 6.57 20.20
C GLY F 99 57.62 6.42 19.58
N HIS F 100 57.12 7.52 18.97
CA HIS F 100 55.88 7.62 18.19
C HIS F 100 55.96 6.82 16.88
N THR F 101 54.89 6.87 16.07
CA THR F 101 54.85 6.13 14.81
C THR F 101 54.57 7.02 13.61
N TYR F 102 54.30 8.30 13.89
CA TYR F 102 54.27 9.31 12.86
C TYR F 102 55.72 9.70 12.63
N ASN F 103 56.26 9.53 11.41
CA ASN F 103 57.68 9.79 11.16
C ASN F 103 58.04 11.20 11.60
N TRP F 104 57.56 12.23 10.88
CA TRP F 104 58.09 13.57 11.06
C TRP F 104 57.59 14.19 12.38
N ASN F 105 58.46 14.28 13.40
CA ASN F 105 58.00 14.64 14.74
C ASN F 105 59.22 15.07 15.56
N TYR F 106 58.94 15.80 16.64
CA TYR F 106 59.92 16.25 17.62
C TYR F 106 59.92 15.26 18.80
N ALA F 107 61.03 15.24 19.57
CA ALA F 107 61.14 14.47 20.81
C ALA F 107 60.86 12.99 20.61
N TYR F 108 61.53 12.36 19.63
CA TYR F 108 61.18 11.01 19.17
C TYR F 108 61.28 9.95 20.27
N CYS F 109 62.38 9.99 21.03
CA CYS F 109 62.77 8.89 21.92
C CYS F 109 62.18 9.14 23.31
N ASP F 110 61.13 8.40 23.68
CA ASP F 110 60.45 8.64 24.95
C ASP F 110 60.95 7.69 26.04
N TYR F 111 61.00 6.39 25.69
CA TYR F 111 61.35 5.35 26.64
C TYR F 111 62.62 4.68 26.18
N TRP F 112 63.66 4.80 27.02
CA TRP F 112 65.01 4.42 26.64
C TRP F 112 65.37 3.07 27.26
N GLY F 113 66.09 2.22 26.49
CA GLY F 113 66.76 1.05 27.03
C GLY F 113 67.92 1.42 27.96
N GLN F 114 68.56 0.39 28.56
CA GLN F 114 69.58 0.63 29.58
C GLN F 114 70.91 1.10 28.96
N GLY F 115 71.07 0.89 27.65
CA GLY F 115 72.30 1.21 26.93
C GLY F 115 73.28 0.04 26.84
N THR F 116 73.93 -0.08 25.67
CA THR F 116 74.98 -1.07 25.42
C THR F 116 76.29 -0.32 25.19
N LEU F 117 77.28 -0.52 26.08
CA LEU F 117 78.61 0.05 25.83
C LEU F 117 79.36 -0.80 24.80
N VAL F 118 79.76 -0.15 23.70
CA VAL F 118 80.64 -0.76 22.72
C VAL F 118 81.94 0.03 22.74
N THR F 119 83.06 -0.69 22.92
CA THR F 119 84.39 -0.09 22.86
C THR F 119 85.12 -0.63 21.63
N VAL F 120 85.69 0.31 20.86
CA VAL F 120 86.50 0.01 19.69
C VAL F 120 87.93 0.51 19.95
N VAL G 3 74.03 20.29 16.95
CA VAL G 3 73.22 21.24 16.12
C VAL G 3 72.69 22.37 17.00
N LEU G 4 71.99 22.00 18.09
CA LEU G 4 71.56 22.99 19.08
C LEU G 4 72.74 23.30 20.03
N THR G 5 72.81 24.56 20.52
CA THR G 5 73.90 25.00 21.37
C THR G 5 73.40 25.23 22.78
N GLN G 6 74.04 24.55 23.75
CA GLN G 6 73.78 24.67 25.17
C GLN G 6 75.07 25.14 25.86
N PRO G 7 75.02 25.77 27.06
CA PRO G 7 76.21 25.96 27.89
C PRO G 7 76.69 24.60 28.40
N ALA G 8 78.01 24.37 28.46
CA ALA G 8 78.58 23.09 28.88
C ALA G 8 78.33 22.78 30.37
N SER G 9 78.23 23.85 31.17
CA SER G 9 78.08 23.75 32.62
C SER G 9 77.17 24.87 33.11
N VAL G 10 76.29 24.54 34.06
CA VAL G 10 75.50 25.48 34.86
C VAL G 10 75.61 24.99 36.30
N SER G 11 75.78 25.91 37.26
CA SER G 11 75.80 25.55 38.67
C SER G 11 74.80 26.40 39.45
N GLY G 12 74.38 25.88 40.61
CA GLY G 12 73.58 26.63 41.55
C GLY G 12 73.57 25.98 42.93
N SER G 13 73.14 26.75 43.94
CA SER G 13 73.00 26.26 45.31
C SER G 13 71.64 25.60 45.53
N PRO G 14 71.47 24.69 46.53
CA PRO G 14 70.15 24.15 46.87
C PRO G 14 69.09 25.21 47.19
N GLY G 15 67.93 25.10 46.51
CA GLY G 15 66.81 26.00 46.72
C GLY G 15 66.73 27.14 45.71
N GLN G 16 67.82 27.40 44.96
CA GLN G 16 67.83 28.48 43.97
C GLN G 16 67.09 28.06 42.68
N SER G 17 66.87 29.06 41.81
CA SER G 17 66.47 28.84 40.42
C SER G 17 67.71 28.92 39.52
N ILE G 18 67.81 27.96 38.58
CA ILE G 18 68.79 28.01 37.50
C ILE G 18 68.05 27.97 36.17
N THR G 19 68.74 28.41 35.10
CA THR G 19 68.23 28.28 33.74
C THR G 19 69.28 27.63 32.84
N ILE G 20 68.81 26.88 31.84
CA ILE G 20 69.67 26.27 30.85
C ILE G 20 69.17 26.69 29.47
N SER G 21 70.01 27.41 28.71
CA SER G 21 69.66 27.86 27.38
C SER G 21 69.89 26.78 26.31
N CYS G 22 69.08 26.87 25.25
CA CYS G 22 69.23 26.05 24.05
C CYS G 22 69.03 26.97 22.84
N THR G 23 70.07 27.13 22.00
CA THR G 23 69.97 27.99 20.83
C THR G 23 70.02 27.14 19.56
N GLY G 24 69.03 27.34 18.68
CA GLY G 24 68.99 26.71 17.37
C GLY G 24 68.78 27.73 16.26
N THR G 25 68.06 27.30 15.20
CA THR G 25 67.84 28.09 14.00
C THR G 25 66.36 28.09 13.62
N SER G 26 66.03 28.64 12.45
CA SER G 26 64.68 28.65 11.90
C SER G 26 64.27 27.32 11.28
N SER G 27 65.23 26.38 11.12
CA SER G 27 64.96 25.06 10.56
C SER G 27 64.73 24.03 11.67
N ASP G 28 65.27 24.32 12.87
CA ASP G 28 64.90 23.66 14.12
C ASP G 28 64.06 24.61 15.00
N VAL G 29 64.64 25.24 16.03
CA VAL G 29 63.90 25.84 17.14
C VAL G 29 62.85 26.88 16.72
N GLY G 30 63.10 27.70 15.69
CA GLY G 30 62.11 28.58 15.08
C GLY G 30 60.78 27.93 14.66
N VAL G 31 59.67 28.66 14.84
CA VAL G 31 58.32 28.16 14.53
C VAL G 31 58.14 27.92 13.02
N TYR G 32 57.62 26.73 12.59
CA TYR G 32 57.02 25.63 13.33
C TYR G 32 58.03 24.67 13.94
N ASN G 33 57.92 24.55 15.27
CA ASN G 33 58.86 23.77 16.06
C ASN G 33 58.34 23.52 17.47
N TYR G 34 58.79 22.39 18.05
CA TYR G 34 58.53 21.98 19.42
C TYR G 34 59.79 21.40 20.05
N VAL G 35 60.09 21.91 21.25
CA VAL G 35 61.32 21.53 21.94
C VAL G 35 61.02 20.42 22.93
N SER G 36 61.95 19.46 23.07
CA SER G 36 61.96 18.55 24.19
C SER G 36 63.25 18.68 24.99
N TRP G 37 63.16 18.24 26.25
CA TRP G 37 64.28 18.21 27.16
C TRP G 37 64.39 16.81 27.77
N TYR G 38 65.62 16.33 27.89
CA TYR G 38 65.96 15.08 28.55
C TYR G 38 66.84 15.38 29.75
N GLN G 39 66.65 14.62 30.83
CA GLN G 39 67.53 14.61 31.99
C GLN G 39 68.22 13.25 32.00
N GLN G 40 69.56 13.30 32.10
CA GLN G 40 70.35 12.10 32.22
C GLN G 40 71.11 12.17 33.54
N HIS G 41 70.61 11.44 34.55
CA HIS G 41 71.30 11.23 35.82
C HIS G 41 72.61 10.48 35.58
N PRO G 42 73.69 10.71 36.38
CA PRO G 42 74.96 10.02 36.17
C PRO G 42 74.86 8.49 36.14
N GLY G 43 75.34 7.86 35.06
CA GLY G 43 75.36 6.42 34.87
C GLY G 43 74.01 5.81 34.49
N LYS G 44 73.05 6.65 34.04
CA LYS G 44 71.72 6.18 33.66
C LYS G 44 71.38 6.59 32.23
N ALA G 45 70.35 5.95 31.65
CA ALA G 45 69.75 6.37 30.40
C ALA G 45 69.08 7.74 30.56
N PRO G 46 69.00 8.57 29.47
CA PRO G 46 68.14 9.76 29.48
C PRO G 46 66.66 9.42 29.75
N LYS G 47 65.96 10.31 30.48
CA LYS G 47 64.50 10.27 30.56
C LYS G 47 63.94 11.56 29.95
N LEU G 48 62.76 11.47 29.32
CA LEU G 48 62.02 12.66 28.90
C LEU G 48 61.58 13.50 30.11
N MET G 49 61.74 14.82 29.99
CA MET G 49 61.47 15.76 31.07
C MET G 49 60.42 16.77 30.63
N ILE G 50 60.60 17.30 29.41
CA ILE G 50 59.70 18.27 28.82
C ILE G 50 59.51 17.81 27.37
N TYR G 51 58.26 17.84 26.91
CA TYR G 51 57.94 17.73 25.49
C TYR G 51 57.08 18.95 25.15
N ASP G 52 57.01 19.33 23.86
CA ASP G 52 56.07 20.34 23.38
C ASP G 52 56.36 21.68 24.07
N VAL G 53 57.64 22.07 24.12
CA VAL G 53 58.11 23.34 24.66
C VAL G 53 58.06 23.36 26.20
N SER G 54 56.92 22.98 26.80
CA SER G 54 56.61 23.31 28.19
C SER G 54 55.79 22.24 28.93
N ASN G 55 55.38 21.16 28.24
CA ASN G 55 54.58 20.10 28.84
C ASN G 55 55.46 19.09 29.56
N ARG G 56 54.99 18.65 30.75
CA ARG G 56 55.71 17.68 31.55
C ARG G 56 55.03 16.32 31.43
N PRO G 57 55.80 15.22 31.20
CA PRO G 57 55.31 13.87 31.47
C PRO G 57 54.89 13.68 32.93
N SER G 58 54.02 12.71 33.22
CA SER G 58 53.59 12.43 34.59
C SER G 58 54.78 11.98 35.46
N GLY G 59 54.87 12.53 36.67
CA GLY G 59 56.00 12.27 37.55
C GLY G 59 57.13 13.29 37.44
N VAL G 60 57.03 14.22 36.46
CA VAL G 60 57.93 15.37 36.43
C VAL G 60 57.30 16.53 37.21
N SER G 61 58.02 16.98 38.25
CA SER G 61 57.63 18.05 39.17
C SER G 61 57.48 19.41 38.46
N ASN G 62 56.62 20.27 39.02
CA ASN G 62 56.20 21.53 38.42
C ASN G 62 57.32 22.57 38.43
N ARG G 63 58.39 22.30 39.20
CA ARG G 63 59.55 23.17 39.35
C ARG G 63 60.50 23.09 38.15
N PHE G 64 60.36 22.05 37.32
CA PHE G 64 60.92 22.02 35.97
C PHE G 64 59.94 22.69 35.01
N SER G 65 60.39 23.75 34.33
CA SER G 65 59.55 24.42 33.35
C SER G 65 60.36 24.70 32.09
N GLY G 66 59.72 24.51 30.92
CA GLY G 66 60.35 24.80 29.65
C GLY G 66 59.71 26.03 29.00
N SER G 67 60.48 26.71 28.14
CA SER G 67 59.97 27.82 27.35
C SER G 67 60.65 27.83 25.98
N LYS G 68 60.06 28.57 25.04
CA LYS G 68 60.66 28.79 23.73
C LYS G 68 60.33 30.21 23.29
N SER G 69 61.34 30.90 22.76
CA SER G 69 61.15 32.21 22.14
C SER G 69 61.94 32.26 20.84
N GLY G 70 61.25 32.40 19.70
CA GLY G 70 61.87 32.41 18.39
C GLY G 70 62.70 31.14 18.12
N ASN G 71 64.02 31.32 17.94
CA ASN G 71 64.97 30.24 17.65
C ASN G 71 65.73 29.81 18.90
N THR G 72 65.26 30.19 20.09
CA THR G 72 65.87 29.74 21.34
C THR G 72 64.84 29.11 22.27
N ALA G 73 65.35 28.25 23.15
CA ALA G 73 64.54 27.62 24.18
C ALA G 73 65.31 27.67 25.50
N SER G 74 64.58 27.46 26.59
CA SER G 74 65.16 27.50 27.92
C SER G 74 64.48 26.44 28.78
N LEU G 75 65.26 25.85 29.69
CA LEU G 75 64.76 25.00 30.76
C LEU G 75 65.06 25.71 32.08
N THR G 76 64.01 25.96 32.87
CA THR G 76 64.16 26.58 34.18
C THR G 76 63.95 25.51 35.24
N ILE G 77 64.86 25.43 36.21
CA ILE G 77 64.68 24.56 37.36
C ILE G 77 64.64 25.43 38.61
N SER G 78 63.45 25.51 39.23
CA SER G 78 63.26 26.22 40.49
C SER G 78 63.42 25.24 41.66
N GLY G 79 63.74 25.78 42.84
CA GLY G 79 63.91 25.01 44.07
C GLY G 79 64.88 23.83 43.88
N LEU G 80 66.08 24.15 43.37
CA LEU G 80 67.13 23.22 42.97
C LEU G 80 67.48 22.23 44.09
N GLN G 81 67.52 20.94 43.74
CA GLN G 81 67.80 19.87 44.71
C GLN G 81 69.06 19.13 44.27
N ALA G 82 69.70 18.41 45.20
CA ALA G 82 70.96 17.70 44.98
C ALA G 82 70.81 16.64 43.86
N GLU G 83 69.67 15.94 43.88
CA GLU G 83 69.28 14.91 42.90
C GLU G 83 69.02 15.50 41.50
N ASP G 84 69.01 16.84 41.35
CA ASP G 84 68.92 17.46 40.05
C ASP G 84 70.28 17.45 39.32
N GLU G 85 71.37 17.09 40.02
CA GLU G 85 72.69 16.97 39.41
C GLU G 85 72.73 15.91 38.30
N ALA G 86 72.77 16.40 37.04
CA ALA G 86 72.52 15.59 35.86
C ALA G 86 72.99 16.33 34.61
N ASP G 87 73.09 15.59 33.50
CA ASP G 87 73.25 16.18 32.17
C ASP G 87 71.87 16.44 31.56
N TYR G 88 71.68 17.66 31.03
CA TYR G 88 70.41 18.04 30.44
C TYR G 88 70.60 18.31 28.95
N TYR G 89 69.77 17.66 28.13
CA TYR G 89 69.84 17.80 26.69
C TYR G 89 68.55 18.41 26.17
N CYS G 90 68.67 19.48 25.38
CA CYS G 90 67.55 19.90 24.54
C CYS G 90 67.57 19.10 23.25
N SER G 91 66.40 18.95 22.66
CA SER G 91 66.24 18.20 21.43
C SER G 91 65.10 18.87 20.67
N SER G 92 65.13 18.79 19.35
CA SER G 92 64.12 19.46 18.53
C SER G 92 63.97 18.77 17.18
N TYR G 93 62.85 19.01 16.49
CA TYR G 93 62.66 18.50 15.14
C TYR G 93 63.37 19.44 14.15
N THR G 94 63.92 18.90 13.04
CA THR G 94 64.70 19.73 12.14
C THR G 94 64.36 19.50 10.67
N SER G 95 63.97 20.60 9.98
CA SER G 95 63.83 20.67 8.52
C SER G 95 62.63 19.91 7.95
N SER G 96 61.64 19.55 8.80
CA SER G 96 60.65 18.52 8.53
C SER G 96 61.27 17.19 8.02
N SER G 97 62.53 16.88 8.44
CA SER G 97 63.14 15.57 8.20
C SER G 97 63.76 14.83 9.41
N THR G 98 64.46 15.49 10.34
CA THR G 98 65.37 14.79 11.26
C THR G 98 65.33 15.30 12.72
N LEU G 99 65.59 14.41 13.71
CA LEU G 99 65.80 14.79 15.12
C LEU G 99 67.24 15.23 15.40
N VAL G 100 67.40 16.37 16.12
CA VAL G 100 68.71 16.88 16.52
C VAL G 100 68.76 17.10 18.03
N PHE G 101 69.98 17.02 18.58
CA PHE G 101 70.24 17.28 19.99
C PHE G 101 71.11 18.53 20.16
N GLY G 102 70.99 19.12 21.36
CA GLY G 102 72.01 20.00 21.91
C GLY G 102 73.24 19.21 22.38
N GLY G 103 74.30 19.96 22.73
CA GLY G 103 75.57 19.39 23.16
C GLY G 103 75.55 18.84 24.58
N GLY G 104 74.49 19.16 25.34
CA GLY G 104 74.36 18.80 26.74
C GLY G 104 74.88 19.88 27.69
N THR G 105 74.17 20.05 28.82
CA THR G 105 74.58 20.93 29.90
C THR G 105 74.76 20.07 31.15
N LYS G 106 75.97 20.05 31.71
CA LYS G 106 76.12 19.46 33.03
C LYS G 106 75.64 20.45 34.09
N LEU G 107 74.56 20.09 34.81
CA LEU G 107 74.12 20.86 35.96
C LEU G 107 74.81 20.31 37.20
N THR G 108 75.48 21.18 37.97
CA THR G 108 76.07 20.81 39.25
C THR G 108 75.38 21.56 40.39
N VAL G 109 75.20 20.86 41.51
CA VAL G 109 74.60 21.47 42.68
C VAL G 109 75.69 21.69 43.74
N LEU G 110 75.78 22.95 44.20
CA LEU G 110 76.82 23.40 45.13
C LEU G 110 76.42 23.12 46.59
N GLU H 1 45.26 -26.11 34.22
CA GLU H 1 45.83 -27.44 33.81
C GLU H 1 45.08 -28.55 34.55
N VAL H 2 45.05 -29.74 33.93
CA VAL H 2 44.32 -30.89 34.43
C VAL H 2 45.06 -31.48 35.63
N GLN H 3 44.36 -31.61 36.75
CA GLN H 3 44.93 -32.27 37.92
C GLN H 3 44.00 -33.39 38.37
N LEU H 4 44.59 -34.56 38.64
CA LEU H 4 43.90 -35.67 39.27
C LEU H 4 44.68 -36.10 40.49
N VAL H 5 44.04 -36.03 41.67
CA VAL H 5 44.69 -36.37 42.93
C VAL H 5 43.96 -37.57 43.52
N GLN H 6 44.69 -38.68 43.67
CA GLN H 6 44.13 -39.92 44.19
C GLN H 6 44.35 -40.05 45.69
N SER H 7 43.51 -40.90 46.34
CA SER H 7 43.70 -41.35 47.72
C SER H 7 45.01 -42.14 47.92
N GLY H 8 45.51 -42.15 49.16
CA GLY H 8 46.76 -42.81 49.52
C GLY H 8 46.72 -44.34 49.44
N ALA H 9 47.91 -44.96 49.67
CA ALA H 9 48.14 -46.39 49.58
C ALA H 9 47.36 -47.18 50.64
N GLU H 10 46.85 -48.36 50.23
CA GLU H 10 45.98 -49.23 51.03
C GLU H 10 46.60 -50.62 51.19
N VAL H 11 46.29 -51.27 52.31
CA VAL H 11 46.49 -52.70 52.46
C VAL H 11 45.15 -53.35 52.84
N LYS H 12 44.86 -54.50 52.23
CA LYS H 12 43.63 -55.23 52.50
C LYS H 12 43.97 -56.69 52.78
N LYS H 13 43.01 -57.40 53.40
CA LYS H 13 43.07 -58.85 53.48
C LYS H 13 42.29 -59.43 52.29
N PRO H 14 42.64 -60.64 51.79
CA PRO H 14 41.76 -61.37 50.85
C PRO H 14 40.30 -61.48 51.33
N GLY H 15 39.36 -61.25 50.40
CA GLY H 15 37.94 -61.30 50.69
C GLY H 15 37.33 -59.93 51.00
N ALA H 16 38.17 -58.95 51.37
CA ALA H 16 37.74 -57.59 51.69
C ALA H 16 37.47 -56.77 50.42
N SER H 17 37.05 -55.50 50.63
CA SER H 17 36.87 -54.52 49.55
C SER H 17 37.76 -53.29 49.77
N VAL H 18 38.03 -52.56 48.67
CA VAL H 18 38.77 -51.31 48.71
C VAL H 18 38.02 -50.29 47.84
N LYS H 19 37.95 -49.04 48.32
CA LYS H 19 37.37 -47.95 47.55
C LYS H 19 38.39 -46.82 47.40
N VAL H 20 38.83 -46.60 46.16
CA VAL H 20 39.84 -45.60 45.84
C VAL H 20 39.12 -44.35 45.31
N SER H 21 39.61 -43.16 45.69
CA SER H 21 39.07 -41.90 45.22
C SER H 21 40.05 -41.19 44.28
N CYS H 22 39.47 -40.41 43.35
CA CYS H 22 40.19 -39.58 42.41
C CYS H 22 39.50 -38.22 42.37
N LYS H 23 40.17 -37.19 42.92
CA LYS H 23 39.69 -35.81 42.94
C LYS H 23 40.19 -35.09 41.69
N ALA H 24 39.27 -34.48 40.93
CA ALA H 24 39.60 -33.82 39.66
C ALA H 24 39.48 -32.31 39.77
N SER H 25 40.35 -31.61 39.04
CA SER H 25 40.29 -30.16 38.93
C SER H 25 40.95 -29.69 37.63
N GLY H 26 40.70 -28.42 37.30
CA GLY H 26 41.39 -27.70 36.24
C GLY H 26 40.73 -27.83 34.87
N TYR H 27 39.48 -28.34 34.86
CA TYR H 27 38.65 -28.47 33.68
C TYR H 27 37.21 -28.67 34.14
N THR H 28 36.27 -28.61 33.18
CA THR H 28 34.85 -28.91 33.39
C THR H 28 34.68 -30.39 33.73
N PHE H 29 34.40 -30.70 35.01
CA PHE H 29 34.44 -32.05 35.59
C PHE H 29 33.55 -33.02 34.81
N THR H 30 32.33 -32.58 34.52
CA THR H 30 31.32 -33.46 33.95
C THR H 30 31.52 -33.71 32.46
N GLY H 31 32.29 -32.84 31.80
CA GLY H 31 32.44 -32.82 30.36
C GLY H 31 33.31 -33.93 29.77
N TYR H 32 33.90 -34.83 30.60
CA TYR H 32 34.90 -35.83 30.21
C TYR H 32 34.73 -37.16 30.96
N TYR H 33 34.92 -38.32 30.28
CA TYR H 33 34.98 -39.61 30.98
C TYR H 33 36.19 -39.75 31.89
N PHE H 34 36.03 -40.60 32.90
CA PHE H 34 37.12 -41.05 33.75
C PHE H 34 37.29 -42.55 33.55
N HIS H 35 38.54 -42.93 33.23
CA HIS H 35 38.98 -44.30 33.10
C HIS H 35 39.64 -44.74 34.40
N TRP H 36 39.54 -46.04 34.66
CA TRP H 36 40.43 -46.66 35.63
C TRP H 36 41.27 -47.71 34.92
N VAL H 37 42.57 -47.67 35.21
CA VAL H 37 43.55 -48.61 34.69
C VAL H 37 44.37 -49.07 35.88
N ARG H 38 44.67 -50.36 35.94
CA ARG H 38 45.52 -50.87 37.00
C ARG H 38 46.78 -51.53 36.44
N GLN H 39 47.79 -51.62 37.30
CA GLN H 39 49.07 -52.20 36.93
C GLN H 39 49.58 -53.00 38.13
N ALA H 40 49.63 -54.34 38.00
CA ALA H 40 50.23 -55.22 39.01
C ALA H 40 51.74 -54.99 39.06
N PRO H 41 52.43 -55.15 40.23
CA PRO H 41 53.88 -54.87 40.32
C PRO H 41 54.76 -55.60 39.29
N GLY H 42 55.45 -54.81 38.46
CA GLY H 42 56.32 -55.30 37.39
C GLY H 42 55.57 -55.83 36.16
N GLN H 43 54.27 -55.53 36.07
CA GLN H 43 53.39 -56.04 35.02
C GLN H 43 52.83 -54.90 34.17
N GLY H 44 52.11 -55.26 33.10
CA GLY H 44 51.53 -54.30 32.16
C GLY H 44 50.28 -53.58 32.67
N LEU H 45 49.73 -52.73 31.79
CA LEU H 45 48.54 -51.94 32.06
C LEU H 45 47.27 -52.74 31.72
N GLU H 46 46.30 -52.73 32.64
CA GLU H 46 45.01 -53.39 32.47
C GLU H 46 43.88 -52.38 32.63
N TRP H 47 43.08 -52.21 31.56
CA TRP H 47 41.90 -51.35 31.53
C TRP H 47 40.79 -51.93 32.41
N MET H 48 40.25 -51.13 33.34
CA MET H 48 39.23 -51.61 34.28
C MET H 48 37.82 -51.21 33.84
N GLY H 49 37.68 -50.09 33.14
CA GLY H 49 36.36 -49.52 32.86
C GLY H 49 36.41 -48.00 32.69
N TRP H 50 35.23 -47.42 32.42
CA TRP H 50 35.01 -45.98 32.27
C TRP H 50 33.73 -45.60 33.02
N ILE H 51 33.67 -44.36 33.55
CA ILE H 51 32.48 -43.82 34.20
C ILE H 51 32.16 -42.45 33.60
N ASN H 52 30.88 -42.18 33.32
CA ASN H 52 30.42 -40.90 32.81
C ASN H 52 29.88 -40.07 33.97
N PRO H 53 30.52 -38.93 34.35
CA PRO H 53 29.99 -38.06 35.40
C PRO H 53 28.56 -37.55 35.15
N ILE H 54 28.12 -37.55 33.88
CA ILE H 54 26.73 -37.19 33.58
C ILE H 54 25.86 -38.43 33.81
N SER H 55 24.91 -38.35 34.76
CA SER H 55 24.00 -39.42 35.16
C SER H 55 24.69 -40.53 35.96
N GLY H 56 25.84 -41.02 35.48
CA GLY H 56 26.59 -42.07 36.17
C GLY H 56 26.73 -43.35 35.34
N GLY H 57 26.61 -43.21 34.01
CA GLY H 57 26.73 -44.33 33.10
C GLY H 57 28.13 -44.95 33.17
N THR H 58 28.19 -46.30 33.24
CA THR H 58 29.47 -47.01 33.33
C THR H 58 29.56 -48.11 32.26
N LYS H 59 30.79 -48.51 31.96
CA LYS H 59 31.09 -49.76 31.30
C LYS H 59 32.34 -50.31 31.95
N TYR H 60 32.30 -51.59 32.33
CA TYR H 60 33.45 -52.21 32.96
C TYR H 60 34.21 -53.08 31.97
N ALA H 61 35.43 -53.48 32.36
CA ALA H 61 36.11 -54.62 31.75
C ALA H 61 35.34 -55.90 32.11
N GLN H 62 35.21 -56.82 31.12
CA GLN H 62 34.43 -58.05 31.22
C GLN H 62 34.91 -58.92 32.39
N LYS H 63 36.23 -58.94 32.61
CA LYS H 63 36.90 -59.75 33.62
C LYS H 63 36.60 -59.28 35.04
N PHE H 64 36.09 -58.04 35.21
CA PHE H 64 35.84 -57.48 36.54
C PHE H 64 34.36 -57.26 36.78
N GLN H 65 33.53 -57.61 35.79
CA GLN H 65 32.09 -57.45 35.86
C GLN H 65 31.50 -58.28 37.01
N GLY H 66 30.85 -57.59 37.96
CA GLY H 66 30.27 -58.24 39.13
C GLY H 66 31.06 -58.02 40.42
N TRP H 67 32.22 -57.34 40.37
CA TRP H 67 32.94 -56.95 41.57
C TRP H 67 33.69 -55.63 41.46
N VAL H 68 33.48 -54.87 40.38
CA VAL H 68 33.93 -53.49 40.29
C VAL H 68 32.72 -52.55 40.21
N THR H 69 32.76 -51.49 41.03
CA THR H 69 31.76 -50.42 40.99
C THR H 69 32.48 -49.08 40.83
N MET H 70 32.12 -48.30 39.80
CA MET H 70 32.61 -46.95 39.68
C MET H 70 31.46 -45.98 39.96
N THR H 71 31.74 -44.95 40.76
CA THR H 71 30.76 -43.90 41.07
C THR H 71 31.44 -42.53 40.99
N ARG H 72 30.63 -41.47 41.02
CA ARG H 72 31.16 -40.12 41.07
C ARG H 72 30.24 -39.26 41.93
N ALA H 73 30.83 -38.22 42.53
CA ALA H 73 30.09 -37.12 43.12
C ALA H 73 30.44 -35.83 42.38
N THR H 74 29.45 -35.24 41.71
CA THR H 74 29.65 -34.12 40.80
C THR H 74 29.90 -32.80 41.55
N SER H 75 29.41 -32.73 42.79
CA SER H 75 29.54 -31.60 43.71
C SER H 75 30.98 -31.39 44.20
N ILE H 76 31.73 -32.48 44.38
CA ILE H 76 33.09 -32.40 44.88
C ILE H 76 34.11 -32.67 43.76
N SER H 77 33.63 -33.00 42.55
CA SER H 77 34.47 -33.38 41.41
C SER H 77 35.34 -34.61 41.70
N THR H 78 34.74 -35.67 42.29
CA THR H 78 35.49 -36.86 42.69
C THR H 78 34.86 -38.10 42.05
N VAL H 79 35.72 -38.96 41.50
CA VAL H 79 35.33 -40.26 41.01
C VAL H 79 35.86 -41.30 41.99
N TYR H 80 35.05 -42.35 42.22
CA TYR H 80 35.43 -43.46 43.07
C TYR H 80 35.43 -44.75 42.27
N MET H 81 36.29 -45.67 42.71
CA MET H 81 36.37 -47.01 42.15
C MET H 81 36.45 -47.98 43.32
N GLU H 82 35.49 -48.92 43.40
CA GLU H 82 35.43 -49.92 44.45
C GLU H 82 35.63 -51.31 43.85
N VAL H 83 36.52 -52.11 44.47
CA VAL H 83 36.72 -53.52 44.11
C VAL H 83 36.36 -54.37 45.32
N SER H 84 35.49 -55.39 45.10
CA SER H 84 35.07 -56.32 46.14
C SER H 84 35.65 -57.72 45.93
N ARG H 85 35.71 -58.50 47.02
CA ARG H 85 36.15 -59.91 47.05
C ARG H 85 37.61 -60.05 46.63
N LEU H 86 38.47 -59.14 47.15
CA LEU H 86 39.87 -58.99 46.77
C LEU H 86 40.69 -60.28 46.95
N ARG H 87 41.65 -60.49 46.03
CA ARG H 87 42.64 -61.57 46.12
C ARG H 87 44.01 -60.95 45.87
N SER H 88 45.07 -61.74 46.13
CA SER H 88 46.47 -61.35 45.99
C SER H 88 46.80 -60.83 44.58
N ASP H 89 46.10 -61.36 43.56
CA ASP H 89 46.21 -60.94 42.17
C ASP H 89 45.69 -59.51 41.92
N ASP H 90 44.93 -58.97 42.88
CA ASP H 90 44.43 -57.59 42.81
C ASP H 90 45.43 -56.59 43.41
N THR H 91 46.60 -57.06 43.89
CA THR H 91 47.72 -56.19 44.26
C THR H 91 48.21 -55.44 43.03
N ALA H 92 48.00 -54.11 43.03
CA ALA H 92 48.28 -53.27 41.87
C ALA H 92 48.36 -51.79 42.25
N VAL H 93 49.01 -51.01 41.38
CA VAL H 93 48.79 -49.56 41.36
C VAL H 93 47.53 -49.30 40.54
N TYR H 94 46.58 -48.61 41.16
CA TYR H 94 45.31 -48.24 40.56
C TYR H 94 45.40 -46.79 40.13
N TYR H 95 45.25 -46.54 38.81
CA TYR H 95 45.26 -45.20 38.28
C TYR H 95 43.85 -44.79 37.86
N CYS H 96 43.43 -43.57 38.23
CA CYS H 96 42.37 -42.91 37.47
C CYS H 96 43.00 -42.13 36.33
N ALA H 97 42.30 -42.05 35.20
CA ALA H 97 42.79 -41.22 34.11
C ALA H 97 41.62 -40.52 33.42
N ARG H 98 41.83 -39.26 33.04
CA ARG H 98 40.80 -38.48 32.36
C ARG H 98 40.92 -38.70 30.86
N GLY H 99 39.76 -38.94 30.22
CA GLY H 99 39.71 -39.10 28.77
C GLY H 99 38.63 -38.25 28.08
N HIS H 100 38.31 -38.63 26.82
CA HIS H 100 37.24 -38.09 25.98
C HIS H 100 35.85 -38.40 26.54
N THR H 101 34.79 -37.96 25.83
CA THR H 101 33.42 -38.18 26.29
C THR H 101 32.57 -38.92 25.26
N TYR H 102 33.15 -39.14 24.08
CA TYR H 102 32.58 -40.03 23.11
C TYR H 102 32.99 -41.44 23.54
N ASN H 103 32.02 -42.33 23.85
CA ASN H 103 32.37 -43.67 24.38
C ASN H 103 33.34 -44.36 23.45
N TRP H 104 32.90 -44.77 22.25
CA TRP H 104 33.68 -45.69 21.44
C TRP H 104 34.88 -44.98 20.80
N ASN H 105 36.11 -45.22 21.30
CA ASN H 105 37.26 -44.41 20.91
C ASN H 105 38.52 -45.16 21.30
N TYR H 106 39.64 -44.78 20.66
CA TYR H 106 40.98 -45.28 20.94
C TYR H 106 41.69 -44.30 21.88
N ALA H 107 42.73 -44.79 22.59
CA ALA H 107 43.60 -43.97 23.42
C ALA H 107 42.82 -43.18 24.48
N TYR H 108 41.98 -43.87 25.27
CA TYR H 108 41.01 -43.22 26.13
C TYR H 108 41.65 -42.33 27.19
N CYS H 109 42.70 -42.83 27.84
CA CYS H 109 43.25 -42.24 29.07
C CYS H 109 44.37 -41.27 28.70
N ASP H 110 44.09 -39.95 28.78
CA ASP H 110 45.06 -38.95 28.35
C ASP H 110 45.86 -38.42 29.53
N TYR H 111 45.15 -38.04 30.61
CA TYR H 111 45.76 -37.40 31.77
C TYR H 111 45.55 -38.30 32.96
N TRP H 112 46.67 -38.78 33.52
CA TRP H 112 46.66 -39.83 34.52
C TRP H 112 46.88 -39.22 35.91
N GLY H 113 46.17 -39.74 36.92
CA GLY H 113 46.47 -39.49 38.32
C GLY H 113 47.80 -40.13 38.75
N GLN H 114 48.20 -39.89 40.01
CA GLN H 114 49.52 -40.32 40.48
C GLN H 114 49.58 -41.83 40.75
N GLY H 115 48.41 -42.47 40.87
CA GLY H 115 48.28 -43.89 41.19
C GLY H 115 48.14 -44.16 42.69
N THR H 116 47.29 -45.15 43.01
CA THR H 116 47.09 -45.64 44.37
C THR H 116 47.58 -47.09 44.44
N LEU H 117 48.62 -47.35 45.25
CA LEU H 117 49.03 -48.74 45.46
C LEU H 117 48.09 -49.42 46.46
N VAL H 118 47.48 -50.52 46.02
CA VAL H 118 46.69 -51.38 46.90
C VAL H 118 47.41 -52.72 46.96
N THR H 119 47.70 -53.18 48.18
CA THR H 119 48.30 -54.49 48.39
C THR H 119 47.28 -55.38 49.10
N VAL H 120 47.09 -56.59 48.54
CA VAL H 120 46.24 -57.63 49.10
C VAL H 120 47.12 -58.82 49.50
N VAL I 3 46.43 -58.25 25.15
CA VAL I 3 45.74 -58.43 23.84
C VAL I 3 46.73 -58.11 22.71
N LEU I 4 47.33 -56.91 22.74
CA LEU I 4 48.39 -56.58 21.80
C LEU I 4 49.72 -57.17 22.28
N THR I 5 50.59 -57.56 21.33
CA THR I 5 51.85 -58.21 21.65
C THR I 5 53.01 -57.27 21.34
N GLN I 6 53.85 -57.04 22.36
CA GLN I 6 55.06 -56.23 22.28
C GLN I 6 56.25 -57.11 22.67
N PRO I 7 57.49 -56.80 22.23
CA PRO I 7 58.69 -57.43 22.82
C PRO I 7 58.85 -56.95 24.27
N ALA I 8 59.28 -57.84 25.18
CA ALA I 8 59.40 -57.52 26.61
C ALA I 8 60.53 -56.52 26.89
N SER I 9 61.56 -56.54 26.03
CA SER I 9 62.75 -55.72 26.19
C SER I 9 63.25 -55.28 24.81
N VAL I 10 63.69 -54.02 24.72
CA VAL I 10 64.44 -53.47 23.60
C VAL I 10 65.58 -52.67 24.22
N SER I 11 66.79 -52.77 23.65
CA SER I 11 67.92 -51.98 24.11
C SER I 11 68.57 -51.23 22.95
N GLY I 12 69.28 -50.14 23.28
CA GLY I 12 70.10 -49.42 22.31
C GLY I 12 71.09 -48.50 23.00
N SER I 13 72.09 -48.03 22.24
CA SER I 13 73.09 -47.09 22.73
C SER I 13 72.61 -45.65 22.56
N PRO I 14 73.13 -44.65 23.33
CA PRO I 14 72.81 -43.24 23.11
C PRO I 14 73.09 -42.74 21.68
N GLY I 15 72.07 -42.12 21.07
CA GLY I 15 72.18 -41.56 19.73
C GLY I 15 71.63 -42.48 18.63
N GLN I 16 71.43 -43.77 18.92
CA GLN I 16 70.92 -44.70 17.92
C GLN I 16 69.40 -44.54 17.72
N SER I 17 68.89 -45.23 16.68
CA SER I 17 67.46 -45.44 16.49
C SER I 17 67.10 -46.85 17.00
N ILE I 18 66.00 -46.94 17.75
CA ILE I 18 65.38 -48.21 18.13
C ILE I 18 63.95 -48.23 17.62
N THR I 19 63.38 -49.44 17.50
CA THR I 19 61.96 -49.61 17.18
C THR I 19 61.31 -50.55 18.20
N ILE I 20 60.02 -50.31 18.47
CA ILE I 20 59.22 -51.17 19.33
C ILE I 20 57.98 -51.60 18.55
N SER I 21 57.84 -52.91 18.33
CA SER I 21 56.69 -53.46 17.62
C SER I 21 55.47 -53.64 18.53
N CYS I 22 54.29 -53.54 17.90
CA CYS I 22 53.01 -53.86 18.53
C CYS I 22 52.18 -54.65 17.53
N THR I 23 51.84 -55.91 17.87
CA THR I 23 51.07 -56.75 16.96
C THR I 23 49.68 -57.00 17.57
N GLY I 24 48.64 -56.73 16.77
CA GLY I 24 47.26 -57.03 17.12
C GLY I 24 46.55 -57.81 16.03
N THR I 25 45.24 -57.57 15.89
CA THR I 25 44.37 -58.30 14.98
C THR I 25 43.55 -57.32 14.13
N SER I 26 42.57 -57.86 13.37
CA SER I 26 41.65 -57.06 12.56
C SER I 26 40.52 -56.45 13.39
N SER I 27 40.39 -56.85 14.67
CA SER I 27 39.36 -56.32 15.56
C SER I 27 39.92 -55.17 16.41
N ASP I 28 41.25 -55.16 16.60
CA ASP I 28 42.01 -54.01 17.07
C ASP I 28 42.82 -53.38 15.94
N VAL I 29 44.14 -53.64 15.84
CA VAL I 29 45.07 -52.82 15.06
C VAL I 29 44.70 -52.66 13.57
N GLY I 30 44.14 -53.69 12.91
CA GLY I 30 43.57 -53.61 11.57
C GLY I 30 42.54 -52.49 11.34
N VAL I 31 42.56 -51.86 10.16
CA VAL I 31 41.68 -50.74 9.80
C VAL I 31 40.21 -51.20 9.74
N TYR I 32 39.26 -50.48 10.40
CA TYR I 32 39.35 -49.18 11.07
C TYR I 32 39.91 -49.25 12.48
N ASN I 33 41.00 -48.50 12.67
CA ASN I 33 41.75 -48.52 13.92
C ASN I 33 42.74 -47.35 13.99
N TYR I 34 43.02 -46.95 15.24
CA TYR I 34 44.00 -45.93 15.59
C TYR I 34 44.79 -46.35 16.83
N VAL I 35 46.12 -46.26 16.71
CA VAL I 35 47.00 -46.73 17.76
C VAL I 35 47.41 -45.54 18.62
N SER I 36 47.52 -45.78 19.94
CA SER I 36 48.21 -44.86 20.84
C SER I 36 49.39 -45.54 21.51
N TRP I 37 50.32 -44.70 21.97
CA TRP I 37 51.49 -45.15 22.70
C TRP I 37 51.60 -44.32 23.98
N TYR I 38 51.94 -45.01 25.08
CA TYR I 38 52.23 -44.41 26.37
C TYR I 38 53.68 -44.67 26.72
N GLN I 39 54.32 -43.68 27.38
CA GLN I 39 55.63 -43.82 27.99
C GLN I 39 55.42 -43.76 29.50
N GLN I 40 55.96 -44.76 30.19
CA GLN I 40 55.94 -44.79 31.64
C GLN I 40 57.38 -44.79 32.13
N HIS I 41 57.86 -43.62 32.58
CA HIS I 41 59.13 -43.47 33.26
C HIS I 41 59.10 -44.26 34.58
N PRO I 42 60.25 -44.83 35.06
CA PRO I 42 60.27 -45.60 36.31
C PRO I 42 59.70 -44.85 37.53
N GLY I 43 58.69 -45.45 38.18
CA GLY I 43 58.05 -44.91 39.37
C GLY I 43 57.05 -43.78 39.11
N LYS I 44 56.62 -43.62 37.84
CA LYS I 44 55.69 -42.56 37.46
C LYS I 44 54.45 -43.14 36.78
N ALA I 45 53.39 -42.32 36.69
CA ALA I 45 52.22 -42.62 35.88
C ALA I 45 52.60 -42.64 34.39
N PRO I 46 51.89 -43.45 33.54
CA PRO I 46 52.00 -43.29 32.08
C PRO I 46 51.63 -41.89 31.59
N LYS I 47 52.33 -41.41 30.55
CA LYS I 47 51.92 -40.23 29.80
C LYS I 47 51.62 -40.65 28.36
N LEU I 48 50.65 -39.99 27.72
CA LEU I 48 50.41 -40.13 26.28
C LEU I 48 51.61 -39.61 25.48
N MET I 49 52.01 -40.39 24.45
CA MET I 49 53.18 -40.09 23.64
C MET I 49 52.78 -39.93 22.18
N ILE I 50 51.94 -40.87 21.71
CA ILE I 50 51.44 -40.87 20.35
C ILE I 50 49.96 -41.19 20.46
N TYR I 51 49.14 -40.45 19.70
CA TYR I 51 47.75 -40.80 19.47
C TYR I 51 47.56 -40.84 17.95
N ASP I 52 46.53 -41.55 17.47
CA ASP I 52 46.14 -41.50 16.05
C ASP I 52 47.29 -41.99 15.17
N VAL I 53 47.88 -43.13 15.56
CA VAL I 53 48.94 -43.80 14.82
C VAL I 53 50.28 -43.07 14.93
N SER I 54 50.30 -41.74 14.69
CA SER I 54 51.54 -41.01 14.40
C SER I 54 51.57 -39.57 14.92
N ASN I 55 50.46 -39.09 15.53
CA ASN I 55 50.36 -37.73 16.04
C ASN I 55 50.96 -37.63 17.44
N ARG I 56 51.70 -36.54 17.67
CA ARG I 56 52.32 -36.29 18.96
C ARG I 56 51.54 -35.22 19.71
N PRO I 57 51.22 -35.43 21.02
CA PRO I 57 50.84 -34.33 21.91
C PRO I 57 51.94 -33.26 22.00
N SER I 58 51.57 -32.02 22.36
CA SER I 58 52.54 -30.93 22.52
C SER I 58 53.55 -31.26 23.63
N GLY I 59 54.84 -31.01 23.34
CA GLY I 59 55.91 -31.36 24.28
C GLY I 59 56.52 -32.73 24.02
N VAL I 60 55.94 -33.51 23.10
CA VAL I 60 56.60 -34.73 22.63
C VAL I 60 57.46 -34.40 21.41
N SER I 61 58.77 -34.68 21.54
CA SER I 61 59.80 -34.43 20.53
C SER I 61 59.58 -35.24 19.25
N ASN I 62 60.08 -34.71 18.12
CA ASN I 62 59.82 -35.22 16.77
C ASN I 62 60.56 -36.54 16.52
N ARG I 63 61.50 -36.89 17.41
CA ARG I 63 62.32 -38.10 17.32
C ARG I 63 61.55 -39.34 17.79
N PHE I 64 60.42 -39.15 18.48
CA PHE I 64 59.40 -40.19 18.67
C PHE I 64 58.46 -40.18 17.47
N SER I 65 58.36 -41.31 16.76
CA SER I 65 57.44 -41.40 15.63
C SER I 65 56.69 -42.73 15.71
N GLY I 66 55.39 -42.69 15.39
CA GLY I 66 54.57 -43.89 15.35
C GLY I 66 54.20 -44.23 13.91
N SER I 67 53.92 -45.52 13.67
CA SER I 67 53.42 -45.98 12.38
C SER I 67 52.45 -47.15 12.59
N LYS I 68 51.67 -47.45 11.55
CA LYS I 68 50.79 -48.61 11.56
C LYS I 68 50.76 -49.18 10.14
N SER I 69 50.86 -50.51 10.06
CA SER I 69 50.70 -51.24 8.80
C SER I 69 49.82 -52.46 9.06
N GLY I 70 48.63 -52.50 8.43
CA GLY I 70 47.69 -53.60 8.62
C GLY I 70 47.30 -53.80 10.10
N ASN I 71 47.64 -54.97 10.66
CA ASN I 71 47.34 -55.37 12.03
C ASN I 71 48.56 -55.19 12.94
N THR I 72 49.58 -54.44 12.49
CA THR I 72 50.73 -54.15 13.33
C THR I 72 51.00 -52.64 13.41
N ALA I 73 51.66 -52.24 14.49
CA ALA I 73 52.08 -50.87 14.69
C ALA I 73 53.52 -50.88 15.20
N SER I 74 54.17 -49.72 15.11
CA SER I 74 55.55 -49.58 15.53
C SER I 74 55.73 -48.19 16.14
N LEU I 75 56.59 -48.11 17.16
CA LEU I 75 57.10 -46.85 17.71
C LEU I 75 58.59 -46.81 17.42
N THR I 76 59.03 -45.74 16.73
CA THR I 76 60.43 -45.53 16.44
C THR I 76 60.93 -44.40 17.33
N ILE I 77 62.07 -44.63 18.00
CA ILE I 77 62.73 -43.58 18.75
C ILE I 77 64.11 -43.36 18.13
N SER I 78 64.29 -42.19 17.50
CA SER I 78 65.58 -41.78 16.93
C SER I 78 66.34 -40.94 17.96
N GLY I 79 67.66 -40.87 17.81
CA GLY I 79 68.54 -40.10 18.69
C GLY I 79 68.31 -40.42 20.16
N LEU I 80 68.36 -41.71 20.51
CA LEU I 80 68.04 -42.29 21.81
C LEU I 80 68.82 -41.62 22.94
N GLN I 81 68.11 -41.23 24.01
CA GLN I 81 68.69 -40.53 25.14
C GLN I 81 68.48 -41.38 26.40
N ALA I 82 69.28 -41.12 27.45
CA ALA I 82 69.25 -41.88 28.71
C ALA I 82 67.87 -41.80 29.38
N GLU I 83 67.26 -40.61 29.35
CA GLU I 83 65.94 -40.30 29.88
C GLU I 83 64.81 -41.00 29.10
N ASP I 84 65.13 -41.66 27.97
CA ASP I 84 64.16 -42.47 27.25
C ASP I 84 63.95 -43.83 27.92
N GLU I 85 64.82 -44.20 28.89
CA GLU I 85 64.68 -45.45 29.64
C GLU I 85 63.36 -45.51 30.42
N ALA I 86 62.43 -46.33 29.91
CA ALA I 86 61.04 -46.33 30.32
C ALA I 86 60.34 -47.60 29.81
N ASP I 87 59.14 -47.87 30.36
CA ASP I 87 58.22 -48.84 29.82
C ASP I 87 57.31 -48.18 28.78
N TYR I 88 57.18 -48.81 27.60
CA TYR I 88 56.36 -48.28 26.53
C TYR I 88 55.22 -49.22 26.25
N TYR I 89 53.99 -48.67 26.25
CA TYR I 89 52.79 -49.45 26.02
C TYR I 89 52.11 -48.97 24.75
N CYS I 90 51.81 -49.90 23.83
CA CYS I 90 50.84 -49.62 22.78
C CYS I 90 49.43 -49.87 23.32
N SER I 91 48.47 -49.16 22.75
CA SER I 91 47.08 -49.27 23.15
C SER I 91 46.27 -49.03 21.88
N SER I 92 45.07 -49.62 21.82
CA SER I 92 44.25 -49.53 20.63
C SER I 92 42.77 -49.73 20.98
N TYR I 93 41.87 -49.28 20.09
CA TYR I 93 40.45 -49.54 20.26
C TYR I 93 40.12 -50.95 19.76
N THR I 94 39.14 -51.64 20.38
CA THR I 94 38.89 -53.03 20.03
C THR I 94 37.41 -53.34 19.87
N SER I 95 37.03 -53.84 18.67
CA SER I 95 35.72 -54.44 18.37
C SER I 95 34.56 -53.44 18.30
N SER I 96 34.86 -52.13 18.15
CA SER I 96 33.96 -51.02 18.43
C SER I 96 33.28 -51.15 19.82
N SER I 97 33.95 -51.79 20.81
CA SER I 97 33.51 -51.79 22.20
C SER I 97 34.53 -51.37 23.29
N THR I 98 35.82 -51.79 23.22
CA THR I 98 36.70 -51.76 24.40
C THR I 98 38.13 -51.27 24.12
N LEU I 99 38.81 -50.63 25.11
CA LEU I 99 40.24 -50.31 25.07
C LEU I 99 41.11 -51.50 25.50
N VAL I 100 42.18 -51.79 24.73
CA VAL I 100 43.14 -52.84 25.05
C VAL I 100 44.56 -52.29 25.07
N PHE I 101 45.42 -52.94 25.85
CA PHE I 101 46.84 -52.61 25.93
C PHE I 101 47.70 -53.74 25.39
N GLY I 102 48.91 -53.37 24.96
CA GLY I 102 50.04 -54.29 24.84
C GLY I 102 50.60 -54.68 26.21
N GLY I 103 51.51 -55.66 26.21
CA GLY I 103 52.13 -56.20 27.41
C GLY I 103 53.18 -55.28 28.02
N GLY I 104 53.61 -54.25 27.26
CA GLY I 104 54.68 -53.35 27.65
C GLY I 104 56.05 -53.79 27.13
N THR I 105 56.86 -52.80 26.73
CA THR I 105 58.24 -53.02 26.35
C THR I 105 59.12 -52.20 27.28
N LYS I 106 60.01 -52.86 28.03
CA LYS I 106 61.03 -52.11 28.74
C LYS I 106 62.13 -51.70 27.77
N LEU I 107 62.29 -50.38 27.57
CA LEU I 107 63.42 -49.86 26.81
C LEU I 107 64.56 -49.56 27.78
N THR I 108 65.74 -50.12 27.50
CA THR I 108 66.95 -49.82 28.26
C THR I 108 67.96 -49.09 27.40
N VAL I 109 68.67 -48.14 28.00
CA VAL I 109 69.71 -47.41 27.30
C VAL I 109 71.08 -47.85 27.82
N LEU I 110 71.93 -48.28 26.88
CA LEU I 110 73.25 -48.85 27.16
C LEU I 110 74.31 -47.75 27.33
#